data_2MKZ
#
_entry.id   2MKZ
#
_entity_poly.entity_id   1
_entity_poly.type   'polypeptide(L)'
_entity_poly.pdbx_seq_one_letter_code
;SNAILATMNVPAGPAGGQQVDLASVLTPEIMAPILANADVQERLLPYLPSGESLPQTADEIQNTLTSPQFQQALGMFSAA
LASGQLGPLMCQFGLPAEAVEAANKGDVEAFAKAMQNNAKPEQKEGDTKDKKDEEEDMSLD
;
_entity_poly.pdbx_strand_id   A
#
# COMPACT_ATOMS: atom_id res chain seq x y z
N SER A 1 21.72 -16.09 3.64
CA SER A 1 21.56 -15.06 4.63
C SER A 1 21.33 -13.76 3.91
N ASN A 2 20.49 -12.93 4.46
CA ASN A 2 20.20 -11.64 3.91
C ASN A 2 20.20 -10.69 5.10
N ALA A 3 19.26 -9.74 5.18
CA ALA A 3 19.18 -8.77 6.28
C ALA A 3 20.37 -7.84 6.24
N ILE A 4 20.32 -6.95 5.31
CA ILE A 4 21.40 -6.05 5.03
C ILE A 4 20.91 -4.62 5.11
N LEU A 5 21.38 -3.90 6.10
CA LEU A 5 21.07 -2.51 6.19
C LEU A 5 22.10 -1.81 5.31
N ALA A 6 21.76 -1.68 4.05
CA ALA A 6 22.65 -1.12 3.07
C ALA A 6 22.74 0.38 3.19
N THR A 7 23.81 0.83 3.78
CA THR A 7 24.03 2.23 3.94
C THR A 7 24.80 2.76 2.73
N MET A 8 24.06 3.04 1.69
CA MET A 8 24.60 3.54 0.45
C MET A 8 23.78 4.72 0.01
N ASN A 9 23.23 5.39 0.99
CA ASN A 9 22.30 6.47 0.77
C ASN A 9 23.03 7.75 0.46
N VAL A 10 23.39 7.89 -0.77
CA VAL A 10 23.97 9.10 -1.28
C VAL A 10 22.86 10.07 -1.75
N PRO A 11 21.90 9.62 -2.59
CA PRO A 11 20.78 10.45 -2.96
C PRO A 11 19.55 10.09 -2.11
N ALA A 12 18.43 10.64 -2.50
CA ALA A 12 17.15 10.37 -1.91
C ALA A 12 16.14 10.67 -2.96
N GLY A 13 15.00 10.03 -2.93
CA GLY A 13 14.02 10.32 -3.93
C GLY A 13 12.89 9.32 -3.95
N PRO A 14 11.78 9.65 -3.30
CA PRO A 14 10.59 8.82 -3.37
C PRO A 14 9.93 8.98 -4.75
N ALA A 15 9.20 7.98 -5.18
CA ALA A 15 8.57 8.01 -6.49
C ALA A 15 7.12 7.64 -6.37
N GLY A 16 6.28 8.64 -6.23
CA GLY A 16 4.87 8.44 -6.03
C GLY A 16 4.08 8.36 -7.31
N GLY A 17 2.77 8.49 -7.21
CA GLY A 17 1.91 8.40 -8.36
C GLY A 17 1.20 9.71 -8.61
N GLN A 18 1.11 10.10 -9.86
CA GLN A 18 0.49 11.36 -10.20
C GLN A 18 -0.99 11.19 -10.53
N GLN A 19 -1.34 10.07 -11.14
CA GLN A 19 -2.71 9.84 -11.51
C GLN A 19 -3.40 9.20 -10.33
N VAL A 20 -2.89 8.07 -9.91
CA VAL A 20 -3.43 7.40 -8.78
C VAL A 20 -2.65 7.84 -7.56
N ASP A 21 -3.28 8.66 -6.74
CA ASP A 21 -2.62 9.13 -5.54
C ASP A 21 -2.56 8.04 -4.52
N LEU A 22 -1.35 7.63 -4.23
CA LEU A 22 -1.07 6.54 -3.33
C LEU A 22 -1.63 6.75 -1.92
N ALA A 23 -1.59 7.98 -1.45
CA ALA A 23 -1.99 8.29 -0.09
C ALA A 23 -3.50 8.25 0.11
N SER A 24 -4.22 8.37 -0.97
CA SER A 24 -5.66 8.35 -0.91
C SER A 24 -6.21 6.98 -1.28
N VAL A 25 -5.38 6.11 -1.81
CA VAL A 25 -5.81 4.76 -2.18
C VAL A 25 -5.30 3.75 -1.16
N LEU A 26 -4.11 3.97 -0.65
CA LEU A 26 -3.51 3.12 0.35
C LEU A 26 -3.51 3.86 1.66
N THR A 27 -4.08 3.28 2.67
CA THR A 27 -4.16 3.90 3.95
C THR A 27 -3.09 3.30 4.89
N PRO A 28 -2.71 4.03 5.97
CA PRO A 28 -1.66 3.59 6.91
C PRO A 28 -1.87 2.17 7.42
N GLU A 29 -3.11 1.82 7.76
CA GLU A 29 -3.47 0.48 8.29
C GLU A 29 -3.12 -0.67 7.30
N ILE A 30 -3.07 -0.35 6.02
CA ILE A 30 -2.74 -1.34 5.01
C ILE A 30 -1.22 -1.44 4.87
N MET A 31 -0.57 -0.32 5.04
CA MET A 31 0.89 -0.23 4.86
C MET A 31 1.64 -0.66 6.11
N ALA A 32 1.05 -0.41 7.26
CA ALA A 32 1.67 -0.71 8.56
C ALA A 32 2.21 -2.15 8.70
N PRO A 33 1.40 -3.23 8.43
CA PRO A 33 1.89 -4.61 8.56
C PRO A 33 3.03 -4.90 7.59
N ILE A 34 3.05 -4.18 6.48
CA ILE A 34 4.05 -4.36 5.47
C ILE A 34 5.34 -3.68 5.92
N LEU A 35 5.25 -2.38 6.24
CA LEU A 35 6.42 -1.59 6.61
C LEU A 35 7.02 -2.00 7.95
N ALA A 36 6.24 -2.70 8.75
CA ALA A 36 6.71 -3.22 10.02
C ALA A 36 7.66 -4.39 9.80
N ASN A 37 7.70 -4.88 8.58
CA ASN A 37 8.57 -5.95 8.20
C ASN A 37 9.91 -5.39 7.81
N ALA A 38 10.93 -5.74 8.55
CA ALA A 38 12.28 -5.23 8.37
C ALA A 38 12.84 -5.59 6.99
N ASP A 39 12.30 -6.63 6.40
CA ASP A 39 12.73 -7.09 5.08
C ASP A 39 12.35 -6.06 4.01
N VAL A 40 11.15 -5.48 4.14
CA VAL A 40 10.72 -4.47 3.18
C VAL A 40 11.47 -3.19 3.45
N GLN A 41 11.80 -2.97 4.73
CA GLN A 41 12.57 -1.84 5.17
C GLN A 41 13.92 -1.82 4.46
N GLU A 42 14.49 -3.01 4.27
CA GLU A 42 15.73 -3.19 3.55
C GLU A 42 15.60 -2.66 2.13
N ARG A 43 14.48 -2.97 1.49
CA ARG A 43 14.25 -2.55 0.11
C ARG A 43 13.89 -1.08 0.02
N LEU A 44 13.37 -0.51 1.09
CA LEU A 44 12.98 0.89 1.10
C LEU A 44 14.14 1.80 1.43
N LEU A 45 15.16 1.24 2.11
CA LEU A 45 16.38 1.98 2.50
C LEU A 45 16.98 2.89 1.40
N PRO A 46 17.22 2.39 0.14
CA PRO A 46 17.83 3.22 -0.94
C PRO A 46 16.95 4.41 -1.35
N TYR A 47 15.69 4.37 -0.99
CA TYR A 47 14.75 5.38 -1.42
C TYR A 47 14.28 6.22 -0.25
N LEU A 48 14.78 5.89 0.93
CA LEU A 48 14.43 6.56 2.17
C LEU A 48 14.82 8.04 2.12
N PRO A 49 13.83 8.96 2.14
CA PRO A 49 14.08 10.40 2.09
C PRO A 49 14.86 10.89 3.32
N SER A 50 15.52 12.00 3.18
CA SER A 50 16.35 12.55 4.23
C SER A 50 15.49 13.08 5.38
N GLY A 51 15.73 12.56 6.56
CA GLY A 51 14.97 12.98 7.72
C GLY A 51 13.98 11.94 8.16
N GLU A 52 13.67 11.04 7.26
CA GLU A 52 12.69 10.02 7.52
C GLU A 52 13.32 8.87 8.26
N SER A 53 12.54 8.16 8.99
CA SER A 53 13.00 7.01 9.72
C SER A 53 12.02 5.87 9.52
N LEU A 54 12.49 4.68 9.73
CA LEU A 54 11.70 3.48 9.57
C LEU A 54 11.15 3.01 10.91
N PRO A 55 9.83 3.11 11.12
CA PRO A 55 9.20 2.66 12.35
C PRO A 55 9.09 1.12 12.35
N GLN A 56 9.27 0.50 13.51
CA GLN A 56 9.33 -0.97 13.60
C GLN A 56 7.97 -1.61 13.86
N THR A 57 7.20 -1.02 14.70
CA THR A 57 5.91 -1.57 15.04
C THR A 57 4.79 -0.84 14.28
N ALA A 58 3.74 -1.56 13.92
CA ALA A 58 2.61 -1.01 13.15
C ALA A 58 2.01 0.20 13.84
N ASP A 59 1.86 0.12 15.14
CA ASP A 59 1.30 1.21 15.95
C ASP A 59 2.09 2.49 15.79
N GLU A 60 3.40 2.40 15.91
CA GLU A 60 4.21 3.59 15.82
C GLU A 60 4.25 4.10 14.38
N ILE A 61 4.05 3.19 13.41
CA ILE A 61 3.95 3.56 12.01
C ILE A 61 2.75 4.46 11.82
N GLN A 62 1.64 4.09 12.42
CA GLN A 62 0.41 4.88 12.37
C GLN A 62 0.63 6.25 13.00
N ASN A 63 1.39 6.26 14.09
CA ASN A 63 1.70 7.49 14.82
C ASN A 63 2.60 8.42 14.03
N THR A 64 3.57 7.86 13.34
CA THR A 64 4.53 8.64 12.59
C THR A 64 4.00 8.99 11.19
N LEU A 65 3.49 8.02 10.51
CA LEU A 65 3.03 8.19 9.17
C LEU A 65 1.53 8.48 9.18
N THR A 66 1.19 9.64 9.64
CA THR A 66 -0.16 10.06 9.71
C THR A 66 -0.64 10.53 8.32
N SER A 67 0.07 11.50 7.76
CA SER A 67 -0.24 12.01 6.43
C SER A 67 1.02 12.55 5.69
N PRO A 68 1.70 13.69 6.12
CA PRO A 68 2.89 14.21 5.41
C PRO A 68 3.99 13.18 5.30
N GLN A 69 4.38 12.61 6.44
CA GLN A 69 5.44 11.61 6.48
C GLN A 69 4.99 10.35 5.74
N PHE A 70 3.70 10.11 5.79
CA PHE A 70 3.12 8.95 5.15
C PHE A 70 3.29 9.01 3.65
N GLN A 71 3.05 10.18 3.07
CA GLN A 71 3.17 10.35 1.63
C GLN A 71 4.62 10.16 1.16
N GLN A 72 5.54 10.54 2.01
CA GLN A 72 6.97 10.38 1.77
C GLN A 72 7.38 8.92 1.89
N ALA A 73 6.98 8.29 2.98
CA ALA A 73 7.29 6.88 3.22
C ALA A 73 6.59 5.97 2.22
N LEU A 74 5.41 6.34 1.83
CA LEU A 74 4.67 5.57 0.85
C LEU A 74 5.27 5.81 -0.53
N GLY A 75 5.92 6.95 -0.68
CA GLY A 75 6.56 7.29 -1.92
C GLY A 75 7.83 6.47 -2.13
N MET A 76 8.50 6.12 -1.04
CA MET A 76 9.69 5.29 -1.15
C MET A 76 9.25 3.83 -1.30
N PHE A 77 8.07 3.54 -0.78
CA PHE A 77 7.44 2.24 -0.90
C PHE A 77 7.19 1.95 -2.38
N SER A 78 6.51 2.87 -3.03
CA SER A 78 6.22 2.75 -4.42
C SER A 78 7.50 2.83 -5.27
N ALA A 79 8.51 3.48 -4.73
CA ALA A 79 9.79 3.58 -5.39
C ALA A 79 10.47 2.22 -5.47
N ALA A 80 10.49 1.46 -4.35
CA ALA A 80 11.10 0.13 -4.37
C ALA A 80 10.22 -0.83 -5.15
N LEU A 81 8.92 -0.56 -5.10
CA LEU A 81 7.93 -1.33 -5.82
C LEU A 81 8.16 -1.17 -7.32
N ALA A 82 8.36 0.06 -7.77
CA ALA A 82 8.60 0.37 -9.19
C ALA A 82 9.84 -0.35 -9.72
N SER A 83 10.81 -0.55 -8.88
CA SER A 83 12.02 -1.22 -9.25
C SER A 83 11.83 -2.76 -9.26
N GLY A 84 10.73 -3.24 -8.69
CA GLY A 84 10.47 -4.67 -8.63
C GLY A 84 11.17 -5.33 -7.46
N GLN A 85 11.93 -4.55 -6.70
CA GLN A 85 12.69 -5.07 -5.56
C GLN A 85 11.76 -5.44 -4.43
N LEU A 86 10.61 -4.84 -4.42
CA LEU A 86 9.65 -5.03 -3.37
C LEU A 86 8.53 -5.98 -3.84
N GLY A 87 8.75 -6.59 -5.01
CA GLY A 87 7.76 -7.45 -5.64
C GLY A 87 7.43 -8.71 -4.84
N PRO A 88 8.40 -9.67 -4.72
CA PRO A 88 8.21 -10.97 -4.04
C PRO A 88 7.60 -10.85 -2.63
N LEU A 89 7.87 -9.74 -2.00
CA LEU A 89 7.44 -9.45 -0.64
C LEU A 89 5.94 -9.49 -0.48
N MET A 90 5.23 -9.05 -1.49
CA MET A 90 3.78 -8.88 -1.41
C MET A 90 3.04 -10.19 -1.22
N CYS A 91 3.57 -11.26 -1.75
CA CYS A 91 2.91 -12.55 -1.65
C CYS A 91 3.01 -13.08 -0.21
N GLN A 92 4.02 -12.64 0.53
CA GLN A 92 4.26 -13.15 1.87
C GLN A 92 3.29 -12.53 2.87
N PHE A 93 2.61 -11.48 2.46
CA PHE A 93 1.65 -10.80 3.32
C PHE A 93 0.25 -11.30 3.04
N GLY A 94 0.11 -12.20 2.09
CA GLY A 94 -1.20 -12.67 1.72
C GLY A 94 -1.94 -11.63 0.92
N LEU A 95 -1.19 -10.96 0.07
CA LEU A 95 -1.74 -9.95 -0.80
C LEU A 95 -2.23 -10.54 -2.11
N PRO A 96 -3.18 -9.85 -2.77
CA PRO A 96 -3.72 -10.26 -4.06
C PRO A 96 -2.64 -10.61 -5.08
N ALA A 97 -2.93 -11.61 -5.89
CA ALA A 97 -2.03 -12.08 -6.94
C ALA A 97 -1.76 -10.96 -7.93
N GLU A 98 -2.79 -10.17 -8.19
CA GLU A 98 -2.68 -9.05 -9.10
C GLU A 98 -1.77 -7.97 -8.52
N ALA A 99 -1.78 -7.85 -7.20
CA ALA A 99 -0.98 -6.86 -6.52
C ALA A 99 0.48 -7.28 -6.50
N VAL A 100 0.75 -8.54 -6.19
CA VAL A 100 2.13 -9.03 -6.17
C VAL A 100 2.73 -9.01 -7.59
N GLU A 101 1.92 -9.32 -8.60
CA GLU A 101 2.36 -9.25 -9.98
C GLU A 101 2.77 -7.80 -10.30
N ALA A 102 1.91 -6.86 -9.95
CA ALA A 102 2.15 -5.44 -10.17
C ALA A 102 3.42 -4.97 -9.47
N ALA A 103 3.62 -5.45 -8.26
CA ALA A 103 4.81 -5.10 -7.47
C ALA A 103 6.08 -5.63 -8.11
N ASN A 104 5.98 -6.74 -8.82
CA ASN A 104 7.12 -7.29 -9.52
C ASN A 104 7.35 -6.58 -10.82
N LYS A 105 6.28 -6.19 -11.47
CA LYS A 105 6.36 -5.44 -12.72
C LYS A 105 6.79 -4.01 -12.48
N GLY A 106 6.57 -3.54 -11.28
CA GLY A 106 6.95 -2.23 -10.91
C GLY A 106 5.91 -1.22 -11.26
N ASP A 107 4.68 -1.66 -11.31
CA ASP A 107 3.58 -0.79 -11.68
C ASP A 107 2.85 -0.38 -10.42
N VAL A 108 2.95 0.88 -10.09
CA VAL A 108 2.40 1.39 -8.86
C VAL A 108 0.88 1.56 -8.91
N GLU A 109 0.34 1.81 -10.10
CA GLU A 109 -1.09 2.04 -10.20
C GLU A 109 -1.82 0.71 -10.13
N ALA A 110 -1.27 -0.31 -10.79
CA ALA A 110 -1.86 -1.64 -10.82
C ALA A 110 -1.88 -2.23 -9.43
N PHE A 111 -0.83 -1.97 -8.66
CA PHE A 111 -0.76 -2.45 -7.29
C PHE A 111 -1.87 -1.82 -6.47
N ALA A 112 -1.97 -0.50 -6.54
CA ALA A 112 -2.96 0.25 -5.81
C ALA A 112 -4.38 -0.16 -6.23
N LYS A 113 -4.55 -0.36 -7.51
CA LYS A 113 -5.81 -0.79 -8.08
C LYS A 113 -6.18 -2.16 -7.62
N ALA A 114 -5.30 -3.09 -7.78
CA ALA A 114 -5.62 -4.43 -7.47
C ALA A 114 -5.78 -4.63 -5.97
N MET A 115 -5.10 -3.80 -5.18
CA MET A 115 -5.18 -3.84 -3.74
C MET A 115 -6.62 -3.61 -3.29
N GLN A 116 -7.19 -2.48 -3.63
CA GLN A 116 -8.53 -2.19 -3.18
C GLN A 116 -9.63 -2.90 -3.96
N ASN A 117 -9.28 -3.59 -5.03
CA ASN A 117 -10.25 -4.39 -5.75
C ASN A 117 -10.32 -5.81 -5.18
N ASN A 118 -9.18 -6.34 -4.77
CA ASN A 118 -9.13 -7.72 -4.27
C ASN A 118 -9.15 -7.78 -2.76
N ALA A 119 -8.45 -6.87 -2.11
CA ALA A 119 -8.41 -6.84 -0.64
C ALA A 119 -9.54 -5.97 -0.12
N LYS A 120 -10.46 -5.68 -1.03
CA LYS A 120 -11.65 -4.90 -0.82
C LYS A 120 -12.40 -5.42 0.39
N PRO A 121 -12.43 -4.66 1.48
CA PRO A 121 -13.01 -5.10 2.72
C PRO A 121 -14.53 -4.97 2.73
N GLU A 122 -15.16 -5.91 2.07
CA GLU A 122 -16.61 -6.00 2.05
C GLU A 122 -16.99 -7.37 2.58
N GLN A 123 -15.96 -8.05 3.12
CA GLN A 123 -16.01 -9.41 3.66
C GLN A 123 -16.73 -10.39 2.75
N LYS A 124 -16.23 -10.54 1.56
CA LYS A 124 -16.82 -11.48 0.69
C LYS A 124 -16.05 -12.76 0.86
N GLU A 125 -16.59 -13.60 1.67
CA GLU A 125 -15.97 -14.81 2.05
C GLU A 125 -17.02 -15.89 2.09
N GLY A 126 -16.90 -16.84 1.21
CA GLY A 126 -17.79 -17.97 1.24
C GLY A 126 -18.71 -18.04 0.05
N ASP A 127 -18.20 -17.77 -1.13
CA ASP A 127 -19.02 -17.88 -2.32
C ASP A 127 -19.14 -19.35 -2.71
N THR A 128 -20.26 -19.93 -2.37
CA THR A 128 -20.51 -21.33 -2.62
C THR A 128 -22.01 -21.54 -2.83
N LYS A 129 -22.36 -22.30 -3.83
CA LYS A 129 -23.75 -22.63 -4.10
C LYS A 129 -24.17 -23.90 -3.38
N ASP A 130 -24.33 -23.79 -2.09
CA ASP A 130 -24.84 -24.88 -1.28
C ASP A 130 -26.08 -24.37 -0.58
N LYS A 131 -26.41 -23.15 -0.90
CA LYS A 131 -27.51 -22.43 -0.35
C LYS A 131 -27.94 -21.45 -1.43
N LYS A 132 -29.13 -20.85 -1.27
CA LYS A 132 -29.77 -19.92 -2.22
C LYS A 132 -30.50 -20.69 -3.29
N ASP A 133 -31.76 -20.43 -3.43
CA ASP A 133 -32.54 -21.05 -4.48
C ASP A 133 -32.63 -20.09 -5.62
N GLU A 134 -31.64 -20.14 -6.48
CA GLU A 134 -31.54 -19.21 -7.59
C GLU A 134 -32.41 -19.68 -8.75
N GLU A 135 -32.83 -20.92 -8.66
CA GLU A 135 -33.78 -21.49 -9.57
C GLU A 135 -34.90 -22.04 -8.71
N GLU A 136 -36.00 -21.37 -8.72
CA GLU A 136 -37.11 -21.74 -7.86
C GLU A 136 -38.23 -22.36 -8.68
N ASP A 137 -39.23 -22.86 -8.00
CA ASP A 137 -40.39 -23.44 -8.66
C ASP A 137 -41.41 -22.31 -8.84
N MET A 138 -42.49 -22.57 -9.52
CA MET A 138 -43.49 -21.55 -9.76
C MET A 138 -44.81 -21.92 -9.09
N SER A 139 -45.00 -23.19 -8.84
CA SER A 139 -46.25 -23.66 -8.31
C SER A 139 -46.30 -23.51 -6.78
N LEU A 140 -47.17 -22.59 -6.33
CA LEU A 140 -47.49 -22.33 -4.90
C LEU A 140 -46.37 -21.68 -4.09
N ASP A 141 -45.16 -22.13 -4.30
CA ASP A 141 -44.00 -21.66 -3.55
C ASP A 141 -43.62 -20.26 -3.96
N SER A 1 3.01 7.10 -9.48
CA SER A 1 4.34 6.63 -9.23
C SER A 1 4.80 7.19 -7.88
N ASN A 2 6.10 7.08 -7.57
CA ASN A 2 6.68 7.61 -6.32
C ASN A 2 6.40 9.11 -6.18
N ALA A 3 6.93 9.91 -7.11
CA ALA A 3 6.69 11.37 -7.25
C ALA A 3 7.13 12.26 -6.05
N ILE A 4 6.70 11.91 -4.86
CA ILE A 4 6.86 12.71 -3.64
C ILE A 4 8.27 13.19 -3.32
N LEU A 5 9.28 12.44 -3.68
CA LEU A 5 10.63 12.82 -3.39
C LEU A 5 11.51 12.43 -4.54
N ALA A 6 11.77 13.38 -5.38
CA ALA A 6 12.62 13.22 -6.52
C ALA A 6 13.26 14.55 -6.78
N THR A 7 14.14 14.92 -5.90
CA THR A 7 14.80 16.17 -5.96
C THR A 7 16.10 16.03 -6.75
N MET A 8 16.87 14.99 -6.44
CA MET A 8 18.15 14.79 -7.12
C MET A 8 17.99 14.06 -8.47
N ASN A 9 17.26 14.69 -9.36
CA ASN A 9 17.06 14.21 -10.72
C ASN A 9 16.28 15.21 -11.53
N VAL A 10 16.04 14.86 -12.76
CA VAL A 10 15.23 15.63 -13.70
C VAL A 10 13.77 15.21 -13.53
N PRO A 11 12.80 15.89 -14.23
CA PRO A 11 11.37 15.52 -14.23
C PRO A 11 11.14 14.01 -14.25
N ALA A 12 11.78 13.34 -15.23
CA ALA A 12 11.78 11.88 -15.38
C ALA A 12 10.39 11.30 -15.69
N GLY A 13 10.36 10.02 -16.00
CA GLY A 13 9.14 9.34 -16.29
C GLY A 13 8.72 9.50 -17.74
N PRO A 14 8.57 8.39 -18.49
CA PRO A 14 8.11 8.43 -19.89
C PRO A 14 6.77 9.16 -20.01
N ALA A 15 5.86 8.83 -19.11
CA ALA A 15 4.59 9.51 -19.07
C ALA A 15 4.53 10.35 -17.82
N GLY A 16 4.79 11.62 -17.98
CA GLY A 16 4.80 12.54 -16.86
C GLY A 16 3.40 12.93 -16.45
N GLY A 17 2.74 12.06 -15.75
CA GLY A 17 1.42 12.30 -15.28
C GLY A 17 1.13 11.38 -14.15
N GLN A 18 0.26 11.78 -13.26
CA GLN A 18 -0.06 10.97 -12.12
C GLN A 18 -1.50 10.53 -12.14
N GLN A 19 -1.74 9.37 -11.62
CA GLN A 19 -3.06 8.81 -11.45
C GLN A 19 -2.98 7.92 -10.25
N VAL A 20 -4.10 7.73 -9.55
CA VAL A 20 -4.17 6.88 -8.38
C VAL A 20 -3.15 7.34 -7.32
N ASP A 21 -3.51 8.34 -6.56
CA ASP A 21 -2.63 8.89 -5.54
C ASP A 21 -2.38 7.88 -4.46
N LEU A 22 -1.10 7.59 -4.23
CA LEU A 22 -0.69 6.58 -3.30
C LEU A 22 -1.31 6.69 -1.90
N ALA A 23 -1.33 7.88 -1.33
CA ALA A 23 -1.82 8.04 0.04
C ALA A 23 -3.34 8.09 0.09
N SER A 24 -3.93 8.35 -1.03
CA SER A 24 -5.37 8.37 -1.12
C SER A 24 -5.94 6.95 -1.28
N VAL A 25 -5.25 6.14 -2.06
CA VAL A 25 -5.69 4.78 -2.32
C VAL A 25 -5.20 3.81 -1.23
N LEU A 26 -3.97 3.94 -0.83
CA LEU A 26 -3.42 3.06 0.17
C LEU A 26 -3.28 3.81 1.46
N THR A 27 -4.14 3.50 2.39
CA THR A 27 -4.16 4.16 3.64
C THR A 27 -3.25 3.45 4.67
N PRO A 28 -2.79 4.19 5.74
CA PRO A 28 -1.87 3.66 6.77
C PRO A 28 -2.28 2.31 7.36
N GLU A 29 -3.58 2.07 7.52
CA GLU A 29 -4.09 0.79 8.04
C GLU A 29 -3.68 -0.38 7.13
N ILE A 30 -3.74 -0.15 5.84
CA ILE A 30 -3.41 -1.16 4.84
C ILE A 30 -1.89 -1.38 4.78
N MET A 31 -1.17 -0.30 4.91
CA MET A 31 0.27 -0.34 4.70
C MET A 31 1.06 -0.74 5.95
N ALA A 32 0.42 -0.63 7.10
CA ALA A 32 1.06 -0.92 8.38
C ALA A 32 1.72 -2.32 8.47
N PRO A 33 0.99 -3.44 8.21
CA PRO A 33 1.58 -4.80 8.34
C PRO A 33 2.67 -5.07 7.32
N ILE A 34 2.71 -4.29 6.27
CA ILE A 34 3.68 -4.44 5.23
C ILE A 34 4.96 -3.73 5.65
N LEU A 35 4.83 -2.44 5.95
CA LEU A 35 5.98 -1.61 6.31
C LEU A 35 6.58 -1.99 7.66
N ALA A 36 5.84 -2.74 8.45
CA ALA A 36 6.32 -3.22 9.73
C ALA A 36 7.41 -4.27 9.55
N ASN A 37 7.52 -4.81 8.34
CA ASN A 37 8.52 -5.82 8.07
C ASN A 37 9.83 -5.11 7.75
N ALA A 38 10.83 -5.37 8.57
CA ALA A 38 12.14 -4.75 8.44
C ALA A 38 12.82 -5.09 7.10
N ASP A 39 12.43 -6.20 6.52
CA ASP A 39 13.00 -6.66 5.26
C ASP A 39 12.49 -5.80 4.09
N VAL A 40 11.22 -5.37 4.16
CA VAL A 40 10.69 -4.52 3.11
C VAL A 40 11.31 -3.14 3.26
N GLN A 41 11.53 -2.77 4.52
CA GLN A 41 12.17 -1.52 4.88
C GLN A 41 13.59 -1.47 4.33
N GLU A 42 14.21 -2.63 4.26
CA GLU A 42 15.55 -2.79 3.73
C GLU A 42 15.56 -2.35 2.24
N ARG A 43 14.50 -2.70 1.52
CA ARG A 43 14.36 -2.28 0.11
C ARG A 43 14.04 -0.79 -0.01
N LEU A 44 13.42 -0.25 1.01
CA LEU A 44 13.06 1.17 1.02
C LEU A 44 14.23 2.05 1.47
N LEU A 45 15.22 1.42 2.11
CA LEU A 45 16.44 2.11 2.59
C LEU A 45 17.14 3.03 1.56
N PRO A 46 17.41 2.58 0.30
CA PRO A 46 18.07 3.45 -0.69
C PRO A 46 17.20 4.65 -1.10
N TYR A 47 15.94 4.60 -0.73
CA TYR A 47 14.98 5.63 -1.11
C TYR A 47 14.49 6.40 0.13
N LEU A 48 15.08 6.09 1.28
CA LEU A 48 14.73 6.68 2.59
C LEU A 48 14.74 8.23 2.54
N PRO A 49 13.67 8.89 3.06
CA PRO A 49 13.59 10.36 3.15
C PRO A 49 14.73 10.95 3.99
N SER A 50 15.01 12.22 3.78
CA SER A 50 16.17 12.87 4.37
C SER A 50 16.00 13.12 5.87
N GLY A 51 16.85 12.47 6.65
CA GLY A 51 16.90 12.69 8.08
C GLY A 51 15.72 12.13 8.84
N GLU A 52 15.07 11.14 8.29
CA GLU A 52 13.94 10.53 8.94
C GLU A 52 14.18 9.04 9.14
N SER A 53 13.38 8.41 9.94
CA SER A 53 13.64 7.04 10.33
C SER A 53 12.58 6.08 9.77
N LEU A 54 12.76 4.82 10.04
CA LEU A 54 11.83 3.77 9.67
C LEU A 54 11.09 3.25 10.88
N PRO A 55 9.78 3.49 10.99
CA PRO A 55 8.97 2.98 12.09
C PRO A 55 8.85 1.46 12.03
N GLN A 56 9.06 0.81 13.16
CA GLN A 56 9.06 -0.65 13.22
C GLN A 56 7.68 -1.22 13.48
N THR A 57 7.06 -0.81 14.56
CA THR A 57 5.76 -1.36 14.93
C THR A 57 4.64 -0.63 14.20
N ALA A 58 3.53 -1.30 14.00
CA ALA A 58 2.36 -0.70 13.35
C ALA A 58 1.87 0.49 14.16
N ASP A 59 2.11 0.43 15.46
CA ASP A 59 1.78 1.49 16.42
C ASP A 59 2.47 2.79 16.01
N GLU A 60 3.78 2.73 15.89
CA GLU A 60 4.58 3.88 15.49
C GLU A 60 4.37 4.20 14.01
N ILE A 61 3.99 3.20 13.22
CA ILE A 61 3.64 3.47 11.83
C ILE A 61 2.40 4.34 11.78
N GLN A 62 1.40 4.00 12.58
CA GLN A 62 0.17 4.79 12.64
C GLN A 62 0.41 6.19 13.18
N ASN A 63 1.34 6.31 14.12
CA ASN A 63 1.59 7.61 14.74
C ASN A 63 2.54 8.49 13.92
N THR A 64 3.55 7.89 13.36
CA THR A 64 4.54 8.63 12.60
C THR A 64 4.11 8.77 11.14
N LEU A 65 3.61 7.72 10.56
CA LEU A 65 3.23 7.74 9.18
C LEU A 65 1.73 7.88 9.08
N THR A 66 1.25 9.03 9.48
CA THR A 66 -0.14 9.29 9.46
C THR A 66 -0.56 9.94 8.12
N SER A 67 0.22 10.90 7.65
CA SER A 67 -0.08 11.51 6.37
C SER A 67 1.18 12.13 5.70
N PRO A 68 1.79 13.25 6.24
CA PRO A 68 2.96 13.88 5.58
C PRO A 68 4.12 12.91 5.39
N GLN A 69 4.57 12.30 6.49
CA GLN A 69 5.67 11.36 6.46
C GLN A 69 5.24 10.07 5.80
N PHE A 70 3.94 9.82 5.85
CA PHE A 70 3.35 8.62 5.26
C PHE A 70 3.49 8.66 3.76
N GLN A 71 3.19 9.81 3.17
CA GLN A 71 3.33 10.01 1.73
C GLN A 71 4.76 9.73 1.32
N GLN A 72 5.68 10.21 2.11
CA GLN A 72 7.10 10.03 1.89
C GLN A 72 7.48 8.55 1.96
N ALA A 73 6.99 7.88 2.99
CA ALA A 73 7.27 6.47 3.21
C ALA A 73 6.63 5.61 2.13
N LEU A 74 5.45 5.98 1.74
CA LEU A 74 4.73 5.26 0.73
C LEU A 74 5.32 5.56 -0.65
N GLY A 75 5.94 6.71 -0.77
CA GLY A 75 6.60 7.08 -1.98
C GLY A 75 7.87 6.29 -2.17
N MET A 76 8.68 6.15 -1.10
CA MET A 76 9.90 5.34 -1.19
C MET A 76 9.52 3.88 -1.41
N PHE A 77 8.37 3.49 -0.86
CA PHE A 77 7.78 2.19 -1.07
C PHE A 77 7.50 2.01 -2.56
N SER A 78 6.84 2.99 -3.13
CA SER A 78 6.50 3.01 -4.54
C SER A 78 7.75 2.97 -5.43
N ALA A 79 8.82 3.60 -4.98
CA ALA A 79 10.08 3.61 -5.72
C ALA A 79 10.70 2.19 -5.75
N ALA A 80 10.69 1.53 -4.60
CA ALA A 80 11.22 0.17 -4.51
C ALA A 80 10.31 -0.81 -5.26
N LEU A 81 9.02 -0.51 -5.26
CA LEU A 81 8.03 -1.32 -5.95
C LEU A 81 8.25 -1.19 -7.45
N ALA A 82 8.42 0.04 -7.93
CA ALA A 82 8.64 0.32 -9.37
C ALA A 82 9.93 -0.33 -9.88
N SER A 83 10.81 -0.61 -8.95
CA SER A 83 12.06 -1.22 -9.23
C SER A 83 11.90 -2.76 -9.35
N GLY A 84 10.80 -3.29 -8.83
CA GLY A 84 10.58 -4.74 -8.85
C GLY A 84 11.24 -5.44 -7.68
N GLN A 85 12.05 -4.71 -6.94
CA GLN A 85 12.78 -5.26 -5.80
C GLN A 85 11.84 -5.56 -4.64
N LEU A 86 10.75 -4.87 -4.59
CA LEU A 86 9.80 -5.03 -3.52
C LEU A 86 8.65 -5.97 -3.95
N GLY A 87 8.76 -6.51 -5.16
CA GLY A 87 7.75 -7.37 -5.74
C GLY A 87 7.48 -8.67 -4.95
N PRO A 88 8.49 -9.57 -4.82
CA PRO A 88 8.35 -10.88 -4.13
C PRO A 88 7.76 -10.78 -2.71
N LEU A 89 8.02 -9.66 -2.08
CA LEU A 89 7.60 -9.39 -0.71
C LEU A 89 6.11 -9.46 -0.52
N MET A 90 5.35 -9.10 -1.54
CA MET A 90 3.89 -9.04 -1.42
C MET A 90 3.26 -10.42 -1.34
N CYS A 91 4.00 -11.42 -1.78
CA CYS A 91 3.53 -12.77 -1.79
C CYS A 91 3.43 -13.31 -0.35
N GLN A 92 4.38 -12.94 0.48
CA GLN A 92 4.45 -13.47 1.84
C GLN A 92 3.53 -12.72 2.80
N PHE A 93 2.83 -11.73 2.30
CA PHE A 93 1.85 -11.03 3.12
C PHE A 93 0.44 -11.52 2.79
N GLY A 94 0.36 -12.42 1.82
CA GLY A 94 -0.94 -12.96 1.42
C GLY A 94 -1.73 -11.97 0.60
N LEU A 95 -1.02 -11.16 -0.16
CA LEU A 95 -1.63 -10.15 -0.99
C LEU A 95 -2.14 -10.73 -2.30
N PRO A 96 -3.12 -10.05 -2.95
CA PRO A 96 -3.72 -10.48 -4.20
C PRO A 96 -2.67 -10.80 -5.27
N ALA A 97 -2.99 -11.76 -6.12
CA ALA A 97 -2.11 -12.19 -7.19
C ALA A 97 -1.84 -11.05 -8.16
N GLU A 98 -2.83 -10.18 -8.34
CA GLU A 98 -2.66 -9.03 -9.22
C GLU A 98 -1.70 -8.03 -8.59
N ALA A 99 -1.79 -7.92 -7.28
CA ALA A 99 -0.98 -6.99 -6.52
C ALA A 99 0.48 -7.41 -6.56
N VAL A 100 0.76 -8.67 -6.23
CA VAL A 100 2.13 -9.15 -6.23
C VAL A 100 2.72 -9.14 -7.66
N GLU A 101 1.89 -9.40 -8.66
CA GLU A 101 2.31 -9.33 -10.05
C GLU A 101 2.69 -7.88 -10.41
N ALA A 102 1.84 -6.94 -10.03
CA ALA A 102 2.07 -5.52 -10.28
C ALA A 102 3.30 -5.03 -9.52
N ALA A 103 3.53 -5.60 -8.36
CA ALA A 103 4.69 -5.27 -7.54
C ALA A 103 5.98 -5.72 -8.20
N ASN A 104 5.91 -6.82 -8.94
CA ASN A 104 7.06 -7.32 -9.68
C ASN A 104 7.27 -6.52 -10.95
N LYS A 105 6.17 -6.14 -11.58
CA LYS A 105 6.22 -5.34 -12.82
C LYS A 105 6.59 -3.89 -12.53
N GLY A 106 6.34 -3.46 -11.33
CA GLY A 106 6.74 -2.14 -10.92
C GLY A 106 5.68 -1.11 -11.21
N ASP A 107 4.44 -1.54 -11.20
CA ASP A 107 3.35 -0.64 -11.49
C ASP A 107 2.61 -0.39 -10.19
N VAL A 108 2.81 0.78 -9.62
CA VAL A 108 2.22 1.07 -8.32
C VAL A 108 0.73 1.37 -8.47
N GLU A 109 0.34 1.88 -9.62
CA GLU A 109 -1.04 2.18 -9.92
C GLU A 109 -1.88 0.89 -9.92
N ALA A 110 -1.39 -0.11 -10.64
CA ALA A 110 -2.03 -1.40 -10.73
C ALA A 110 -2.02 -2.09 -9.40
N PHE A 111 -0.90 -1.98 -8.69
CA PHE A 111 -0.75 -2.56 -7.36
C PHE A 111 -1.81 -2.02 -6.43
N ALA A 112 -1.88 -0.70 -6.35
CA ALA A 112 -2.80 -0.03 -5.48
C ALA A 112 -4.25 -0.36 -5.81
N LYS A 113 -4.55 -0.45 -7.10
CA LYS A 113 -5.89 -0.77 -7.56
C LYS A 113 -6.23 -2.18 -7.15
N ALA A 114 -5.31 -3.09 -7.41
CA ALA A 114 -5.47 -4.49 -7.13
C ALA A 114 -5.68 -4.73 -5.64
N MET A 115 -5.04 -3.90 -4.84
CA MET A 115 -5.20 -3.96 -3.41
C MET A 115 -6.62 -3.59 -3.03
N GLN A 116 -7.06 -2.40 -3.43
CA GLN A 116 -8.38 -1.92 -3.03
C GLN A 116 -9.56 -2.70 -3.62
N ASN A 117 -9.37 -3.32 -4.76
CA ASN A 117 -10.46 -4.07 -5.36
C ASN A 117 -10.58 -5.48 -4.80
N ASN A 118 -9.45 -6.06 -4.42
CA ASN A 118 -9.49 -7.40 -3.82
C ASN A 118 -9.70 -7.34 -2.33
N ALA A 119 -9.08 -6.36 -1.68
CA ALA A 119 -9.21 -6.20 -0.24
C ALA A 119 -10.49 -5.50 0.13
N LYS A 120 -11.56 -6.20 -0.09
CA LYS A 120 -12.90 -5.84 0.29
C LYS A 120 -13.78 -7.07 0.08
N PRO A 121 -14.39 -7.61 1.15
CA PRO A 121 -15.27 -8.78 1.03
C PRO A 121 -16.60 -8.41 0.39
N GLU A 122 -17.17 -7.30 0.87
CA GLU A 122 -18.45 -6.76 0.42
C GLU A 122 -19.60 -7.71 0.78
N GLN A 123 -20.79 -7.34 0.43
CA GLN A 123 -21.93 -8.16 0.76
C GLN A 123 -22.32 -8.98 -0.45
N LYS A 124 -22.23 -8.34 -1.64
CA LYS A 124 -22.58 -8.93 -2.95
C LYS A 124 -23.92 -9.67 -2.93
N GLU A 125 -24.97 -8.89 -2.90
CA GLU A 125 -26.31 -9.41 -2.79
C GLU A 125 -26.91 -9.73 -4.14
N GLY A 126 -27.20 -8.67 -4.89
CA GLY A 126 -27.91 -8.81 -6.13
C GLY A 126 -29.36 -9.17 -5.86
N ASP A 127 -29.59 -10.45 -5.77
CA ASP A 127 -30.87 -11.04 -5.37
C ASP A 127 -30.57 -12.45 -4.96
N THR A 128 -30.04 -13.18 -5.92
CA THR A 128 -29.58 -14.55 -5.76
C THR A 128 -30.67 -15.50 -5.20
N LYS A 129 -31.52 -16.01 -6.07
CA LYS A 129 -32.50 -16.97 -5.64
C LYS A 129 -32.02 -18.37 -5.93
N ASP A 130 -31.76 -19.09 -4.88
CA ASP A 130 -31.33 -20.48 -4.98
C ASP A 130 -32.55 -21.38 -4.83
N LYS A 131 -33.71 -20.76 -4.78
CA LYS A 131 -34.94 -21.49 -4.57
C LYS A 131 -35.38 -22.26 -5.77
N LYS A 132 -34.81 -23.39 -5.96
CA LYS A 132 -35.34 -24.32 -6.89
C LYS A 132 -36.06 -25.36 -6.10
N ASP A 133 -37.33 -25.14 -6.00
CA ASP A 133 -38.22 -25.94 -5.17
C ASP A 133 -38.96 -26.89 -6.09
N GLU A 134 -38.69 -26.70 -7.35
CA GLU A 134 -39.28 -27.43 -8.42
C GLU A 134 -38.75 -28.85 -8.41
N GLU A 135 -39.60 -29.78 -8.64
CA GLU A 135 -39.20 -31.14 -8.77
C GLU A 135 -39.57 -31.60 -10.16
N GLU A 136 -38.53 -31.82 -10.97
CA GLU A 136 -38.65 -32.19 -12.38
C GLU A 136 -39.14 -30.99 -13.21
N ASP A 137 -38.23 -30.35 -13.87
CA ASP A 137 -38.58 -29.24 -14.71
C ASP A 137 -38.79 -29.71 -16.12
N MET A 138 -40.02 -29.78 -16.52
CA MET A 138 -40.36 -30.15 -17.85
C MET A 138 -41.35 -29.18 -18.41
N SER A 139 -41.04 -28.64 -19.53
CA SER A 139 -41.95 -27.76 -20.22
C SER A 139 -42.47 -28.53 -21.42
N LEU A 140 -42.52 -29.86 -21.22
CA LEU A 140 -42.81 -30.83 -22.24
C LEU A 140 -41.76 -30.74 -23.32
N ASP A 141 -40.56 -31.05 -22.89
CA ASP A 141 -39.37 -30.97 -23.70
C ASP A 141 -39.15 -32.31 -24.33
N SER A 1 0.44 19.79 15.00
CA SER A 1 -0.79 19.06 15.30
C SER A 1 -0.87 17.77 14.47
N ASN A 2 -1.24 17.91 13.21
CA ASN A 2 -1.31 16.82 12.28
C ASN A 2 -1.12 17.35 10.88
N ALA A 3 -0.17 16.74 10.15
CA ALA A 3 0.17 17.07 8.74
C ALA A 3 0.88 18.42 8.55
N ILE A 4 0.45 19.38 9.30
CA ILE A 4 0.94 20.74 9.27
C ILE A 4 2.37 20.81 9.79
N LEU A 5 3.21 21.45 9.02
CA LEU A 5 4.58 21.68 9.40
C LEU A 5 4.76 23.18 9.55
N ALA A 6 5.75 23.61 10.33
CA ALA A 6 5.95 25.04 10.63
C ALA A 6 6.41 25.84 9.42
N THR A 7 6.68 25.17 8.33
CA THR A 7 7.10 25.79 7.10
C THR A 7 5.87 26.11 6.24
N MET A 8 4.70 25.74 6.75
CA MET A 8 3.43 25.89 6.08
C MET A 8 3.40 25.12 4.79
N ASN A 9 3.43 23.82 4.95
CA ASN A 9 3.41 22.87 3.87
C ASN A 9 2.46 21.77 4.28
N VAL A 10 1.62 21.33 3.35
CA VAL A 10 0.55 20.37 3.63
C VAL A 10 -0.45 20.99 4.63
N PRO A 11 -1.53 21.59 4.10
CA PRO A 11 -2.50 22.32 4.91
C PRO A 11 -3.50 21.43 5.65
N ALA A 12 -3.31 20.10 5.51
CA ALA A 12 -4.18 19.08 6.10
C ALA A 12 -5.57 19.13 5.47
N GLY A 13 -5.81 18.25 4.55
CA GLY A 13 -7.06 18.21 3.87
C GLY A 13 -7.21 16.91 3.13
N PRO A 14 -8.43 16.51 2.77
CA PRO A 14 -8.69 15.26 2.05
C PRO A 14 -8.43 15.41 0.54
N ALA A 15 -7.38 16.13 0.22
CA ALA A 15 -6.99 16.40 -1.12
C ALA A 15 -5.48 16.40 -1.22
N GLY A 16 -4.95 15.42 -1.87
CA GLY A 16 -3.54 15.33 -2.07
C GLY A 16 -3.24 14.52 -3.27
N GLY A 17 -2.58 15.13 -4.24
CA GLY A 17 -2.18 14.43 -5.45
C GLY A 17 -3.32 14.25 -6.45
N GLN A 18 -4.37 13.58 -6.00
CA GLN A 18 -5.57 13.25 -6.79
C GLN A 18 -5.28 12.23 -7.86
N GLN A 19 -6.36 11.71 -8.46
CA GLN A 19 -6.31 10.65 -9.48
C GLN A 19 -5.78 9.36 -8.89
N VAL A 20 -4.49 9.24 -8.79
CA VAL A 20 -3.87 8.08 -8.23
C VAL A 20 -2.90 8.52 -7.16
N ASP A 21 -3.43 8.86 -6.02
CA ASP A 21 -2.61 9.20 -4.88
C ASP A 21 -2.45 8.01 -4.03
N LEU A 22 -1.24 7.75 -3.66
CA LEU A 22 -0.89 6.60 -2.88
C LEU A 22 -1.50 6.57 -1.47
N ALA A 23 -1.60 7.71 -0.82
CA ALA A 23 -2.04 7.75 0.58
C ALA A 23 -3.56 7.59 0.69
N SER A 24 -4.25 8.01 -0.32
CA SER A 24 -5.68 7.89 -0.35
C SER A 24 -6.15 6.49 -0.78
N VAL A 25 -5.38 5.85 -1.66
CA VAL A 25 -5.70 4.48 -2.10
C VAL A 25 -5.17 3.44 -1.08
N LEU A 26 -4.00 3.71 -0.51
CA LEU A 26 -3.40 2.86 0.48
C LEU A 26 -3.21 3.66 1.74
N THR A 27 -4.06 3.43 2.71
CA THR A 27 -4.03 4.20 3.93
C THR A 27 -3.03 3.64 4.94
N PRO A 28 -2.60 4.45 5.95
CA PRO A 28 -1.61 4.03 6.98
C PRO A 28 -2.00 2.75 7.69
N GLU A 29 -3.29 2.53 7.82
CA GLU A 29 -3.82 1.36 8.49
C GLU A 29 -3.65 0.10 7.63
N ILE A 30 -3.74 0.25 6.32
CA ILE A 30 -3.61 -0.88 5.41
C ILE A 30 -2.15 -1.24 5.25
N MET A 31 -1.32 -0.22 5.22
CA MET A 31 0.11 -0.38 4.98
C MET A 31 0.88 -0.68 6.26
N ALA A 32 0.20 -0.59 7.38
CA ALA A 32 0.80 -0.80 8.70
C ALA A 32 1.52 -2.15 8.86
N PRO A 33 0.85 -3.32 8.61
CA PRO A 33 1.52 -4.61 8.76
C PRO A 33 2.65 -4.80 7.74
N ILE A 34 2.49 -4.20 6.56
CA ILE A 34 3.46 -4.34 5.50
C ILE A 34 4.77 -3.67 5.86
N LEU A 35 4.72 -2.40 6.24
CA LEU A 35 5.92 -1.64 6.56
C LEU A 35 6.54 -2.07 7.89
N ALA A 36 5.80 -2.85 8.66
CA ALA A 36 6.30 -3.37 9.93
C ALA A 36 7.26 -4.54 9.71
N ASN A 37 7.42 -4.95 8.46
CA ASN A 37 8.33 -6.01 8.12
C ASN A 37 9.66 -5.38 7.71
N ALA A 38 10.73 -5.79 8.36
CA ALA A 38 12.06 -5.25 8.12
C ALA A 38 12.57 -5.59 6.72
N ASP A 39 12.00 -6.62 6.13
CA ASP A 39 12.38 -7.06 4.78
C ASP A 39 11.96 -5.99 3.75
N VAL A 40 10.79 -5.40 3.93
CA VAL A 40 10.35 -4.35 3.02
C VAL A 40 11.10 -3.07 3.30
N GLN A 41 11.43 -2.88 4.57
CA GLN A 41 12.20 -1.74 5.01
C GLN A 41 13.56 -1.74 4.35
N GLU A 42 14.13 -2.94 4.20
CA GLU A 42 15.42 -3.14 3.56
C GLU A 42 15.35 -2.60 2.11
N ARG A 43 14.22 -2.83 1.47
CA ARG A 43 14.02 -2.40 0.07
C ARG A 43 13.74 -0.90 -0.02
N LEU A 44 13.15 -0.35 1.03
CA LEU A 44 12.81 1.08 1.07
C LEU A 44 13.99 1.95 1.49
N LEU A 45 14.88 1.40 2.31
CA LEU A 45 16.09 2.09 2.79
C LEU A 45 16.92 2.85 1.71
N PRO A 46 17.19 2.27 0.50
CA PRO A 46 17.91 2.98 -0.56
C PRO A 46 17.15 4.19 -1.10
N TYR A 47 15.86 4.25 -0.79
CA TYR A 47 15.00 5.30 -1.28
C TYR A 47 14.52 6.19 -0.10
N LEU A 48 15.12 5.96 1.07
CA LEU A 48 14.77 6.65 2.33
C LEU A 48 14.86 8.18 2.19
N PRO A 49 13.83 8.93 2.64
CA PRO A 49 13.86 10.38 2.63
C PRO A 49 14.75 10.91 3.76
N SER A 50 15.39 12.02 3.53
CA SER A 50 16.30 12.59 4.49
C SER A 50 15.53 13.25 5.65
N GLY A 51 15.71 12.72 6.83
CA GLY A 51 15.04 13.25 8.00
C GLY A 51 13.93 12.34 8.49
N GLU A 52 13.68 11.29 7.75
CA GLU A 52 12.67 10.31 8.12
C GLU A 52 13.32 9.03 8.58
N SER A 53 12.55 8.21 9.23
CA SER A 53 13.01 6.95 9.69
C SER A 53 11.86 5.97 9.58
N LEU A 54 12.18 4.71 9.56
CA LEU A 54 11.21 3.67 9.47
C LEU A 54 10.84 3.14 10.83
N PRO A 55 9.59 3.38 11.27
CA PRO A 55 9.10 2.84 12.53
C PRO A 55 9.06 1.32 12.45
N GLN A 56 9.55 0.68 13.47
CA GLN A 56 9.67 -0.76 13.48
C GLN A 56 8.35 -1.42 13.79
N THR A 57 7.56 -0.75 14.58
CA THR A 57 6.29 -1.27 14.93
C THR A 57 5.19 -0.56 14.18
N ALA A 58 4.12 -1.29 13.90
CA ALA A 58 2.96 -0.76 13.20
C ALA A 58 2.32 0.36 14.02
N ASP A 59 2.46 0.26 15.34
CA ASP A 59 1.95 1.26 16.27
C ASP A 59 2.59 2.60 15.97
N GLU A 60 3.90 2.60 15.88
CA GLU A 60 4.65 3.79 15.58
C GLU A 60 4.41 4.26 14.16
N ILE A 61 4.14 3.33 13.25
CA ILE A 61 3.80 3.68 11.88
C ILE A 61 2.53 4.52 11.88
N GLN A 62 1.56 4.15 12.72
CA GLN A 62 0.30 4.88 12.82
C GLN A 62 0.50 6.23 13.48
N ASN A 63 1.58 6.37 14.23
CA ASN A 63 1.87 7.59 14.94
C ASN A 63 2.64 8.57 14.07
N THR A 64 3.77 8.14 13.58
CA THR A 64 4.67 8.99 12.83
C THR A 64 4.21 9.17 11.37
N LEU A 65 3.82 8.11 10.72
CA LEU A 65 3.51 8.19 9.31
C LEU A 65 2.04 8.41 9.09
N THR A 66 1.66 9.64 9.07
CA THR A 66 0.31 10.03 8.80
C THR A 66 0.32 11.30 7.97
N SER A 67 -0.20 11.17 6.76
CA SER A 67 -0.30 12.21 5.76
C SER A 67 1.07 12.62 5.10
N PRO A 68 1.82 13.74 5.50
CA PRO A 68 3.05 14.12 4.79
C PRO A 68 4.12 13.03 4.81
N GLN A 69 4.52 12.59 6.02
CA GLN A 69 5.57 11.59 6.15
C GLN A 69 5.12 10.27 5.56
N PHE A 70 3.81 10.05 5.56
CA PHE A 70 3.28 8.82 5.04
C PHE A 70 3.41 8.79 3.52
N GLN A 71 3.13 9.92 2.86
CA GLN A 71 3.28 9.98 1.40
C GLN A 71 4.74 9.84 1.02
N GLN A 72 5.61 10.26 1.90
CA GLN A 72 7.05 10.16 1.71
C GLN A 72 7.51 8.72 1.87
N ALA A 73 7.04 8.07 2.93
CA ALA A 73 7.38 6.67 3.19
C ALA A 73 6.76 5.77 2.15
N LEU A 74 5.55 6.07 1.77
CA LEU A 74 4.85 5.31 0.77
C LEU A 74 5.39 5.69 -0.62
N GLY A 75 6.00 6.86 -0.71
CA GLY A 75 6.64 7.31 -1.92
C GLY A 75 7.88 6.51 -2.20
N MET A 76 8.68 6.25 -1.16
CA MET A 76 9.86 5.42 -1.32
C MET A 76 9.44 3.97 -1.51
N PHE A 77 8.29 3.63 -0.95
CA PHE A 77 7.67 2.33 -1.16
C PHE A 77 7.36 2.19 -2.64
N SER A 78 6.75 3.24 -3.19
CA SER A 78 6.44 3.35 -4.61
C SER A 78 7.71 3.16 -5.46
N ALA A 79 8.80 3.81 -5.05
CA ALA A 79 10.07 3.71 -5.75
C ALA A 79 10.63 2.27 -5.69
N ALA A 80 10.56 1.65 -4.52
CA ALA A 80 11.05 0.28 -4.36
C ALA A 80 10.16 -0.71 -5.11
N LEU A 81 8.88 -0.38 -5.19
CA LEU A 81 7.91 -1.17 -5.91
C LEU A 81 8.21 -1.09 -7.40
N ALA A 82 8.40 0.13 -7.90
CA ALA A 82 8.73 0.36 -9.31
C ALA A 82 10.07 -0.30 -9.66
N SER A 83 10.93 -0.37 -8.67
CA SER A 83 12.22 -1.01 -8.78
C SER A 83 12.07 -2.54 -8.91
N GLY A 84 10.95 -3.08 -8.44
CA GLY A 84 10.71 -4.51 -8.51
C GLY A 84 11.23 -5.24 -7.29
N GLN A 85 12.04 -4.54 -6.49
CA GLN A 85 12.66 -5.12 -5.30
C GLN A 85 11.65 -5.34 -4.18
N LEU A 86 10.48 -4.80 -4.35
CA LEU A 86 9.44 -4.92 -3.36
C LEU A 86 8.33 -5.82 -3.89
N GLY A 87 8.61 -6.44 -5.03
CA GLY A 87 7.64 -7.27 -5.72
C GLY A 87 7.36 -8.59 -5.03
N PRO A 88 8.33 -9.53 -5.02
CA PRO A 88 8.17 -10.88 -4.43
C PRO A 88 7.70 -10.86 -2.97
N LEU A 89 8.04 -9.78 -2.30
CA LEU A 89 7.74 -9.60 -0.90
C LEU A 89 6.24 -9.56 -0.62
N MET A 90 5.45 -9.21 -1.64
CA MET A 90 4.00 -9.11 -1.46
C MET A 90 3.37 -10.48 -1.31
N CYS A 91 4.04 -11.49 -1.79
CA CYS A 91 3.57 -12.85 -1.68
C CYS A 91 3.65 -13.30 -0.22
N GLN A 92 4.57 -12.67 0.51
CA GLN A 92 4.86 -13.00 1.90
C GLN A 92 3.80 -12.41 2.83
N PHE A 93 2.96 -11.56 2.29
CA PHE A 93 1.90 -10.94 3.09
C PHE A 93 0.54 -11.51 2.70
N GLY A 94 0.55 -12.42 1.74
CA GLY A 94 -0.70 -12.99 1.26
C GLY A 94 -1.49 -12.02 0.41
N LEU A 95 -0.78 -11.25 -0.38
CA LEU A 95 -1.42 -10.30 -1.27
C LEU A 95 -1.91 -10.96 -2.53
N PRO A 96 -2.99 -10.40 -3.13
CA PRO A 96 -3.59 -10.89 -4.38
C PRO A 96 -2.55 -11.13 -5.48
N ALA A 97 -2.85 -12.06 -6.37
CA ALA A 97 -1.99 -12.39 -7.48
C ALA A 97 -1.73 -11.19 -8.36
N GLU A 98 -2.76 -10.37 -8.57
CA GLU A 98 -2.63 -9.16 -9.38
C GLU A 98 -1.69 -8.18 -8.70
N ALA A 99 -1.80 -8.11 -7.39
CA ALA A 99 -1.01 -7.20 -6.59
C ALA A 99 0.45 -7.60 -6.61
N VAL A 100 0.74 -8.88 -6.31
CA VAL A 100 2.13 -9.34 -6.29
C VAL A 100 2.76 -9.24 -7.69
N GLU A 101 1.96 -9.50 -8.73
CA GLU A 101 2.41 -9.36 -10.10
C GLU A 101 2.79 -7.91 -10.37
N ALA A 102 1.89 -6.98 -10.04
CA ALA A 102 2.10 -5.54 -10.28
C ALA A 102 3.29 -5.03 -9.52
N ALA A 103 3.50 -5.56 -8.32
CA ALA A 103 4.63 -5.19 -7.50
C ALA A 103 5.93 -5.64 -8.14
N ASN A 104 5.90 -6.80 -8.79
CA ASN A 104 7.07 -7.32 -9.51
C ASN A 104 7.28 -6.56 -10.79
N LYS A 105 6.19 -6.21 -11.45
CA LYS A 105 6.24 -5.45 -12.70
C LYS A 105 6.73 -4.03 -12.45
N GLY A 106 6.53 -3.57 -11.23
CA GLY A 106 6.92 -2.25 -10.87
C GLY A 106 5.86 -1.24 -11.22
N ASP A 107 4.62 -1.66 -11.16
CA ASP A 107 3.53 -0.77 -11.47
C ASP A 107 2.80 -0.44 -10.21
N VAL A 108 2.99 0.77 -9.73
CA VAL A 108 2.43 1.18 -8.47
C VAL A 108 0.92 1.41 -8.54
N GLU A 109 0.41 1.85 -9.68
CA GLU A 109 -0.98 2.18 -9.76
C GLU A 109 -1.80 0.93 -9.96
N ALA A 110 -1.24 -0.03 -10.69
CA ALA A 110 -1.88 -1.31 -10.87
C ALA A 110 -1.88 -2.08 -9.56
N PHE A 111 -0.79 -1.97 -8.82
CA PHE A 111 -0.68 -2.58 -7.51
C PHE A 111 -1.75 -2.05 -6.59
N ALA A 112 -1.80 -0.73 -6.47
CA ALA A 112 -2.75 -0.06 -5.60
C ALA A 112 -4.17 -0.37 -6.04
N LYS A 113 -4.39 -0.41 -7.34
CA LYS A 113 -5.69 -0.69 -7.94
C LYS A 113 -6.13 -2.07 -7.52
N ALA A 114 -5.28 -3.05 -7.81
CA ALA A 114 -5.55 -4.43 -7.53
C ALA A 114 -5.75 -4.66 -6.05
N MET A 115 -4.95 -3.98 -5.26
CA MET A 115 -5.00 -4.07 -3.83
C MET A 115 -6.39 -3.70 -3.32
N GLN A 116 -6.89 -2.53 -3.75
CA GLN A 116 -8.18 -2.06 -3.27
C GLN A 116 -9.39 -2.85 -3.76
N ASN A 117 -9.33 -3.43 -4.94
CA ASN A 117 -10.51 -4.14 -5.42
C ASN A 117 -10.48 -5.62 -5.06
N ASN A 118 -9.30 -6.13 -4.75
CA ASN A 118 -9.17 -7.55 -4.38
C ASN A 118 -9.22 -7.74 -2.89
N ALA A 119 -8.67 -6.81 -2.13
CA ALA A 119 -8.71 -6.88 -0.69
C ALA A 119 -10.00 -6.23 -0.22
N LYS A 120 -11.05 -6.92 -0.48
CA LYS A 120 -12.39 -6.50 -0.20
C LYS A 120 -12.99 -7.36 0.91
N PRO A 121 -13.69 -6.72 1.87
CA PRO A 121 -14.39 -7.44 2.93
C PRO A 121 -15.61 -8.19 2.40
N GLU A 122 -16.26 -7.61 1.36
CA GLU A 122 -17.43 -8.16 0.68
C GLU A 122 -18.68 -8.20 1.54
N GLN A 123 -19.80 -8.28 0.90
CA GLN A 123 -21.06 -8.44 1.58
C GLN A 123 -21.40 -9.93 1.50
N LYS A 124 -21.25 -10.49 0.28
CA LYS A 124 -21.44 -11.93 -0.01
C LYS A 124 -22.88 -12.39 0.10
N GLU A 125 -23.34 -12.52 1.32
CA GLU A 125 -24.64 -13.04 1.61
C GLU A 125 -25.75 -12.03 1.35
N GLY A 126 -26.10 -11.94 0.10
CA GLY A 126 -27.14 -11.05 -0.33
C GLY A 126 -27.00 -10.74 -1.80
N ASP A 127 -26.65 -11.74 -2.58
CA ASP A 127 -26.51 -11.56 -4.02
C ASP A 127 -26.83 -12.85 -4.76
N THR A 128 -25.87 -13.76 -4.81
CA THR A 128 -26.00 -15.02 -5.54
C THR A 128 -26.36 -14.79 -7.00
N LYS A 129 -25.38 -14.48 -7.81
CA LYS A 129 -25.62 -14.31 -9.21
C LYS A 129 -25.67 -15.64 -9.92
N ASP A 130 -26.78 -16.30 -9.71
CA ASP A 130 -27.08 -17.56 -10.32
C ASP A 130 -27.54 -17.29 -11.73
N LYS A 131 -28.28 -16.22 -11.88
CA LYS A 131 -28.77 -15.81 -13.15
C LYS A 131 -28.42 -14.36 -13.43
N LYS A 132 -28.76 -13.96 -14.60
CA LYS A 132 -28.67 -12.63 -15.10
C LYS A 132 -29.97 -12.44 -15.86
N ASP A 133 -30.13 -11.39 -16.62
CA ASP A 133 -31.34 -11.28 -17.45
C ASP A 133 -31.19 -12.24 -18.59
N GLU A 134 -30.10 -12.08 -19.28
CA GLU A 134 -29.62 -12.99 -20.29
C GLU A 134 -28.12 -12.97 -20.13
N GLU A 135 -27.43 -13.92 -20.72
CA GLU A 135 -26.00 -13.99 -20.51
C GLU A 135 -25.27 -13.59 -21.79
N GLU A 136 -26.05 -13.09 -22.70
CA GLU A 136 -25.62 -12.56 -23.96
C GLU A 136 -26.84 -11.91 -24.56
N ASP A 137 -26.65 -11.13 -25.57
CA ASP A 137 -27.78 -10.59 -26.27
C ASP A 137 -27.67 -11.01 -27.70
N MET A 138 -28.58 -11.83 -28.14
CA MET A 138 -28.52 -12.38 -29.50
C MET A 138 -28.83 -11.35 -30.59
N SER A 139 -29.28 -10.18 -30.20
CA SER A 139 -29.57 -9.16 -31.16
C SER A 139 -28.33 -8.30 -31.34
N LEU A 140 -27.75 -7.85 -30.24
CA LEU A 140 -26.54 -7.09 -30.29
C LEU A 140 -25.48 -7.68 -29.36
N ASP A 141 -24.60 -8.43 -29.95
CA ASP A 141 -23.44 -8.96 -29.25
C ASP A 141 -22.26 -8.80 -30.16
N SER A 1 22.16 18.12 3.07
CA SER A 1 22.73 16.80 2.98
C SER A 1 21.63 15.78 2.67
N ASN A 2 21.87 14.94 1.69
CA ASN A 2 20.93 13.93 1.25
C ASN A 2 21.60 12.58 1.22
N ALA A 3 21.03 11.61 1.90
CA ALA A 3 21.60 10.28 1.96
C ALA A 3 20.91 9.32 0.98
N ILE A 4 19.99 9.84 0.19
CA ILE A 4 19.33 9.03 -0.82
C ILE A 4 20.26 8.95 -2.03
N LEU A 5 21.13 7.99 -2.02
CA LEU A 5 22.09 7.82 -3.08
C LEU A 5 22.12 6.36 -3.47
N ALA A 6 21.64 6.10 -4.66
CA ALA A 6 21.71 4.76 -5.23
C ALA A 6 22.65 4.82 -6.43
N THR A 7 23.01 6.04 -6.78
CA THR A 7 23.85 6.39 -7.87
C THR A 7 23.86 7.92 -7.81
N MET A 8 24.53 8.62 -8.72
CA MET A 8 24.48 10.08 -8.69
C MET A 8 23.22 10.60 -9.35
N ASN A 9 22.12 10.33 -8.70
CA ASN A 9 20.78 10.67 -9.13
C ASN A 9 19.84 10.09 -8.11
N VAL A 10 18.80 10.81 -7.76
CA VAL A 10 17.84 10.28 -6.83
C VAL A 10 16.76 9.50 -7.57
N PRO A 11 16.60 8.21 -7.25
CA PRO A 11 15.60 7.36 -7.89
C PRO A 11 14.19 7.58 -7.34
N ALA A 12 14.07 8.47 -6.38
CA ALA A 12 12.81 8.80 -5.79
C ALA A 12 12.27 10.06 -6.45
N GLY A 13 11.47 9.88 -7.46
CA GLY A 13 10.92 10.98 -8.20
C GLY A 13 9.51 11.30 -7.78
N PRO A 14 8.60 11.50 -8.73
CA PRO A 14 7.20 11.81 -8.44
C PRO A 14 6.53 10.68 -7.67
N ALA A 15 6.81 9.43 -8.10
CA ALA A 15 6.35 8.20 -7.45
C ALA A 15 4.83 8.06 -7.50
N GLY A 16 4.23 8.73 -8.45
CA GLY A 16 2.81 8.76 -8.56
C GLY A 16 2.31 7.89 -9.67
N GLY A 17 1.14 7.33 -9.49
CA GLY A 17 0.56 6.49 -10.50
C GLY A 17 -0.34 7.28 -11.39
N GLN A 18 0.27 8.01 -12.32
CA GLN A 18 -0.43 8.94 -13.22
C GLN A 18 -1.07 10.07 -12.41
N GLN A 19 -2.32 9.86 -11.99
CA GLN A 19 -3.03 10.81 -11.17
C GLN A 19 -3.60 10.12 -9.95
N VAL A 20 -3.26 8.85 -9.79
CA VAL A 20 -3.65 8.09 -8.63
C VAL A 20 -2.77 8.51 -7.49
N ASP A 21 -3.34 9.28 -6.58
CA ASP A 21 -2.61 9.72 -5.41
C ASP A 21 -2.40 8.54 -4.52
N LEU A 22 -1.16 8.26 -4.26
CA LEU A 22 -0.78 7.09 -3.51
C LEU A 22 -1.43 6.99 -2.12
N ALA A 23 -1.56 8.10 -1.44
CA ALA A 23 -2.07 8.11 -0.07
C ALA A 23 -3.59 8.18 -0.06
N SER A 24 -4.14 8.51 -1.18
CA SER A 24 -5.56 8.57 -1.35
C SER A 24 -6.12 7.16 -1.61
N VAL A 25 -5.25 6.27 -2.06
CA VAL A 25 -5.64 4.91 -2.37
C VAL A 25 -5.10 3.93 -1.31
N LEU A 26 -3.85 4.09 -0.93
CA LEU A 26 -3.26 3.25 0.09
C LEU A 26 -3.28 3.98 1.40
N THR A 27 -3.80 3.35 2.40
CA THR A 27 -3.89 3.93 3.69
C THR A 27 -2.85 3.31 4.63
N PRO A 28 -2.44 4.03 5.71
CA PRO A 28 -1.43 3.55 6.67
C PRO A 28 -1.80 2.19 7.28
N GLU A 29 -3.09 1.96 7.48
CA GLU A 29 -3.56 0.70 8.03
C GLU A 29 -3.26 -0.48 7.10
N ILE A 30 -3.46 -0.27 5.80
CA ILE A 30 -3.25 -1.33 4.81
C ILE A 30 -1.76 -1.72 4.72
N MET A 31 -0.90 -0.73 4.74
CA MET A 31 0.52 -0.96 4.55
C MET A 31 1.27 -1.23 5.86
N ALA A 32 0.56 -1.19 6.97
CA ALA A 32 1.17 -1.41 8.29
C ALA A 32 1.85 -2.79 8.42
N PRO A 33 1.15 -3.94 8.15
CA PRO A 33 1.77 -5.28 8.27
C PRO A 33 2.89 -5.48 7.24
N ILE A 34 2.89 -4.65 6.22
CA ILE A 34 3.88 -4.70 5.19
C ILE A 34 5.16 -4.07 5.69
N LEU A 35 5.08 -2.81 6.09
CA LEU A 35 6.26 -2.05 6.56
C LEU A 35 6.79 -2.55 7.88
N ALA A 36 5.98 -3.30 8.61
CA ALA A 36 6.40 -3.90 9.87
C ALA A 36 7.36 -5.09 9.62
N ASN A 37 7.60 -5.40 8.37
CA ASN A 37 8.53 -6.46 7.99
C ASN A 37 9.88 -5.83 7.61
N ALA A 38 10.93 -6.26 8.27
CA ALA A 38 12.27 -5.67 8.09
C ALA A 38 12.81 -5.91 6.69
N ASP A 39 12.32 -6.95 6.05
CA ASP A 39 12.70 -7.31 4.69
C ASP A 39 12.33 -6.17 3.72
N VAL A 40 11.14 -5.60 3.89
CA VAL A 40 10.73 -4.51 3.02
C VAL A 40 11.43 -3.24 3.44
N GLN A 41 11.73 -3.12 4.73
CA GLN A 41 12.45 -1.97 5.26
C GLN A 41 13.84 -1.90 4.62
N GLU A 42 14.43 -3.07 4.43
CA GLU A 42 15.74 -3.20 3.79
C GLU A 42 15.68 -2.63 2.36
N ARG A 43 14.55 -2.85 1.71
CA ARG A 43 14.36 -2.34 0.35
C ARG A 43 14.03 -0.84 0.30
N LEU A 44 13.43 -0.33 1.34
CA LEU A 44 13.05 1.07 1.39
C LEU A 44 14.19 1.96 1.88
N LEU A 45 15.14 1.36 2.60
CA LEU A 45 16.32 2.07 3.13
C LEU A 45 17.06 2.97 2.09
N PRO A 46 17.39 2.48 0.85
CA PRO A 46 18.09 3.32 -0.17
C PRO A 46 17.25 4.53 -0.63
N TYR A 47 15.97 4.51 -0.32
CA TYR A 47 15.05 5.54 -0.75
C TYR A 47 14.52 6.35 0.44
N LEU A 48 15.01 6.01 1.63
CA LEU A 48 14.54 6.60 2.90
C LEU A 48 14.69 8.12 2.93
N PRO A 49 13.58 8.87 3.17
CA PRO A 49 13.60 10.34 3.21
C PRO A 49 14.48 10.92 4.33
N SER A 50 14.97 12.10 4.07
CA SER A 50 15.85 12.81 4.96
C SER A 50 15.16 13.21 6.26
N GLY A 51 15.64 12.67 7.37
CA GLY A 51 15.12 13.03 8.66
C GLY A 51 14.01 12.11 9.10
N GLU A 52 13.77 11.10 8.31
CA GLU A 52 12.74 10.15 8.58
C GLU A 52 13.34 8.79 8.70
N SER A 53 12.57 7.87 9.22
CA SER A 53 13.02 6.54 9.45
C SER A 53 11.85 5.60 9.24
N LEU A 54 12.13 4.33 9.13
CA LEU A 54 11.13 3.32 8.98
C LEU A 54 10.69 2.85 10.34
N PRO A 55 9.40 2.96 10.67
CA PRO A 55 8.88 2.50 11.95
C PRO A 55 8.82 0.97 12.01
N GLN A 56 9.27 0.44 13.12
CA GLN A 56 9.37 -0.99 13.32
C GLN A 56 8.01 -1.65 13.47
N THR A 57 7.14 -1.06 14.23
CA THR A 57 5.88 -1.67 14.51
C THR A 57 4.72 -0.90 13.88
N ALA A 58 3.62 -1.61 13.66
CA ALA A 58 2.42 -1.07 13.04
C ALA A 58 1.87 0.15 13.77
N ASP A 59 1.95 0.13 15.09
CA ASP A 59 1.44 1.23 15.92
C ASP A 59 2.25 2.50 15.66
N GLU A 60 3.54 2.34 15.50
CA GLU A 60 4.41 3.46 15.19
C GLU A 60 4.17 3.93 13.77
N ILE A 61 3.86 3.01 12.88
CA ILE A 61 3.55 3.35 11.50
C ILE A 61 2.33 4.27 11.46
N GLN A 62 1.31 3.91 12.23
CA GLN A 62 0.07 4.69 12.29
C GLN A 62 0.30 6.04 12.97
N ASN A 63 1.24 6.07 13.89
CA ASN A 63 1.46 7.27 14.67
C ASN A 63 2.47 8.23 14.05
N THR A 64 3.46 7.69 13.41
CA THR A 64 4.49 8.52 12.83
C THR A 64 4.16 8.89 11.36
N LEU A 65 3.63 7.96 10.61
CA LEU A 65 3.39 8.20 9.21
C LEU A 65 1.96 8.59 8.95
N THR A 66 1.72 9.87 8.98
CA THR A 66 0.43 10.37 8.70
C THR A 66 0.52 11.41 7.56
N SER A 67 -0.49 11.37 6.70
CA SER A 67 -0.71 12.21 5.52
C SER A 67 0.59 12.73 4.79
N PRO A 68 1.21 13.94 5.15
CA PRO A 68 2.40 14.42 4.43
C PRO A 68 3.57 13.43 4.56
N GLN A 69 3.82 12.99 5.80
CA GLN A 69 4.90 12.06 6.09
C GLN A 69 4.62 10.72 5.46
N PHE A 70 3.36 10.37 5.46
CA PHE A 70 2.91 9.12 4.90
C PHE A 70 3.15 9.09 3.38
N GLN A 71 2.95 10.22 2.71
CA GLN A 71 3.20 10.28 1.26
C GLN A 71 4.68 10.15 0.94
N GLN A 72 5.51 10.50 1.89
CA GLN A 72 6.94 10.42 1.72
C GLN A 72 7.38 8.96 1.91
N ALA A 73 6.83 8.33 2.94
CA ALA A 73 7.09 6.93 3.22
C ALA A 73 6.53 6.05 2.12
N LEU A 74 5.35 6.36 1.69
CA LEU A 74 4.73 5.62 0.62
C LEU A 74 5.42 5.93 -0.71
N GLY A 75 6.12 7.06 -0.74
CA GLY A 75 6.90 7.44 -1.91
C GLY A 75 8.10 6.52 -2.09
N MET A 76 8.82 6.26 -0.99
CA MET A 76 9.97 5.33 -1.05
C MET A 76 9.49 3.91 -1.30
N PHE A 77 8.30 3.62 -0.79
CA PHE A 77 7.62 2.35 -1.01
C PHE A 77 7.37 2.18 -2.50
N SER A 78 6.76 3.20 -3.09
CA SER A 78 6.45 3.25 -4.51
C SER A 78 7.73 3.08 -5.35
N ALA A 79 8.82 3.73 -4.91
CA ALA A 79 10.09 3.64 -5.59
C ALA A 79 10.62 2.19 -5.60
N ALA A 80 10.64 1.55 -4.44
CA ALA A 80 11.13 0.16 -4.33
C ALA A 80 10.20 -0.80 -5.08
N LEU A 81 8.92 -0.44 -5.14
CA LEU A 81 7.92 -1.21 -5.85
C LEU A 81 8.20 -1.10 -7.34
N ALA A 82 8.44 0.11 -7.82
CA ALA A 82 8.75 0.37 -9.23
C ALA A 82 10.04 -0.34 -9.64
N SER A 83 10.94 -0.48 -8.67
CA SER A 83 12.18 -1.18 -8.88
C SER A 83 11.93 -2.70 -9.10
N GLY A 84 10.79 -3.19 -8.62
CA GLY A 84 10.48 -4.60 -8.72
C GLY A 84 11.03 -5.37 -7.53
N GLN A 85 11.89 -4.72 -6.77
CA GLN A 85 12.56 -5.32 -5.63
C GLN A 85 11.66 -5.49 -4.43
N LEU A 86 10.48 -4.94 -4.53
CA LEU A 86 9.51 -5.05 -3.48
C LEU A 86 8.36 -5.93 -3.98
N GLY A 87 8.58 -6.52 -5.14
CA GLY A 87 7.58 -7.33 -5.81
C GLY A 87 7.33 -8.66 -5.13
N PRO A 88 8.30 -9.61 -5.18
CA PRO A 88 8.17 -10.95 -4.55
C PRO A 88 7.88 -10.86 -3.06
N LEU A 89 8.26 -9.73 -2.48
CA LEU A 89 8.08 -9.47 -1.09
C LEU A 89 6.60 -9.38 -0.70
N MET A 90 5.74 -9.08 -1.66
CA MET A 90 4.31 -8.99 -1.36
C MET A 90 3.68 -10.36 -1.16
N CYS A 91 4.38 -11.38 -1.62
CA CYS A 91 3.89 -12.74 -1.55
C CYS A 91 3.88 -13.23 -0.10
N GLN A 92 4.83 -12.75 0.71
CA GLN A 92 4.96 -13.23 2.11
C GLN A 92 3.87 -12.66 3.00
N PHE A 93 3.23 -11.61 2.54
CA PHE A 93 2.16 -10.99 3.30
C PHE A 93 0.84 -11.66 2.98
N GLY A 94 0.81 -12.36 1.86
CA GLY A 94 -0.40 -12.97 1.41
C GLY A 94 -1.28 -11.93 0.75
N LEU A 95 -0.66 -11.10 -0.02
CA LEU A 95 -1.33 -10.04 -0.74
C LEU A 95 -1.96 -10.57 -2.00
N PRO A 96 -3.03 -9.88 -2.49
CA PRO A 96 -3.73 -10.22 -3.72
C PRO A 96 -2.77 -10.58 -4.86
N ALA A 97 -3.16 -11.57 -5.64
CA ALA A 97 -2.37 -12.04 -6.77
C ALA A 97 -2.13 -10.93 -7.77
N GLU A 98 -3.11 -10.07 -7.94
CA GLU A 98 -3.01 -8.94 -8.86
C GLU A 98 -2.00 -7.93 -8.33
N ALA A 99 -1.93 -7.82 -7.01
CA ALA A 99 -1.07 -6.86 -6.37
C ALA A 99 0.37 -7.32 -6.41
N VAL A 100 0.61 -8.59 -6.05
CA VAL A 100 1.96 -9.13 -6.06
C VAL A 100 2.52 -9.16 -7.50
N GLU A 101 1.64 -9.41 -8.48
CA GLU A 101 2.00 -9.38 -9.88
C GLU A 101 2.43 -7.96 -10.28
N ALA A 102 1.61 -6.99 -9.90
CA ALA A 102 1.87 -5.58 -10.19
C ALA A 102 3.16 -5.12 -9.54
N ALA A 103 3.41 -5.58 -8.33
CA ALA A 103 4.61 -5.23 -7.60
C ALA A 103 5.86 -5.79 -8.27
N ASN A 104 5.74 -6.97 -8.89
CA ASN A 104 6.86 -7.56 -9.62
C ASN A 104 7.13 -6.81 -10.90
N LYS A 105 6.08 -6.33 -11.52
CA LYS A 105 6.18 -5.56 -12.75
C LYS A 105 6.59 -4.12 -12.46
N GLY A 106 6.31 -3.67 -11.26
CA GLY A 106 6.70 -2.36 -10.85
C GLY A 106 5.64 -1.34 -11.18
N ASP A 107 4.42 -1.81 -11.31
CA ASP A 107 3.33 -0.94 -11.67
C ASP A 107 2.58 -0.55 -10.42
N VAL A 108 2.89 0.64 -9.91
CA VAL A 108 2.30 1.13 -8.66
C VAL A 108 0.80 1.40 -8.82
N GLU A 109 0.40 1.64 -10.04
CA GLU A 109 -0.96 1.96 -10.40
C GLU A 109 -1.83 0.71 -10.21
N ALA A 110 -1.41 -0.37 -10.85
CA ALA A 110 -2.09 -1.64 -10.79
C ALA A 110 -2.07 -2.18 -9.37
N PHE A 111 -0.95 -1.97 -8.67
CA PHE A 111 -0.82 -2.40 -7.30
C PHE A 111 -1.87 -1.69 -6.45
N ALA A 112 -1.88 -0.36 -6.52
CA ALA A 112 -2.80 0.48 -5.77
C ALA A 112 -4.24 0.06 -5.99
N LYS A 113 -4.59 -0.10 -7.25
CA LYS A 113 -5.93 -0.43 -7.65
C LYS A 113 -6.32 -1.83 -7.20
N ALA A 114 -5.44 -2.80 -7.41
CA ALA A 114 -5.73 -4.17 -7.03
C ALA A 114 -5.83 -4.34 -5.52
N MET A 115 -5.04 -3.56 -4.79
CA MET A 115 -5.07 -3.60 -3.33
C MET A 115 -6.41 -3.17 -2.79
N GLN A 116 -6.95 -2.09 -3.32
CA GLN A 116 -8.20 -1.58 -2.81
C GLN A 116 -9.44 -2.41 -3.17
N ASN A 117 -9.38 -3.21 -4.22
CA ASN A 117 -10.55 -4.00 -4.57
C ASN A 117 -10.44 -5.43 -4.07
N ASN A 118 -9.26 -5.79 -3.59
CA ASN A 118 -9.02 -7.15 -3.09
C ASN A 118 -8.73 -7.17 -1.60
N ALA A 119 -7.76 -6.36 -1.16
CA ALA A 119 -7.30 -6.39 0.23
C ALA A 119 -8.18 -5.52 1.11
N LYS A 120 -8.83 -4.60 0.48
CA LYS A 120 -9.78 -3.75 1.13
C LYS A 120 -11.14 -4.24 0.65
N PRO A 121 -12.03 -4.66 1.54
CA PRO A 121 -13.35 -5.19 1.16
C PRO A 121 -14.34 -4.11 0.66
N GLU A 122 -13.93 -3.36 -0.35
CA GLU A 122 -14.81 -2.38 -0.97
C GLU A 122 -15.67 -3.07 -2.01
N GLN A 123 -15.19 -4.18 -2.48
CA GLN A 123 -15.91 -5.00 -3.40
C GLN A 123 -15.95 -6.41 -2.83
N LYS A 124 -17.13 -7.00 -2.78
CA LYS A 124 -17.31 -8.30 -2.15
C LYS A 124 -18.19 -9.21 -2.96
N GLU A 125 -19.43 -8.79 -3.11
CA GLU A 125 -20.52 -9.58 -3.65
C GLU A 125 -20.26 -10.02 -5.10
N GLY A 126 -19.90 -11.27 -5.26
CA GLY A 126 -19.65 -11.81 -6.58
C GLY A 126 -20.64 -12.88 -6.93
N ASP A 127 -21.35 -13.34 -5.94
CA ASP A 127 -22.34 -14.37 -6.13
C ASP A 127 -23.73 -13.73 -6.12
N THR A 128 -24.14 -13.27 -7.27
CA THR A 128 -25.41 -12.62 -7.43
C THR A 128 -25.99 -13.02 -8.79
N LYS A 129 -27.25 -13.40 -8.82
CA LYS A 129 -27.91 -13.81 -10.06
C LYS A 129 -29.42 -13.79 -9.91
N ASP A 130 -29.89 -14.23 -8.74
CA ASP A 130 -31.32 -14.29 -8.33
C ASP A 130 -32.27 -14.80 -9.41
N LYS A 131 -32.76 -13.90 -10.23
CA LYS A 131 -33.66 -14.22 -11.29
C LYS A 131 -33.51 -13.24 -12.42
N LYS A 132 -34.16 -13.57 -13.48
CA LYS A 132 -34.40 -12.67 -14.55
C LYS A 132 -35.91 -12.75 -14.62
N ASP A 133 -36.52 -11.94 -13.78
CA ASP A 133 -37.95 -12.07 -13.44
C ASP A 133 -38.89 -11.86 -14.61
N GLU A 134 -38.46 -11.11 -15.61
CA GLU A 134 -39.28 -10.92 -16.77
C GLU A 134 -39.34 -12.22 -17.57
N GLU A 135 -40.30 -12.31 -18.45
CA GLU A 135 -40.47 -13.51 -19.26
C GLU A 135 -39.40 -13.64 -20.34
N GLU A 136 -38.24 -14.18 -19.90
CA GLU A 136 -37.02 -14.41 -20.69
C GLU A 136 -36.27 -13.07 -20.87
N ASP A 137 -34.98 -13.14 -21.17
CA ASP A 137 -34.18 -11.92 -21.41
C ASP A 137 -34.55 -11.30 -22.78
N MET A 138 -35.19 -12.14 -23.60
CA MET A 138 -35.83 -11.76 -24.86
C MET A 138 -34.86 -11.47 -25.99
N SER A 139 -34.32 -10.25 -26.00
CA SER A 139 -33.38 -9.78 -27.03
C SER A 139 -34.03 -9.75 -28.43
N LEU A 140 -35.33 -9.85 -28.48
CA LEU A 140 -36.04 -9.88 -29.74
C LEU A 140 -36.63 -8.52 -30.08
N ASP A 141 -36.68 -7.65 -29.08
CA ASP A 141 -37.16 -6.26 -29.19
C ASP A 141 -38.55 -6.13 -29.78
N SER A 1 24.35 30.86 21.88
CA SER A 1 23.33 30.76 20.84
C SER A 1 22.33 29.68 21.25
N ASN A 2 21.31 29.49 20.45
CA ASN A 2 20.33 28.44 20.68
C ASN A 2 20.60 27.33 19.66
N ALA A 3 21.45 27.66 18.68
CA ALA A 3 21.92 26.77 17.60
C ALA A 3 20.85 26.48 16.55
N ILE A 4 19.60 26.74 16.88
CA ILE A 4 18.52 26.53 15.95
C ILE A 4 18.41 27.72 15.03
N LEU A 5 19.20 27.70 14.01
CA LEU A 5 19.24 28.73 13.04
C LEU A 5 19.22 28.04 11.70
N ALA A 6 18.03 27.65 11.31
CA ALA A 6 17.84 26.94 10.08
C ALA A 6 17.43 27.88 8.98
N THR A 7 18.35 28.15 8.12
CA THR A 7 18.12 28.99 6.99
C THR A 7 17.54 28.14 5.87
N MET A 8 17.98 26.90 5.80
CA MET A 8 17.49 25.96 4.83
C MET A 8 16.90 24.74 5.51
N ASN A 9 15.63 24.80 5.82
CA ASN A 9 14.91 23.64 6.32
C ASN A 9 13.69 23.40 5.46
N VAL A 10 13.96 22.95 4.27
CA VAL A 10 12.94 22.67 3.28
C VAL A 10 13.31 21.35 2.64
N PRO A 11 12.54 20.29 2.84
CA PRO A 11 12.81 19.00 2.22
C PRO A 11 12.67 19.07 0.69
N ALA A 12 11.43 19.26 0.23
CA ALA A 12 11.07 19.40 -1.21
C ALA A 12 11.42 18.13 -2.02
N GLY A 13 11.06 18.14 -3.29
CA GLY A 13 11.34 17.02 -4.12
C GLY A 13 10.15 16.61 -4.96
N PRO A 14 10.36 16.25 -6.21
CA PRO A 14 9.29 15.82 -7.11
C PRO A 14 8.84 14.38 -6.82
N ALA A 15 7.56 14.11 -7.00
CA ALA A 15 7.01 12.79 -6.74
C ALA A 15 5.84 12.49 -7.68
N GLY A 16 4.75 13.20 -7.49
CA GLY A 16 3.57 13.00 -8.29
C GLY A 16 2.36 12.86 -7.41
N GLY A 17 1.27 12.34 -7.94
CA GLY A 17 0.07 12.17 -7.13
C GLY A 17 -1.13 12.89 -7.71
N GLN A 18 -0.98 13.42 -8.90
CA GLN A 18 -2.05 14.13 -9.58
C GLN A 18 -3.14 13.17 -10.01
N GLN A 19 -2.73 12.05 -10.53
CA GLN A 19 -3.63 10.97 -10.87
C GLN A 19 -3.08 9.71 -10.28
N VAL A 20 -3.91 9.01 -9.52
CA VAL A 20 -3.52 7.87 -8.74
C VAL A 20 -2.56 8.33 -7.66
N ASP A 21 -3.10 8.83 -6.59
CA ASP A 21 -2.31 9.29 -5.49
C ASP A 21 -2.16 8.19 -4.50
N LEU A 22 -0.93 7.82 -4.25
CA LEU A 22 -0.60 6.75 -3.37
C LEU A 22 -1.27 6.79 -1.98
N ALA A 23 -1.36 7.97 -1.38
CA ALA A 23 -1.90 8.08 -0.03
C ALA A 23 -3.42 8.08 -0.04
N SER A 24 -3.98 8.51 -1.14
CA SER A 24 -5.41 8.54 -1.29
C SER A 24 -5.97 7.12 -1.52
N VAL A 25 -5.22 6.31 -2.24
CA VAL A 25 -5.67 4.96 -2.57
C VAL A 25 -5.17 3.93 -1.54
N LEU A 26 -3.99 4.14 -1.00
CA LEU A 26 -3.41 3.22 -0.05
C LEU A 26 -3.22 3.93 1.27
N THR A 27 -4.01 3.55 2.25
CA THR A 27 -4.00 4.19 3.54
C THR A 27 -2.98 3.54 4.50
N PRO A 28 -2.52 4.32 5.53
CA PRO A 28 -1.54 3.85 6.53
C PRO A 28 -1.94 2.53 7.19
N GLU A 29 -3.22 2.33 7.38
CA GLU A 29 -3.75 1.12 8.01
C GLU A 29 -3.50 -0.14 7.18
N ILE A 30 -3.41 0.01 5.88
CA ILE A 30 -3.14 -1.13 5.01
C ILE A 30 -1.64 -1.42 5.03
N MET A 31 -0.88 -0.36 5.17
CA MET A 31 0.57 -0.43 5.09
C MET A 31 1.23 -0.76 6.43
N ALA A 32 0.42 -0.80 7.47
CA ALA A 32 0.90 -1.06 8.81
C ALA A 32 1.65 -2.41 8.95
N PRO A 33 1.03 -3.58 8.59
CA PRO A 33 1.72 -4.87 8.73
C PRO A 33 2.80 -5.06 7.66
N ILE A 34 2.75 -4.24 6.63
CA ILE A 34 3.69 -4.36 5.54
C ILE A 34 5.02 -3.73 5.91
N LEU A 35 5.00 -2.44 6.25
CA LEU A 35 6.24 -1.71 6.57
C LEU A 35 6.84 -2.13 7.89
N ALA A 36 6.05 -2.81 8.71
CA ALA A 36 6.52 -3.30 10.00
C ALA A 36 7.47 -4.50 9.83
N ASN A 37 7.64 -4.96 8.61
CA ASN A 37 8.53 -6.06 8.33
C ASN A 37 9.87 -5.55 7.81
N ALA A 38 10.95 -5.93 8.49
CA ALA A 38 12.30 -5.47 8.19
C ALA A 38 12.76 -5.82 6.78
N ASP A 39 12.17 -6.86 6.23
CA ASP A 39 12.52 -7.31 4.88
C ASP A 39 12.15 -6.24 3.82
N VAL A 40 10.99 -5.64 3.99
CA VAL A 40 10.54 -4.62 3.05
C VAL A 40 11.30 -3.33 3.30
N GLN A 41 11.63 -3.10 4.57
CA GLN A 41 12.38 -1.94 5.01
C GLN A 41 13.73 -1.88 4.30
N GLU A 42 14.35 -3.04 4.14
CA GLU A 42 15.62 -3.19 3.43
C GLU A 42 15.46 -2.62 2.02
N ARG A 43 14.38 -3.03 1.35
CA ARG A 43 14.11 -2.56 -0.02
C ARG A 43 13.80 -1.06 -0.12
N LEU A 44 13.22 -0.49 0.93
CA LEU A 44 12.86 0.93 0.95
C LEU A 44 14.03 1.84 1.31
N LEU A 45 15.00 1.29 2.01
CA LEU A 45 16.21 2.03 2.47
C LEU A 45 16.91 2.91 1.40
N PRO A 46 17.18 2.41 0.17
CA PRO A 46 17.84 3.23 -0.88
C PRO A 46 16.99 4.42 -1.32
N TYR A 47 15.73 4.40 -0.97
CA TYR A 47 14.80 5.42 -1.41
C TYR A 47 14.31 6.27 -0.25
N LEU A 48 14.82 5.97 0.94
CA LEU A 48 14.46 6.66 2.18
C LEU A 48 14.61 8.19 2.01
N PRO A 49 13.51 8.95 2.18
CA PRO A 49 13.53 10.40 2.06
C PRO A 49 14.36 11.03 3.17
N SER A 50 15.02 12.10 2.86
CA SER A 50 15.84 12.81 3.79
C SER A 50 14.97 13.32 4.97
N GLY A 51 15.41 13.03 6.18
CA GLY A 51 14.70 13.48 7.35
C GLY A 51 13.85 12.39 7.98
N GLU A 52 13.41 11.44 7.17
CA GLU A 52 12.55 10.38 7.65
C GLU A 52 13.34 9.19 8.13
N SER A 53 12.70 8.35 8.88
CA SER A 53 13.31 7.15 9.38
C SER A 53 12.27 6.04 9.40
N LEU A 54 12.74 4.82 9.46
CA LEU A 54 11.88 3.65 9.45
C LEU A 54 11.31 3.39 10.83
N PRO A 55 9.99 3.41 10.99
CA PRO A 55 9.36 3.00 12.21
C PRO A 55 9.19 1.48 12.21
N GLN A 56 9.57 0.85 13.29
CA GLN A 56 9.62 -0.59 13.33
C GLN A 56 8.28 -1.22 13.68
N THR A 57 7.60 -0.71 14.67
CA THR A 57 6.33 -1.28 15.07
C THR A 57 5.18 -0.70 14.25
N ALA A 58 4.19 -1.53 13.95
CA ALA A 58 3.04 -1.13 13.15
C ALA A 58 2.30 0.02 13.81
N ASP A 59 2.30 0.00 15.14
CA ASP A 59 1.65 1.02 15.94
C ASP A 59 2.31 2.38 15.72
N GLU A 60 3.64 2.44 15.83
CA GLU A 60 4.36 3.71 15.68
C GLU A 60 4.29 4.18 14.23
N ILE A 61 4.15 3.23 13.30
CA ILE A 61 3.96 3.53 11.90
C ILE A 61 2.71 4.39 11.73
N GLN A 62 1.64 3.99 12.39
CA GLN A 62 0.37 4.71 12.32
C GLN A 62 0.49 6.07 12.99
N ASN A 63 1.28 6.11 14.04
CA ASN A 63 1.44 7.32 14.84
C ASN A 63 2.30 8.36 14.14
N THR A 64 3.45 7.96 13.62
CA THR A 64 4.34 8.89 12.97
C THR A 64 3.90 9.18 11.51
N LEU A 65 3.53 8.15 10.78
CA LEU A 65 3.17 8.32 9.40
C LEU A 65 1.68 8.52 9.29
N THR A 66 1.26 9.73 9.55
CA THR A 66 -0.11 10.11 9.52
C THR A 66 -0.62 10.26 8.08
N SER A 67 -0.19 11.30 7.42
CA SER A 67 -0.54 11.55 6.05
C SER A 67 0.62 12.27 5.31
N PRO A 68 1.09 13.49 5.78
CA PRO A 68 2.23 14.18 5.15
C PRO A 68 3.49 13.27 5.09
N GLN A 69 3.91 12.79 6.25
CA GLN A 69 5.07 11.91 6.34
C GLN A 69 4.76 10.56 5.72
N PHE A 70 3.49 10.20 5.68
CA PHE A 70 3.09 8.95 5.10
C PHE A 70 3.30 8.98 3.60
N GLN A 71 3.02 10.11 2.96
CA GLN A 71 3.25 10.27 1.51
C GLN A 71 4.72 10.08 1.23
N GLN A 72 5.54 10.56 2.13
CA GLN A 72 6.98 10.46 2.02
C GLN A 72 7.43 8.99 2.14
N ALA A 73 6.94 8.32 3.16
CA ALA A 73 7.28 6.93 3.40
C ALA A 73 6.70 6.01 2.33
N LEU A 74 5.51 6.32 1.89
CA LEU A 74 4.85 5.55 0.87
C LEU A 74 5.50 5.84 -0.49
N GLY A 75 6.16 6.98 -0.57
CA GLY A 75 6.91 7.34 -1.76
C GLY A 75 8.08 6.41 -1.97
N MET A 76 8.85 6.17 -0.91
CA MET A 76 9.99 5.25 -0.99
C MET A 76 9.49 3.82 -1.20
N PHE A 77 8.32 3.53 -0.66
CA PHE A 77 7.65 2.26 -0.84
C PHE A 77 7.35 2.07 -2.32
N SER A 78 6.72 3.07 -2.91
CA SER A 78 6.34 3.04 -4.30
C SER A 78 7.57 2.99 -5.21
N ALA A 79 8.65 3.62 -4.78
CA ALA A 79 9.89 3.59 -5.55
C ALA A 79 10.48 2.18 -5.54
N ALA A 80 10.52 1.55 -4.37
CA ALA A 80 11.03 0.18 -4.24
C ALA A 80 10.12 -0.80 -4.99
N LEU A 81 8.84 -0.46 -5.03
CA LEU A 81 7.85 -1.22 -5.73
C LEU A 81 8.10 -1.06 -7.23
N ALA A 82 8.35 0.17 -7.67
CA ALA A 82 8.63 0.47 -9.07
C ALA A 82 9.89 -0.23 -9.56
N SER A 83 10.84 -0.40 -8.65
CA SER A 83 12.06 -1.11 -8.97
C SER A 83 11.79 -2.64 -9.09
N GLY A 84 10.65 -3.08 -8.56
CA GLY A 84 10.28 -4.48 -8.59
C GLY A 84 10.91 -5.25 -7.44
N GLN A 85 11.68 -4.53 -6.62
CA GLN A 85 12.42 -5.14 -5.52
C GLN A 85 11.49 -5.53 -4.42
N LEU A 86 10.41 -4.80 -4.32
CA LEU A 86 9.42 -5.00 -3.30
C LEU A 86 8.28 -5.90 -3.84
N GLY A 87 8.52 -6.43 -5.02
CA GLY A 87 7.53 -7.24 -5.72
C GLY A 87 7.22 -8.56 -5.05
N PRO A 88 8.17 -9.51 -5.06
CA PRO A 88 8.00 -10.85 -4.46
C PRO A 88 7.68 -10.78 -2.96
N LEU A 89 8.00 -9.66 -2.37
CA LEU A 89 7.81 -9.44 -0.96
C LEU A 89 6.33 -9.37 -0.60
N MET A 90 5.49 -9.06 -1.57
CA MET A 90 4.05 -8.98 -1.33
C MET A 90 3.47 -10.37 -1.15
N CYS A 91 4.20 -11.36 -1.63
CA CYS A 91 3.75 -12.73 -1.53
C CYS A 91 3.86 -13.18 -0.05
N GLN A 92 4.77 -12.54 0.68
CA GLN A 92 5.02 -12.86 2.09
C GLN A 92 3.87 -12.40 2.96
N PHE A 93 3.04 -11.52 2.44
CA PHE A 93 1.93 -11.01 3.20
C PHE A 93 0.62 -11.64 2.75
N GLY A 94 0.72 -12.53 1.77
CA GLY A 94 -0.45 -13.21 1.25
C GLY A 94 -1.31 -12.29 0.42
N LEU A 95 -0.69 -11.31 -0.19
CA LEU A 95 -1.38 -10.32 -1.00
C LEU A 95 -1.93 -10.92 -2.29
N PRO A 96 -2.99 -10.28 -2.86
CA PRO A 96 -3.62 -10.71 -4.12
C PRO A 96 -2.61 -10.97 -5.23
N ALA A 97 -2.94 -11.90 -6.10
CA ALA A 97 -2.09 -12.26 -7.23
C ALA A 97 -1.89 -11.06 -8.13
N GLU A 98 -2.95 -10.28 -8.28
CA GLU A 98 -2.91 -9.08 -9.10
C GLU A 98 -1.91 -8.08 -8.53
N ALA A 99 -1.86 -8.03 -7.22
CA ALA A 99 -1.02 -7.09 -6.51
C ALA A 99 0.44 -7.51 -6.58
N VAL A 100 0.74 -8.76 -6.24
CA VAL A 100 2.11 -9.25 -6.25
C VAL A 100 2.71 -9.18 -7.68
N GLU A 101 1.88 -9.45 -8.68
CA GLU A 101 2.27 -9.39 -10.08
C GLU A 101 2.70 -7.96 -10.45
N ALA A 102 1.86 -6.99 -10.08
CA ALA A 102 2.11 -5.59 -10.37
C ALA A 102 3.36 -5.11 -9.65
N ALA A 103 3.55 -5.57 -8.44
CA ALA A 103 4.68 -5.18 -7.64
C ALA A 103 6.00 -5.74 -8.22
N ASN A 104 5.93 -6.92 -8.84
CA ASN A 104 7.09 -7.52 -9.49
C ASN A 104 7.50 -6.75 -10.71
N LYS A 105 6.52 -6.30 -11.44
CA LYS A 105 6.77 -5.55 -12.66
C LYS A 105 7.10 -4.09 -12.36
N GLY A 106 6.65 -3.62 -11.22
CA GLY A 106 6.98 -2.31 -10.80
C GLY A 106 5.90 -1.31 -11.10
N ASP A 107 4.68 -1.76 -11.26
CA ASP A 107 3.60 -0.86 -11.57
C ASP A 107 2.86 -0.51 -10.30
N VAL A 108 2.94 0.74 -9.92
CA VAL A 108 2.35 1.20 -8.70
C VAL A 108 0.82 1.38 -8.78
N GLU A 109 0.30 1.71 -9.97
CA GLU A 109 -1.12 2.00 -10.06
C GLU A 109 -1.91 0.73 -10.16
N ALA A 110 -1.34 -0.25 -10.83
CA ALA A 110 -1.94 -1.56 -10.95
C ALA A 110 -1.98 -2.22 -9.59
N PHE A 111 -0.90 -2.04 -8.82
CA PHE A 111 -0.81 -2.58 -7.48
C PHE A 111 -1.87 -1.97 -6.60
N ALA A 112 -1.89 -0.64 -6.55
CA ALA A 112 -2.81 0.11 -5.73
C ALA A 112 -4.26 -0.22 -6.08
N LYS A 113 -4.52 -0.38 -7.36
CA LYS A 113 -5.83 -0.66 -7.85
C LYS A 113 -6.25 -2.08 -7.43
N ALA A 114 -5.34 -3.02 -7.61
CA ALA A 114 -5.62 -4.40 -7.25
C ALA A 114 -5.83 -4.57 -5.76
N MET A 115 -5.07 -3.83 -4.98
CA MET A 115 -5.17 -3.89 -3.52
C MET A 115 -6.57 -3.54 -3.07
N GLN A 116 -7.03 -2.35 -3.41
CA GLN A 116 -8.35 -1.92 -2.98
C GLN A 116 -9.52 -2.58 -3.72
N ASN A 117 -9.24 -3.36 -4.74
CA ASN A 117 -10.29 -4.11 -5.40
C ASN A 117 -10.41 -5.52 -4.83
N ASN A 118 -9.44 -5.90 -4.01
CA ASN A 118 -9.45 -7.23 -3.39
C ASN A 118 -9.60 -7.11 -1.88
N ALA A 119 -8.73 -6.32 -1.27
CA ALA A 119 -8.73 -6.13 0.15
C ALA A 119 -8.92 -4.66 0.44
N LYS A 120 -10.15 -4.27 0.44
CA LYS A 120 -10.52 -2.90 0.62
C LYS A 120 -11.10 -2.66 2.01
N PRO A 121 -10.50 -1.79 2.81
CA PRO A 121 -10.96 -1.51 4.16
C PRO A 121 -12.08 -0.46 4.20
N GLU A 122 -12.59 -0.09 3.05
CA GLU A 122 -13.62 0.92 2.96
C GLU A 122 -15.04 0.34 3.13
N GLN A 123 -15.20 -0.92 2.80
CA GLN A 123 -16.46 -1.61 2.94
C GLN A 123 -16.17 -3.12 2.94
N LYS A 124 -16.71 -3.80 3.92
CA LYS A 124 -16.40 -5.21 4.13
C LYS A 124 -17.62 -6.09 3.88
N GLU A 125 -17.36 -7.37 3.68
CA GLU A 125 -18.37 -8.41 3.45
C GLU A 125 -19.07 -8.25 2.12
N GLY A 126 -19.95 -7.28 2.03
CA GLY A 126 -20.73 -7.10 0.84
C GLY A 126 -22.09 -7.71 1.04
N ASP A 127 -23.07 -7.12 0.46
CA ASP A 127 -24.41 -7.64 0.57
C ASP A 127 -25.04 -7.67 -0.77
N THR A 128 -26.13 -8.38 -0.87
CA THR A 128 -26.83 -8.53 -2.09
C THR A 128 -27.43 -7.21 -2.56
N LYS A 129 -28.57 -6.83 -1.95
CA LYS A 129 -29.31 -5.61 -2.30
C LYS A 129 -29.63 -5.66 -3.80
N ASP A 130 -29.92 -6.86 -4.28
CA ASP A 130 -30.15 -7.10 -5.70
C ASP A 130 -31.37 -6.36 -6.21
N LYS A 131 -32.49 -6.55 -5.52
CA LYS A 131 -33.78 -5.91 -5.83
C LYS A 131 -34.23 -6.21 -7.26
N LYS A 132 -35.30 -5.59 -7.67
CA LYS A 132 -35.79 -5.77 -8.98
C LYS A 132 -35.95 -4.40 -9.63
N ASP A 133 -34.87 -3.87 -10.13
CA ASP A 133 -34.93 -2.59 -10.81
C ASP A 133 -35.20 -2.89 -12.26
N GLU A 134 -34.34 -3.72 -12.82
CA GLU A 134 -34.53 -4.25 -14.13
C GLU A 134 -35.61 -5.32 -14.00
N GLU A 135 -36.77 -5.04 -14.52
CA GLU A 135 -37.85 -5.96 -14.46
C GLU A 135 -37.58 -7.11 -15.43
N GLU A 136 -37.47 -6.74 -16.70
CA GLU A 136 -37.19 -7.65 -17.81
C GLU A 136 -38.17 -8.81 -17.87
N ASP A 137 -39.22 -8.63 -18.59
CA ASP A 137 -40.21 -9.66 -18.73
C ASP A 137 -40.04 -10.30 -20.07
N MET A 138 -39.95 -11.61 -20.08
CA MET A 138 -39.83 -12.33 -21.33
C MET A 138 -41.21 -12.44 -21.98
N SER A 139 -41.54 -11.44 -22.74
CA SER A 139 -42.81 -11.35 -23.38
C SER A 139 -42.64 -11.59 -24.88
N LEU A 140 -41.66 -10.92 -25.47
CA LEU A 140 -41.38 -11.07 -26.88
C LEU A 140 -40.56 -12.35 -27.03
N ASP A 141 -39.56 -12.47 -26.19
CA ASP A 141 -38.69 -13.60 -26.17
C ASP A 141 -38.09 -13.72 -24.80
N SER A 1 -1.38 5.64 20.96
CA SER A 1 -1.40 6.92 20.29
C SER A 1 -0.65 7.93 21.14
N ASN A 2 0.14 8.76 20.50
CA ASN A 2 0.88 9.79 21.19
C ASN A 2 0.10 11.09 21.19
N ALA A 3 0.03 11.72 22.33
CA ALA A 3 -0.59 13.01 22.41
C ALA A 3 0.47 14.05 22.16
N ILE A 4 1.68 13.72 22.54
CA ILE A 4 2.81 14.54 22.26
C ILE A 4 3.27 14.32 20.84
N LEU A 5 2.71 15.09 19.97
CA LEU A 5 2.96 15.00 18.58
C LEU A 5 4.18 15.82 18.26
N ALA A 6 5.32 15.16 18.28
CA ALA A 6 6.58 15.80 18.05
C ALA A 6 7.12 15.43 16.68
N THR A 7 6.27 14.90 15.86
CA THR A 7 6.66 14.45 14.55
C THR A 7 6.55 15.57 13.51
N MET A 8 5.97 16.72 13.93
CA MET A 8 5.84 17.93 13.10
C MET A 8 4.83 17.72 11.97
N ASN A 9 3.93 16.79 12.17
CA ASN A 9 3.00 16.38 11.12
C ASN A 9 1.66 17.06 11.25
N VAL A 10 1.09 17.42 10.13
CA VAL A 10 -0.28 17.86 10.09
C VAL A 10 -1.16 16.71 9.52
N PRO A 11 -1.96 16.06 10.37
CA PRO A 11 -2.84 14.97 9.93
C PRO A 11 -3.96 15.51 9.05
N ALA A 12 -4.58 16.58 9.50
CA ALA A 12 -5.66 17.19 8.76
C ALA A 12 -5.10 18.20 7.76
N GLY A 13 -4.31 17.71 6.85
CA GLY A 13 -3.71 18.54 5.84
C GLY A 13 -4.13 18.08 4.46
N PRO A 14 -5.07 18.78 3.82
CA PRO A 14 -5.58 18.40 2.49
C PRO A 14 -4.51 18.43 1.41
N ALA A 15 -4.30 17.29 0.79
CA ALA A 15 -3.32 17.11 -0.26
C ALA A 15 -3.72 15.91 -1.09
N GLY A 16 -4.25 16.18 -2.26
CA GLY A 16 -4.71 15.11 -3.09
C GLY A 16 -4.46 15.37 -4.55
N GLY A 17 -3.95 14.39 -5.23
CA GLY A 17 -3.70 14.48 -6.64
C GLY A 17 -4.58 13.53 -7.41
N GLN A 18 -4.59 13.64 -8.73
CA GLN A 18 -5.41 12.78 -9.57
C GLN A 18 -4.63 11.53 -9.98
N GLN A 19 -5.32 10.59 -10.63
CA GLN A 19 -4.78 9.30 -11.08
C GLN A 19 -4.44 8.39 -9.92
N VAL A 20 -3.23 8.51 -9.42
CA VAL A 20 -2.77 7.67 -8.37
C VAL A 20 -2.36 8.54 -7.21
N ASP A 21 -3.25 8.68 -6.27
CA ASP A 21 -2.91 9.37 -5.06
C ASP A 21 -2.64 8.30 -4.05
N LEU A 22 -1.38 8.02 -3.86
CA LEU A 22 -0.95 6.89 -3.07
C LEU A 22 -1.52 6.82 -1.66
N ALA A 23 -1.68 7.95 -1.00
CA ALA A 23 -2.18 7.94 0.37
C ALA A 23 -3.70 7.77 0.40
N SER A 24 -4.36 8.26 -0.64
CA SER A 24 -5.80 8.16 -0.73
C SER A 24 -6.20 6.72 -1.13
N VAL A 25 -5.41 6.10 -1.97
CA VAL A 25 -5.71 4.76 -2.40
C VAL A 25 -5.21 3.70 -1.38
N LEU A 26 -3.98 3.87 -0.91
CA LEU A 26 -3.38 2.96 0.02
C LEU A 26 -3.19 3.67 1.35
N THR A 27 -3.97 3.31 2.30
CA THR A 27 -4.02 4.00 3.55
C THR A 27 -3.10 3.35 4.63
N PRO A 28 -2.72 4.14 5.68
CA PRO A 28 -1.82 3.67 6.77
C PRO A 28 -2.31 2.41 7.46
N GLU A 29 -3.62 2.21 7.44
CA GLU A 29 -4.27 1.04 8.04
C GLU A 29 -3.86 -0.25 7.30
N ILE A 30 -3.67 -0.15 6.00
CA ILE A 30 -3.33 -1.30 5.18
C ILE A 30 -1.82 -1.53 5.22
N MET A 31 -1.09 -0.43 5.19
CA MET A 31 0.38 -0.47 5.12
C MET A 31 1.05 -0.71 6.47
N ALA A 32 0.27 -0.71 7.53
CA ALA A 32 0.78 -0.91 8.88
C ALA A 32 1.56 -2.24 9.06
N PRO A 33 0.98 -3.44 8.74
CA PRO A 33 1.70 -4.71 8.92
C PRO A 33 2.83 -4.89 7.90
N ILE A 34 2.72 -4.19 6.78
CA ILE A 34 3.68 -4.31 5.71
C ILE A 34 4.96 -3.57 6.04
N LEU A 35 4.85 -2.30 6.35
CA LEU A 35 6.02 -1.47 6.64
C LEU A 35 6.65 -1.82 7.98
N ALA A 36 5.91 -2.55 8.81
CA ALA A 36 6.42 -3.00 10.09
C ALA A 36 7.40 -4.17 9.91
N ASN A 37 7.56 -4.60 8.68
CA ASN A 37 8.50 -5.66 8.36
C ASN A 37 9.81 -5.03 7.94
N ALA A 38 10.85 -5.29 8.71
CA ALA A 38 12.17 -4.70 8.46
C ALA A 38 12.74 -5.11 7.11
N ASP A 39 12.28 -6.22 6.58
CA ASP A 39 12.78 -6.73 5.32
C ASP A 39 12.26 -5.87 4.13
N VAL A 40 11.08 -5.28 4.30
CA VAL A 40 10.58 -4.38 3.26
C VAL A 40 11.29 -3.04 3.41
N GLN A 41 11.57 -2.69 4.67
CA GLN A 41 12.31 -1.48 5.01
C GLN A 41 13.69 -1.54 4.39
N GLU A 42 14.24 -2.74 4.32
CA GLU A 42 15.51 -3.02 3.67
C GLU A 42 15.46 -2.53 2.22
N ARG A 43 14.40 -2.88 1.51
CA ARG A 43 14.24 -2.43 0.11
C ARG A 43 13.96 -0.93 0.01
N LEU A 44 13.39 -0.35 1.04
CA LEU A 44 13.04 1.08 1.05
C LEU A 44 14.23 1.97 1.46
N LEU A 45 15.19 1.38 2.17
CA LEU A 45 16.41 2.08 2.66
C LEU A 45 17.12 2.98 1.63
N PRO A 46 17.44 2.49 0.39
CA PRO A 46 18.11 3.32 -0.63
C PRO A 46 17.26 4.50 -1.10
N TYR A 47 15.99 4.48 -0.78
CA TYR A 47 15.07 5.49 -1.26
C TYR A 47 14.55 6.35 -0.11
N LEU A 48 15.10 6.13 1.09
CA LEU A 48 14.69 6.86 2.32
C LEU A 48 14.76 8.40 2.11
N PRO A 49 13.61 9.10 2.25
CA PRO A 49 13.55 10.58 2.12
C PRO A 49 14.40 11.29 3.18
N SER A 50 14.68 12.55 2.93
CA SER A 50 15.47 13.35 3.84
C SER A 50 14.68 13.66 5.10
N GLY A 51 15.20 13.23 6.24
CA GLY A 51 14.54 13.49 7.50
C GLY A 51 13.45 12.50 7.77
N GLU A 52 13.51 11.37 7.11
CA GLU A 52 12.50 10.36 7.31
C GLU A 52 12.99 9.39 8.36
N SER A 53 12.13 8.52 8.77
CA SER A 53 12.46 7.51 9.73
C SER A 53 11.71 6.25 9.37
N LEU A 54 12.19 5.16 9.85
CA LEU A 54 11.57 3.86 9.64
C LEU A 54 10.90 3.40 10.92
N PRO A 55 9.57 3.51 11.02
CA PRO A 55 8.86 3.03 12.19
C PRO A 55 8.83 1.50 12.20
N GLN A 56 9.16 0.93 13.32
CA GLN A 56 9.34 -0.51 13.43
C GLN A 56 8.04 -1.26 13.69
N THR A 57 7.17 -0.69 14.52
CA THR A 57 5.92 -1.35 14.85
C THR A 57 4.76 -0.67 14.11
N ALA A 58 3.68 -1.42 13.87
CA ALA A 58 2.48 -0.90 13.20
C ALA A 58 1.93 0.32 13.94
N ASP A 59 2.07 0.26 15.25
CA ASP A 59 1.66 1.31 16.18
C ASP A 59 2.32 2.64 15.81
N GLU A 60 3.64 2.66 15.84
CA GLU A 60 4.40 3.88 15.58
C GLU A 60 4.25 4.33 14.13
N ILE A 61 3.92 3.38 13.25
CA ILE A 61 3.64 3.71 11.86
C ILE A 61 2.41 4.62 11.80
N GLN A 62 1.39 4.30 12.57
CA GLN A 62 0.16 5.10 12.57
C GLN A 62 0.43 6.47 13.20
N ASN A 63 1.31 6.49 14.19
CA ASN A 63 1.65 7.71 14.92
C ASN A 63 2.55 8.66 14.11
N THR A 64 3.57 8.11 13.46
CA THR A 64 4.52 8.91 12.72
C THR A 64 4.12 9.07 11.22
N LEU A 65 3.54 8.05 10.64
CA LEU A 65 3.20 8.10 9.23
C LEU A 65 1.69 8.19 9.07
N THR A 66 1.14 9.29 9.47
CA THR A 66 -0.28 9.50 9.38
C THR A 66 -0.67 10.01 7.98
N SER A 67 -0.01 11.06 7.51
CA SER A 67 -0.32 11.60 6.19
C SER A 67 0.94 12.19 5.49
N PRO A 68 1.55 13.33 5.99
CA PRO A 68 2.72 13.95 5.31
C PRO A 68 3.87 12.96 5.15
N GLN A 69 4.32 12.38 6.25
CA GLN A 69 5.40 11.42 6.21
C GLN A 69 4.95 10.10 5.62
N PHE A 70 3.65 9.85 5.64
CA PHE A 70 3.15 8.63 5.07
C PHE A 70 3.30 8.66 3.56
N GLN A 71 3.00 9.81 2.95
CA GLN A 71 3.15 9.97 1.50
C GLN A 71 4.62 9.86 1.11
N GLN A 72 5.47 10.35 1.97
CA GLN A 72 6.91 10.32 1.78
C GLN A 72 7.42 8.87 1.88
N ALA A 73 7.03 8.18 2.94
CA ALA A 73 7.42 6.79 3.15
C ALA A 73 6.81 5.88 2.10
N LEU A 74 5.60 6.18 1.70
CA LEU A 74 4.92 5.43 0.67
C LEU A 74 5.55 5.73 -0.70
N GLY A 75 6.23 6.87 -0.78
CA GLY A 75 6.94 7.25 -1.98
C GLY A 75 8.20 6.40 -2.18
N MET A 76 8.90 6.11 -1.08
CA MET A 76 10.08 5.24 -1.17
C MET A 76 9.64 3.80 -1.40
N PHE A 77 8.46 3.50 -0.85
CA PHE A 77 7.80 2.22 -1.05
C PHE A 77 7.51 2.06 -2.55
N SER A 78 6.94 3.11 -3.13
CA SER A 78 6.62 3.19 -4.55
C SER A 78 7.88 2.94 -5.40
N ALA A 79 8.99 3.53 -5.00
CA ALA A 79 10.24 3.38 -5.73
C ALA A 79 10.74 1.93 -5.69
N ALA A 80 10.69 1.32 -4.52
CA ALA A 80 11.12 -0.07 -4.36
C ALA A 80 10.17 -1.02 -5.09
N LEU A 81 8.91 -0.64 -5.14
CA LEU A 81 7.87 -1.40 -5.81
C LEU A 81 8.12 -1.33 -7.32
N ALA A 82 8.31 -0.11 -7.84
CA ALA A 82 8.56 0.12 -9.26
C ALA A 82 9.82 -0.58 -9.72
N SER A 83 10.75 -0.72 -8.80
CA SER A 83 12.00 -1.39 -9.05
C SER A 83 11.82 -2.93 -9.08
N GLY A 84 10.66 -3.43 -8.63
CA GLY A 84 10.39 -4.87 -8.62
C GLY A 84 11.11 -5.57 -7.49
N GLN A 85 11.73 -4.80 -6.61
CA GLN A 85 12.48 -5.35 -5.51
C GLN A 85 11.56 -5.66 -4.36
N LEU A 86 10.42 -5.03 -4.36
CA LEU A 86 9.46 -5.20 -3.31
C LEU A 86 8.38 -6.22 -3.75
N GLY A 87 8.55 -6.72 -4.97
CA GLY A 87 7.63 -7.68 -5.55
C GLY A 87 7.51 -8.99 -4.76
N PRO A 88 8.64 -9.73 -4.56
CA PRO A 88 8.66 -11.00 -3.78
C PRO A 88 8.07 -10.85 -2.38
N LEU A 89 8.25 -9.67 -1.80
CA LEU A 89 7.74 -9.36 -0.48
C LEU A 89 6.22 -9.44 -0.46
N MET A 90 5.61 -8.98 -1.52
CA MET A 90 4.16 -8.95 -1.61
C MET A 90 3.60 -10.34 -1.80
N CYS A 91 4.44 -11.20 -2.34
CA CYS A 91 4.07 -12.57 -2.56
C CYS A 91 3.96 -13.28 -1.22
N GLN A 92 4.86 -12.96 -0.29
CA GLN A 92 4.83 -13.60 1.02
C GLN A 92 3.82 -12.93 1.95
N PHE A 93 3.27 -11.80 1.54
CA PHE A 93 2.19 -11.17 2.31
C PHE A 93 0.84 -11.73 1.86
N GLY A 94 0.88 -12.55 0.81
CA GLY A 94 -0.32 -13.17 0.30
C GLY A 94 -1.27 -12.17 -0.32
N LEU A 95 -0.72 -11.17 -0.97
CA LEU A 95 -1.51 -10.15 -1.62
C LEU A 95 -2.20 -10.68 -2.86
N PRO A 96 -3.31 -10.02 -3.29
CA PRO A 96 -4.06 -10.39 -4.51
C PRO A 96 -3.12 -10.60 -5.71
N ALA A 97 -3.48 -11.55 -6.56
CA ALA A 97 -2.63 -11.96 -7.69
C ALA A 97 -2.25 -10.79 -8.60
N GLU A 98 -3.19 -9.92 -8.88
CA GLU A 98 -2.90 -8.80 -9.77
C GLU A 98 -2.00 -7.79 -9.07
N ALA A 99 -2.15 -7.69 -7.76
CA ALA A 99 -1.35 -6.78 -6.96
C ALA A 99 0.08 -7.28 -6.88
N VAL A 100 0.27 -8.56 -6.60
CA VAL A 100 1.61 -9.10 -6.50
C VAL A 100 2.31 -9.11 -7.86
N GLU A 101 1.54 -9.36 -8.91
CA GLU A 101 2.02 -9.29 -10.29
C GLU A 101 2.57 -7.88 -10.57
N ALA A 102 1.77 -6.88 -10.23
CA ALA A 102 2.13 -5.49 -10.42
C ALA A 102 3.38 -5.12 -9.63
N ALA A 103 3.50 -5.66 -8.43
CA ALA A 103 4.65 -5.39 -7.57
C ALA A 103 5.94 -5.98 -8.16
N ASN A 104 5.81 -7.05 -8.90
CA ASN A 104 6.95 -7.70 -9.53
C ASN A 104 7.31 -6.98 -10.82
N LYS A 105 6.31 -6.53 -11.54
CA LYS A 105 6.51 -5.83 -12.80
C LYS A 105 6.93 -4.38 -12.57
N GLY A 106 6.59 -3.86 -11.41
CA GLY A 106 7.03 -2.55 -11.06
C GLY A 106 6.01 -1.49 -11.39
N ASP A 107 4.75 -1.81 -11.24
CA ASP A 107 3.71 -0.85 -11.50
C ASP A 107 2.97 -0.56 -10.22
N VAL A 108 3.07 0.66 -9.74
CA VAL A 108 2.47 1.02 -8.48
C VAL A 108 0.96 1.22 -8.57
N GLU A 109 0.45 1.58 -9.74
CA GLU A 109 -0.96 1.88 -9.83
C GLU A 109 -1.77 0.62 -9.95
N ALA A 110 -1.28 -0.33 -10.73
CA ALA A 110 -1.92 -1.60 -10.87
C ALA A 110 -1.93 -2.32 -9.53
N PHE A 111 -0.86 -2.12 -8.79
CA PHE A 111 -0.72 -2.67 -7.45
C PHE A 111 -1.78 -2.06 -6.54
N ALA A 112 -1.78 -0.74 -6.47
CA ALA A 112 -2.71 0.00 -5.63
C ALA A 112 -4.15 -0.31 -5.96
N LYS A 113 -4.43 -0.38 -7.23
CA LYS A 113 -5.75 -0.67 -7.74
C LYS A 113 -6.20 -2.06 -7.34
N ALA A 114 -5.42 -3.06 -7.66
CA ALA A 114 -5.79 -4.43 -7.39
C ALA A 114 -5.85 -4.73 -5.90
N MET A 115 -4.93 -4.15 -5.14
CA MET A 115 -4.82 -4.40 -3.74
C MET A 115 -6.08 -3.99 -2.97
N GLN A 116 -6.44 -2.72 -3.06
CA GLN A 116 -7.58 -2.23 -2.30
C GLN A 116 -8.92 -2.67 -2.84
N ASN A 117 -8.98 -3.03 -4.12
CA ASN A 117 -10.23 -3.52 -4.69
C ASN A 117 -10.54 -4.93 -4.23
N ASN A 118 -9.51 -5.65 -3.79
CA ASN A 118 -9.73 -7.00 -3.29
C ASN A 118 -9.80 -7.01 -1.79
N ALA A 119 -8.98 -6.17 -1.16
CA ALA A 119 -9.01 -6.04 0.28
C ALA A 119 -10.34 -5.44 0.70
N LYS A 120 -10.77 -4.43 -0.03
CA LYS A 120 -12.03 -3.79 0.19
C LYS A 120 -12.88 -4.02 -1.04
N PRO A 121 -13.88 -4.91 -0.95
CA PRO A 121 -14.79 -5.22 -2.08
C PRO A 121 -15.72 -4.04 -2.43
N GLU A 122 -15.14 -2.85 -2.59
CA GLU A 122 -15.85 -1.64 -2.94
C GLU A 122 -16.70 -1.74 -4.23
N GLN A 123 -16.34 -2.64 -5.15
CA GLN A 123 -17.18 -2.89 -6.30
C GLN A 123 -17.19 -4.38 -6.64
N LYS A 124 -18.12 -4.78 -7.48
CA LYS A 124 -18.27 -6.14 -7.90
C LYS A 124 -18.80 -6.18 -9.33
N GLU A 125 -18.30 -7.08 -10.13
CA GLU A 125 -18.81 -7.21 -11.48
C GLU A 125 -19.86 -8.32 -11.53
N GLY A 126 -19.88 -9.14 -10.51
CA GLY A 126 -20.86 -10.16 -10.42
C GLY A 126 -20.25 -11.50 -10.12
N ASP A 127 -20.61 -12.05 -9.00
CA ASP A 127 -20.17 -13.37 -8.59
C ASP A 127 -21.04 -14.37 -9.31
N THR A 128 -20.49 -15.53 -9.66
CA THR A 128 -21.22 -16.61 -10.32
C THR A 128 -21.45 -16.33 -11.84
N LYS A 129 -21.34 -15.06 -12.23
CA LYS A 129 -21.62 -14.58 -13.58
C LYS A 129 -23.08 -14.77 -13.88
N ASP A 130 -23.85 -13.83 -13.44
CA ASP A 130 -25.26 -13.83 -13.65
C ASP A 130 -25.60 -12.69 -14.57
N LYS A 131 -26.45 -12.96 -15.55
CA LYS A 131 -26.79 -12.04 -16.63
C LYS A 131 -25.57 -11.84 -17.50
N LYS A 132 -25.23 -12.87 -18.24
CA LYS A 132 -24.12 -12.82 -19.17
C LYS A 132 -24.59 -12.11 -20.41
N ASP A 133 -25.88 -12.20 -20.61
CA ASP A 133 -26.56 -11.63 -21.72
C ASP A 133 -27.50 -10.63 -21.15
N GLU A 134 -27.81 -9.61 -21.89
CA GLU A 134 -28.72 -8.59 -21.40
C GLU A 134 -30.15 -9.00 -21.61
N GLU A 135 -30.96 -8.70 -20.62
CA GLU A 135 -32.34 -9.05 -20.65
C GLU A 135 -33.11 -7.99 -21.44
N GLU A 136 -32.69 -6.73 -21.28
CA GLU A 136 -33.28 -5.56 -21.93
C GLU A 136 -34.70 -5.29 -21.42
N ASP A 137 -34.85 -4.20 -20.71
CA ASP A 137 -36.14 -3.85 -20.14
C ASP A 137 -37.04 -3.22 -21.18
N MET A 138 -36.70 -2.02 -21.63
CA MET A 138 -37.47 -1.34 -22.64
C MET A 138 -36.64 -0.33 -23.40
N SER A 139 -36.26 -0.71 -24.59
CA SER A 139 -35.51 0.13 -25.47
C SER A 139 -36.49 0.90 -26.35
N LEU A 140 -36.74 2.13 -25.95
CA LEU A 140 -37.66 3.04 -26.60
C LEU A 140 -37.61 4.35 -25.86
N ASP A 141 -37.83 4.26 -24.57
CA ASP A 141 -37.80 5.39 -23.66
C ASP A 141 -37.44 4.90 -22.31
N SER A 1 0.65 6.57 20.71
CA SER A 1 0.79 7.32 21.94
C SER A 1 1.41 8.66 21.59
N ASN A 2 1.06 9.69 22.39
CA ASN A 2 1.53 11.07 22.19
C ASN A 2 0.79 11.70 20.99
N ALA A 3 0.59 13.00 21.04
CA ALA A 3 -0.12 13.69 19.97
C ALA A 3 0.63 13.56 18.66
N ILE A 4 1.94 13.84 18.73
CA ILE A 4 2.88 13.76 17.60
C ILE A 4 2.64 14.86 16.57
N LEU A 5 1.44 14.90 16.01
CA LEU A 5 0.97 15.92 15.05
C LEU A 5 1.63 15.76 13.66
N ALA A 6 2.96 15.68 13.63
CA ALA A 6 3.77 15.45 12.42
C ALA A 6 3.63 16.59 11.39
N THR A 7 3.07 17.69 11.85
CA THR A 7 2.83 18.83 11.00
C THR A 7 3.97 19.84 11.23
N MET A 8 4.22 20.72 10.24
CA MET A 8 5.32 21.72 10.26
C MET A 8 6.66 21.00 10.09
N ASN A 9 6.56 19.81 9.57
CA ASN A 9 7.68 18.96 9.24
C ASN A 9 7.24 18.18 8.02
N VAL A 10 7.46 18.78 6.87
CA VAL A 10 6.96 18.24 5.63
C VAL A 10 7.91 18.47 4.43
N PRO A 11 8.78 17.49 4.14
CA PRO A 11 9.56 17.48 2.90
C PRO A 11 8.63 17.28 1.70
N ALA A 12 7.60 16.43 1.90
CA ALA A 12 6.55 16.12 0.91
C ALA A 12 7.06 15.26 -0.25
N GLY A 13 6.15 14.59 -0.91
CA GLY A 13 6.48 13.76 -2.03
C GLY A 13 5.29 12.93 -2.47
N PRO A 14 4.67 13.23 -3.62
CA PRO A 14 3.55 12.45 -4.12
C PRO A 14 3.99 11.16 -4.81
N ALA A 15 5.27 11.14 -5.27
CA ALA A 15 5.89 9.99 -5.99
C ALA A 15 5.13 9.66 -7.28
N GLY A 16 4.38 10.63 -7.72
CA GLY A 16 3.59 10.59 -8.90
C GLY A 16 3.32 12.02 -9.26
N GLY A 17 2.08 12.44 -9.19
CA GLY A 17 1.80 13.84 -9.38
C GLY A 17 0.61 14.11 -10.24
N GLN A 18 0.71 13.76 -11.51
CA GLN A 18 -0.35 14.04 -12.47
C GLN A 18 -1.54 13.16 -12.17
N GLN A 19 -1.24 11.91 -12.01
CA GLN A 19 -2.20 10.92 -11.67
C GLN A 19 -1.58 10.04 -10.63
N VAL A 20 -2.40 9.20 -10.04
CA VAL A 20 -2.02 8.27 -9.01
C VAL A 20 -1.57 8.98 -7.74
N ASP A 21 -2.52 9.25 -6.87
CA ASP A 21 -2.19 9.81 -5.58
C ASP A 21 -2.14 8.67 -4.61
N LEU A 22 -0.94 8.22 -4.35
CA LEU A 22 -0.70 7.06 -3.54
C LEU A 22 -1.36 7.07 -2.15
N ALA A 23 -1.46 8.22 -1.52
CA ALA A 23 -1.95 8.29 -0.15
C ALA A 23 -3.48 8.18 -0.07
N SER A 24 -4.16 8.50 -1.15
CA SER A 24 -5.60 8.39 -1.18
C SER A 24 -6.03 6.95 -1.53
N VAL A 25 -5.24 6.31 -2.37
CA VAL A 25 -5.54 4.95 -2.79
C VAL A 25 -4.99 3.93 -1.78
N LEU A 26 -3.81 4.18 -1.27
CA LEU A 26 -3.19 3.34 -0.28
C LEU A 26 -3.10 4.09 1.02
N THR A 27 -3.83 3.64 1.97
CA THR A 27 -3.88 4.28 3.24
C THR A 27 -2.99 3.53 4.27
N PRO A 28 -2.57 4.21 5.39
CA PRO A 28 -1.65 3.62 6.39
C PRO A 28 -2.16 2.30 6.95
N GLU A 29 -3.48 2.19 7.07
CA GLU A 29 -4.16 0.98 7.54
C GLU A 29 -3.73 -0.28 6.75
N ILE A 30 -3.51 -0.11 5.45
CA ILE A 30 -3.14 -1.20 4.60
C ILE A 30 -1.63 -1.43 4.65
N MET A 31 -0.91 -0.33 4.71
CA MET A 31 0.55 -0.33 4.64
C MET A 31 1.21 -0.83 5.93
N ALA A 32 0.52 -0.64 7.05
CA ALA A 32 1.04 -1.00 8.37
C ALA A 32 1.62 -2.43 8.49
N PRO A 33 0.86 -3.52 8.16
CA PRO A 33 1.40 -4.88 8.28
C PRO A 33 2.50 -5.18 7.26
N ILE A 34 2.56 -4.39 6.21
CA ILE A 34 3.55 -4.58 5.18
C ILE A 34 4.86 -3.94 5.59
N LEU A 35 4.81 -2.67 5.96
CA LEU A 35 6.00 -1.91 6.34
C LEU A 35 6.58 -2.37 7.66
N ALA A 36 5.81 -3.14 8.40
CA ALA A 36 6.25 -3.71 9.66
C ALA A 36 7.32 -4.78 9.43
N ASN A 37 7.46 -5.24 8.20
CA ASN A 37 8.46 -6.26 7.88
C ASN A 37 9.80 -5.59 7.59
N ALA A 38 10.82 -6.03 8.29
CA ALA A 38 12.16 -5.47 8.18
C ALA A 38 12.77 -5.65 6.78
N ASP A 39 12.33 -6.67 6.05
CA ASP A 39 12.89 -6.95 4.73
C ASP A 39 12.41 -5.90 3.74
N VAL A 40 11.14 -5.50 3.86
CA VAL A 40 10.62 -4.48 2.96
C VAL A 40 11.26 -3.15 3.31
N GLN A 41 11.53 -2.96 4.58
CA GLN A 41 12.21 -1.79 5.08
C GLN A 41 13.62 -1.69 4.48
N GLU A 42 14.25 -2.84 4.29
CA GLU A 42 15.57 -2.91 3.70
C GLU A 42 15.50 -2.50 2.22
N ARG A 43 14.41 -2.88 1.56
CA ARG A 43 14.17 -2.50 0.17
C ARG A 43 13.86 -1.02 0.02
N LEU A 44 13.26 -0.45 1.04
CA LEU A 44 12.88 0.97 1.04
C LEU A 44 14.05 1.87 1.44
N LEU A 45 15.07 1.27 2.04
CA LEU A 45 16.28 1.99 2.50
C LEU A 45 16.92 2.94 1.46
N PRO A 46 17.23 2.49 0.20
CA PRO A 46 17.84 3.37 -0.82
C PRO A 46 16.91 4.51 -1.25
N TYR A 47 15.66 4.43 -0.85
CA TYR A 47 14.68 5.39 -1.28
C TYR A 47 14.21 6.24 -0.08
N LEU A 48 14.68 5.86 1.11
CA LEU A 48 14.34 6.49 2.39
C LEU A 48 14.72 7.97 2.37
N PRO A 49 13.73 8.89 2.48
CA PRO A 49 13.98 10.33 2.49
C PRO A 49 14.89 10.76 3.66
N SER A 50 15.52 11.89 3.50
CA SER A 50 16.43 12.39 4.49
C SER A 50 15.65 12.88 5.71
N GLY A 51 15.91 12.26 6.83
CA GLY A 51 15.26 12.63 8.05
C GLY A 51 14.03 11.80 8.31
N GLU A 52 13.82 10.81 7.44
CA GLU A 52 12.70 9.93 7.59
C GLU A 52 13.14 8.81 8.53
N SER A 53 12.28 7.91 8.81
CA SER A 53 12.59 6.80 9.67
C SER A 53 11.74 5.61 9.29
N LEU A 54 12.14 4.46 9.74
CA LEU A 54 11.43 3.23 9.48
C LEU A 54 10.76 2.76 10.75
N PRO A 55 9.45 2.98 10.89
CA PRO A 55 8.72 2.52 12.05
C PRO A 55 8.60 1.00 12.02
N GLN A 56 8.88 0.37 13.13
CA GLN A 56 8.96 -1.07 13.21
C GLN A 56 7.60 -1.73 13.35
N THR A 57 6.86 -1.36 14.37
CA THR A 57 5.57 -1.96 14.60
C THR A 57 4.48 -1.22 13.84
N ALA A 58 3.35 -1.88 13.61
CA ALA A 58 2.23 -1.29 12.88
C ALA A 58 1.71 -0.06 13.58
N ASP A 59 1.68 -0.12 14.91
CA ASP A 59 1.20 0.98 15.73
C ASP A 59 2.03 2.23 15.51
N GLU A 60 3.35 2.11 15.61
CA GLU A 60 4.22 3.26 15.47
C GLU A 60 4.20 3.82 14.04
N ILE A 61 3.89 2.94 13.07
CA ILE A 61 3.70 3.36 11.68
C ILE A 61 2.54 4.33 11.60
N GLN A 62 1.41 3.92 12.17
CA GLN A 62 0.19 4.72 12.15
C GLN A 62 0.38 6.03 12.92
N ASN A 63 1.15 5.95 14.00
CA ASN A 63 1.41 7.11 14.85
C ASN A 63 2.29 8.14 14.14
N THR A 64 3.33 7.66 13.49
CA THR A 64 4.32 8.54 12.92
C THR A 64 3.97 8.93 11.47
N LEU A 65 3.61 7.96 10.65
CA LEU A 65 3.40 8.19 9.27
C LEU A 65 1.96 8.51 9.00
N THR A 66 1.68 9.76 8.99
CA THR A 66 0.38 10.22 8.69
C THR A 66 0.53 11.43 7.79
N SER A 67 -0.44 11.61 6.93
CA SER A 67 -0.55 12.72 6.00
C SER A 67 0.78 13.08 5.21
N PRO A 68 1.63 14.12 5.60
CA PRO A 68 2.80 14.47 4.81
C PRO A 68 3.86 13.36 4.82
N GLN A 69 4.16 12.87 6.01
CA GLN A 69 5.20 11.88 6.18
C GLN A 69 4.79 10.55 5.63
N PHE A 70 3.49 10.30 5.58
CA PHE A 70 3.01 9.08 5.02
C PHE A 70 3.21 9.05 3.51
N GLN A 71 3.04 10.21 2.86
CA GLN A 71 3.24 10.30 1.42
C GLN A 71 4.72 10.06 1.09
N GLN A 72 5.57 10.47 2.00
CA GLN A 72 7.01 10.32 1.87
C GLN A 72 7.40 8.86 2.02
N ALA A 73 6.88 8.23 3.04
CA ALA A 73 7.16 6.83 3.30
C ALA A 73 6.55 5.95 2.21
N LEU A 74 5.39 6.31 1.76
CA LEU A 74 4.74 5.57 0.71
C LEU A 74 5.42 5.88 -0.63
N GLY A 75 6.09 7.01 -0.68
CA GLY A 75 6.85 7.41 -1.84
C GLY A 75 8.08 6.55 -2.01
N MET A 76 8.74 6.21 -0.90
CA MET A 76 9.88 5.31 -0.95
C MET A 76 9.41 3.88 -1.21
N PHE A 77 8.23 3.57 -0.67
CA PHE A 77 7.58 2.28 -0.87
C PHE A 77 7.33 2.05 -2.35
N SER A 78 6.66 3.00 -2.97
CA SER A 78 6.32 2.90 -4.37
C SER A 78 7.57 2.93 -5.25
N ALA A 79 8.60 3.63 -4.80
CA ALA A 79 9.85 3.68 -5.54
C ALA A 79 10.53 2.31 -5.57
N ALA A 80 10.51 1.61 -4.43
CA ALA A 80 11.05 0.26 -4.34
C ALA A 80 10.16 -0.72 -5.10
N LEU A 81 8.87 -0.44 -5.04
CA LEU A 81 7.86 -1.23 -5.75
C LEU A 81 8.12 -1.15 -7.25
N ALA A 82 8.25 0.08 -7.75
CA ALA A 82 8.49 0.33 -9.17
C ALA A 82 9.82 -0.28 -9.63
N SER A 83 10.72 -0.43 -8.68
CA SER A 83 12.02 -1.00 -8.93
C SER A 83 11.93 -2.54 -9.12
N GLY A 84 10.85 -3.14 -8.64
CA GLY A 84 10.66 -4.58 -8.78
C GLY A 84 11.26 -5.34 -7.61
N GLN A 85 12.06 -4.65 -6.83
CA GLN A 85 12.76 -5.25 -5.69
C GLN A 85 11.83 -5.54 -4.53
N LEU A 86 10.66 -4.96 -4.58
CA LEU A 86 9.71 -5.12 -3.52
C LEU A 86 8.59 -6.08 -3.99
N GLY A 87 8.81 -6.68 -5.16
CA GLY A 87 7.84 -7.58 -5.75
C GLY A 87 7.62 -8.87 -4.96
N PRO A 88 8.66 -9.74 -4.84
CA PRO A 88 8.58 -11.05 -4.13
C PRO A 88 8.02 -10.94 -2.71
N LEU A 89 8.27 -9.80 -2.07
CA LEU A 89 7.84 -9.56 -0.71
C LEU A 89 6.33 -9.62 -0.56
N MET A 90 5.61 -9.27 -1.61
CA MET A 90 4.15 -9.22 -1.56
C MET A 90 3.54 -10.60 -1.43
N CYS A 91 4.28 -11.60 -1.84
CA CYS A 91 3.84 -12.97 -1.74
C CYS A 91 3.87 -13.40 -0.27
N GLN A 92 4.77 -12.78 0.48
CA GLN A 92 5.01 -13.11 1.89
C GLN A 92 3.95 -12.46 2.79
N PHE A 93 3.02 -11.74 2.21
CA PHE A 93 1.94 -11.15 2.97
C PHE A 93 0.60 -11.76 2.58
N GLY A 94 0.66 -12.69 1.63
CA GLY A 94 -0.55 -13.35 1.15
C GLY A 94 -1.40 -12.42 0.30
N LEU A 95 -0.75 -11.57 -0.46
CA LEU A 95 -1.43 -10.61 -1.31
C LEU A 95 -1.99 -11.24 -2.58
N PRO A 96 -3.03 -10.60 -3.17
CA PRO A 96 -3.64 -11.03 -4.44
C PRO A 96 -2.62 -11.21 -5.56
N ALA A 97 -2.95 -12.06 -6.52
CA ALA A 97 -2.09 -12.32 -7.67
C ALA A 97 -1.85 -11.04 -8.45
N GLU A 98 -2.91 -10.24 -8.58
CA GLU A 98 -2.83 -8.95 -9.25
C GLU A 98 -1.85 -8.04 -8.55
N ALA A 99 -1.91 -8.03 -7.23
CA ALA A 99 -1.06 -7.19 -6.42
C ALA A 99 0.40 -7.63 -6.51
N VAL A 100 0.66 -8.91 -6.28
CA VAL A 100 2.04 -9.41 -6.28
C VAL A 100 2.70 -9.31 -7.67
N GLU A 101 1.90 -9.54 -8.72
CA GLU A 101 2.40 -9.44 -10.09
C GLU A 101 2.78 -7.98 -10.38
N ALA A 102 1.89 -7.07 -9.99
CA ALA A 102 2.10 -5.64 -10.22
C ALA A 102 3.34 -5.16 -9.50
N ALA A 103 3.56 -5.66 -8.30
CA ALA A 103 4.71 -5.30 -7.50
C ALA A 103 6.01 -5.79 -8.14
N ASN A 104 5.95 -6.91 -8.82
CA ASN A 104 7.10 -7.45 -9.53
C ASN A 104 7.39 -6.65 -10.77
N LYS A 105 6.35 -6.26 -11.47
CA LYS A 105 6.52 -5.48 -12.69
C LYS A 105 6.91 -4.05 -12.33
N GLY A 106 6.55 -3.65 -11.14
CA GLY A 106 6.87 -2.33 -10.68
C GLY A 106 5.79 -1.35 -10.99
N ASP A 107 4.60 -1.85 -11.19
CA ASP A 107 3.49 -1.01 -11.55
C ASP A 107 2.79 -0.59 -10.29
N VAL A 108 3.06 0.63 -9.87
CA VAL A 108 2.55 1.14 -8.63
C VAL A 108 1.03 1.34 -8.63
N GLU A 109 0.45 1.63 -9.78
CA GLU A 109 -0.95 1.90 -9.84
C GLU A 109 -1.76 0.62 -9.88
N ALA A 110 -1.28 -0.39 -10.60
CA ALA A 110 -1.95 -1.66 -10.65
C ALA A 110 -1.92 -2.33 -9.27
N PHE A 111 -0.82 -2.14 -8.55
CA PHE A 111 -0.68 -2.67 -7.22
C PHE A 111 -1.67 -1.99 -6.30
N ALA A 112 -1.67 -0.66 -6.35
CA ALA A 112 -2.53 0.15 -5.50
C ALA A 112 -4.00 -0.15 -5.74
N LYS A 113 -4.35 -0.26 -7.00
CA LYS A 113 -5.70 -0.54 -7.44
C LYS A 113 -6.13 -1.89 -6.90
N ALA A 114 -5.32 -2.92 -7.16
CA ALA A 114 -5.63 -4.28 -6.75
C ALA A 114 -5.71 -4.39 -5.24
N MET A 115 -4.87 -3.66 -4.57
CA MET A 115 -4.82 -3.66 -3.14
C MET A 115 -6.13 -3.19 -2.53
N GLN A 116 -6.53 -1.96 -2.85
CA GLN A 116 -7.69 -1.37 -2.20
C GLN A 116 -9.02 -2.05 -2.49
N ASN A 117 -9.10 -2.82 -3.56
CA ASN A 117 -10.35 -3.52 -3.84
C ASN A 117 -10.35 -4.91 -3.19
N ASN A 118 -9.16 -5.40 -2.84
CA ASN A 118 -9.04 -6.74 -2.24
C ASN A 118 -8.81 -6.72 -0.74
N ALA A 119 -7.77 -6.02 -0.31
CA ALA A 119 -7.36 -6.05 1.07
C ALA A 119 -7.69 -4.74 1.73
N LYS A 120 -8.89 -4.66 2.16
CA LYS A 120 -9.38 -3.54 2.88
C LYS A 120 -9.67 -3.93 4.34
N PRO A 121 -8.80 -3.53 5.29
CA PRO A 121 -8.94 -3.84 6.72
C PRO A 121 -10.00 -2.92 7.38
N GLU A 122 -11.16 -2.92 6.77
CA GLU A 122 -12.28 -2.11 7.12
C GLU A 122 -12.79 -2.45 8.52
N GLN A 123 -13.35 -3.67 8.63
CA GLN A 123 -14.00 -4.19 9.83
C GLN A 123 -14.66 -3.14 10.77
N LYS A 124 -14.05 -2.85 11.90
CA LYS A 124 -14.56 -1.89 12.86
C LYS A 124 -13.54 -1.67 13.97
N GLU A 125 -12.87 -0.56 13.92
CA GLU A 125 -11.90 -0.23 14.92
C GLU A 125 -12.46 0.79 15.89
N GLY A 126 -13.01 1.86 15.37
CA GLY A 126 -13.49 2.93 16.21
C GLY A 126 -14.99 3.09 16.16
N ASP A 127 -15.66 2.14 15.56
CA ASP A 127 -17.11 2.17 15.47
C ASP A 127 -17.60 0.74 15.56
N THR A 128 -18.90 0.54 15.56
CA THR A 128 -19.47 -0.78 15.62
C THR A 128 -20.03 -1.16 14.24
N LYS A 129 -20.53 -0.15 13.51
CA LYS A 129 -21.19 -0.32 12.20
C LYS A 129 -22.24 -1.43 12.20
N ASP A 130 -23.40 -1.10 12.72
CA ASP A 130 -24.50 -2.03 12.86
C ASP A 130 -25.79 -1.25 12.94
N LYS A 131 -26.85 -1.75 12.32
CA LYS A 131 -28.11 -1.05 12.34
C LYS A 131 -29.18 -1.76 13.11
N LYS A 132 -29.73 -1.06 14.06
CA LYS A 132 -30.93 -1.48 14.75
C LYS A 132 -31.80 -0.28 15.06
N ASP A 133 -31.17 0.87 15.25
CA ASP A 133 -31.90 2.10 15.54
C ASP A 133 -31.44 3.24 14.66
N GLU A 134 -32.16 3.47 13.60
CA GLU A 134 -31.95 4.62 12.75
C GLU A 134 -33.32 5.19 12.39
N GLU A 135 -33.58 6.40 12.90
CA GLU A 135 -34.85 7.13 12.72
C GLU A 135 -35.96 6.48 13.57
N GLU A 136 -36.39 5.31 13.18
CA GLU A 136 -37.46 4.61 13.84
C GLU A 136 -37.33 3.13 13.60
N ASP A 137 -38.21 2.37 14.18
CA ASP A 137 -38.25 0.95 13.97
C ASP A 137 -39.34 0.67 12.98
N MET A 138 -39.17 -0.39 12.20
CA MET A 138 -40.12 -0.71 11.15
C MET A 138 -41.42 -1.28 11.73
N SER A 139 -42.31 -0.39 12.02
CA SER A 139 -43.55 -0.69 12.64
C SER A 139 -44.72 -0.49 11.67
N LEU A 140 -44.98 0.77 11.33
CA LEU A 140 -46.06 1.11 10.39
C LEU A 140 -45.56 0.89 8.98
N ASP A 141 -44.28 1.02 8.84
CA ASP A 141 -43.60 0.82 7.61
C ASP A 141 -42.24 0.24 7.94
N SER A 1 18.02 15.27 -10.32
CA SER A 1 16.68 14.74 -10.42
C SER A 1 15.94 14.97 -9.11
N ASN A 2 14.61 14.78 -9.12
CA ASN A 2 13.75 14.93 -7.94
C ASN A 2 13.65 16.37 -7.46
N ALA A 3 12.62 17.04 -7.90
CA ALA A 3 12.38 18.42 -7.53
C ALA A 3 10.93 18.59 -7.09
N ILE A 4 10.61 18.07 -5.91
CA ILE A 4 9.29 18.12 -5.36
C ILE A 4 9.32 18.66 -3.93
N LEU A 5 10.47 19.08 -3.48
CA LEU A 5 10.60 19.55 -2.13
C LEU A 5 11.22 20.94 -2.12
N ALA A 6 10.49 21.87 -1.57
CA ALA A 6 10.98 23.22 -1.46
C ALA A 6 11.42 23.47 -0.04
N THR A 7 12.68 23.72 0.12
CA THR A 7 13.24 24.02 1.41
C THR A 7 13.40 25.54 1.54
N MET A 8 14.61 26.06 1.44
CA MET A 8 14.78 27.49 1.31
C MET A 8 14.91 27.75 -0.16
N ASN A 9 15.69 26.90 -0.79
CA ASN A 9 15.84 26.91 -2.21
C ASN A 9 14.67 26.14 -2.78
N VAL A 10 14.18 26.57 -3.89
CA VAL A 10 13.04 25.93 -4.49
C VAL A 10 13.31 25.60 -5.95
N PRO A 11 13.63 24.34 -6.27
CA PRO A 11 13.83 23.95 -7.65
C PRO A 11 12.48 23.87 -8.36
N ALA A 12 11.49 23.32 -7.66
CA ALA A 12 10.14 23.15 -8.11
C ALA A 12 9.39 22.48 -6.98
N GLY A 13 8.15 22.17 -7.20
CA GLY A 13 7.36 21.51 -6.21
C GLY A 13 6.52 20.43 -6.87
N PRO A 14 5.72 19.68 -6.12
CA PRO A 14 4.91 18.63 -6.67
C PRO A 14 3.59 19.18 -7.19
N ALA A 15 3.58 19.53 -8.45
CA ALA A 15 2.40 20.06 -9.08
C ALA A 15 1.50 18.93 -9.51
N GLY A 16 0.29 18.94 -9.00
CA GLY A 16 -0.66 17.91 -9.32
C GLY A 16 -0.56 16.76 -8.36
N GLY A 17 0.45 15.96 -8.56
CA GLY A 17 0.64 14.80 -7.72
C GLY A 17 -0.05 13.58 -8.28
N GLN A 18 -0.20 13.57 -9.62
CA GLN A 18 -0.85 12.48 -10.36
C GLN A 18 -2.35 12.34 -10.04
N GLN A 19 -3.01 11.48 -10.77
CA GLN A 19 -4.41 11.20 -10.55
C GLN A 19 -4.55 10.04 -9.59
N VAL A 20 -3.52 9.24 -9.54
CA VAL A 20 -3.46 8.13 -8.62
C VAL A 20 -2.60 8.55 -7.45
N ASP A 21 -3.22 8.99 -6.40
CA ASP A 21 -2.48 9.38 -5.23
C ASP A 21 -2.34 8.19 -4.34
N LEU A 22 -1.11 7.79 -4.15
CA LEU A 22 -0.75 6.65 -3.36
C LEU A 22 -1.38 6.63 -1.96
N ALA A 23 -1.46 7.77 -1.31
CA ALA A 23 -1.92 7.82 0.07
C ALA A 23 -3.45 7.82 0.15
N SER A 24 -4.08 8.30 -0.89
CA SER A 24 -5.52 8.33 -0.96
C SER A 24 -6.05 6.92 -1.24
N VAL A 25 -5.36 6.20 -2.11
CA VAL A 25 -5.79 4.86 -2.48
C VAL A 25 -5.29 3.80 -1.47
N LEU A 26 -4.12 4.00 -0.94
CA LEU A 26 -3.54 3.08 0.03
C LEU A 26 -3.35 3.80 1.35
N THR A 27 -4.13 3.41 2.33
CA THR A 27 -4.14 4.07 3.60
C THR A 27 -3.13 3.48 4.61
N PRO A 28 -2.77 4.25 5.68
CA PRO A 28 -1.77 3.84 6.68
C PRO A 28 -2.05 2.51 7.34
N GLU A 29 -3.31 2.20 7.60
CA GLU A 29 -3.68 0.92 8.22
C GLU A 29 -3.36 -0.27 7.32
N ILE A 30 -3.56 -0.11 6.02
CA ILE A 30 -3.29 -1.16 5.06
C ILE A 30 -1.79 -1.43 5.00
N MET A 31 -1.04 -0.37 5.13
CA MET A 31 0.41 -0.43 5.04
C MET A 31 1.08 -0.75 6.36
N ALA A 32 0.30 -0.79 7.41
CA ALA A 32 0.82 -1.05 8.74
C ALA A 32 1.49 -2.44 8.88
N PRO A 33 0.80 -3.58 8.56
CA PRO A 33 1.41 -4.92 8.70
C PRO A 33 2.50 -5.17 7.65
N ILE A 34 2.45 -4.42 6.57
CA ILE A 34 3.39 -4.57 5.49
C ILE A 34 4.70 -3.89 5.85
N LEU A 35 4.66 -2.61 6.16
CA LEU A 35 5.86 -1.83 6.46
C LEU A 35 6.45 -2.17 7.82
N ALA A 36 5.73 -2.95 8.60
CA ALA A 36 6.24 -3.41 9.89
C ALA A 36 7.16 -4.61 9.68
N ASN A 37 7.25 -5.08 8.46
CA ASN A 37 8.10 -6.18 8.13
C ASN A 37 9.45 -5.65 7.69
N ALA A 38 10.46 -5.93 8.48
CA ALA A 38 11.84 -5.48 8.26
C ALA A 38 12.34 -5.79 6.86
N ASP A 39 11.90 -6.92 6.33
CA ASP A 39 12.26 -7.38 4.98
C ASP A 39 11.90 -6.31 3.92
N VAL A 40 10.74 -5.70 4.07
CA VAL A 40 10.33 -4.68 3.12
C VAL A 40 11.06 -3.37 3.42
N GLN A 41 11.31 -3.14 4.71
CA GLN A 41 11.99 -1.95 5.18
C GLN A 41 13.39 -1.92 4.58
N GLU A 42 14.00 -3.10 4.49
CA GLU A 42 15.30 -3.28 3.87
C GLU A 42 15.28 -2.78 2.43
N ARG A 43 14.25 -3.15 1.69
CA ARG A 43 14.14 -2.74 0.28
C ARG A 43 13.81 -1.27 0.10
N LEU A 44 13.30 -0.65 1.13
CA LEU A 44 12.96 0.76 1.12
C LEU A 44 14.15 1.64 1.54
N LEU A 45 15.16 1.00 2.15
CA LEU A 45 16.39 1.68 2.63
C LEU A 45 17.04 2.66 1.62
N PRO A 46 17.28 2.27 0.33
CA PRO A 46 17.92 3.19 -0.64
C PRO A 46 17.06 4.42 -0.97
N TYR A 47 15.79 4.35 -0.61
CA TYR A 47 14.84 5.39 -0.93
C TYR A 47 14.34 6.11 0.30
N LEU A 48 14.89 5.74 1.45
CA LEU A 48 14.50 6.33 2.74
C LEU A 48 14.70 7.85 2.72
N PRO A 49 13.63 8.63 2.95
CA PRO A 49 13.73 10.09 3.00
C PRO A 49 14.64 10.57 4.12
N SER A 50 15.33 11.65 3.88
CA SER A 50 16.25 12.23 4.81
C SER A 50 15.55 12.74 6.06
N GLY A 51 15.86 12.15 7.19
CA GLY A 51 15.24 12.52 8.44
C GLY A 51 14.28 11.46 8.89
N GLU A 52 13.76 10.72 7.94
CA GLU A 52 12.83 9.65 8.22
C GLU A 52 13.56 8.44 8.74
N SER A 53 12.83 7.55 9.30
CA SER A 53 13.35 6.34 9.82
C SER A 53 12.32 5.28 9.57
N LEU A 54 12.70 4.05 9.71
CA LEU A 54 11.81 2.93 9.52
C LEU A 54 11.14 2.56 10.83
N PRO A 55 9.85 2.86 10.98
CA PRO A 55 9.10 2.52 12.18
C PRO A 55 8.94 1.01 12.29
N GLN A 56 9.30 0.49 13.43
CA GLN A 56 9.37 -0.93 13.63
C GLN A 56 7.99 -1.58 13.80
N THR A 57 7.12 -0.93 14.50
CA THR A 57 5.81 -1.51 14.70
C THR A 57 4.78 -0.80 13.87
N ALA A 58 3.64 -1.45 13.68
CA ALA A 58 2.50 -0.88 13.01
C ALA A 58 2.11 0.41 13.70
N ASP A 59 2.22 0.40 15.02
CA ASP A 59 1.92 1.54 15.88
C ASP A 59 2.77 2.73 15.53
N GLU A 60 4.07 2.52 15.41
CA GLU A 60 4.98 3.61 15.10
C GLU A 60 4.73 4.13 13.68
N ILE A 61 4.33 3.24 12.79
CA ILE A 61 4.00 3.64 11.43
C ILE A 61 2.81 4.56 11.46
N GLN A 62 1.83 4.21 12.27
CA GLN A 62 0.62 4.98 12.38
C GLN A 62 0.87 6.29 13.13
N ASN A 63 1.81 6.30 14.07
CA ASN A 63 2.10 7.50 14.83
C ASN A 63 2.95 8.48 14.05
N THR A 64 3.89 7.96 13.31
CA THR A 64 4.80 8.81 12.60
C THR A 64 4.20 9.33 11.28
N LEU A 65 3.59 8.46 10.51
CA LEU A 65 3.10 8.86 9.22
C LEU A 65 1.59 9.09 9.25
N THR A 66 1.21 10.29 9.64
CA THR A 66 -0.20 10.69 9.68
C THR A 66 -0.51 11.72 8.59
N SER A 67 0.34 12.69 8.50
CA SER A 67 0.27 13.79 7.59
C SER A 67 0.93 13.39 6.22
N PRO A 68 1.23 14.38 5.26
CA PRO A 68 2.02 14.14 4.01
C PRO A 68 3.30 13.29 4.24
N GLN A 69 3.70 13.20 5.51
CA GLN A 69 4.75 12.31 5.95
C GLN A 69 4.51 10.89 5.40
N PHE A 70 3.24 10.49 5.34
CA PHE A 70 2.90 9.17 4.85
C PHE A 70 3.22 9.04 3.36
N GLN A 71 3.14 10.14 2.62
CA GLN A 71 3.47 10.15 1.18
C GLN A 71 4.96 9.92 0.99
N GLN A 72 5.73 10.28 1.99
CA GLN A 72 7.17 10.07 1.97
C GLN A 72 7.48 8.60 2.11
N ALA A 73 6.88 7.99 3.13
CA ALA A 73 7.10 6.59 3.43
C ALA A 73 6.52 5.70 2.35
N LEU A 74 5.34 6.05 1.90
CA LEU A 74 4.69 5.33 0.85
C LEU A 74 5.36 5.65 -0.50
N GLY A 75 6.05 6.77 -0.55
CA GLY A 75 6.79 7.16 -1.72
C GLY A 75 8.03 6.31 -1.90
N MET A 76 8.75 6.06 -0.80
CA MET A 76 9.94 5.20 -0.85
C MET A 76 9.51 3.76 -1.14
N PHE A 77 8.33 3.43 -0.64
CA PHE A 77 7.69 2.16 -0.87
C PHE A 77 7.46 1.99 -2.38
N SER A 78 6.81 2.98 -2.97
CA SER A 78 6.49 2.97 -4.37
C SER A 78 7.76 2.96 -5.24
N ALA A 79 8.79 3.66 -4.80
CA ALA A 79 10.06 3.69 -5.50
C ALA A 79 10.71 2.30 -5.52
N ALA A 80 10.70 1.62 -4.38
CA ALA A 80 11.22 0.25 -4.27
C ALA A 80 10.39 -0.68 -5.15
N LEU A 81 9.08 -0.49 -5.10
CA LEU A 81 8.11 -1.25 -5.88
C LEU A 81 8.39 -1.07 -7.38
N ALA A 82 8.52 0.17 -7.80
CA ALA A 82 8.77 0.51 -9.21
C ALA A 82 10.14 0.01 -9.70
N SER A 83 10.99 -0.37 -8.77
CA SER A 83 12.28 -0.88 -9.09
C SER A 83 12.29 -2.42 -9.07
N GLY A 84 11.16 -3.01 -8.72
CA GLY A 84 11.07 -4.47 -8.64
C GLY A 84 11.69 -5.02 -7.37
N GLN A 85 12.14 -4.12 -6.52
CA GLN A 85 12.80 -4.44 -5.25
C GLN A 85 11.81 -5.06 -4.30
N LEU A 86 10.64 -4.51 -4.31
CA LEU A 86 9.61 -4.84 -3.36
C LEU A 86 8.57 -5.79 -3.99
N GLY A 87 8.88 -6.28 -5.18
CA GLY A 87 7.96 -7.11 -5.92
C GLY A 87 7.67 -8.45 -5.26
N PRO A 88 8.67 -9.37 -5.20
CA PRO A 88 8.49 -10.72 -4.61
C PRO A 88 8.02 -10.70 -3.16
N LEU A 89 8.31 -9.61 -2.48
CA LEU A 89 8.01 -9.43 -1.09
C LEU A 89 6.52 -9.38 -0.81
N MET A 90 5.73 -9.10 -1.81
CA MET A 90 4.29 -8.99 -1.60
C MET A 90 3.62 -10.33 -1.44
N CYS A 91 4.29 -11.37 -1.86
CA CYS A 91 3.72 -12.68 -1.80
C CYS A 91 3.63 -13.18 -0.35
N GLN A 92 4.55 -12.69 0.52
CA GLN A 92 4.62 -13.15 1.91
C GLN A 92 3.53 -12.56 2.79
N PHE A 93 2.77 -11.63 2.25
CA PHE A 93 1.69 -11.02 3.01
C PHE A 93 0.37 -11.65 2.60
N GLY A 94 0.46 -12.57 1.66
CA GLY A 94 -0.71 -13.23 1.14
C GLY A 94 -1.45 -12.30 0.21
N LEU A 95 -0.71 -11.43 -0.43
CA LEU A 95 -1.29 -10.46 -1.32
C LEU A 95 -1.76 -11.10 -2.61
N PRO A 96 -2.92 -10.60 -3.10
CA PRO A 96 -3.51 -10.98 -4.39
C PRO A 96 -2.48 -11.10 -5.53
N ALA A 97 -2.79 -11.94 -6.50
CA ALA A 97 -1.93 -12.20 -7.64
C ALA A 97 -1.64 -10.93 -8.43
N GLU A 98 -2.66 -10.08 -8.59
CA GLU A 98 -2.48 -8.83 -9.31
C GLU A 98 -1.54 -7.92 -8.55
N ALA A 99 -1.66 -7.96 -7.23
CA ALA A 99 -0.86 -7.12 -6.37
C ALA A 99 0.60 -7.55 -6.42
N VAL A 100 0.87 -8.83 -6.24
CA VAL A 100 2.24 -9.31 -6.26
C VAL A 100 2.87 -9.14 -7.65
N GLU A 101 2.09 -9.36 -8.71
CA GLU A 101 2.60 -9.17 -10.05
C GLU A 101 2.85 -7.70 -10.35
N ALA A 102 1.93 -6.83 -9.94
CA ALA A 102 2.08 -5.40 -10.18
C ALA A 102 3.31 -4.86 -9.48
N ALA A 103 3.57 -5.39 -8.29
CA ALA A 103 4.74 -5.01 -7.51
C ALA A 103 6.03 -5.45 -8.23
N ASN A 104 5.98 -6.62 -8.86
CA ASN A 104 7.11 -7.13 -9.63
C ASN A 104 7.29 -6.35 -10.92
N LYS A 105 6.18 -5.98 -11.52
CA LYS A 105 6.19 -5.23 -12.78
C LYS A 105 6.58 -3.78 -12.55
N GLY A 106 6.38 -3.31 -11.34
CA GLY A 106 6.74 -1.96 -11.01
C GLY A 106 5.62 -1.00 -11.32
N ASP A 107 4.41 -1.51 -11.31
CA ASP A 107 3.24 -0.71 -11.61
C ASP A 107 2.58 -0.35 -10.30
N VAL A 108 2.72 0.88 -9.91
CA VAL A 108 2.22 1.34 -8.64
C VAL A 108 0.70 1.55 -8.63
N GLU A 109 0.13 1.91 -9.78
CA GLU A 109 -1.29 2.22 -9.80
C GLU A 109 -2.11 0.94 -9.87
N ALA A 110 -1.58 -0.04 -10.58
CA ALA A 110 -2.22 -1.33 -10.68
C ALA A 110 -2.21 -2.01 -9.35
N PHE A 111 -1.06 -1.91 -8.69
CA PHE A 111 -0.85 -2.47 -7.37
C PHE A 111 -1.87 -1.89 -6.41
N ALA A 112 -1.93 -0.56 -6.38
CA ALA A 112 -2.84 0.17 -5.51
C ALA A 112 -4.30 -0.24 -5.71
N LYS A 113 -4.71 -0.31 -6.97
CA LYS A 113 -6.09 -0.61 -7.33
C LYS A 113 -6.40 -2.06 -6.97
N ALA A 114 -5.45 -2.93 -7.24
CA ALA A 114 -5.64 -4.34 -6.99
C ALA A 114 -5.76 -4.62 -5.51
N MET A 115 -5.07 -3.85 -4.69
CA MET A 115 -5.16 -4.03 -3.26
C MET A 115 -6.53 -3.65 -2.77
N GLN A 116 -6.96 -2.43 -3.07
CA GLN A 116 -8.25 -1.94 -2.56
C GLN A 116 -9.45 -2.78 -3.04
N ASN A 117 -9.30 -3.42 -4.19
CA ASN A 117 -10.32 -4.32 -4.69
C ASN A 117 -10.18 -5.71 -4.11
N ASN A 118 -9.02 -6.30 -4.28
CA ASN A 118 -8.83 -7.72 -4.03
C ASN A 118 -8.49 -8.06 -2.59
N ALA A 119 -8.16 -7.06 -1.79
CA ALA A 119 -7.81 -7.33 -0.38
C ALA A 119 -9.05 -7.44 0.48
N LYS A 120 -10.19 -7.41 -0.17
CA LYS A 120 -11.47 -7.63 0.47
C LYS A 120 -11.84 -9.09 0.13
N PRO A 121 -11.52 -10.05 1.02
CA PRO A 121 -11.65 -11.49 0.71
C PRO A 121 -13.08 -12.00 0.71
N GLU A 122 -13.96 -11.27 1.37
CA GLU A 122 -15.37 -11.61 1.53
C GLU A 122 -15.56 -12.83 2.39
N GLN A 123 -15.54 -13.97 1.78
CA GLN A 123 -15.71 -15.19 2.50
C GLN A 123 -14.95 -16.30 1.83
N LYS A 124 -14.87 -17.41 2.50
CA LYS A 124 -14.23 -18.59 1.99
C LYS A 124 -15.09 -19.24 0.93
N GLU A 125 -16.36 -19.30 1.20
CA GLU A 125 -17.30 -19.97 0.36
C GLU A 125 -17.50 -19.31 -0.97
N GLY A 126 -17.35 -20.11 -1.97
CA GLY A 126 -17.72 -19.72 -3.30
C GLY A 126 -19.17 -20.05 -3.46
N ASP A 127 -20.02 -19.20 -2.88
CA ASP A 127 -21.45 -19.45 -2.79
C ASP A 127 -22.10 -19.49 -4.16
N THR A 128 -21.59 -18.65 -5.05
CA THR A 128 -22.06 -18.59 -6.40
C THR A 128 -21.71 -19.92 -7.11
N LYS A 129 -22.69 -20.50 -7.77
CA LYS A 129 -22.53 -21.82 -8.31
C LYS A 129 -21.82 -21.86 -9.65
N ASP A 130 -20.53 -21.95 -9.60
CA ASP A 130 -19.76 -22.19 -10.79
C ASP A 130 -19.16 -23.57 -10.68
N LYS A 131 -19.85 -24.50 -11.26
CA LYS A 131 -19.49 -25.90 -11.19
C LYS A 131 -19.07 -26.43 -12.56
N LYS A 132 -19.44 -25.65 -13.60
CA LYS A 132 -19.34 -25.96 -15.08
C LYS A 132 -20.61 -26.65 -15.50
N ASP A 133 -21.55 -26.63 -14.59
CA ASP A 133 -22.84 -27.22 -14.76
C ASP A 133 -23.87 -26.22 -14.40
N GLU A 134 -24.60 -25.74 -15.37
CA GLU A 134 -25.70 -24.85 -15.11
C GLU A 134 -26.87 -25.66 -14.62
N GLU A 135 -26.88 -25.92 -13.35
CA GLU A 135 -27.86 -26.74 -12.76
C GLU A 135 -29.04 -25.89 -12.36
N GLU A 136 -29.90 -25.71 -13.33
CA GLU A 136 -31.07 -24.91 -13.22
C GLU A 136 -32.18 -25.72 -12.59
N ASP A 137 -33.28 -25.09 -12.26
CA ASP A 137 -34.38 -25.84 -11.76
C ASP A 137 -35.19 -26.33 -12.90
N MET A 138 -34.96 -27.52 -13.28
CA MET A 138 -35.76 -28.11 -14.30
C MET A 138 -36.48 -29.26 -13.65
N SER A 139 -37.50 -28.89 -12.94
CA SER A 139 -38.26 -29.80 -12.14
C SER A 139 -39.23 -30.62 -12.95
N LEU A 140 -40.10 -29.95 -13.67
CA LEU A 140 -41.06 -30.62 -14.52
C LEU A 140 -41.55 -29.71 -15.62
N ASP A 141 -40.86 -29.73 -16.71
CA ASP A 141 -41.25 -28.98 -17.88
C ASP A 141 -40.86 -29.76 -19.10
N SER A 1 21.85 11.24 -3.26
CA SER A 1 20.74 10.63 -3.97
C SER A 1 19.67 11.68 -4.32
N ASN A 2 19.07 12.26 -3.30
CA ASN A 2 18.01 13.26 -3.48
C ASN A 2 18.63 14.63 -3.72
N ALA A 3 19.88 14.78 -3.26
CA ALA A 3 20.73 15.98 -3.43
C ALA A 3 20.29 17.14 -2.55
N ILE A 4 19.16 17.69 -2.87
CA ILE A 4 18.65 18.80 -2.15
C ILE A 4 17.82 18.37 -0.96
N LEU A 5 17.70 19.23 0.01
CA LEU A 5 16.91 18.95 1.20
C LEU A 5 15.56 19.61 1.04
N ALA A 6 15.47 20.45 0.00
CA ALA A 6 14.31 21.30 -0.31
C ALA A 6 14.25 22.48 0.67
N THR A 7 14.43 22.17 1.95
CA THR A 7 14.48 23.15 3.04
C THR A 7 13.15 23.93 3.10
N MET A 8 12.11 23.32 2.60
CA MET A 8 10.84 23.98 2.50
C MET A 8 9.80 23.22 3.32
N ASN A 9 10.28 22.14 3.98
CA ASN A 9 9.47 21.23 4.85
C ASN A 9 8.22 20.69 4.19
N VAL A 10 8.25 20.62 2.88
CA VAL A 10 7.14 20.09 2.10
C VAL A 10 7.70 19.03 1.15
N PRO A 11 7.22 17.78 1.27
CA PRO A 11 7.68 16.69 0.38
C PRO A 11 7.25 16.94 -1.08
N ALA A 12 6.08 17.56 -1.24
CA ALA A 12 5.48 17.94 -2.52
C ALA A 12 4.99 16.73 -3.33
N GLY A 13 4.01 16.98 -4.15
CA GLY A 13 3.47 15.95 -4.99
C GLY A 13 3.57 16.35 -6.46
N PRO A 14 4.68 16.02 -7.14
CA PRO A 14 4.89 16.38 -8.56
C PRO A 14 3.80 15.82 -9.47
N ALA A 15 3.41 14.56 -9.20
CA ALA A 15 2.36 13.85 -9.93
C ALA A 15 2.66 13.74 -11.44
N GLY A 16 1.65 13.38 -12.19
CA GLY A 16 1.73 13.26 -13.62
C GLY A 16 0.33 13.05 -14.14
N GLY A 17 -0.49 14.05 -13.97
CA GLY A 17 -1.88 13.94 -14.29
C GLY A 17 -2.63 13.34 -13.13
N GLN A 18 -3.89 13.05 -13.27
CA GLN A 18 -4.61 12.45 -12.18
C GLN A 18 -4.59 10.94 -12.25
N GLN A 19 -3.43 10.42 -11.94
CA GLN A 19 -3.20 8.99 -11.85
C GLN A 19 -3.66 8.57 -10.45
N VAL A 20 -3.72 7.27 -10.18
CA VAL A 20 -4.07 6.80 -8.84
C VAL A 20 -3.04 7.33 -7.83
N ASP A 21 -3.50 8.17 -6.92
CA ASP A 21 -2.63 8.77 -5.89
C ASP A 21 -2.36 7.75 -4.82
N LEU A 22 -1.10 7.59 -4.50
CA LEU A 22 -0.64 6.61 -3.54
C LEU A 22 -1.31 6.66 -2.17
N ALA A 23 -1.50 7.84 -1.62
CA ALA A 23 -2.04 7.96 -0.27
C ALA A 23 -3.55 7.92 -0.30
N SER A 24 -4.10 8.30 -1.41
CA SER A 24 -5.53 8.30 -1.60
C SER A 24 -6.05 6.85 -1.75
N VAL A 25 -5.18 5.98 -2.17
CA VAL A 25 -5.55 4.59 -2.38
C VAL A 25 -5.01 3.69 -1.24
N LEU A 26 -3.74 3.84 -0.91
CA LEU A 26 -3.13 3.05 0.12
C LEU A 26 -2.96 3.90 1.35
N THR A 27 -3.80 3.67 2.32
CA THR A 27 -3.80 4.40 3.54
C THR A 27 -2.85 3.74 4.56
N PRO A 28 -2.44 4.48 5.62
CA PRO A 28 -1.51 3.97 6.64
C PRO A 28 -1.94 2.64 7.25
N GLU A 29 -3.25 2.46 7.37
CA GLU A 29 -3.83 1.27 7.95
C GLU A 29 -3.56 0.02 7.09
N ILE A 30 -3.50 0.21 5.78
CA ILE A 30 -3.28 -0.88 4.84
C ILE A 30 -1.79 -1.17 4.75
N MET A 31 -1.00 -0.13 4.88
CA MET A 31 0.45 -0.21 4.80
C MET A 31 1.07 -0.72 6.10
N ALA A 32 0.26 -0.75 7.15
CA ALA A 32 0.71 -1.14 8.48
C ALA A 32 1.35 -2.55 8.54
N PRO A 33 0.65 -3.64 8.11
CA PRO A 33 1.23 -5.00 8.18
C PRO A 33 2.41 -5.17 7.22
N ILE A 34 2.45 -4.36 6.18
CA ILE A 34 3.49 -4.48 5.18
C ILE A 34 4.78 -3.84 5.66
N LEU A 35 4.71 -2.59 6.08
CA LEU A 35 5.91 -1.87 6.52
C LEU A 35 6.43 -2.35 7.86
N ALA A 36 5.64 -3.14 8.56
CA ALA A 36 6.05 -3.72 9.83
C ALA A 36 7.08 -4.84 9.62
N ASN A 37 7.26 -5.24 8.38
CA ASN A 37 8.21 -6.28 8.05
C ASN A 37 9.54 -5.62 7.71
N ALA A 38 10.56 -5.98 8.43
CA ALA A 38 11.88 -5.37 8.31
C ALA A 38 12.54 -5.62 6.95
N ASP A 39 12.12 -6.67 6.26
CA ASP A 39 12.75 -7.02 5.00
C ASP A 39 12.29 -6.07 3.89
N VAL A 40 11.05 -5.58 4.00
CA VAL A 40 10.55 -4.61 3.04
C VAL A 40 11.20 -3.27 3.32
N GLN A 41 11.40 -3.00 4.60
CA GLN A 41 12.06 -1.80 5.09
C GLN A 41 13.47 -1.72 4.52
N GLU A 42 14.10 -2.88 4.42
CA GLU A 42 15.44 -3.03 3.91
C GLU A 42 15.49 -2.56 2.43
N ARG A 43 14.44 -2.89 1.67
CA ARG A 43 14.36 -2.46 0.25
C ARG A 43 14.02 -0.97 0.11
N LEU A 44 13.43 -0.41 1.13
CA LEU A 44 13.06 1.00 1.12
C LEU A 44 14.22 1.89 1.55
N LEU A 45 15.22 1.29 2.20
CA LEU A 45 16.44 1.98 2.68
C LEU A 45 17.10 2.95 1.65
N PRO A 46 17.35 2.52 0.36
CA PRO A 46 17.99 3.41 -0.62
C PRO A 46 17.15 4.64 -0.96
N TYR A 47 15.86 4.56 -0.67
CA TYR A 47 14.94 5.60 -1.03
C TYR A 47 14.42 6.31 0.22
N LEU A 48 14.94 5.91 1.36
CA LEU A 48 14.56 6.45 2.67
C LEU A 48 14.80 7.95 2.72
N PRO A 49 13.73 8.75 2.85
CA PRO A 49 13.84 10.19 2.96
C PRO A 49 14.54 10.55 4.25
N SER A 50 15.48 11.46 4.16
CA SER A 50 16.22 11.88 5.31
C SER A 50 15.30 12.58 6.31
N GLY A 51 15.38 12.15 7.55
CA GLY A 51 14.51 12.68 8.57
C GLY A 51 13.49 11.65 8.98
N GLU A 52 13.13 10.79 8.05
CA GLU A 52 12.19 9.73 8.33
C GLU A 52 12.87 8.52 8.87
N SER A 53 12.10 7.66 9.46
CA SER A 53 12.59 6.45 10.04
C SER A 53 11.73 5.31 9.54
N LEU A 54 12.16 4.13 9.82
CA LEU A 54 11.43 2.94 9.49
C LEU A 54 10.71 2.46 10.75
N PRO A 55 9.39 2.64 10.83
CA PRO A 55 8.64 2.23 12.00
C PRO A 55 8.50 0.71 12.05
N GLN A 56 8.72 0.16 13.22
CA GLN A 56 8.76 -1.29 13.38
C GLN A 56 7.39 -1.92 13.62
N THR A 57 6.60 -1.33 14.48
CA THR A 57 5.29 -1.87 14.78
C THR A 57 4.20 -1.16 13.97
N ALA A 58 3.11 -1.87 13.72
CA ALA A 58 1.99 -1.34 12.95
C ALA A 58 1.44 -0.06 13.55
N ASP A 59 1.36 -0.03 14.88
CA ASP A 59 0.81 1.13 15.56
C ASP A 59 1.74 2.34 15.48
N GLU A 60 3.04 2.13 15.61
CA GLU A 60 3.97 3.26 15.51
C GLU A 60 3.99 3.80 14.08
N ILE A 61 3.74 2.92 13.11
CA ILE A 61 3.62 3.32 11.69
C ILE A 61 2.51 4.37 11.56
N GLN A 62 1.41 4.12 12.26
CA GLN A 62 0.25 5.02 12.20
C GLN A 62 0.57 6.35 12.88
N ASN A 63 1.50 6.32 13.81
CA ASN A 63 1.91 7.50 14.54
C ASN A 63 2.90 8.31 13.75
N THR A 64 4.03 7.71 13.45
CA THR A 64 5.12 8.34 12.75
C THR A 64 4.68 8.79 11.35
N LEU A 65 3.93 7.95 10.67
CA LEU A 65 3.49 8.25 9.34
C LEU A 65 2.03 8.60 9.38
N THR A 66 1.74 9.87 9.54
CA THR A 66 0.37 10.30 9.63
C THR A 66 -0.15 10.69 8.24
N SER A 67 0.47 11.70 7.65
CA SER A 67 0.07 12.19 6.36
C SER A 67 1.26 12.71 5.51
N PRO A 68 2.00 13.80 5.94
CA PRO A 68 3.13 14.31 5.16
C PRO A 68 4.26 13.29 5.14
N GLN A 69 4.53 12.69 6.31
CA GLN A 69 5.59 11.73 6.45
C GLN A 69 5.18 10.46 5.73
N PHE A 70 3.88 10.21 5.73
CA PHE A 70 3.34 9.06 5.11
C PHE A 70 3.55 9.08 3.61
N GLN A 71 3.32 10.23 2.98
CA GLN A 71 3.56 10.35 1.53
C GLN A 71 5.04 10.20 1.20
N GLN A 72 5.89 10.59 2.14
CA GLN A 72 7.33 10.43 2.01
C GLN A 72 7.72 8.96 2.08
N ALA A 73 7.18 8.27 3.07
CA ALA A 73 7.45 6.86 3.27
C ALA A 73 6.80 6.02 2.18
N LEU A 74 5.63 6.42 1.75
CA LEU A 74 4.95 5.72 0.71
C LEU A 74 5.63 6.01 -0.63
N GLY A 75 6.35 7.13 -0.67
CA GLY A 75 7.13 7.49 -1.82
C GLY A 75 8.33 6.57 -1.98
N MET A 76 8.96 6.21 -0.86
CA MET A 76 10.09 5.27 -0.93
C MET A 76 9.58 3.87 -1.22
N PHE A 77 8.39 3.58 -0.71
CA PHE A 77 7.68 2.34 -0.95
C PHE A 77 7.42 2.19 -2.45
N SER A 78 6.81 3.21 -3.03
CA SER A 78 6.47 3.23 -4.44
C SER A 78 7.71 3.11 -5.32
N ALA A 79 8.80 3.71 -4.88
CA ALA A 79 10.06 3.65 -5.62
C ALA A 79 10.59 2.22 -5.66
N ALA A 80 10.58 1.55 -4.52
CA ALA A 80 11.05 0.17 -4.44
C ALA A 80 10.11 -0.77 -5.20
N LEU A 81 8.83 -0.41 -5.20
CA LEU A 81 7.81 -1.18 -5.90
C LEU A 81 8.01 -1.02 -7.41
N ALA A 82 8.10 0.22 -7.88
CA ALA A 82 8.27 0.52 -9.31
C ALA A 82 9.59 -0.05 -9.84
N SER A 83 10.55 -0.15 -8.97
CA SER A 83 11.83 -0.73 -9.28
C SER A 83 11.68 -2.25 -9.49
N GLY A 84 10.79 -2.87 -8.74
CA GLY A 84 10.62 -4.31 -8.81
C GLY A 84 11.35 -5.00 -7.69
N GLN A 85 11.94 -4.19 -6.81
CA GLN A 85 12.68 -4.70 -5.67
C GLN A 85 11.74 -5.16 -4.57
N LEU A 86 10.58 -4.55 -4.53
CA LEU A 86 9.62 -4.83 -3.49
C LEU A 86 8.56 -5.83 -3.98
N GLY A 87 8.76 -6.36 -5.17
CA GLY A 87 7.82 -7.28 -5.78
C GLY A 87 7.63 -8.59 -5.01
N PRO A 88 8.69 -9.44 -4.90
CA PRO A 88 8.64 -10.74 -4.20
C PRO A 88 8.11 -10.63 -2.75
N LEU A 89 8.34 -9.48 -2.15
CA LEU A 89 7.96 -9.20 -0.78
C LEU A 89 6.46 -9.31 -0.55
N MET A 90 5.68 -8.94 -1.55
CA MET A 90 4.22 -8.92 -1.41
C MET A 90 3.65 -10.32 -1.34
N CYS A 91 4.39 -11.28 -1.85
CA CYS A 91 3.94 -12.64 -1.85
C CYS A 91 3.98 -13.21 -0.43
N GLN A 92 4.86 -12.63 0.39
CA GLN A 92 5.07 -13.09 1.76
C GLN A 92 3.90 -12.71 2.65
N PHE A 93 3.17 -11.69 2.26
CA PHE A 93 2.06 -11.19 3.05
C PHE A 93 0.76 -11.88 2.64
N GLY A 94 0.84 -12.73 1.64
CA GLY A 94 -0.35 -13.41 1.15
C GLY A 94 -1.25 -12.45 0.40
N LEU A 95 -0.65 -11.54 -0.31
CA LEU A 95 -1.37 -10.55 -1.07
C LEU A 95 -1.88 -11.12 -2.38
N PRO A 96 -3.00 -10.53 -2.89
CA PRO A 96 -3.62 -10.91 -4.17
C PRO A 96 -2.58 -11.07 -5.28
N ALA A 97 -2.76 -12.10 -6.10
CA ALA A 97 -1.84 -12.38 -7.22
C ALA A 97 -1.74 -11.20 -8.16
N GLU A 98 -2.85 -10.49 -8.29
CA GLU A 98 -2.96 -9.30 -9.11
C GLU A 98 -1.97 -8.23 -8.62
N ALA A 99 -1.95 -8.05 -7.32
CA ALA A 99 -1.16 -7.02 -6.67
C ALA A 99 0.31 -7.38 -6.65
N VAL A 100 0.63 -8.60 -6.22
CA VAL A 100 2.04 -9.02 -6.13
C VAL A 100 2.70 -9.03 -7.52
N GLU A 101 1.91 -9.36 -8.53
CA GLU A 101 2.38 -9.35 -9.90
C GLU A 101 2.76 -7.93 -10.31
N ALA A 102 1.87 -7.00 -10.03
CA ALA A 102 2.08 -5.57 -10.32
C ALA A 102 3.29 -5.02 -9.57
N ALA A 103 3.50 -5.54 -8.37
CA ALA A 103 4.65 -5.14 -7.55
C ALA A 103 5.95 -5.61 -8.19
N ASN A 104 5.88 -6.71 -8.92
CA ASN A 104 7.03 -7.24 -9.63
C ASN A 104 7.24 -6.48 -10.92
N LYS A 105 6.13 -6.15 -11.59
CA LYS A 105 6.19 -5.39 -12.84
C LYS A 105 6.62 -3.95 -12.57
N GLY A 106 6.41 -3.50 -11.36
CA GLY A 106 6.77 -2.17 -10.99
C GLY A 106 5.69 -1.20 -11.36
N ASP A 107 4.45 -1.63 -11.22
CA ASP A 107 3.33 -0.76 -11.53
C ASP A 107 2.61 -0.48 -10.23
N VAL A 108 2.70 0.75 -9.76
CA VAL A 108 2.18 1.11 -8.47
C VAL A 108 0.66 1.27 -8.49
N GLU A 109 0.11 1.73 -9.60
CA GLU A 109 -1.31 1.97 -9.66
C GLU A 109 -2.07 0.67 -9.80
N ALA A 110 -1.53 -0.27 -10.57
CA ALA A 110 -2.13 -1.60 -10.69
C ALA A 110 -2.11 -2.31 -9.35
N PHE A 111 -0.99 -2.18 -8.64
CA PHE A 111 -0.84 -2.74 -7.31
C PHE A 111 -1.91 -2.17 -6.39
N ALA A 112 -1.94 -0.86 -6.32
CA ALA A 112 -2.86 -0.13 -5.47
C ALA A 112 -4.31 -0.50 -5.76
N LYS A 113 -4.63 -0.57 -7.05
CA LYS A 113 -5.94 -0.93 -7.52
C LYS A 113 -6.33 -2.30 -7.05
N ALA A 114 -5.50 -3.28 -7.31
CA ALA A 114 -5.81 -4.64 -6.96
C ALA A 114 -5.87 -4.83 -5.44
N MET A 115 -5.04 -4.08 -4.72
CA MET A 115 -5.00 -4.12 -3.26
C MET A 115 -6.33 -3.73 -2.68
N GLN A 116 -6.81 -2.53 -3.01
CA GLN A 116 -8.04 -2.06 -2.42
C GLN A 116 -9.28 -2.62 -3.10
N ASN A 117 -9.10 -3.35 -4.18
CA ASN A 117 -10.21 -4.04 -4.76
C ASN A 117 -10.45 -5.36 -4.07
N ASN A 118 -9.38 -6.03 -3.72
CA ASN A 118 -9.49 -7.32 -3.01
C ASN A 118 -9.73 -7.08 -1.53
N ALA A 119 -8.81 -6.38 -0.90
CA ALA A 119 -8.90 -6.10 0.53
C ALA A 119 -9.63 -4.78 0.73
N LYS A 120 -10.73 -4.64 0.01
CA LYS A 120 -11.52 -3.44 -0.03
C LYS A 120 -12.15 -3.16 1.33
N PRO A 121 -11.77 -2.03 1.98
CA PRO A 121 -12.31 -1.64 3.27
C PRO A 121 -13.73 -1.07 3.10
N GLU A 122 -14.61 -1.97 2.77
CA GLU A 122 -16.01 -1.72 2.51
C GLU A 122 -16.75 -2.93 2.99
N GLN A 123 -16.27 -4.06 2.54
CA GLN A 123 -16.80 -5.34 2.92
C GLN A 123 -15.79 -6.00 3.84
N LYS A 124 -16.02 -7.23 4.16
CA LYS A 124 -15.11 -8.00 4.93
C LYS A 124 -14.86 -9.29 4.18
N GLU A 125 -13.74 -9.93 4.44
CA GLU A 125 -13.43 -11.18 3.81
C GLU A 125 -14.23 -12.33 4.43
N GLY A 126 -15.51 -12.30 4.12
CA GLY A 126 -16.47 -13.31 4.49
C GLY A 126 -17.54 -13.36 3.43
N ASP A 127 -17.20 -12.79 2.28
CA ASP A 127 -18.05 -12.73 1.12
C ASP A 127 -17.20 -13.03 -0.07
N THR A 128 -17.43 -14.18 -0.65
CA THR A 128 -16.63 -14.64 -1.75
C THR A 128 -16.94 -13.84 -3.01
N LYS A 129 -18.19 -13.35 -3.11
CA LYS A 129 -18.69 -12.56 -4.24
C LYS A 129 -18.62 -13.44 -5.50
N ASP A 130 -18.84 -14.72 -5.28
CA ASP A 130 -18.77 -15.72 -6.32
C ASP A 130 -20.16 -15.92 -6.89
N LYS A 131 -20.24 -15.96 -8.19
CA LYS A 131 -21.50 -16.07 -8.91
C LYS A 131 -21.20 -16.18 -10.40
N LYS A 132 -20.34 -15.30 -10.86
CA LYS A 132 -19.96 -15.27 -12.25
C LYS A 132 -18.46 -14.99 -12.36
N ASP A 133 -17.70 -16.06 -12.45
CA ASP A 133 -16.24 -15.96 -12.53
C ASP A 133 -15.82 -15.63 -13.93
N GLU A 134 -16.32 -16.43 -14.86
CA GLU A 134 -15.97 -16.35 -16.28
C GLU A 134 -14.53 -16.77 -16.53
N GLU A 135 -14.14 -16.80 -17.77
CA GLU A 135 -12.83 -17.27 -18.13
C GLU A 135 -11.84 -16.13 -18.18
N GLU A 136 -11.24 -15.85 -17.02
CA GLU A 136 -10.21 -14.80 -16.81
C GLU A 136 -10.84 -13.38 -16.86
N ASP A 137 -11.53 -13.12 -17.96
CA ASP A 137 -12.18 -11.85 -18.26
C ASP A 137 -11.17 -10.74 -18.45
N MET A 138 -10.54 -10.76 -19.58
CA MET A 138 -9.45 -9.85 -19.88
C MET A 138 -9.52 -9.39 -21.33
N SER A 139 -8.52 -8.59 -21.73
CA SER A 139 -8.31 -8.04 -23.10
C SER A 139 -9.35 -7.00 -23.52
N LEU A 140 -10.59 -7.27 -23.23
CA LEU A 140 -11.67 -6.37 -23.54
C LEU A 140 -11.66 -5.15 -22.62
N ASP A 141 -11.10 -5.33 -21.43
CA ASP A 141 -10.98 -4.26 -20.45
C ASP A 141 -10.02 -4.68 -19.37
N SER A 1 10.45 14.94 17.17
CA SER A 1 11.75 15.44 17.60
C SER A 1 11.96 15.20 19.10
N ASN A 2 11.49 14.04 19.62
CA ASN A 2 11.66 13.70 21.04
C ASN A 2 13.12 13.57 21.40
N ALA A 3 13.72 12.45 21.10
CA ALA A 3 15.13 12.28 21.35
C ALA A 3 15.89 12.29 20.04
N ILE A 4 15.16 12.36 18.95
CA ILE A 4 15.76 12.41 17.64
C ILE A 4 15.81 13.83 17.15
N LEU A 5 16.96 14.43 17.25
CA LEU A 5 17.19 15.75 16.74
C LEU A 5 18.17 15.63 15.60
N ALA A 6 17.64 15.35 14.44
CA ALA A 6 18.46 15.06 13.28
C ALA A 6 17.67 15.25 12.00
N THR A 7 16.76 16.20 11.99
CA THR A 7 16.00 16.45 10.79
C THR A 7 16.89 17.23 9.80
N MET A 8 17.57 18.27 10.33
CA MET A 8 18.53 19.14 9.60
C MET A 8 18.05 19.62 8.22
N ASN A 9 18.26 18.83 7.20
CA ASN A 9 17.82 19.17 5.86
C ASN A 9 16.54 18.44 5.57
N VAL A 10 15.50 19.17 5.28
CA VAL A 10 14.20 18.59 5.01
C VAL A 10 13.85 18.76 3.53
N PRO A 11 14.13 17.75 2.70
CA PRO A 11 13.79 17.80 1.28
C PRO A 11 12.32 17.41 1.05
N ALA A 12 11.79 16.61 2.00
CA ALA A 12 10.41 16.12 1.97
C ALA A 12 10.17 15.20 0.74
N GLY A 13 8.92 14.94 0.46
CA GLY A 13 8.57 14.10 -0.66
C GLY A 13 7.07 14.08 -0.85
N PRO A 14 6.56 14.68 -1.94
CA PRO A 14 5.12 14.67 -2.25
C PRO A 14 4.59 13.25 -2.43
N ALA A 15 5.25 12.51 -3.35
CA ALA A 15 4.93 11.14 -3.72
C ALA A 15 3.58 11.04 -4.43
N GLY A 16 2.54 11.44 -3.75
CA GLY A 16 1.23 11.44 -4.32
C GLY A 16 0.96 12.77 -4.99
N GLY A 17 -0.27 13.05 -5.27
CA GLY A 17 -0.59 14.28 -5.93
C GLY A 17 -0.67 14.11 -7.43
N GLN A 18 -1.87 14.28 -7.96
CA GLN A 18 -2.17 14.23 -9.39
C GLN A 18 -2.11 12.81 -9.94
N GLN A 19 -0.91 12.29 -10.11
CA GLN A 19 -0.73 10.99 -10.69
C GLN A 19 -0.76 9.92 -9.64
N VAL A 20 -1.96 9.36 -9.45
CA VAL A 20 -2.26 8.30 -8.49
C VAL A 20 -1.72 8.61 -7.10
N ASP A 21 -2.51 9.30 -6.30
CA ASP A 21 -2.08 9.59 -4.95
C ASP A 21 -2.09 8.33 -4.14
N LEU A 22 -0.91 7.80 -3.96
CA LEU A 22 -0.67 6.58 -3.25
C LEU A 22 -1.24 6.54 -1.83
N ALA A 23 -1.33 7.67 -1.17
CA ALA A 23 -1.78 7.69 0.22
C ALA A 23 -3.30 7.70 0.32
N SER A 24 -3.95 8.09 -0.74
CA SER A 24 -5.38 8.07 -0.77
C SER A 24 -5.87 6.69 -1.21
N VAL A 25 -5.09 6.03 -2.03
CA VAL A 25 -5.45 4.72 -2.49
C VAL A 25 -4.95 3.64 -1.50
N LEU A 26 -3.77 3.84 -0.96
CA LEU A 26 -3.19 2.95 0.02
C LEU A 26 -3.01 3.71 1.32
N THR A 27 -3.92 3.49 2.22
CA THR A 27 -3.93 4.16 3.48
C THR A 27 -2.99 3.48 4.50
N PRO A 28 -2.62 4.20 5.62
CA PRO A 28 -1.73 3.66 6.66
C PRO A 28 -2.19 2.30 7.21
N GLU A 29 -3.51 2.05 7.21
CA GLU A 29 -4.06 0.77 7.69
C GLU A 29 -3.65 -0.40 6.77
N ILE A 30 -3.54 -0.11 5.48
CA ILE A 30 -3.25 -1.13 4.50
C ILE A 30 -1.75 -1.39 4.44
N MET A 31 -0.97 -0.33 4.50
CA MET A 31 0.48 -0.44 4.41
C MET A 31 1.11 -0.93 5.71
N ALA A 32 0.42 -0.74 6.82
CA ALA A 32 0.93 -1.06 8.18
C ALA A 32 1.63 -2.43 8.32
N PRO A 33 0.97 -3.59 8.02
CA PRO A 33 1.58 -4.91 8.23
C PRO A 33 2.70 -5.21 7.23
N ILE A 34 2.69 -4.50 6.13
CA ILE A 34 3.68 -4.69 5.09
C ILE A 34 4.93 -3.91 5.45
N LEU A 35 4.73 -2.63 5.68
CA LEU A 35 5.76 -1.66 5.94
C LEU A 35 6.51 -1.98 7.23
N ALA A 36 5.87 -2.71 8.13
CA ALA A 36 6.46 -3.11 9.39
C ALA A 36 7.53 -4.17 9.21
N ASN A 37 7.53 -4.84 8.08
CA ASN A 37 8.48 -5.92 7.86
C ASN A 37 9.85 -5.35 7.54
N ALA A 38 10.84 -5.77 8.30
CA ALA A 38 12.21 -5.31 8.16
C ALA A 38 12.78 -5.58 6.75
N ASP A 39 12.34 -6.67 6.15
CA ASP A 39 12.81 -7.11 4.81
C ASP A 39 12.39 -6.09 3.74
N VAL A 40 11.17 -5.56 3.86
CA VAL A 40 10.69 -4.58 2.90
C VAL A 40 11.36 -3.25 3.18
N GLN A 41 11.58 -2.96 4.46
CA GLN A 41 12.23 -1.74 4.88
C GLN A 41 13.64 -1.66 4.33
N GLU A 42 14.29 -2.81 4.21
CA GLU A 42 15.59 -2.89 3.63
C GLU A 42 15.58 -2.44 2.18
N ARG A 43 14.53 -2.78 1.45
CA ARG A 43 14.41 -2.30 0.06
C ARG A 43 14.08 -0.80 -0.03
N LEU A 44 13.42 -0.29 0.99
CA LEU A 44 13.03 1.12 1.03
C LEU A 44 14.17 2.01 1.55
N LEU A 45 15.14 1.39 2.22
CA LEU A 45 16.32 2.06 2.79
C LEU A 45 17.01 3.12 1.89
N PRO A 46 17.35 2.83 0.61
CA PRO A 46 18.03 3.81 -0.26
C PRO A 46 17.17 5.07 -0.51
N TYR A 47 15.88 4.97 -0.28
CA TYR A 47 14.97 6.05 -0.58
C TYR A 47 14.38 6.63 0.71
N LEU A 48 14.94 6.20 1.84
CA LEU A 48 14.47 6.61 3.17
C LEU A 48 14.43 8.15 3.30
N PRO A 49 13.25 8.71 3.64
CA PRO A 49 13.03 10.15 3.79
C PRO A 49 13.92 10.78 4.85
N SER A 50 14.46 11.94 4.54
CA SER A 50 15.36 12.61 5.42
C SER A 50 14.58 13.32 6.54
N GLY A 51 14.94 13.01 7.77
CA GLY A 51 14.28 13.56 8.92
C GLY A 51 13.45 12.51 9.60
N GLU A 52 12.92 11.63 8.80
CA GLU A 52 12.13 10.52 9.26
C GLU A 52 13.03 9.30 9.49
N SER A 53 12.42 8.21 9.82
CA SER A 53 13.10 6.96 10.07
C SER A 53 12.15 5.84 9.71
N LEU A 54 12.59 4.61 9.85
CA LEU A 54 11.75 3.47 9.57
C LEU A 54 10.95 3.11 10.81
N PRO A 55 9.63 3.28 10.79
CA PRO A 55 8.81 2.90 11.91
C PRO A 55 8.69 1.39 11.97
N GLN A 56 8.96 0.85 13.11
CA GLN A 56 9.06 -0.60 13.27
C GLN A 56 7.71 -1.23 13.53
N THR A 57 7.02 -0.77 14.52
CA THR A 57 5.73 -1.33 14.84
C THR A 57 4.63 -0.69 13.99
N ALA A 58 3.62 -1.48 13.64
CA ALA A 58 2.49 -1.00 12.84
C ALA A 58 1.80 0.19 13.53
N ASP A 59 1.79 0.14 14.84
CA ASP A 59 1.26 1.20 15.68
C ASP A 59 2.01 2.52 15.46
N GLU A 60 3.34 2.49 15.53
CA GLU A 60 4.11 3.72 15.36
C GLU A 60 4.06 4.18 13.90
N ILE A 61 3.82 3.24 12.99
CA ILE A 61 3.62 3.58 11.57
C ILE A 61 2.43 4.52 11.43
N GLN A 62 1.37 4.22 12.16
CA GLN A 62 0.17 5.04 12.12
C GLN A 62 0.48 6.39 12.76
N ASN A 63 1.12 6.32 13.91
CA ASN A 63 1.42 7.49 14.75
C ASN A 63 2.41 8.46 14.12
N THR A 64 3.50 7.94 13.60
CA THR A 64 4.55 8.76 13.05
C THR A 64 4.22 9.24 11.63
N LEU A 65 3.65 8.38 10.79
CA LEU A 65 3.48 8.75 9.42
C LEU A 65 2.19 9.52 9.22
N THR A 66 1.09 8.91 9.65
CA THR A 66 -0.27 9.47 9.59
C THR A 66 -0.70 9.93 8.16
N SER A 67 -0.26 11.10 7.74
CA SER A 67 -0.63 11.61 6.43
C SER A 67 0.59 12.20 5.65
N PRO A 68 1.19 13.37 6.08
CA PRO A 68 2.28 14.00 5.30
C PRO A 68 3.55 13.13 5.24
N GLN A 69 3.98 12.65 6.40
CA GLN A 69 5.16 11.83 6.51
C GLN A 69 4.87 10.45 5.93
N PHE A 70 3.60 10.11 5.87
CA PHE A 70 3.15 8.84 5.31
C PHE A 70 3.31 8.84 3.81
N GLN A 71 2.84 9.91 3.16
CA GLN A 71 2.97 10.03 1.70
C GLN A 71 4.44 9.91 1.32
N GLN A 72 5.27 10.55 2.11
CA GLN A 72 6.70 10.57 1.90
C GLN A 72 7.28 9.14 2.05
N ALA A 73 6.87 8.44 3.11
CA ALA A 73 7.34 7.09 3.37
C ALA A 73 6.76 6.10 2.35
N LEU A 74 5.59 6.38 1.88
CA LEU A 74 4.96 5.57 0.88
C LEU A 74 5.63 5.84 -0.48
N GLY A 75 6.29 6.98 -0.59
CA GLY A 75 7.07 7.31 -1.77
C GLY A 75 8.25 6.38 -1.95
N MET A 76 8.96 6.10 -0.84
CA MET A 76 10.10 5.16 -0.89
C MET A 76 9.60 3.75 -1.20
N PHE A 77 8.39 3.46 -0.72
CA PHE A 77 7.71 2.20 -0.96
C PHE A 77 7.45 2.06 -2.46
N SER A 78 6.91 3.12 -3.05
CA SER A 78 6.61 3.20 -4.46
C SER A 78 7.88 2.96 -5.30
N ALA A 79 8.98 3.56 -4.87
CA ALA A 79 10.24 3.45 -5.57
C ALA A 79 10.73 2.00 -5.62
N ALA A 80 10.65 1.32 -4.49
CA ALA A 80 11.08 -0.07 -4.41
C ALA A 80 10.11 -0.99 -5.17
N LEU A 81 8.84 -0.60 -5.17
CA LEU A 81 7.79 -1.35 -5.85
C LEU A 81 8.02 -1.28 -7.36
N ALA A 82 8.15 -0.08 -7.89
CA ALA A 82 8.35 0.12 -9.33
C ALA A 82 9.66 -0.48 -9.80
N SER A 83 10.63 -0.51 -8.91
CA SER A 83 11.92 -1.11 -9.16
C SER A 83 11.77 -2.64 -9.35
N GLY A 84 10.72 -3.20 -8.76
CA GLY A 84 10.48 -4.62 -8.85
C GLY A 84 11.06 -5.35 -7.65
N GLN A 85 11.86 -4.63 -6.88
CA GLN A 85 12.56 -5.20 -5.73
C GLN A 85 11.63 -5.45 -4.56
N LEU A 86 10.48 -4.85 -4.59
CA LEU A 86 9.51 -5.04 -3.52
C LEU A 86 8.40 -5.97 -4.02
N GLY A 87 8.59 -6.47 -5.22
CA GLY A 87 7.61 -7.32 -5.86
C GLY A 87 7.43 -8.67 -5.21
N PRO A 88 8.48 -9.53 -5.22
CA PRO A 88 8.43 -10.87 -4.61
C PRO A 88 8.09 -10.81 -3.12
N LEU A 89 8.39 -9.68 -2.53
CA LEU A 89 8.17 -9.44 -1.12
C LEU A 89 6.68 -9.39 -0.77
N MET A 90 5.84 -9.16 -1.75
CA MET A 90 4.40 -9.11 -1.49
C MET A 90 3.83 -10.50 -1.31
N CYS A 91 4.55 -11.49 -1.79
CA CYS A 91 4.10 -12.85 -1.72
C CYS A 91 4.22 -13.37 -0.27
N GLN A 92 5.12 -12.76 0.51
CA GLN A 92 5.33 -13.19 1.90
C GLN A 92 4.29 -12.59 2.84
N PHE A 93 3.37 -11.81 2.29
CA PHE A 93 2.31 -11.20 3.09
C PHE A 93 0.96 -11.81 2.74
N GLY A 94 0.98 -12.78 1.83
CA GLY A 94 -0.25 -13.40 1.36
C GLY A 94 -1.12 -12.41 0.61
N LEU A 95 -0.49 -11.51 -0.11
CA LEU A 95 -1.20 -10.47 -0.84
C LEU A 95 -1.94 -11.02 -2.04
N PRO A 96 -3.09 -10.39 -2.38
CA PRO A 96 -3.88 -10.71 -3.57
C PRO A 96 -3.02 -10.93 -4.81
N ALA A 97 -3.47 -11.84 -5.65
CA ALA A 97 -2.75 -12.23 -6.85
C ALA A 97 -2.47 -11.06 -7.77
N GLU A 98 -3.45 -10.19 -7.94
CA GLU A 98 -3.29 -9.02 -8.81
C GLU A 98 -2.26 -8.06 -8.21
N ALA A 99 -2.29 -7.95 -6.91
CA ALA A 99 -1.43 -7.06 -6.18
C ALA A 99 0.01 -7.54 -6.25
N VAL A 100 0.22 -8.83 -5.95
CA VAL A 100 1.56 -9.38 -5.97
C VAL A 100 2.13 -9.37 -7.42
N GLU A 101 1.25 -9.60 -8.39
CA GLU A 101 1.63 -9.54 -9.79
C GLU A 101 2.15 -8.13 -10.15
N ALA A 102 1.36 -7.12 -9.80
CA ALA A 102 1.68 -5.72 -10.08
C ALA A 102 2.97 -5.31 -9.41
N ALA A 103 3.19 -5.81 -8.21
CA ALA A 103 4.39 -5.52 -7.47
C ALA A 103 5.61 -6.11 -8.17
N ASN A 104 5.48 -7.37 -8.62
CA ASN A 104 6.56 -8.06 -9.36
C ASN A 104 6.86 -7.38 -10.67
N LYS A 105 5.83 -6.85 -11.30
CA LYS A 105 5.99 -6.15 -12.55
C LYS A 105 6.54 -4.74 -12.30
N GLY A 106 6.33 -4.24 -11.12
CA GLY A 106 6.81 -2.94 -10.77
C GLY A 106 5.86 -1.86 -11.21
N ASP A 107 4.58 -2.15 -11.14
CA ASP A 107 3.60 -1.18 -11.54
C ASP A 107 2.87 -0.69 -10.31
N VAL A 108 3.11 0.54 -9.93
CA VAL A 108 2.56 1.08 -8.70
C VAL A 108 1.09 1.42 -8.81
N GLU A 109 0.65 1.83 -9.98
CA GLU A 109 -0.72 2.24 -10.15
C GLU A 109 -1.65 1.03 -10.24
N ALA A 110 -1.15 -0.05 -10.85
CA ALA A 110 -1.89 -1.30 -10.88
C ALA A 110 -1.97 -1.89 -9.50
N PHE A 111 -0.84 -1.87 -8.79
CA PHE A 111 -0.75 -2.39 -7.43
C PHE A 111 -1.74 -1.68 -6.56
N ALA A 112 -1.69 -0.36 -6.60
CA ALA A 112 -2.56 0.49 -5.81
C ALA A 112 -4.03 0.12 -5.99
N LYS A 113 -4.44 0.00 -7.25
CA LYS A 113 -5.82 -0.29 -7.58
C LYS A 113 -6.19 -1.70 -7.12
N ALA A 114 -5.41 -2.67 -7.55
CA ALA A 114 -5.69 -4.08 -7.27
C ALA A 114 -5.60 -4.39 -5.78
N MET A 115 -4.75 -3.68 -5.07
CA MET A 115 -4.59 -3.86 -3.67
C MET A 115 -5.85 -3.41 -2.93
N GLN A 116 -6.33 -2.22 -3.26
CA GLN A 116 -7.48 -1.67 -2.55
C GLN A 116 -8.77 -2.39 -2.93
N ASN A 117 -8.87 -2.87 -4.15
CA ASN A 117 -10.10 -3.53 -4.55
C ASN A 117 -10.11 -5.01 -4.20
N ASN A 118 -8.96 -5.57 -3.86
CA ASN A 118 -8.89 -6.97 -3.44
C ASN A 118 -8.73 -7.11 -1.93
N ALA A 119 -7.66 -6.51 -1.40
CA ALA A 119 -7.28 -6.68 0.01
C ALA A 119 -8.25 -5.99 0.92
N LYS A 120 -8.90 -4.98 0.41
CA LYS A 120 -9.94 -4.32 1.15
C LYS A 120 -11.25 -4.81 0.54
N PRO A 121 -11.90 -5.78 1.18
CA PRO A 121 -13.09 -6.38 0.61
C PRO A 121 -14.32 -5.49 0.74
N GLU A 122 -14.57 -4.72 -0.28
CA GLU A 122 -15.76 -3.94 -0.35
C GLU A 122 -16.85 -4.78 -0.97
N GLN A 123 -17.48 -5.55 -0.13
CA GLN A 123 -18.52 -6.47 -0.50
C GLN A 123 -19.37 -6.61 0.75
N LYS A 124 -20.63 -6.30 0.66
CA LYS A 124 -21.51 -6.44 1.78
C LYS A 124 -22.71 -7.30 1.45
N GLU A 125 -23.56 -6.80 0.56
CA GLU A 125 -24.82 -7.43 0.16
C GLU A 125 -25.79 -7.48 1.37
N GLY A 126 -25.59 -8.42 2.27
CA GLY A 126 -26.38 -8.50 3.49
C GLY A 126 -27.84 -8.85 3.26
N ASP A 127 -28.69 -7.84 3.21
CA ASP A 127 -30.13 -8.03 3.03
C ASP A 127 -30.43 -8.02 1.55
N THR A 128 -30.86 -9.15 1.06
CA THR A 128 -31.01 -9.36 -0.34
C THR A 128 -32.35 -8.81 -0.88
N LYS A 129 -33.48 -9.19 -0.25
CA LYS A 129 -34.84 -8.75 -0.68
C LYS A 129 -35.15 -9.16 -2.13
N ASP A 130 -34.54 -10.26 -2.56
CA ASP A 130 -34.70 -10.75 -3.93
C ASP A 130 -36.08 -11.40 -4.05
N LYS A 131 -36.54 -11.55 -5.28
CA LYS A 131 -37.85 -12.11 -5.65
C LYS A 131 -38.96 -11.12 -5.44
N LYS A 132 -39.18 -10.77 -4.19
CA LYS A 132 -40.23 -9.85 -3.78
C LYS A 132 -39.70 -9.07 -2.59
N ASP A 133 -40.14 -7.84 -2.42
CA ASP A 133 -39.69 -7.02 -1.29
C ASP A 133 -40.62 -7.33 -0.11
N GLU A 134 -40.66 -8.62 0.24
CA GLU A 134 -41.56 -9.21 1.22
C GLU A 134 -43.02 -9.01 0.84
N GLU A 135 -43.67 -8.05 1.46
CA GLU A 135 -45.05 -7.75 1.18
C GLU A 135 -45.40 -6.39 1.70
N GLU A 136 -46.50 -5.87 1.20
CA GLU A 136 -47.02 -4.56 1.54
C GLU A 136 -48.30 -4.35 0.76
N ASP A 137 -48.25 -4.80 -0.49
CA ASP A 137 -49.28 -4.54 -1.50
C ASP A 137 -49.24 -3.07 -1.78
N MET A 138 -48.26 -2.71 -2.57
CA MET A 138 -47.97 -1.32 -2.84
C MET A 138 -48.91 -0.78 -3.90
N SER A 139 -50.12 -0.53 -3.49
CA SER A 139 -51.14 -0.04 -4.39
C SER A 139 -51.33 1.47 -4.27
N LEU A 140 -51.41 1.97 -3.04
CA LEU A 140 -51.59 3.41 -2.85
C LEU A 140 -50.26 4.09 -2.52
N ASP A 141 -49.32 3.29 -2.09
CA ASP A 141 -47.98 3.70 -1.74
C ASP A 141 -47.04 2.59 -2.10
N SER A 1 34.98 11.39 13.70
CA SER A 1 33.80 11.30 12.87
C SER A 1 32.84 10.26 13.42
N ASN A 2 31.72 10.70 13.94
CA ASN A 2 30.71 9.79 14.49
C ASN A 2 29.57 9.54 13.50
N ALA A 3 29.79 8.60 12.57
CA ALA A 3 28.82 8.23 11.52
C ALA A 3 28.37 9.48 10.75
N ILE A 4 29.33 10.27 10.35
CA ILE A 4 29.08 11.52 9.68
C ILE A 4 28.63 11.29 8.26
N LEU A 5 27.40 11.66 8.00
CA LEU A 5 26.83 11.58 6.69
C LEU A 5 27.32 12.82 5.93
N ALA A 6 28.25 12.63 5.02
CA ALA A 6 28.85 13.73 4.28
C ALA A 6 28.52 13.65 2.79
N THR A 7 27.49 12.92 2.47
CA THR A 7 27.04 12.85 1.12
C THR A 7 25.58 13.29 1.06
N MET A 8 25.35 14.54 0.72
CA MET A 8 23.99 15.04 0.65
C MET A 8 23.34 14.70 -0.68
N ASN A 9 22.37 13.84 -0.63
CA ASN A 9 21.65 13.43 -1.80
C ASN A 9 20.20 13.61 -1.53
N VAL A 10 19.52 14.30 -2.39
CA VAL A 10 18.10 14.52 -2.21
C VAL A 10 17.32 13.32 -2.73
N PRO A 11 16.17 13.03 -2.12
CA PRO A 11 15.32 11.95 -2.56
C PRO A 11 14.38 12.40 -3.68
N ALA A 12 13.46 11.56 -4.03
CA ALA A 12 12.56 11.84 -5.11
C ALA A 12 11.24 11.17 -4.87
N GLY A 13 10.38 11.29 -5.84
CA GLY A 13 9.13 10.63 -5.82
C GLY A 13 8.95 9.93 -7.13
N PRO A 14 8.55 8.66 -7.14
CA PRO A 14 8.36 7.89 -8.36
C PRO A 14 7.40 8.56 -9.34
N ALA A 15 7.90 8.77 -10.56
CA ALA A 15 7.21 9.39 -11.69
C ALA A 15 7.04 10.90 -11.54
N GLY A 16 7.42 11.62 -12.57
CA GLY A 16 7.24 13.06 -12.63
C GLY A 16 5.83 13.37 -13.07
N GLY A 17 4.89 12.95 -12.28
CA GLY A 17 3.51 13.07 -12.58
C GLY A 17 2.81 11.92 -11.94
N GLN A 18 2.30 12.13 -10.77
CA GLN A 18 1.73 11.07 -9.98
C GLN A 18 0.22 11.04 -10.12
N GLN A 19 -0.28 10.05 -10.79
CA GLN A 19 -1.70 9.83 -10.90
C GLN A 19 -2.08 8.78 -9.88
N VAL A 20 -3.30 8.87 -9.34
CA VAL A 20 -3.75 8.01 -8.25
C VAL A 20 -2.98 8.33 -6.98
N ASP A 21 -3.62 9.02 -6.05
CA ASP A 21 -2.93 9.36 -4.81
C ASP A 21 -2.72 8.13 -3.99
N LEU A 22 -1.48 7.73 -3.92
CA LEU A 22 -1.06 6.56 -3.20
C LEU A 22 -1.54 6.49 -1.75
N ALA A 23 -1.62 7.60 -1.07
CA ALA A 23 -1.98 7.62 0.34
C ALA A 23 -3.48 7.43 0.56
N SER A 24 -4.26 7.78 -0.45
CA SER A 24 -5.70 7.65 -0.37
C SER A 24 -6.13 6.23 -0.72
N VAL A 25 -5.48 5.64 -1.68
CA VAL A 25 -5.80 4.30 -2.11
C VAL A 25 -5.12 3.26 -1.19
N LEU A 26 -3.88 3.53 -0.84
CA LEU A 26 -3.13 2.67 0.04
C LEU A 26 -2.92 3.44 1.33
N THR A 27 -3.81 3.25 2.24
CA THR A 27 -3.83 3.99 3.46
C THR A 27 -2.88 3.40 4.52
N PRO A 28 -2.50 4.21 5.54
CA PRO A 28 -1.61 3.79 6.63
C PRO A 28 -2.06 2.51 7.33
N GLU A 29 -3.37 2.29 7.40
CA GLU A 29 -3.92 1.10 8.05
C GLU A 29 -3.55 -0.18 7.29
N ILE A 30 -3.50 -0.08 5.97
CA ILE A 30 -3.17 -1.23 5.14
C ILE A 30 -1.67 -1.47 5.19
N MET A 31 -0.93 -0.38 5.23
CA MET A 31 0.51 -0.41 5.19
C MET A 31 1.15 -0.72 6.52
N ALA A 32 0.35 -0.76 7.57
CA ALA A 32 0.84 -1.02 8.92
C ALA A 32 1.56 -2.40 9.04
N PRO A 33 0.90 -3.55 8.72
CA PRO A 33 1.55 -4.87 8.84
C PRO A 33 2.64 -5.07 7.77
N ILE A 34 2.54 -4.33 6.68
CA ILE A 34 3.48 -4.44 5.59
C ILE A 34 4.80 -3.77 5.96
N LEU A 35 4.72 -2.51 6.39
CA LEU A 35 5.91 -1.75 6.74
C LEU A 35 6.50 -2.19 8.07
N ALA A 36 5.74 -2.95 8.84
CA ALA A 36 6.23 -3.48 10.12
C ALA A 36 7.19 -4.65 9.88
N ASN A 37 7.36 -5.00 8.62
CA ASN A 37 8.26 -6.04 8.25
C ASN A 37 9.54 -5.41 7.75
N ALA A 38 10.61 -5.59 8.49
CA ALA A 38 11.90 -4.95 8.18
C ALA A 38 12.45 -5.38 6.82
N ASP A 39 11.97 -6.49 6.34
CA ASP A 39 12.32 -7.02 5.03
C ASP A 39 11.97 -6.00 3.92
N VAL A 40 10.81 -5.36 4.05
CA VAL A 40 10.38 -4.37 3.08
C VAL A 40 11.15 -3.08 3.31
N GLN A 41 11.39 -2.79 4.60
CA GLN A 41 12.12 -1.60 5.01
C GLN A 41 13.53 -1.61 4.41
N GLU A 42 14.10 -2.80 4.37
CA GLU A 42 15.41 -3.05 3.82
C GLU A 42 15.46 -2.59 2.35
N ARG A 43 14.41 -2.90 1.60
CA ARG A 43 14.36 -2.47 0.17
C ARG A 43 14.00 -1.01 -0.01
N LEU A 44 13.38 -0.43 0.99
CA LEU A 44 13.02 0.99 0.96
C LEU A 44 14.21 1.88 1.34
N LEU A 45 15.20 1.29 2.01
CA LEU A 45 16.41 2.00 2.46
C LEU A 45 17.14 2.85 1.38
N PRO A 46 17.40 2.34 0.14
CA PRO A 46 18.07 3.14 -0.92
C PRO A 46 17.20 4.32 -1.41
N TYR A 47 15.94 4.31 -1.04
CA TYR A 47 15.00 5.32 -1.48
C TYR A 47 14.52 6.17 -0.32
N LEU A 48 15.05 5.88 0.86
CA LEU A 48 14.60 6.49 2.10
C LEU A 48 14.91 8.02 2.10
N PRO A 49 13.85 8.87 2.20
CA PRO A 49 13.99 10.34 2.16
C PRO A 49 14.83 10.92 3.30
N SER A 50 15.36 12.10 3.08
CA SER A 50 16.24 12.75 4.02
C SER A 50 15.50 13.14 5.29
N GLY A 51 15.88 12.55 6.40
CA GLY A 51 15.26 12.85 7.65
C GLY A 51 14.40 11.72 8.13
N GLU A 52 13.98 10.86 7.23
CA GLU A 52 13.13 9.75 7.56
C GLU A 52 13.88 8.67 8.30
N SER A 53 13.15 7.85 8.95
CA SER A 53 13.64 6.74 9.69
C SER A 53 12.62 5.63 9.55
N LEU A 54 12.98 4.44 9.92
CA LEU A 54 12.11 3.29 9.77
C LEU A 54 11.36 2.99 11.06
N PRO A 55 10.04 3.20 11.09
CA PRO A 55 9.23 2.82 12.23
C PRO A 55 9.07 1.30 12.24
N GLN A 56 9.31 0.71 13.38
CA GLN A 56 9.36 -0.74 13.51
C GLN A 56 8.00 -1.38 13.73
N THR A 57 7.27 -0.92 14.71
CA THR A 57 5.98 -1.51 15.01
C THR A 57 4.85 -0.75 14.32
N ALA A 58 3.75 -1.44 14.07
CA ALA A 58 2.57 -0.86 13.41
C ALA A 58 2.08 0.40 14.12
N ASP A 59 2.16 0.36 15.45
CA ASP A 59 1.77 1.49 16.32
C ASP A 59 2.52 2.76 15.95
N GLU A 60 3.83 2.68 15.97
CA GLU A 60 4.68 3.83 15.71
C GLU A 60 4.58 4.23 14.24
N ILE A 61 4.28 3.27 13.36
CA ILE A 61 4.06 3.56 11.96
C ILE A 61 2.85 4.47 11.82
N GLN A 62 1.76 4.10 12.49
CA GLN A 62 0.52 4.89 12.43
C GLN A 62 0.72 6.26 13.07
N ASN A 63 1.47 6.28 14.15
CA ASN A 63 1.72 7.51 14.89
C ASN A 63 2.63 8.47 14.16
N THR A 64 3.60 7.93 13.44
CA THR A 64 4.55 8.78 12.76
C THR A 64 4.09 9.09 11.32
N LEU A 65 3.54 8.12 10.66
CA LEU A 65 3.19 8.26 9.27
C LEU A 65 1.68 8.27 9.12
N THR A 66 1.08 9.44 9.16
CA THR A 66 -0.35 9.53 9.02
C THR A 66 -0.78 10.28 7.74
N SER A 67 -0.05 11.34 7.37
CA SER A 67 -0.40 12.08 6.18
C SER A 67 0.83 12.50 5.29
N PRO A 68 1.54 13.70 5.51
CA PRO A 68 2.68 14.07 4.65
C PRO A 68 3.83 13.09 4.80
N GLN A 69 4.09 12.72 6.05
CA GLN A 69 5.16 11.79 6.39
C GLN A 69 4.90 10.45 5.71
N PHE A 70 3.63 10.11 5.60
CA PHE A 70 3.21 8.87 5.01
C PHE A 70 3.44 8.90 3.50
N GLN A 71 3.13 10.03 2.86
CA GLN A 71 3.38 10.17 1.42
C GLN A 71 4.87 10.08 1.09
N GLN A 72 5.68 10.49 2.03
CA GLN A 72 7.13 10.39 1.89
C GLN A 72 7.57 8.93 2.00
N ALA A 73 7.09 8.26 3.04
CA ALA A 73 7.40 6.86 3.28
C ALA A 73 6.82 5.97 2.19
N LEU A 74 5.62 6.28 1.77
CA LEU A 74 4.95 5.52 0.74
C LEU A 74 5.59 5.84 -0.62
N GLY A 75 6.26 6.97 -0.69
CA GLY A 75 7.00 7.34 -1.86
C GLY A 75 8.18 6.42 -2.07
N MET A 76 8.95 6.18 -1.00
CA MET A 76 10.10 5.26 -1.08
C MET A 76 9.61 3.83 -1.28
N PHE A 77 8.43 3.56 -0.74
CA PHE A 77 7.77 2.27 -0.92
C PHE A 77 7.49 2.05 -2.39
N SER A 78 6.82 3.02 -2.99
CA SER A 78 6.45 2.96 -4.40
C SER A 78 7.70 2.96 -5.30
N ALA A 79 8.77 3.55 -4.82
CA ALA A 79 10.03 3.57 -5.53
C ALA A 79 10.58 2.14 -5.61
N ALA A 80 10.65 1.46 -4.48
CA ALA A 80 11.13 0.08 -4.41
C ALA A 80 10.16 -0.87 -5.13
N LEU A 81 8.89 -0.49 -5.12
CA LEU A 81 7.84 -1.21 -5.83
C LEU A 81 8.11 -1.11 -7.32
N ALA A 82 8.38 0.10 -7.79
CA ALA A 82 8.68 0.36 -9.20
C ALA A 82 9.94 -0.40 -9.64
N SER A 83 10.86 -0.54 -8.71
CA SER A 83 12.09 -1.26 -8.94
C SER A 83 11.85 -2.80 -9.03
N GLY A 84 10.66 -3.24 -8.62
CA GLY A 84 10.33 -4.66 -8.64
C GLY A 84 11.00 -5.42 -7.51
N GLN A 85 11.68 -4.70 -6.65
CA GLN A 85 12.46 -5.29 -5.56
C GLN A 85 11.56 -5.57 -4.38
N LEU A 86 10.44 -4.91 -4.38
CA LEU A 86 9.44 -5.05 -3.35
C LEU A 86 8.31 -5.96 -3.87
N GLY A 87 8.54 -6.52 -5.04
CA GLY A 87 7.57 -7.37 -5.71
C GLY A 87 7.32 -8.69 -5.01
N PRO A 88 8.34 -9.60 -4.94
CA PRO A 88 8.20 -10.92 -4.29
C PRO A 88 7.76 -10.82 -2.83
N LEU A 89 8.04 -9.68 -2.24
CA LEU A 89 7.74 -9.40 -0.86
C LEU A 89 6.26 -9.34 -0.59
N MET A 90 5.46 -9.06 -1.60
CA MET A 90 4.02 -8.99 -1.41
C MET A 90 3.41 -10.36 -1.26
N CYS A 91 4.13 -11.36 -1.73
CA CYS A 91 3.64 -12.72 -1.69
C CYS A 91 3.66 -13.25 -0.26
N GLN A 92 4.62 -12.78 0.56
CA GLN A 92 4.79 -13.29 1.92
C GLN A 92 3.70 -12.74 2.85
N PHE A 93 3.02 -11.69 2.40
CA PHE A 93 1.95 -11.10 3.19
C PHE A 93 0.62 -11.72 2.79
N GLY A 94 0.65 -12.56 1.78
CA GLY A 94 -0.57 -13.17 1.29
C GLY A 94 -1.42 -12.17 0.55
N LEU A 95 -0.77 -11.26 -0.14
CA LEU A 95 -1.45 -10.24 -0.90
C LEU A 95 -2.00 -10.81 -2.21
N PRO A 96 -3.02 -10.13 -2.78
CA PRO A 96 -3.64 -10.54 -4.05
C PRO A 96 -2.61 -10.83 -5.16
N ALA A 97 -2.91 -11.83 -5.98
CA ALA A 97 -2.06 -12.21 -7.10
C ALA A 97 -1.90 -11.06 -8.07
N GLU A 98 -2.94 -10.26 -8.18
CA GLU A 98 -2.92 -9.07 -9.02
C GLU A 98 -1.93 -8.05 -8.47
N ALA A 99 -1.91 -7.94 -7.15
CA ALA A 99 -1.07 -6.97 -6.47
C ALA A 99 0.39 -7.39 -6.55
N VAL A 100 0.67 -8.63 -6.20
CA VAL A 100 2.05 -9.12 -6.23
C VAL A 100 2.62 -9.08 -7.67
N GLU A 101 1.78 -9.34 -8.66
CA GLU A 101 2.17 -9.26 -10.06
C GLU A 101 2.59 -7.83 -10.36
N ALA A 102 1.71 -6.86 -10.06
CA ALA A 102 1.96 -5.45 -10.30
C ALA A 102 3.20 -4.96 -9.57
N ALA A 103 3.43 -5.50 -8.38
CA ALA A 103 4.59 -5.14 -7.58
C ALA A 103 5.89 -5.64 -8.23
N ASN A 104 5.80 -6.76 -8.94
CA ASN A 104 6.95 -7.29 -9.67
C ASN A 104 7.15 -6.53 -10.96
N LYS A 105 6.05 -6.09 -11.55
CA LYS A 105 6.11 -5.33 -12.80
C LYS A 105 6.60 -3.92 -12.51
N GLY A 106 6.40 -3.48 -11.29
CA GLY A 106 6.79 -2.16 -10.89
C GLY A 106 5.74 -1.14 -11.25
N ASP A 107 4.50 -1.57 -11.31
CA ASP A 107 3.42 -0.71 -11.70
C ASP A 107 2.68 -0.28 -10.44
N VAL A 108 2.94 0.93 -9.99
CA VAL A 108 2.39 1.43 -8.74
C VAL A 108 0.87 1.65 -8.83
N GLU A 109 0.42 2.05 -10.00
CA GLU A 109 -0.98 2.32 -10.27
C GLU A 109 -1.78 1.02 -10.20
N ALA A 110 -1.31 0.01 -10.92
CA ALA A 110 -1.96 -1.28 -10.95
C ALA A 110 -1.95 -1.92 -9.57
N PHE A 111 -0.83 -1.76 -8.85
CA PHE A 111 -0.72 -2.32 -7.49
C PHE A 111 -1.78 -1.71 -6.58
N ALA A 112 -1.88 -0.38 -6.62
CA ALA A 112 -2.84 0.36 -5.81
C ALA A 112 -4.27 -0.13 -6.09
N LYS A 113 -4.56 -0.27 -7.37
CA LYS A 113 -5.87 -0.70 -7.85
C LYS A 113 -6.14 -2.11 -7.38
N ALA A 114 -5.18 -2.99 -7.64
CA ALA A 114 -5.30 -4.40 -7.36
C ALA A 114 -5.51 -4.68 -5.88
N MET A 115 -4.93 -3.85 -5.05
CA MET A 115 -5.09 -3.97 -3.61
C MET A 115 -6.52 -3.68 -3.22
N GLN A 116 -7.04 -2.55 -3.68
CA GLN A 116 -8.37 -2.14 -3.30
C GLN A 116 -9.48 -2.98 -3.93
N ASN A 117 -9.27 -3.46 -5.14
CA ASN A 117 -10.31 -4.25 -5.81
C ASN A 117 -10.33 -5.70 -5.36
N ASN A 118 -9.20 -6.20 -4.90
CA ASN A 118 -9.11 -7.59 -4.45
C ASN A 118 -9.32 -7.76 -2.98
N ALA A 119 -8.54 -7.03 -2.18
CA ALA A 119 -8.56 -7.21 -0.73
C ALA A 119 -9.90 -6.78 -0.16
N LYS A 120 -10.11 -5.45 -0.06
CA LYS A 120 -11.36 -4.83 0.45
C LYS A 120 -11.98 -5.65 1.63
N PRO A 121 -11.40 -5.51 2.85
CA PRO A 121 -11.74 -6.38 4.01
C PRO A 121 -13.22 -6.50 4.32
N GLU A 122 -13.94 -5.41 4.14
CA GLU A 122 -15.37 -5.39 4.42
C GLU A 122 -16.17 -6.25 3.43
N GLN A 123 -15.68 -6.37 2.22
CA GLN A 123 -16.41 -7.08 1.20
C GLN A 123 -15.93 -8.53 1.15
N LYS A 124 -16.02 -9.15 2.27
CA LYS A 124 -15.86 -10.55 2.50
C LYS A 124 -16.85 -10.87 3.55
N GLU A 125 -18.04 -11.09 3.08
CA GLU A 125 -19.21 -11.18 3.90
C GLU A 125 -19.46 -12.58 4.41
N GLY A 126 -18.93 -13.57 3.73
CA GLY A 126 -19.12 -14.91 4.16
C GLY A 126 -18.21 -15.89 3.45
N ASP A 127 -17.60 -16.76 4.21
CA ASP A 127 -16.80 -17.84 3.67
C ASP A 127 -17.66 -19.09 3.59
N THR A 128 -17.82 -19.77 4.74
CA THR A 128 -18.65 -20.96 4.93
C THR A 128 -18.25 -22.16 3.99
N LYS A 129 -18.46 -21.99 2.68
CA LYS A 129 -18.16 -22.97 1.62
C LYS A 129 -18.89 -24.30 1.83
N ASP A 130 -20.03 -24.22 2.49
CA ASP A 130 -20.83 -25.38 2.78
C ASP A 130 -22.26 -24.98 2.94
N LYS A 131 -23.07 -25.31 1.99
CA LYS A 131 -24.48 -24.97 2.06
C LYS A 131 -25.29 -26.22 2.43
N LYS A 132 -24.80 -27.38 1.98
CA LYS A 132 -25.41 -28.69 2.20
C LYS A 132 -26.88 -28.72 1.66
N ASP A 133 -27.62 -29.79 1.94
CA ASP A 133 -29.03 -29.88 1.54
C ASP A 133 -29.74 -30.90 2.41
N GLU A 134 -29.05 -32.03 2.62
CA GLU A 134 -29.52 -33.15 3.46
C GLU A 134 -30.56 -34.03 2.81
N GLU A 135 -30.26 -35.30 2.77
CA GLU A 135 -31.12 -36.27 2.16
C GLU A 135 -31.84 -36.98 3.31
N GLU A 136 -33.14 -36.85 3.35
CA GLU A 136 -33.95 -37.40 4.41
C GLU A 136 -35.21 -38.04 3.82
N ASP A 137 -35.30 -37.97 2.50
CA ASP A 137 -36.52 -38.31 1.73
C ASP A 137 -37.72 -37.59 2.29
N MET A 138 -37.99 -36.45 1.73
CA MET A 138 -39.04 -35.58 2.19
C MET A 138 -40.44 -36.14 1.86
N SER A 139 -40.49 -37.09 0.96
CA SER A 139 -41.75 -37.67 0.53
C SER A 139 -41.99 -39.02 1.21
N LEU A 140 -41.09 -39.37 2.14
CA LEU A 140 -41.17 -40.65 2.84
C LEU A 140 -42.43 -40.73 3.70
N ASP A 141 -42.65 -39.74 4.53
CA ASP A 141 -43.82 -39.72 5.36
C ASP A 141 -44.85 -38.83 4.74
N SER A 1 23.57 -6.29 22.03
CA SER A 1 23.08 -5.20 22.84
C SER A 1 22.16 -4.27 22.03
N ASN A 2 21.92 -4.63 20.75
CA ASN A 2 20.98 -3.93 19.85
C ASN A 2 21.44 -2.55 19.40
N ALA A 3 20.85 -2.14 18.32
CA ALA A 3 20.98 -0.83 17.77
C ALA A 3 19.62 -0.45 17.25
N ILE A 4 18.82 0.14 18.12
CA ILE A 4 17.45 0.44 17.79
C ILE A 4 17.37 1.67 16.92
N LEU A 5 17.36 1.39 15.65
CA LEU A 5 17.38 2.32 14.54
C LEU A 5 17.59 1.42 13.33
N ALA A 6 18.34 0.34 13.59
CA ALA A 6 18.68 -0.71 12.64
C ALA A 6 19.72 -0.24 11.65
N THR A 7 19.28 0.50 10.67
CA THR A 7 20.15 0.99 9.65
C THR A 7 19.58 2.32 9.15
N MET A 8 20.37 3.36 9.18
CA MET A 8 19.90 4.63 8.64
C MET A 8 20.13 4.61 7.15
N ASN A 9 21.29 4.05 6.77
CA ASN A 9 21.70 3.84 5.38
C ASN A 9 21.99 5.17 4.66
N VAL A 10 22.75 5.10 3.57
CA VAL A 10 22.95 6.25 2.71
C VAL A 10 21.96 6.16 1.51
N PRO A 11 20.79 6.79 1.62
CA PRO A 11 19.74 6.66 0.63
C PRO A 11 19.88 7.59 -0.58
N ALA A 12 19.88 8.91 -0.31
CA ALA A 12 19.82 9.96 -1.35
C ALA A 12 18.45 9.89 -2.03
N GLY A 13 17.48 9.38 -1.27
CA GLY A 13 16.15 9.17 -1.77
C GLY A 13 15.24 10.34 -1.47
N PRO A 14 14.61 10.91 -2.49
CA PRO A 14 13.66 12.00 -2.32
C PRO A 14 12.20 11.50 -2.42
N ALA A 15 12.02 10.18 -2.23
CA ALA A 15 10.72 9.48 -2.39
C ALA A 15 10.29 9.49 -3.87
N GLY A 16 9.11 8.98 -4.17
CA GLY A 16 8.62 8.95 -5.52
C GLY A 16 7.17 8.55 -5.55
N GLY A 17 6.55 8.59 -6.70
CA GLY A 17 5.16 8.22 -6.81
C GLY A 17 4.42 9.16 -7.72
N GLN A 18 4.63 9.00 -9.01
CA GLN A 18 4.01 9.86 -9.99
C GLN A 18 2.64 9.35 -10.43
N GLN A 19 1.75 10.30 -10.73
CA GLN A 19 0.40 10.07 -11.30
C GLN A 19 -0.61 9.46 -10.30
N VAL A 20 -0.17 8.51 -9.51
CA VAL A 20 -1.02 7.85 -8.53
C VAL A 20 -0.88 8.55 -7.21
N ASP A 21 -1.99 8.94 -6.60
CA ASP A 21 -1.91 9.52 -5.29
C ASP A 21 -1.95 8.39 -4.31
N LEU A 22 -0.79 8.01 -3.90
CA LEU A 22 -0.58 6.83 -3.10
C LEU A 22 -1.26 6.86 -1.73
N ALA A 23 -1.32 8.00 -1.10
CA ALA A 23 -1.85 8.08 0.26
C ALA A 23 -3.37 8.01 0.30
N SER A 24 -4.00 8.37 -0.79
CA SER A 24 -5.43 8.34 -0.85
C SER A 24 -5.95 6.95 -1.23
N VAL A 25 -5.16 6.20 -1.99
CA VAL A 25 -5.56 4.87 -2.41
C VAL A 25 -5.08 3.79 -1.40
N LEU A 26 -3.93 4.01 -0.80
CA LEU A 26 -3.40 3.10 0.18
C LEU A 26 -3.22 3.83 1.48
N THR A 27 -4.00 3.51 2.46
CA THR A 27 -3.98 4.19 3.70
C THR A 27 -2.99 3.55 4.70
N PRO A 28 -2.48 4.34 5.69
CA PRO A 28 -1.53 3.87 6.72
C PRO A 28 -1.98 2.60 7.42
N GLU A 29 -3.27 2.45 7.63
CA GLU A 29 -3.83 1.25 8.25
C GLU A 29 -3.60 0.01 7.39
N ILE A 30 -3.86 0.14 6.10
CA ILE A 30 -3.68 -0.98 5.16
C ILE A 30 -2.19 -1.33 5.05
N MET A 31 -1.37 -0.30 5.02
CA MET A 31 0.06 -0.46 4.75
C MET A 31 0.85 -0.77 6.02
N ALA A 32 0.19 -0.71 7.17
CA ALA A 32 0.84 -0.92 8.47
C ALA A 32 1.56 -2.28 8.60
N PRO A 33 0.89 -3.46 8.35
CA PRO A 33 1.54 -4.77 8.48
C PRO A 33 2.61 -5.01 7.42
N ILE A 34 2.59 -4.20 6.39
CA ILE A 34 3.55 -4.33 5.34
C ILE A 34 4.84 -3.63 5.73
N LEU A 35 4.74 -2.34 6.06
CA LEU A 35 5.92 -1.53 6.41
C LEU A 35 6.52 -1.92 7.76
N ALA A 36 5.76 -2.63 8.57
CA ALA A 36 6.24 -3.09 9.87
C ALA A 36 7.20 -4.28 9.73
N ASN A 37 7.33 -4.76 8.52
CA ASN A 37 8.24 -5.86 8.23
C ASN A 37 9.59 -5.32 7.82
N ALA A 38 10.61 -5.75 8.55
CA ALA A 38 12.00 -5.30 8.34
C ALA A 38 12.48 -5.54 6.92
N ASP A 39 11.98 -6.61 6.33
CA ASP A 39 12.33 -7.03 4.96
C ASP A 39 12.00 -5.95 3.94
N VAL A 40 10.81 -5.35 4.08
CA VAL A 40 10.42 -4.31 3.14
C VAL A 40 11.20 -3.05 3.43
N GLN A 41 11.48 -2.83 4.71
CA GLN A 41 12.27 -1.68 5.16
C GLN A 41 13.65 -1.71 4.53
N GLU A 42 14.23 -2.91 4.40
CA GLU A 42 15.50 -3.10 3.74
C GLU A 42 15.44 -2.61 2.30
N ARG A 43 14.33 -2.88 1.63
CA ARG A 43 14.12 -2.45 0.24
C ARG A 43 13.82 -0.96 0.12
N LEU A 44 13.24 -0.39 1.13
CA LEU A 44 12.88 1.03 1.13
C LEU A 44 14.06 1.94 1.47
N LEU A 45 15.04 1.38 2.18
CA LEU A 45 16.28 2.09 2.59
C LEU A 45 16.96 2.95 1.48
N PRO A 46 17.21 2.42 0.24
CA PRO A 46 17.87 3.21 -0.80
C PRO A 46 17.04 4.43 -1.25
N TYR A 47 15.77 4.45 -0.90
CA TYR A 47 14.88 5.50 -1.35
C TYR A 47 14.41 6.34 -0.18
N LEU A 48 14.94 6.02 1.00
CA LEU A 48 14.55 6.66 2.27
C LEU A 48 14.74 8.20 2.23
N PRO A 49 13.67 8.96 2.51
CA PRO A 49 13.72 10.42 2.54
C PRO A 49 14.47 10.93 3.76
N SER A 50 15.23 11.96 3.57
CA SER A 50 16.05 12.51 4.61
C SER A 50 15.16 13.17 5.68
N GLY A 51 15.51 12.97 6.93
CA GLY A 51 14.74 13.54 8.00
C GLY A 51 13.72 12.55 8.54
N GLU A 52 13.59 11.42 7.88
CA GLU A 52 12.66 10.40 8.31
C GLU A 52 13.42 9.18 8.79
N SER A 53 12.70 8.20 9.29
CA SER A 53 13.26 6.97 9.76
C SER A 53 12.25 5.86 9.56
N LEU A 54 12.64 4.63 9.84
CA LEU A 54 11.80 3.47 9.63
C LEU A 54 11.02 3.15 10.91
N PRO A 55 9.68 3.30 10.93
CA PRO A 55 8.90 2.89 12.07
C PRO A 55 8.90 1.37 12.16
N GLN A 56 9.25 0.88 13.31
CA GLN A 56 9.48 -0.54 13.50
C GLN A 56 8.20 -1.34 13.68
N THR A 57 7.19 -0.75 14.22
CA THR A 57 5.97 -1.48 14.46
C THR A 57 4.77 -0.73 13.89
N ALA A 58 3.70 -1.48 13.62
CA ALA A 58 2.46 -0.97 13.02
C ALA A 58 1.90 0.21 13.80
N ASP A 59 1.95 0.12 15.11
CA ASP A 59 1.47 1.17 15.99
C ASP A 59 2.27 2.45 15.79
N GLU A 60 3.60 2.33 15.76
CA GLU A 60 4.46 3.48 15.55
C GLU A 60 4.27 4.05 14.16
N ILE A 61 3.91 3.19 13.21
CA ILE A 61 3.60 3.60 11.85
C ILE A 61 2.45 4.60 11.84
N GLN A 62 1.40 4.32 12.60
CA GLN A 62 0.25 5.23 12.67
C GLN A 62 0.65 6.57 13.29
N ASN A 63 1.62 6.51 14.19
CA ASN A 63 2.13 7.71 14.87
C ASN A 63 2.93 8.58 13.92
N THR A 64 3.99 8.02 13.38
CA THR A 64 4.89 8.75 12.55
C THR A 64 4.29 9.00 11.15
N LEU A 65 3.69 8.00 10.58
CA LEU A 65 3.21 8.11 9.24
C LEU A 65 1.71 8.35 9.22
N THR A 66 1.35 9.60 9.36
CA THR A 66 -0.03 10.01 9.31
C THR A 66 -0.47 10.23 7.88
N SER A 67 0.06 11.26 7.27
CA SER A 67 -0.21 11.57 5.89
C SER A 67 1.01 12.21 5.18
N PRO A 68 1.59 13.36 5.65
CA PRO A 68 2.74 13.98 4.96
C PRO A 68 3.95 13.04 4.94
N GLN A 69 4.36 12.61 6.13
CA GLN A 69 5.47 11.67 6.28
C GLN A 69 5.12 10.33 5.65
N PHE A 70 3.84 10.02 5.63
CA PHE A 70 3.36 8.79 5.06
C PHE A 70 3.55 8.78 3.56
N GLN A 71 3.27 9.91 2.91
CA GLN A 71 3.48 10.03 1.45
C GLN A 71 4.95 9.88 1.09
N GLN A 72 5.79 10.25 2.02
CA GLN A 72 7.21 10.15 1.84
C GLN A 72 7.65 8.69 2.00
N ALA A 73 7.16 8.05 3.05
CA ALA A 73 7.47 6.64 3.33
C ALA A 73 6.82 5.72 2.31
N LEU A 74 5.61 6.03 1.93
CA LEU A 74 4.91 5.27 0.92
C LEU A 74 5.49 5.62 -0.44
N GLY A 75 6.14 6.76 -0.50
CA GLY A 75 6.81 7.18 -1.68
C GLY A 75 8.06 6.36 -1.93
N MET A 76 8.85 6.13 -0.88
CA MET A 76 10.02 5.28 -1.00
C MET A 76 9.59 3.84 -1.25
N PHE A 77 8.42 3.51 -0.72
CA PHE A 77 7.77 2.23 -0.95
C PHE A 77 7.45 2.10 -2.44
N SER A 78 6.80 3.13 -2.97
CA SER A 78 6.43 3.22 -4.38
C SER A 78 7.66 3.08 -5.26
N ALA A 79 8.74 3.71 -4.84
CA ALA A 79 9.99 3.67 -5.56
C ALA A 79 10.56 2.26 -5.61
N ALA A 80 10.60 1.60 -4.45
CA ALA A 80 11.12 0.23 -4.36
C ALA A 80 10.21 -0.74 -5.14
N LEU A 81 8.92 -0.45 -5.12
CA LEU A 81 7.93 -1.22 -5.84
C LEU A 81 8.19 -1.08 -7.34
N ALA A 82 8.35 0.16 -7.78
CA ALA A 82 8.62 0.48 -9.18
C ALA A 82 9.91 -0.17 -9.68
N SER A 83 10.87 -0.29 -8.80
CA SER A 83 12.15 -0.92 -9.10
C SER A 83 12.03 -2.46 -9.15
N GLY A 84 10.90 -2.99 -8.68
CA GLY A 84 10.66 -4.44 -8.71
C GLY A 84 11.32 -5.16 -7.55
N GLN A 85 11.96 -4.41 -6.67
CA GLN A 85 12.67 -5.00 -5.54
C GLN A 85 11.72 -5.35 -4.43
N LEU A 86 10.60 -4.68 -4.41
CA LEU A 86 9.61 -4.86 -3.38
C LEU A 86 8.50 -5.79 -3.89
N GLY A 87 8.69 -6.28 -5.09
CA GLY A 87 7.72 -7.14 -5.75
C GLY A 87 7.52 -8.49 -5.09
N PRO A 88 8.55 -9.37 -5.08
CA PRO A 88 8.46 -10.73 -4.49
C PRO A 88 8.05 -10.70 -3.01
N LEU A 89 8.29 -9.59 -2.36
CA LEU A 89 8.00 -9.42 -0.96
C LEU A 89 6.50 -9.42 -0.67
N MET A 90 5.68 -9.07 -1.66
CA MET A 90 4.23 -9.01 -1.44
C MET A 90 3.62 -10.38 -1.28
N CYS A 91 4.33 -11.38 -1.78
CA CYS A 91 3.86 -12.74 -1.76
C CYS A 91 3.74 -13.26 -0.31
N GLN A 92 4.68 -12.86 0.54
CA GLN A 92 4.75 -13.39 1.92
C GLN A 92 3.66 -12.80 2.83
N PHE A 93 2.91 -11.83 2.33
CA PHE A 93 1.85 -11.22 3.10
C PHE A 93 0.50 -11.84 2.72
N GLY A 94 0.49 -12.63 1.66
CA GLY A 94 -0.75 -13.22 1.18
C GLY A 94 -1.56 -12.22 0.38
N LEU A 95 -0.88 -11.37 -0.34
CA LEU A 95 -1.50 -10.35 -1.16
C LEU A 95 -1.98 -10.92 -2.48
N PRO A 96 -2.99 -10.27 -3.10
CA PRO A 96 -3.56 -10.69 -4.39
C PRO A 96 -2.49 -11.02 -5.44
N ALA A 97 -2.72 -12.06 -6.22
CA ALA A 97 -1.77 -12.52 -7.22
C ALA A 97 -1.52 -11.47 -8.30
N GLU A 98 -2.53 -10.67 -8.56
CA GLU A 98 -2.43 -9.62 -9.54
C GLU A 98 -1.64 -8.43 -8.96
N ALA A 99 -1.79 -8.24 -7.66
CA ALA A 99 -1.11 -7.18 -6.96
C ALA A 99 0.37 -7.49 -6.83
N VAL A 100 0.69 -8.73 -6.44
CA VAL A 100 2.09 -9.14 -6.35
C VAL A 100 2.75 -9.09 -7.73
N GLU A 101 1.99 -9.44 -8.78
CA GLU A 101 2.48 -9.31 -10.15
C GLU A 101 2.80 -7.84 -10.46
N ALA A 102 1.88 -6.95 -10.11
CA ALA A 102 2.06 -5.52 -10.34
C ALA A 102 3.26 -4.99 -9.57
N ALA A 103 3.45 -5.50 -8.38
CA ALA A 103 4.57 -5.13 -7.54
C ALA A 103 5.89 -5.59 -8.15
N ASN A 104 5.87 -6.74 -8.82
CA ASN A 104 7.06 -7.25 -9.50
C ASN A 104 7.34 -6.42 -10.74
N LYS A 105 6.28 -6.09 -11.47
CA LYS A 105 6.41 -5.27 -12.67
C LYS A 105 6.80 -3.85 -12.35
N GLY A 106 6.50 -3.42 -11.17
CA GLY A 106 6.81 -2.08 -10.78
C GLY A 106 5.71 -1.12 -11.16
N ASP A 107 4.49 -1.62 -11.26
CA ASP A 107 3.37 -0.79 -11.61
C ASP A 107 2.65 -0.42 -10.35
N VAL A 108 2.76 0.83 -9.96
CA VAL A 108 2.20 1.27 -8.71
C VAL A 108 0.69 1.44 -8.76
N GLU A 109 0.14 1.77 -9.93
CA GLU A 109 -1.30 1.98 -10.01
C GLU A 109 -2.04 0.67 -10.04
N ALA A 110 -1.49 -0.30 -10.76
CA ALA A 110 -2.10 -1.61 -10.85
C ALA A 110 -2.09 -2.27 -9.49
N PHE A 111 -0.99 -2.09 -8.76
CA PHE A 111 -0.87 -2.61 -7.41
C PHE A 111 -1.93 -1.98 -6.53
N ALA A 112 -1.94 -0.64 -6.50
CA ALA A 112 -2.87 0.13 -5.67
C ALA A 112 -4.32 -0.25 -5.94
N LYS A 113 -4.67 -0.33 -7.21
CA LYS A 113 -6.01 -0.71 -7.64
C LYS A 113 -6.37 -2.10 -7.22
N ALA A 114 -5.50 -3.03 -7.52
CA ALA A 114 -5.79 -4.42 -7.26
C ALA A 114 -5.90 -4.72 -5.76
N MET A 115 -5.13 -3.99 -4.97
CA MET A 115 -5.16 -4.12 -3.51
C MET A 115 -6.53 -3.80 -2.96
N GLN A 116 -7.01 -2.59 -3.25
CA GLN A 116 -8.29 -2.14 -2.71
C GLN A 116 -9.51 -2.83 -3.32
N ASN A 117 -9.32 -3.46 -4.47
CA ASN A 117 -10.38 -4.21 -5.09
C ASN A 117 -10.57 -5.56 -4.43
N ASN A 118 -9.46 -6.21 -4.12
CA ASN A 118 -9.51 -7.53 -3.47
C ASN A 118 -9.77 -7.39 -2.00
N ALA A 119 -9.09 -6.46 -1.36
CA ALA A 119 -9.35 -6.14 0.03
C ALA A 119 -10.54 -5.20 0.09
N LYS A 120 -11.66 -5.77 -0.29
CA LYS A 120 -12.95 -5.11 -0.37
C LYS A 120 -13.32 -4.56 1.02
N PRO A 121 -13.75 -3.26 1.11
CA PRO A 121 -14.16 -2.66 2.39
C PRO A 121 -15.46 -3.28 2.95
N GLU A 122 -15.29 -4.45 3.50
CA GLU A 122 -16.30 -5.28 4.12
C GLU A 122 -15.59 -6.54 4.58
N GLN A 123 -14.67 -6.98 3.72
CA GLN A 123 -13.78 -8.11 3.91
C GLN A 123 -14.53 -9.37 4.36
N LYS A 124 -15.02 -10.11 3.39
CA LYS A 124 -15.75 -11.32 3.65
C LYS A 124 -15.58 -12.28 2.49
N GLU A 125 -15.03 -13.42 2.74
CA GLU A 125 -14.85 -14.37 1.69
C GLU A 125 -15.90 -15.47 1.79
N GLY A 126 -16.46 -15.82 0.65
CA GLY A 126 -17.45 -16.85 0.59
C GLY A 126 -18.82 -16.29 0.33
N ASP A 127 -19.08 -15.93 -0.90
CA ASP A 127 -20.40 -15.43 -1.28
C ASP A 127 -21.14 -16.56 -1.95
N THR A 128 -22.16 -17.05 -1.30
CA THR A 128 -22.87 -18.20 -1.79
C THR A 128 -24.05 -17.79 -2.69
N LYS A 129 -24.31 -18.58 -3.70
CA LYS A 129 -25.41 -18.35 -4.62
C LYS A 129 -26.70 -18.84 -3.98
N ASP A 130 -27.49 -17.91 -3.55
CA ASP A 130 -28.75 -18.22 -2.90
C ASP A 130 -29.90 -17.82 -3.78
N LYS A 131 -30.79 -18.77 -4.07
CA LYS A 131 -31.94 -18.47 -4.93
C LYS A 131 -33.01 -17.70 -4.18
N LYS A 132 -33.16 -18.02 -2.91
CA LYS A 132 -34.07 -17.37 -1.97
C LYS A 132 -35.55 -17.42 -2.38
N ASP A 133 -35.95 -16.50 -3.23
CA ASP A 133 -37.32 -16.31 -3.62
C ASP A 133 -37.71 -17.22 -4.79
N GLU A 134 -37.64 -16.74 -6.00
CA GLU A 134 -37.92 -17.54 -7.15
C GLU A 134 -36.61 -17.97 -7.73
N GLU A 135 -36.51 -19.22 -8.11
CA GLU A 135 -35.27 -19.75 -8.60
C GLU A 135 -35.31 -19.90 -10.11
N GLU A 136 -34.47 -19.16 -10.77
CA GLU A 136 -34.42 -19.15 -12.19
C GLU A 136 -33.05 -19.54 -12.68
N ASP A 137 -33.00 -20.47 -13.59
CA ASP A 137 -31.75 -20.87 -14.21
C ASP A 137 -31.52 -19.95 -15.40
N MET A 138 -30.27 -19.72 -15.75
CA MET A 138 -29.89 -18.90 -16.89
C MET A 138 -30.51 -19.44 -18.19
N SER A 139 -30.68 -20.74 -18.27
CA SER A 139 -31.24 -21.37 -19.43
C SER A 139 -32.75 -21.63 -19.28
N LEU A 140 -33.35 -21.07 -18.24
CA LEU A 140 -34.77 -21.26 -17.99
C LEU A 140 -35.57 -20.25 -18.80
N ASP A 141 -35.26 -18.99 -18.64
CA ASP A 141 -35.97 -17.94 -19.36
C ASP A 141 -35.09 -17.41 -20.44
N SER A 1 7.18 -0.09 19.63
CA SER A 1 7.06 0.78 20.76
C SER A 1 6.77 2.22 20.31
N ASN A 2 7.81 3.01 20.06
CA ASN A 2 7.63 4.41 19.69
C ASN A 2 8.67 4.85 18.68
N ALA A 3 8.32 5.82 17.91
CA ALA A 3 9.18 6.45 16.97
C ALA A 3 8.95 7.92 17.10
N ILE A 4 9.55 8.50 18.10
CA ILE A 4 9.33 9.88 18.42
C ILE A 4 10.17 10.77 17.52
N LEU A 5 9.68 10.94 16.34
CA LEU A 5 10.31 11.75 15.35
C LEU A 5 9.55 13.04 15.24
N ALA A 6 9.88 13.94 16.12
CA ALA A 6 9.27 15.23 16.20
C ALA A 6 10.10 16.12 17.09
N THR A 7 11.23 16.52 16.56
CA THR A 7 12.09 17.42 17.28
C THR A 7 11.53 18.84 17.08
N MET A 8 10.81 18.97 15.98
CA MET A 8 10.10 20.15 15.60
C MET A 8 8.84 19.64 14.96
N ASN A 9 7.72 20.28 15.21
CA ASN A 9 6.49 19.83 14.61
C ASN A 9 6.33 20.46 13.26
N VAL A 10 7.09 19.98 12.33
CA VAL A 10 7.06 20.47 11.00
C VAL A 10 6.49 19.42 10.08
N PRO A 11 5.41 19.74 9.37
CA PRO A 11 4.78 18.82 8.46
C PRO A 11 5.51 18.76 7.11
N ALA A 12 4.89 18.16 6.16
CA ALA A 12 5.42 18.03 4.84
C ALA A 12 4.26 18.01 3.89
N GLY A 13 4.43 18.64 2.77
CA GLY A 13 3.39 18.66 1.80
C GLY A 13 3.92 18.37 0.42
N PRO A 14 4.13 17.08 0.09
CA PRO A 14 4.58 16.70 -1.24
C PRO A 14 3.39 16.40 -2.17
N ALA A 15 2.20 16.88 -1.76
CA ALA A 15 0.94 16.75 -2.49
C ALA A 15 0.42 15.31 -2.53
N GLY A 16 1.14 14.46 -3.20
CA GLY A 16 0.75 13.09 -3.35
C GLY A 16 0.76 12.69 -4.81
N GLY A 17 -0.33 12.15 -5.26
CA GLY A 17 -0.44 11.73 -6.63
C GLY A 17 -1.54 12.45 -7.35
N GLN A 18 -1.26 12.94 -8.54
CA GLN A 18 -2.24 13.67 -9.32
C GLN A 18 -3.07 12.73 -10.19
N GLN A 19 -2.52 11.59 -10.50
CA GLN A 19 -3.23 10.58 -11.23
C GLN A 19 -3.92 9.69 -10.22
N VAL A 20 -3.14 8.90 -9.56
CA VAL A 20 -3.58 8.03 -8.52
C VAL A 20 -2.89 8.49 -7.28
N ASP A 21 -3.63 9.04 -6.35
CA ASP A 21 -3.00 9.47 -5.13
C ASP A 21 -2.71 8.30 -4.27
N LEU A 22 -1.45 8.08 -4.05
CA LEU A 22 -0.96 6.97 -3.30
C LEU A 22 -1.56 6.84 -1.88
N ALA A 23 -1.79 7.95 -1.21
CA ALA A 23 -2.27 7.90 0.17
C ALA A 23 -3.78 7.78 0.22
N SER A 24 -4.43 8.24 -0.81
CA SER A 24 -5.86 8.15 -0.93
C SER A 24 -6.27 6.70 -1.26
N VAL A 25 -5.45 6.03 -2.05
CA VAL A 25 -5.76 4.67 -2.44
C VAL A 25 -5.17 3.65 -1.41
N LEU A 26 -3.93 3.88 -0.99
CA LEU A 26 -3.28 3.01 -0.02
C LEU A 26 -3.28 3.72 1.31
N THR A 27 -3.96 3.17 2.26
CA THR A 27 -4.07 3.80 3.52
C THR A 27 -3.07 3.20 4.53
N PRO A 28 -2.67 4.00 5.56
CA PRO A 28 -1.68 3.57 6.55
C PRO A 28 -2.10 2.31 7.31
N GLU A 29 -3.40 2.10 7.46
CA GLU A 29 -3.90 0.91 8.14
C GLU A 29 -3.58 -0.36 7.35
N ILE A 30 -3.71 -0.27 6.04
CA ILE A 30 -3.44 -1.41 5.18
C ILE A 30 -1.96 -1.74 5.19
N MET A 31 -1.13 -0.72 5.10
CA MET A 31 0.28 -0.98 5.01
C MET A 31 1.03 -0.97 6.33
N ALA A 32 0.29 -0.89 7.42
CA ALA A 32 0.88 -0.99 8.75
C ALA A 32 1.58 -2.34 8.96
N PRO A 33 0.91 -3.52 8.72
CA PRO A 33 1.55 -4.83 8.89
C PRO A 33 2.66 -5.07 7.84
N ILE A 34 2.59 -4.33 6.73
CA ILE A 34 3.58 -4.46 5.68
C ILE A 34 4.87 -3.75 6.08
N LEU A 35 4.76 -2.49 6.44
CA LEU A 35 5.94 -1.69 6.80
C LEU A 35 6.57 -2.16 8.12
N ALA A 36 5.84 -2.94 8.89
CA ALA A 36 6.36 -3.51 10.14
C ALA A 36 7.33 -4.67 9.85
N ASN A 37 7.46 -5.02 8.59
CA ASN A 37 8.38 -6.02 8.16
C ASN A 37 9.72 -5.34 7.88
N ALA A 38 10.76 -5.76 8.53
CA ALA A 38 12.06 -5.12 8.42
C ALA A 38 12.72 -5.39 7.08
N ASP A 39 12.37 -6.51 6.47
CA ASP A 39 12.94 -6.93 5.20
C ASP A 39 12.43 -6.00 4.04
N VAL A 40 11.16 -5.62 4.12
CA VAL A 40 10.61 -4.67 3.15
C VAL A 40 11.23 -3.31 3.38
N GLN A 41 11.52 -3.01 4.66
CA GLN A 41 12.17 -1.78 5.06
C GLN A 41 13.53 -1.65 4.41
N GLU A 42 14.24 -2.77 4.28
CA GLU A 42 15.53 -2.82 3.63
C GLU A 42 15.41 -2.31 2.19
N ARG A 43 14.33 -2.66 1.52
CA ARG A 43 14.11 -2.20 0.12
C ARG A 43 13.78 -0.72 0.01
N LEU A 44 13.20 -0.15 1.05
CA LEU A 44 12.83 1.27 1.01
C LEU A 44 14.00 2.17 1.34
N LEU A 45 14.94 1.63 2.09
CA LEU A 45 16.14 2.36 2.54
C LEU A 45 16.95 3.08 1.43
N PRO A 46 17.23 2.46 0.24
CA PRO A 46 17.97 3.15 -0.84
C PRO A 46 17.26 4.42 -1.36
N TYR A 47 16.00 4.56 -0.99
CA TYR A 47 15.18 5.68 -1.40
C TYR A 47 14.79 6.57 -0.19
N LEU A 48 15.33 6.23 0.99
CA LEU A 48 14.98 6.88 2.28
C LEU A 48 15.11 8.42 2.25
N PRO A 49 14.02 9.15 2.55
CA PRO A 49 14.06 10.60 2.68
C PRO A 49 14.81 11.01 3.96
N SER A 50 15.59 12.06 3.87
CA SER A 50 16.39 12.54 4.98
C SER A 50 15.53 13.05 6.15
N GLY A 51 15.94 12.74 7.36
CA GLY A 51 15.26 13.20 8.55
C GLY A 51 14.34 12.13 9.13
N GLU A 52 13.72 11.37 8.27
CA GLU A 52 12.81 10.34 8.69
C GLU A 52 13.51 9.02 8.89
N SER A 53 12.84 8.12 9.54
CA SER A 53 13.33 6.81 9.81
C SER A 53 12.14 5.88 9.79
N LEU A 54 12.40 4.61 9.66
CA LEU A 54 11.36 3.62 9.59
C LEU A 54 10.95 3.12 10.96
N PRO A 55 9.68 3.28 11.33
CA PRO A 55 9.15 2.80 12.61
C PRO A 55 9.04 1.26 12.62
N GLN A 56 9.22 0.67 13.79
CA GLN A 56 9.23 -0.77 13.94
C GLN A 56 7.82 -1.37 14.01
N THR A 57 7.08 -1.05 15.05
CA THR A 57 5.74 -1.60 15.23
C THR A 57 4.68 -0.79 14.50
N ALA A 58 3.52 -1.38 14.29
CA ALA A 58 2.41 -0.71 13.60
C ALA A 58 1.98 0.54 14.35
N ASP A 59 2.06 0.48 15.68
CA ASP A 59 1.72 1.61 16.58
C ASP A 59 2.45 2.85 16.18
N GLU A 60 3.74 2.72 16.09
CA GLU A 60 4.60 3.81 15.79
C GLU A 60 4.52 4.18 14.31
N ILE A 61 4.22 3.19 13.46
CA ILE A 61 4.01 3.45 12.04
C ILE A 61 2.80 4.36 11.86
N GLN A 62 1.70 4.01 12.52
CA GLN A 62 0.47 4.78 12.41
C GLN A 62 0.62 6.20 12.94
N ASN A 63 1.36 6.36 14.04
CA ASN A 63 1.47 7.69 14.63
C ASN A 63 2.48 8.57 13.90
N THR A 64 3.48 7.96 13.35
CA THR A 64 4.53 8.70 12.71
C THR A 64 4.23 8.90 11.22
N LEU A 65 3.66 7.89 10.58
CA LEU A 65 3.37 7.97 9.19
C LEU A 65 1.87 8.01 9.00
N THR A 66 1.29 9.14 9.29
CA THR A 66 -0.13 9.29 9.18
C THR A 66 -0.47 9.89 7.81
N SER A 67 0.17 11.00 7.45
CA SER A 67 -0.09 11.59 6.17
C SER A 67 1.17 12.24 5.55
N PRO A 68 1.79 13.33 6.16
CA PRO A 68 2.96 13.98 5.56
C PRO A 68 4.14 13.04 5.38
N GLN A 69 4.58 12.41 6.48
CA GLN A 69 5.70 11.47 6.39
C GLN A 69 5.26 10.18 5.72
N PHE A 70 3.97 9.94 5.71
CA PHE A 70 3.42 8.75 5.09
C PHE A 70 3.55 8.85 3.58
N GLN A 71 3.25 10.00 3.00
CA GLN A 71 3.41 10.17 1.55
C GLN A 71 4.89 10.06 1.16
N GLN A 72 5.75 10.48 2.07
CA GLN A 72 7.18 10.36 1.86
C GLN A 72 7.59 8.89 1.87
N ALA A 73 7.14 8.17 2.89
CA ALA A 73 7.43 6.76 3.06
C ALA A 73 6.80 5.94 1.94
N LEU A 74 5.61 6.30 1.60
CA LEU A 74 4.87 5.63 0.54
C LEU A 74 5.51 5.95 -0.82
N GLY A 75 6.18 7.09 -0.89
CA GLY A 75 6.93 7.45 -2.06
C GLY A 75 8.10 6.50 -2.28
N MET A 76 8.88 6.27 -1.22
CA MET A 76 10.01 5.34 -1.32
C MET A 76 9.51 3.91 -1.47
N PHE A 77 8.35 3.63 -0.88
CA PHE A 77 7.67 2.35 -1.02
C PHE A 77 7.38 2.10 -2.50
N SER A 78 6.73 3.07 -3.12
CA SER A 78 6.38 3.02 -4.52
C SER A 78 7.62 2.93 -5.40
N ALA A 79 8.68 3.60 -4.99
CA ALA A 79 9.93 3.58 -5.74
C ALA A 79 10.56 2.17 -5.73
N ALA A 80 10.59 1.53 -4.57
CA ALA A 80 11.14 0.17 -4.45
C ALA A 80 10.23 -0.82 -5.19
N LEU A 81 8.96 -0.50 -5.21
CA LEU A 81 7.95 -1.29 -5.88
C LEU A 81 8.17 -1.18 -7.40
N ALA A 82 8.42 0.04 -7.86
CA ALA A 82 8.64 0.31 -9.28
C ALA A 82 9.84 -0.44 -9.83
N SER A 83 10.85 -0.63 -9.01
CA SER A 83 12.02 -1.38 -9.40
C SER A 83 11.74 -2.90 -9.36
N GLY A 84 10.70 -3.30 -8.64
CA GLY A 84 10.37 -4.70 -8.52
C GLY A 84 11.06 -5.34 -7.33
N GLN A 85 11.81 -4.54 -6.61
CA GLN A 85 12.56 -4.99 -5.44
C GLN A 85 11.63 -5.36 -4.31
N LEU A 86 10.50 -4.71 -4.29
CA LEU A 86 9.54 -4.90 -3.24
C LEU A 86 8.43 -5.88 -3.70
N GLY A 87 8.63 -6.44 -4.89
CA GLY A 87 7.65 -7.31 -5.50
C GLY A 87 7.41 -8.63 -4.77
N PRO A 88 8.44 -9.53 -4.71
CA PRO A 88 8.31 -10.88 -4.09
C PRO A 88 7.79 -10.87 -2.65
N LEU A 89 8.01 -9.78 -1.95
CA LEU A 89 7.62 -9.64 -0.57
C LEU A 89 6.10 -9.60 -0.43
N MET A 90 5.43 -9.08 -1.43
CA MET A 90 3.98 -8.90 -1.38
C MET A 90 3.26 -10.24 -1.39
N CYS A 91 3.88 -11.23 -1.98
CA CYS A 91 3.29 -12.55 -2.03
C CYS A 91 3.27 -13.15 -0.62
N GLN A 92 4.27 -12.79 0.18
CA GLN A 92 4.42 -13.31 1.53
C GLN A 92 3.36 -12.72 2.46
N PHE A 93 2.87 -11.53 2.14
CA PHE A 93 1.84 -10.90 2.96
C PHE A 93 0.47 -11.44 2.61
N GLY A 94 0.40 -12.22 1.56
CA GLY A 94 -0.86 -12.77 1.13
C GLY A 94 -1.65 -11.76 0.33
N LEU A 95 -0.95 -10.98 -0.44
CA LEU A 95 -1.59 -10.01 -1.28
C LEU A 95 -2.12 -10.63 -2.54
N PRO A 96 -3.18 -10.04 -3.13
CA PRO A 96 -3.78 -10.51 -4.37
C PRO A 96 -2.73 -10.75 -5.48
N ALA A 97 -2.97 -11.76 -6.30
CA ALA A 97 -2.06 -12.15 -7.38
C ALA A 97 -1.83 -11.01 -8.36
N GLU A 98 -2.86 -10.24 -8.59
CA GLU A 98 -2.78 -9.10 -9.49
C GLU A 98 -1.92 -8.01 -8.88
N ALA A 99 -2.03 -7.85 -7.58
CA ALA A 99 -1.28 -6.84 -6.86
C ALA A 99 0.18 -7.21 -6.81
N VAL A 100 0.48 -8.46 -6.45
CA VAL A 100 1.86 -8.89 -6.36
C VAL A 100 2.54 -8.92 -7.74
N GLU A 101 1.78 -9.25 -8.78
CA GLU A 101 2.29 -9.21 -10.15
C GLU A 101 2.74 -7.78 -10.46
N ALA A 102 1.88 -6.83 -10.15
CA ALA A 102 2.16 -5.41 -10.38
C ALA A 102 3.40 -4.97 -9.60
N ALA A 103 3.53 -5.48 -8.39
CA ALA A 103 4.67 -5.16 -7.52
C ALA A 103 5.98 -5.69 -8.09
N ASN A 104 5.91 -6.82 -8.76
CA ASN A 104 7.09 -7.42 -9.37
C ASN A 104 7.45 -6.70 -10.65
N LYS A 105 6.45 -6.33 -11.41
CA LYS A 105 6.66 -5.67 -12.69
C LYS A 105 6.96 -4.19 -12.51
N GLY A 106 6.54 -3.63 -11.40
CA GLY A 106 6.90 -2.28 -11.08
C GLY A 106 5.80 -1.28 -11.36
N ASP A 107 4.57 -1.74 -11.37
CA ASP A 107 3.47 -0.83 -11.63
C ASP A 107 2.76 -0.51 -10.35
N VAL A 108 3.03 0.66 -9.83
CA VAL A 108 2.48 1.09 -8.54
C VAL A 108 0.98 1.32 -8.62
N GLU A 109 0.51 1.64 -9.81
CA GLU A 109 -0.87 1.96 -10.03
C GLU A 109 -1.74 0.70 -10.02
N ALA A 110 -1.29 -0.33 -10.72
CA ALA A 110 -1.98 -1.60 -10.77
C ALA A 110 -1.96 -2.24 -9.40
N PHE A 111 -0.89 -2.02 -8.66
CA PHE A 111 -0.76 -2.51 -7.30
C PHE A 111 -1.81 -1.84 -6.43
N ALA A 112 -1.90 -0.52 -6.53
CA ALA A 112 -2.87 0.27 -5.80
C ALA A 112 -4.28 -0.18 -6.13
N LYS A 113 -4.52 -0.44 -7.40
CA LYS A 113 -5.80 -0.94 -7.87
C LYS A 113 -6.13 -2.25 -7.25
N ALA A 114 -5.31 -3.22 -7.57
CA ALA A 114 -5.59 -4.57 -7.25
C ALA A 114 -5.66 -4.83 -5.75
N MET A 115 -4.94 -4.03 -4.96
CA MET A 115 -4.98 -4.16 -3.52
C MET A 115 -6.36 -3.79 -2.98
N GLN A 116 -6.81 -2.58 -3.21
CA GLN A 116 -8.08 -2.18 -2.65
C GLN A 116 -9.26 -2.84 -3.33
N ASN A 117 -9.07 -3.24 -4.58
CA ASN A 117 -10.10 -3.96 -5.29
C ASN A 117 -10.30 -5.36 -4.75
N ASN A 118 -9.21 -6.06 -4.44
CA ASN A 118 -9.32 -7.47 -4.04
C ASN A 118 -9.15 -7.73 -2.55
N ALA A 119 -8.40 -6.90 -1.86
CA ALA A 119 -8.05 -7.19 -0.47
C ALA A 119 -9.12 -6.80 0.54
N LYS A 120 -10.23 -7.49 0.42
CA LYS A 120 -11.34 -7.46 1.36
C LYS A 120 -12.40 -8.45 0.87
N PRO A 121 -12.80 -9.41 1.70
CA PRO A 121 -13.77 -10.43 1.31
C PRO A 121 -15.20 -10.01 1.65
N GLU A 122 -15.37 -8.79 2.07
CA GLU A 122 -16.65 -8.32 2.53
C GLU A 122 -17.57 -7.89 1.42
N GLN A 123 -17.05 -7.81 0.20
CA GLN A 123 -17.86 -7.41 -0.93
C GLN A 123 -18.89 -8.50 -1.18
N LYS A 124 -20.14 -8.13 -1.12
CA LYS A 124 -21.21 -9.08 -1.24
C LYS A 124 -22.41 -8.42 -1.90
N GLU A 125 -23.37 -9.24 -2.29
CA GLU A 125 -24.60 -8.78 -2.90
C GLU A 125 -25.60 -9.93 -2.93
N GLY A 126 -25.09 -11.10 -3.25
CA GLY A 126 -25.92 -12.28 -3.28
C GLY A 126 -26.44 -12.59 -4.65
N ASP A 127 -25.72 -12.14 -5.65
CA ASP A 127 -26.12 -12.39 -7.03
C ASP A 127 -25.53 -13.71 -7.48
N THR A 128 -26.33 -14.73 -7.39
CA THR A 128 -25.90 -16.06 -7.71
C THR A 128 -26.72 -16.62 -8.89
N LYS A 129 -27.83 -15.94 -9.22
CA LYS A 129 -28.78 -16.38 -10.24
C LYS A 129 -29.41 -17.71 -9.84
N ASP A 130 -29.63 -17.84 -8.54
CA ASP A 130 -30.25 -19.04 -7.92
C ASP A 130 -31.77 -18.99 -8.08
N LYS A 131 -32.17 -18.34 -9.13
CA LYS A 131 -33.54 -18.13 -9.47
C LYS A 131 -34.02 -19.30 -10.32
N LYS A 132 -35.12 -19.86 -9.94
CA LYS A 132 -35.76 -20.93 -10.65
C LYS A 132 -37.24 -20.62 -10.65
N ASP A 133 -37.91 -20.87 -11.77
CA ASP A 133 -39.34 -20.57 -11.94
C ASP A 133 -39.55 -19.05 -11.84
N GLU A 134 -40.29 -18.58 -10.81
CA GLU A 134 -40.53 -17.16 -10.52
C GLU A 134 -41.39 -16.46 -11.60
N GLU A 135 -40.84 -16.37 -12.77
CA GLU A 135 -41.41 -15.62 -13.87
C GLU A 135 -40.68 -16.01 -15.14
N GLU A 136 -39.35 -16.25 -14.97
CA GLU A 136 -38.37 -16.74 -15.98
C GLU A 136 -38.16 -15.80 -17.17
N ASP A 137 -38.85 -14.67 -17.15
CA ASP A 137 -38.79 -13.64 -18.20
C ASP A 137 -39.25 -14.18 -19.54
N MET A 138 -40.50 -14.01 -19.80
CA MET A 138 -41.09 -14.46 -21.01
C MET A 138 -41.32 -13.27 -21.92
N SER A 139 -40.32 -12.95 -22.73
CA SER A 139 -40.36 -11.79 -23.61
C SER A 139 -41.49 -11.92 -24.62
N LEU A 140 -41.68 -13.11 -25.11
CA LEU A 140 -42.73 -13.41 -26.02
C LEU A 140 -43.22 -14.81 -25.70
N ASP A 141 -42.33 -15.76 -25.88
CA ASP A 141 -42.59 -17.15 -25.60
C ASP A 141 -41.28 -17.85 -25.38
N SER A 1 17.04 -8.69 14.92
CA SER A 1 15.75 -8.23 14.45
C SER A 1 15.87 -6.78 14.02
N ASN A 2 14.77 -6.16 13.62
CA ASN A 2 14.83 -4.79 13.15
C ASN A 2 15.09 -3.79 14.25
N ALA A 3 16.25 -3.23 14.18
CA ALA A 3 16.72 -2.16 15.00
C ALA A 3 17.60 -1.33 14.10
N ILE A 4 17.16 -1.31 12.83
CA ILE A 4 17.88 -0.75 11.69
C ILE A 4 18.42 0.64 11.95
N LEU A 5 19.71 0.75 11.87
CA LEU A 5 20.41 1.99 12.09
C LEU A 5 20.49 2.77 10.82
N ALA A 6 20.32 4.05 10.94
CA ALA A 6 20.56 4.91 9.83
C ALA A 6 22.03 5.27 9.89
N THR A 7 22.85 4.49 9.20
CA THR A 7 24.29 4.67 9.26
C THR A 7 24.66 6.02 8.63
N MET A 8 23.86 6.42 7.68
CA MET A 8 23.90 7.69 7.04
C MET A 8 22.65 7.72 6.23
N ASN A 9 22.04 8.85 6.08
CA ASN A 9 20.82 8.86 5.34
C ASN A 9 20.79 10.01 4.35
N VAL A 10 21.59 9.86 3.31
CA VAL A 10 21.59 10.79 2.18
C VAL A 10 21.71 9.94 0.88
N PRO A 11 20.65 9.22 0.50
CA PRO A 11 20.68 8.36 -0.67
C PRO A 11 20.11 9.01 -1.94
N ALA A 12 19.35 10.08 -1.77
CA ALA A 12 18.59 10.73 -2.84
C ALA A 12 17.64 9.74 -3.50
N GLY A 13 16.60 9.43 -2.75
CA GLY A 13 15.62 8.47 -3.17
C GLY A 13 14.33 9.15 -3.60
N PRO A 14 14.08 9.20 -4.89
CA PRO A 14 12.88 9.80 -5.42
C PRO A 14 11.78 8.77 -5.67
N ALA A 15 10.61 9.24 -5.93
CA ALA A 15 9.51 8.37 -6.28
C ALA A 15 9.38 8.36 -7.80
N GLY A 16 10.06 7.43 -8.45
CA GLY A 16 10.04 7.33 -9.88
C GLY A 16 8.65 7.07 -10.43
N GLY A 17 8.04 6.03 -9.93
CA GLY A 17 6.72 5.69 -10.34
C GLY A 17 5.71 6.32 -9.41
N GLN A 18 4.79 7.05 -9.97
CA GLN A 18 3.77 7.71 -9.21
C GLN A 18 2.56 8.00 -10.09
N GLN A 19 1.55 7.20 -9.92
CA GLN A 19 0.30 7.36 -10.60
C GLN A 19 -0.74 6.89 -9.62
N VAL A 20 -1.91 7.54 -9.62
CA VAL A 20 -2.96 7.32 -8.62
C VAL A 20 -2.54 7.96 -7.29
N ASP A 21 -3.48 8.51 -6.54
CA ASP A 21 -3.14 9.09 -5.25
C ASP A 21 -2.94 7.98 -4.25
N LEU A 22 -1.69 7.60 -4.13
CA LEU A 22 -1.28 6.50 -3.30
C LEU A 22 -1.72 6.61 -1.86
N ALA A 23 -1.79 7.81 -1.35
CA ALA A 23 -2.14 8.06 0.04
C ALA A 23 -3.60 7.73 0.37
N SER A 24 -4.47 7.81 -0.61
CA SER A 24 -5.87 7.52 -0.37
C SER A 24 -6.23 6.08 -0.72
N VAL A 25 -5.52 5.52 -1.69
CA VAL A 25 -5.79 4.16 -2.10
C VAL A 25 -5.04 3.17 -1.18
N LEU A 26 -3.84 3.53 -0.80
CA LEU A 26 -3.03 2.73 0.08
C LEU A 26 -2.93 3.48 1.40
N THR A 27 -3.75 3.12 2.33
CA THR A 27 -3.85 3.84 3.57
C THR A 27 -2.93 3.26 4.68
N PRO A 28 -2.57 4.09 5.71
CA PRO A 28 -1.70 3.70 6.83
C PRO A 28 -2.15 2.41 7.53
N GLU A 29 -3.45 2.16 7.54
CA GLU A 29 -4.03 0.95 8.12
C GLU A 29 -3.51 -0.33 7.42
N ILE A 30 -3.29 -0.22 6.12
CA ILE A 30 -2.82 -1.33 5.30
C ILE A 30 -1.31 -1.42 5.43
N MET A 31 -0.68 -0.28 5.49
CA MET A 31 0.76 -0.17 5.48
C MET A 31 1.40 -0.48 6.82
N ALA A 32 0.58 -0.59 7.84
CA ALA A 32 1.05 -0.88 9.19
C ALA A 32 1.84 -2.23 9.27
N PRO A 33 1.24 -3.41 8.90
CA PRO A 33 1.96 -4.68 8.98
C PRO A 33 3.06 -4.79 7.92
N ILE A 34 2.89 -4.07 6.82
CA ILE A 34 3.81 -4.13 5.73
C ILE A 34 5.11 -3.42 6.10
N LEU A 35 5.03 -2.13 6.39
CA LEU A 35 6.23 -1.33 6.67
C LEU A 35 6.85 -1.65 8.02
N ALA A 36 6.18 -2.42 8.84
CA ALA A 36 6.73 -2.85 10.12
C ALA A 36 7.66 -4.02 9.93
N ASN A 37 7.60 -4.62 8.76
CA ASN A 37 8.41 -5.76 8.45
C ASN A 37 9.79 -5.32 7.99
N ALA A 38 10.80 -5.74 8.72
CA ALA A 38 12.22 -5.42 8.49
C ALA A 38 12.64 -5.66 7.06
N ASP A 39 12.06 -6.69 6.51
CA ASP A 39 12.32 -7.16 5.18
C ASP A 39 11.99 -6.08 4.12
N VAL A 40 10.86 -5.40 4.29
CA VAL A 40 10.50 -4.35 3.34
C VAL A 40 11.28 -3.10 3.65
N GLN A 41 11.64 -2.93 4.93
CA GLN A 41 12.41 -1.78 5.37
C GLN A 41 13.75 -1.79 4.67
N GLU A 42 14.34 -2.98 4.57
CA GLU A 42 15.55 -3.23 3.81
C GLU A 42 15.44 -2.69 2.38
N ARG A 43 14.31 -2.98 1.73
CA ARG A 43 14.11 -2.52 0.33
C ARG A 43 13.81 -1.02 0.21
N LEU A 44 13.23 -0.42 1.24
CA LEU A 44 12.88 1.00 1.18
C LEU A 44 14.05 1.90 1.54
N LEU A 45 15.02 1.34 2.27
CA LEU A 45 16.22 2.06 2.71
C LEU A 45 16.93 2.93 1.62
N PRO A 46 17.25 2.40 0.41
CA PRO A 46 17.94 3.18 -0.64
C PRO A 46 17.08 4.34 -1.17
N TYR A 47 15.80 4.32 -0.88
CA TYR A 47 14.89 5.32 -1.39
C TYR A 47 14.32 6.20 -0.26
N LEU A 48 14.78 5.93 0.96
CA LEU A 48 14.26 6.55 2.17
C LEU A 48 14.52 8.07 2.17
N PRO A 49 13.47 8.91 2.46
CA PRO A 49 13.59 10.37 2.55
C PRO A 49 14.75 10.78 3.47
N SER A 50 15.62 11.62 2.95
CA SER A 50 16.85 12.00 3.60
C SER A 50 16.62 12.69 4.95
N GLY A 51 17.24 12.13 5.96
CA GLY A 51 17.22 12.71 7.28
C GLY A 51 16.25 12.03 8.21
N GLU A 52 15.46 11.13 7.71
CA GLU A 52 14.46 10.45 8.53
C GLU A 52 14.73 8.95 8.60
N SER A 53 13.84 8.22 9.22
CA SER A 53 14.02 6.80 9.41
C SER A 53 12.68 6.05 9.35
N LEU A 54 12.74 4.74 9.50
CA LEU A 54 11.56 3.89 9.46
C LEU A 54 11.18 3.42 10.85
N PRO A 55 9.91 3.59 11.24
CA PRO A 55 9.40 3.05 12.50
C PRO A 55 9.51 1.52 12.48
N GLN A 56 9.98 0.97 13.55
CA GLN A 56 10.27 -0.46 13.61
C GLN A 56 9.03 -1.27 14.00
N THR A 57 8.02 -0.58 14.50
CA THR A 57 6.79 -1.22 14.95
C THR A 57 5.58 -0.59 14.26
N ALA A 58 4.53 -1.38 14.10
CA ALA A 58 3.31 -0.96 13.41
C ALA A 58 2.60 0.19 14.14
N ASP A 59 2.67 0.18 15.47
CA ASP A 59 2.03 1.24 16.27
C ASP A 59 2.66 2.57 16.01
N GLU A 60 3.98 2.59 15.94
CA GLU A 60 4.68 3.81 15.68
C GLU A 60 4.50 4.25 14.24
N ILE A 61 4.22 3.31 13.37
CA ILE A 61 3.89 3.63 11.99
C ILE A 61 2.61 4.44 11.95
N GLN A 62 1.64 4.05 12.77
CA GLN A 62 0.36 4.77 12.84
C GLN A 62 0.57 6.16 13.46
N ASN A 63 1.66 6.33 14.18
CA ASN A 63 2.01 7.62 14.76
C ASN A 63 2.76 8.49 13.78
N THR A 64 3.90 8.01 13.36
CA THR A 64 4.80 8.77 12.54
C THR A 64 4.30 8.94 11.10
N LEU A 65 3.67 7.93 10.56
CA LEU A 65 3.26 7.98 9.19
C LEU A 65 1.75 8.15 9.12
N THR A 66 1.30 9.36 9.37
CA THR A 66 -0.08 9.70 9.32
C THR A 66 -0.49 10.16 7.92
N SER A 67 0.12 11.23 7.45
CA SER A 67 -0.18 11.74 6.12
C SER A 67 1.07 12.35 5.40
N PRO A 68 1.73 13.44 5.94
CA PRO A 68 2.89 14.04 5.25
C PRO A 68 4.06 13.07 5.15
N GLN A 69 4.51 12.54 6.30
CA GLN A 69 5.62 11.60 6.33
C GLN A 69 5.18 10.28 5.71
N PHE A 70 3.88 10.05 5.73
CA PHE A 70 3.31 8.86 5.14
C PHE A 70 3.49 8.88 3.63
N GLN A 71 3.18 10.02 3.00
CA GLN A 71 3.37 10.17 1.55
C GLN A 71 4.83 9.99 1.18
N GLN A 72 5.70 10.47 2.04
CA GLN A 72 7.14 10.33 1.86
C GLN A 72 7.53 8.84 1.91
N ALA A 73 7.02 8.15 2.92
CA ALA A 73 7.30 6.75 3.12
C ALA A 73 6.67 5.90 2.03
N LEU A 74 5.51 6.30 1.59
CA LEU A 74 4.81 5.60 0.56
C LEU A 74 5.44 5.92 -0.81
N GLY A 75 6.15 7.03 -0.86
CA GLY A 75 6.90 7.40 -2.04
C GLY A 75 8.08 6.47 -2.24
N MET A 76 8.83 6.21 -1.17
CA MET A 76 9.96 5.26 -1.24
C MET A 76 9.45 3.85 -1.43
N PHE A 77 8.26 3.61 -0.91
CA PHE A 77 7.57 2.34 -1.10
C PHE A 77 7.30 2.16 -2.58
N SER A 78 6.71 3.19 -3.18
CA SER A 78 6.38 3.21 -4.58
C SER A 78 7.66 3.05 -5.43
N ALA A 79 8.74 3.68 -4.99
CA ALA A 79 10.03 3.59 -5.66
C ALA A 79 10.55 2.15 -5.64
N ALA A 80 10.56 1.53 -4.45
CA ALA A 80 11.02 0.15 -4.30
C ALA A 80 10.11 -0.82 -5.06
N LEU A 81 8.84 -0.45 -5.14
CA LEU A 81 7.83 -1.21 -5.86
C LEU A 81 8.16 -1.16 -7.35
N ALA A 82 8.33 0.06 -7.88
CA ALA A 82 8.66 0.27 -9.29
C ALA A 82 10.01 -0.36 -9.63
N SER A 83 10.89 -0.36 -8.65
CA SER A 83 12.21 -0.94 -8.76
C SER A 83 12.10 -2.49 -8.93
N GLY A 84 11.00 -3.07 -8.44
CA GLY A 84 10.80 -4.50 -8.56
C GLY A 84 11.36 -5.26 -7.37
N GLN A 85 12.06 -4.54 -6.51
CA GLN A 85 12.70 -5.14 -5.34
C GLN A 85 11.68 -5.45 -4.26
N LEU A 86 10.59 -4.73 -4.29
CA LEU A 86 9.54 -4.90 -3.30
C LEU A 86 8.43 -5.79 -3.87
N GLY A 87 8.68 -6.32 -5.06
CA GLY A 87 7.73 -7.14 -5.77
C GLY A 87 7.35 -8.44 -5.05
N PRO A 88 8.30 -9.40 -4.91
CA PRO A 88 8.04 -10.72 -4.28
C PRO A 88 7.53 -10.60 -2.85
N LEU A 89 7.86 -9.50 -2.23
CA LEU A 89 7.51 -9.25 -0.85
C LEU A 89 6.01 -9.09 -0.64
N MET A 90 5.28 -8.84 -1.70
CA MET A 90 3.83 -8.68 -1.56
C MET A 90 3.13 -10.01 -1.40
N CYS A 91 3.79 -11.07 -1.82
CA CYS A 91 3.21 -12.38 -1.74
C CYS A 91 3.23 -12.87 -0.29
N GLN A 92 4.23 -12.41 0.46
CA GLN A 92 4.43 -12.87 1.84
C GLN A 92 3.53 -12.14 2.84
N PHE A 93 2.67 -11.27 2.33
CA PHE A 93 1.69 -10.58 3.16
C PHE A 93 0.28 -11.08 2.83
N GLY A 94 0.22 -12.05 1.94
CA GLY A 94 -1.05 -12.60 1.53
C GLY A 94 -1.81 -11.71 0.56
N LEU A 95 -1.08 -10.84 -0.11
CA LEU A 95 -1.68 -9.93 -1.06
C LEU A 95 -2.06 -10.65 -2.34
N PRO A 96 -3.13 -10.16 -3.02
CA PRO A 96 -3.62 -10.72 -4.29
C PRO A 96 -2.51 -10.96 -5.32
N ALA A 97 -2.69 -12.01 -6.12
CA ALA A 97 -1.77 -12.36 -7.19
C ALA A 97 -1.67 -11.21 -8.18
N GLU A 98 -2.76 -10.50 -8.33
CA GLU A 98 -2.84 -9.29 -9.15
C GLU A 98 -1.85 -8.24 -8.63
N ALA A 99 -1.93 -8.01 -7.34
CA ALA A 99 -1.13 -7.01 -6.67
C ALA A 99 0.35 -7.36 -6.69
N VAL A 100 0.68 -8.60 -6.35
CA VAL A 100 2.08 -9.01 -6.30
C VAL A 100 2.71 -9.02 -7.72
N GLU A 101 1.92 -9.34 -8.73
CA GLU A 101 2.39 -9.32 -10.11
C GLU A 101 2.75 -7.88 -10.49
N ALA A 102 1.86 -6.96 -10.17
CA ALA A 102 2.07 -5.54 -10.43
C ALA A 102 3.30 -5.03 -9.71
N ALA A 103 3.50 -5.50 -8.50
CA ALA A 103 4.66 -5.12 -7.70
C ALA A 103 5.97 -5.63 -8.31
N ASN A 104 5.92 -6.84 -8.88
CA ASN A 104 7.09 -7.41 -9.53
C ASN A 104 7.37 -6.75 -10.86
N LYS A 105 6.33 -6.27 -11.51
CA LYS A 105 6.48 -5.62 -12.79
C LYS A 105 6.73 -4.13 -12.64
N GLY A 106 6.53 -3.65 -11.43
CA GLY A 106 6.89 -2.32 -11.09
C GLY A 106 5.85 -1.32 -11.47
N ASP A 107 4.61 -1.74 -11.47
CA ASP A 107 3.53 -0.86 -11.81
C ASP A 107 2.81 -0.48 -10.54
N VAL A 108 2.90 0.78 -10.18
CA VAL A 108 2.37 1.24 -8.92
C VAL A 108 0.84 1.39 -8.93
N GLU A 109 0.28 1.84 -10.05
CA GLU A 109 -1.15 2.09 -10.10
C GLU A 109 -1.91 0.78 -10.17
N ALA A 110 -1.34 -0.19 -10.87
CA ALA A 110 -1.94 -1.51 -10.97
C ALA A 110 -1.97 -2.16 -9.61
N PHE A 111 -0.89 -2.01 -8.86
CA PHE A 111 -0.80 -2.57 -7.51
C PHE A 111 -1.87 -1.97 -6.60
N ALA A 112 -1.97 -0.64 -6.61
CA ALA A 112 -2.93 0.08 -5.81
C ALA A 112 -4.35 -0.34 -6.18
N LYS A 113 -4.60 -0.37 -7.47
CA LYS A 113 -5.91 -0.69 -8.01
C LYS A 113 -6.28 -2.12 -7.67
N ALA A 114 -5.34 -3.03 -7.88
CA ALA A 114 -5.56 -4.42 -7.65
C ALA A 114 -5.85 -4.71 -6.20
N MET A 115 -5.18 -4.01 -5.31
CA MET A 115 -5.39 -4.20 -3.89
C MET A 115 -6.84 -3.88 -3.50
N GLN A 116 -7.29 -2.68 -3.84
CA GLN A 116 -8.63 -2.25 -3.45
C GLN A 116 -9.76 -2.99 -4.17
N ASN A 117 -9.50 -3.43 -5.39
CA ASN A 117 -10.50 -4.18 -6.15
C ASN A 117 -10.63 -5.59 -5.66
N ASN A 118 -9.54 -6.16 -5.23
CA ASN A 118 -9.56 -7.56 -4.85
C ASN A 118 -9.74 -7.78 -3.37
N ALA A 119 -8.87 -7.20 -2.57
CA ALA A 119 -8.86 -7.51 -1.15
C ALA A 119 -7.96 -6.58 -0.36
N LYS A 120 -8.58 -5.72 0.40
CA LYS A 120 -7.87 -4.94 1.40
C LYS A 120 -8.60 -5.12 2.76
N PRO A 121 -8.27 -6.18 3.49
CA PRO A 121 -8.95 -6.54 4.72
C PRO A 121 -8.17 -6.17 5.98
N GLU A 122 -7.31 -5.18 5.87
CA GLU A 122 -6.42 -4.86 6.93
C GLU A 122 -7.10 -4.18 8.11
N GLN A 123 -7.91 -3.21 7.86
CA GLN A 123 -8.57 -2.53 8.94
C GLN A 123 -9.92 -3.21 9.19
N LYS A 124 -10.00 -3.94 10.28
CA LYS A 124 -11.24 -4.60 10.64
C LYS A 124 -11.82 -4.07 11.93
N GLU A 125 -12.50 -2.97 11.83
CA GLU A 125 -13.21 -2.37 12.93
C GLU A 125 -14.46 -1.75 12.32
N GLY A 126 -15.51 -2.46 12.40
CA GLY A 126 -16.77 -2.08 11.82
C GLY A 126 -17.55 -3.31 11.52
N ASP A 127 -17.49 -4.23 12.47
CA ASP A 127 -18.07 -5.55 12.36
C ASP A 127 -19.56 -5.43 12.26
N THR A 128 -20.09 -5.73 11.12
CA THR A 128 -21.48 -5.61 10.91
C THR A 128 -22.09 -6.97 10.60
N LYS A 129 -22.66 -7.59 11.61
CA LYS A 129 -23.33 -8.88 11.45
C LYS A 129 -24.79 -8.66 11.13
N ASP A 130 -25.20 -7.43 11.25
CA ASP A 130 -26.59 -7.07 11.10
C ASP A 130 -26.88 -6.75 9.67
N LYS A 131 -27.91 -7.35 9.15
CA LYS A 131 -28.25 -7.21 7.76
C LYS A 131 -29.29 -6.12 7.59
N LYS A 132 -30.38 -6.23 8.31
CA LYS A 132 -31.47 -5.29 8.23
C LYS A 132 -32.10 -5.21 9.59
N ASP A 133 -32.45 -4.04 10.02
CA ASP A 133 -33.09 -3.89 11.31
C ASP A 133 -34.57 -3.85 11.11
N GLU A 134 -35.29 -4.51 11.98
CA GLU A 134 -36.73 -4.48 11.95
C GLU A 134 -37.28 -3.48 12.95
N GLU A 135 -36.41 -2.61 13.44
CA GLU A 135 -36.84 -1.61 14.38
C GLU A 135 -37.50 -0.46 13.60
N GLU A 136 -36.96 -0.18 12.43
CA GLU A 136 -37.59 0.77 11.52
C GLU A 136 -38.80 0.09 10.91
N ASP A 137 -39.96 0.51 11.29
CA ASP A 137 -41.15 -0.04 10.72
C ASP A 137 -41.60 0.82 9.59
N MET A 138 -41.91 0.20 8.52
CA MET A 138 -42.42 0.88 7.37
C MET A 138 -43.68 0.18 6.92
N SER A 139 -44.33 -0.48 7.85
CA SER A 139 -45.55 -1.18 7.61
C SER A 139 -46.68 -0.17 7.70
N LEU A 140 -46.72 0.53 8.81
CA LEU A 140 -47.67 1.58 8.97
C LEU A 140 -46.95 2.90 8.89
N ASP A 141 -46.57 3.26 7.69
CA ASP A 141 -45.85 4.47 7.46
C ASP A 141 -46.50 5.24 6.36
N SER A 1 10.90 2.75 23.64
CA SER A 1 10.01 3.65 22.92
C SER A 1 10.75 4.28 21.73
N ASN A 2 10.35 3.93 20.52
CA ASN A 2 10.94 4.53 19.33
C ASN A 2 9.99 5.55 18.77
N ALA A 3 10.23 5.97 17.52
CA ALA A 3 9.41 6.94 16.79
C ALA A 3 9.75 8.36 17.18
N ILE A 4 11.02 8.60 17.45
CA ILE A 4 11.50 9.95 17.71
C ILE A 4 11.81 10.56 16.34
N LEU A 5 10.79 11.03 15.70
CA LEU A 5 10.87 11.48 14.34
C LEU A 5 10.86 13.01 14.30
N ALA A 6 11.92 13.56 13.82
CA ALA A 6 12.04 14.99 13.65
C ALA A 6 12.66 15.24 12.29
N THR A 7 11.84 15.29 11.30
CA THR A 7 12.30 15.41 9.95
C THR A 7 12.00 16.80 9.38
N MET A 8 10.91 17.43 9.88
CA MET A 8 10.43 18.79 9.47
C MET A 8 10.22 18.92 7.95
N ASN A 9 9.98 17.79 7.30
CA ASN A 9 9.73 17.74 5.87
C ASN A 9 8.28 18.00 5.58
N VAL A 10 8.03 19.10 4.98
CA VAL A 10 6.72 19.44 4.50
C VAL A 10 6.87 20.38 3.30
N PRO A 11 6.84 19.83 2.10
CA PRO A 11 7.02 20.59 0.90
C PRO A 11 5.68 20.98 0.26
N ALA A 12 5.74 21.58 -0.89
CA ALA A 12 4.55 21.91 -1.63
C ALA A 12 4.28 20.77 -2.57
N GLY A 13 3.76 19.71 -2.02
CA GLY A 13 3.49 18.54 -2.78
C GLY A 13 2.12 18.59 -3.41
N PRO A 14 2.03 18.57 -4.74
CA PRO A 14 0.75 18.53 -5.43
C PRO A 14 0.15 17.13 -5.35
N ALA A 15 -0.67 16.92 -4.36
CA ALA A 15 -1.31 15.66 -4.13
C ALA A 15 -2.70 15.92 -3.59
N GLY A 16 -3.48 14.90 -3.45
CA GLY A 16 -4.83 15.07 -3.01
C GLY A 16 -5.80 14.46 -4.00
N GLY A 17 -5.40 13.40 -4.65
CA GLY A 17 -6.26 12.73 -5.61
C GLY A 17 -5.80 12.85 -7.05
N GLN A 18 -4.50 12.98 -7.26
CA GLN A 18 -3.94 13.11 -8.61
C GLN A 18 -2.62 12.34 -8.69
N GLN A 19 -2.24 11.97 -9.93
CA GLN A 19 -0.99 11.21 -10.25
C GLN A 19 -1.04 9.82 -9.58
N VAL A 20 -2.27 9.30 -9.45
CA VAL A 20 -2.54 8.08 -8.71
C VAL A 20 -2.10 8.32 -7.29
N ASP A 21 -2.96 8.99 -6.58
CA ASP A 21 -2.69 9.44 -5.24
C ASP A 21 -2.58 8.25 -4.33
N LEU A 22 -1.36 7.87 -4.09
CA LEU A 22 -1.00 6.75 -3.28
C LEU A 22 -1.58 6.77 -1.87
N ALA A 23 -1.66 7.94 -1.26
CA ALA A 23 -2.11 8.05 0.12
C ALA A 23 -3.61 7.89 0.28
N SER A 24 -4.35 8.22 -0.76
CA SER A 24 -5.78 8.10 -0.71
C SER A 24 -6.25 6.70 -1.14
N VAL A 25 -5.49 6.06 -2.01
CA VAL A 25 -5.84 4.72 -2.43
C VAL A 25 -5.30 3.69 -1.42
N LEU A 26 -4.06 3.87 -1.00
CA LEU A 26 -3.43 2.99 -0.05
C LEU A 26 -3.27 3.71 1.26
N THR A 27 -4.01 3.28 2.23
CA THR A 27 -4.04 3.94 3.49
C THR A 27 -3.02 3.35 4.48
N PRO A 28 -2.60 4.16 5.49
CA PRO A 28 -1.62 3.74 6.51
C PRO A 28 -1.98 2.42 7.20
N GLU A 29 -3.28 2.14 7.31
CA GLU A 29 -3.77 0.91 7.93
C GLU A 29 -3.21 -0.33 7.21
N ILE A 30 -3.11 -0.23 5.89
CA ILE A 30 -2.66 -1.32 5.05
C ILE A 30 -1.15 -1.44 5.19
N MET A 31 -0.52 -0.31 5.29
CA MET A 31 0.92 -0.22 5.29
C MET A 31 1.53 -0.53 6.65
N ALA A 32 0.68 -0.64 7.65
CA ALA A 32 1.12 -0.94 8.99
C ALA A 32 1.78 -2.34 9.10
N PRO A 33 1.09 -3.46 8.72
CA PRO A 33 1.72 -4.79 8.78
C PRO A 33 2.79 -4.96 7.70
N ILE A 34 2.72 -4.15 6.66
CA ILE A 34 3.66 -4.24 5.55
C ILE A 34 5.00 -3.63 5.93
N LEU A 35 5.00 -2.38 6.34
CA LEU A 35 6.26 -1.68 6.66
C LEU A 35 6.87 -2.15 7.97
N ALA A 36 6.11 -2.89 8.76
CA ALA A 36 6.62 -3.46 10.01
C ALA A 36 7.55 -4.65 9.70
N ASN A 37 7.58 -5.03 8.45
CA ASN A 37 8.41 -6.11 7.99
C ASN A 37 9.75 -5.53 7.56
N ALA A 38 10.79 -5.90 8.25
CA ALA A 38 12.12 -5.34 8.04
C ALA A 38 12.69 -5.71 6.67
N ASP A 39 12.11 -6.72 6.10
CA ASP A 39 12.46 -7.19 4.77
C ASP A 39 12.12 -6.10 3.73
N VAL A 40 10.93 -5.50 3.86
CA VAL A 40 10.54 -4.44 2.94
C VAL A 40 11.33 -3.19 3.26
N GLN A 41 11.63 -3.02 4.54
CA GLN A 41 12.42 -1.91 5.03
C GLN A 41 13.79 -1.88 4.38
N GLU A 42 14.36 -3.07 4.15
CA GLU A 42 15.65 -3.21 3.49
C GLU A 42 15.58 -2.58 2.11
N ARG A 43 14.53 -2.91 1.38
CA ARG A 43 14.36 -2.37 0.02
C ARG A 43 13.96 -0.90 -0.02
N LEU A 44 13.33 -0.41 1.03
CA LEU A 44 12.96 0.98 1.09
C LEU A 44 14.12 1.87 1.55
N LEU A 45 15.09 1.27 2.24
CA LEU A 45 16.29 1.96 2.75
C LEU A 45 17.04 2.83 1.70
N PRO A 46 17.33 2.34 0.47
CA PRO A 46 18.02 3.17 -0.55
C PRO A 46 17.18 4.38 -0.98
N TYR A 47 15.89 4.30 -0.76
CA TYR A 47 14.97 5.31 -1.22
C TYR A 47 14.45 6.16 -0.05
N LEU A 48 14.98 5.86 1.14
CA LEU A 48 14.65 6.55 2.40
C LEU A 48 14.95 8.05 2.22
N PRO A 49 13.91 8.92 2.23
CA PRO A 49 14.07 10.37 2.03
C PRO A 49 14.86 11.03 3.18
N SER A 50 15.45 12.16 2.89
CA SER A 50 16.30 12.88 3.81
C SER A 50 15.57 13.28 5.08
N GLY A 51 16.00 12.74 6.19
CA GLY A 51 15.43 13.09 7.47
C GLY A 51 14.45 12.06 7.99
N GLU A 52 13.96 11.21 7.12
CA GLU A 52 12.96 10.22 7.47
C GLU A 52 13.60 9.06 8.19
N SER A 53 12.79 8.13 8.61
CA SER A 53 13.26 6.95 9.25
C SER A 53 12.15 5.92 9.16
N LEU A 54 12.39 4.81 9.72
CA LEU A 54 11.50 3.68 9.66
C LEU A 54 10.96 3.38 11.04
N PRO A 55 9.63 3.39 11.23
CA PRO A 55 9.02 2.90 12.46
C PRO A 55 9.05 1.37 12.49
N GLN A 56 9.31 0.82 13.64
CA GLN A 56 9.45 -0.60 13.78
C GLN A 56 8.14 -1.32 13.75
N THR A 57 7.25 -0.92 14.61
CA THR A 57 6.00 -1.59 14.72
C THR A 57 4.86 -0.81 14.10
N ALA A 58 3.82 -1.55 13.78
CA ALA A 58 2.58 -1.05 13.17
C ALA A 58 2.01 0.14 13.94
N ASP A 59 2.10 0.06 15.27
CA ASP A 59 1.60 1.13 16.17
C ASP A 59 2.30 2.42 15.85
N GLU A 60 3.59 2.33 15.75
CA GLU A 60 4.46 3.44 15.52
C GLU A 60 4.25 3.97 14.11
N ILE A 61 4.03 3.07 13.17
CA ILE A 61 3.75 3.43 11.79
C ILE A 61 2.49 4.30 11.73
N GLN A 62 1.48 3.91 12.48
CA GLN A 62 0.21 4.65 12.51
C GLN A 62 0.36 6.02 13.16
N ASN A 63 1.27 6.14 14.12
CA ASN A 63 1.44 7.42 14.78
C ASN A 63 2.38 8.33 14.01
N THR A 64 3.47 7.79 13.54
CA THR A 64 4.48 8.56 12.89
C THR A 64 4.10 8.89 11.44
N LEU A 65 3.68 7.90 10.69
CA LEU A 65 3.42 8.11 9.29
C LEU A 65 2.01 8.55 9.05
N THR A 66 1.78 9.76 9.42
CA THR A 66 0.54 10.41 9.23
C THR A 66 0.66 11.36 8.03
N SER A 67 -0.35 11.32 7.17
CA SER A 67 -0.48 12.13 5.94
C SER A 67 0.86 12.54 5.22
N PRO A 68 1.53 13.74 5.51
CA PRO A 68 2.74 14.15 4.79
C PRO A 68 3.88 13.13 4.91
N GLN A 69 4.16 12.66 6.14
CA GLN A 69 5.24 11.68 6.34
C GLN A 69 4.86 10.37 5.70
N PHE A 70 3.58 10.09 5.67
CA PHE A 70 3.10 8.87 5.08
C PHE A 70 3.33 8.89 3.59
N GLN A 71 3.07 10.03 2.97
CA GLN A 71 3.28 10.20 1.53
C GLN A 71 4.76 10.07 1.19
N GLN A 72 5.59 10.55 2.10
CA GLN A 72 7.03 10.49 1.97
C GLN A 72 7.52 9.04 2.06
N ALA A 73 7.00 8.31 3.03
CA ALA A 73 7.36 6.91 3.22
C ALA A 73 6.75 6.03 2.15
N LEU A 74 5.54 6.33 1.76
CA LEU A 74 4.86 5.56 0.73
C LEU A 74 5.49 5.87 -0.63
N GLY A 75 6.16 7.00 -0.72
CA GLY A 75 6.89 7.35 -1.91
C GLY A 75 8.07 6.43 -2.11
N MET A 76 8.84 6.17 -1.04
CA MET A 76 10.00 5.28 -1.14
C MET A 76 9.54 3.85 -1.34
N PHE A 77 8.36 3.57 -0.80
CA PHE A 77 7.69 2.30 -0.98
C PHE A 77 7.42 2.10 -2.47
N SER A 78 6.83 3.10 -3.08
CA SER A 78 6.51 3.09 -4.49
C SER A 78 7.77 3.01 -5.36
N ALA A 79 8.84 3.63 -4.89
CA ALA A 79 10.13 3.58 -5.59
C ALA A 79 10.67 2.15 -5.61
N ALA A 80 10.66 1.49 -4.46
CA ALA A 80 11.12 0.11 -4.36
C ALA A 80 10.19 -0.83 -5.13
N LEU A 81 8.92 -0.47 -5.14
CA LEU A 81 7.88 -1.20 -5.85
C LEU A 81 8.15 -1.11 -7.35
N ALA A 82 8.35 0.11 -7.85
CA ALA A 82 8.61 0.35 -9.28
C ALA A 82 9.90 -0.35 -9.72
N SER A 83 10.81 -0.48 -8.78
CA SER A 83 12.06 -1.14 -9.02
C SER A 83 11.87 -2.68 -9.09
N GLY A 84 10.75 -3.18 -8.60
CA GLY A 84 10.47 -4.61 -8.63
C GLY A 84 11.05 -5.33 -7.43
N GLN A 85 11.86 -4.61 -6.66
CA GLN A 85 12.55 -5.20 -5.51
C GLN A 85 11.65 -5.37 -4.32
N LEU A 86 10.48 -4.82 -4.42
CA LEU A 86 9.50 -4.94 -3.39
C LEU A 86 8.38 -5.86 -3.90
N GLY A 87 8.63 -6.45 -5.06
CA GLY A 87 7.66 -7.29 -5.74
C GLY A 87 7.36 -8.59 -5.03
N PRO A 88 8.32 -9.55 -4.99
CA PRO A 88 8.11 -10.88 -4.35
C PRO A 88 7.72 -10.77 -2.88
N LEU A 89 8.06 -9.64 -2.30
CA LEU A 89 7.85 -9.37 -0.90
C LEU A 89 6.37 -9.27 -0.56
N MET A 90 5.54 -8.99 -1.55
CA MET A 90 4.10 -8.85 -1.34
C MET A 90 3.43 -10.19 -1.11
N CYS A 91 4.13 -11.24 -1.46
CA CYS A 91 3.61 -12.58 -1.30
C CYS A 91 3.60 -12.94 0.21
N GLN A 92 4.42 -12.23 0.98
CA GLN A 92 4.55 -12.47 2.42
C GLN A 92 3.36 -11.89 3.17
N PHE A 93 2.53 -11.13 2.49
CA PHE A 93 1.42 -10.47 3.15
C PHE A 93 0.09 -11.02 2.67
N GLY A 94 0.16 -12.03 1.81
CA GLY A 94 -1.04 -12.63 1.28
C GLY A 94 -1.80 -11.69 0.35
N LEU A 95 -1.05 -10.90 -0.39
CA LEU A 95 -1.63 -9.96 -1.31
C LEU A 95 -2.10 -10.65 -2.58
N PRO A 96 -3.12 -10.07 -3.25
CA PRO A 96 -3.68 -10.61 -4.49
C PRO A 96 -2.61 -10.92 -5.54
N ALA A 97 -2.89 -11.87 -6.41
CA ALA A 97 -1.98 -12.26 -7.47
C ALA A 97 -1.71 -11.07 -8.38
N GLU A 98 -2.73 -10.25 -8.61
CA GLU A 98 -2.57 -9.05 -9.41
C GLU A 98 -1.63 -8.07 -8.71
N ALA A 99 -1.83 -7.91 -7.41
CA ALA A 99 -1.01 -7.00 -6.62
C ALA A 99 0.46 -7.44 -6.58
N VAL A 100 0.70 -8.70 -6.25
CA VAL A 100 2.08 -9.20 -6.16
C VAL A 100 2.75 -9.19 -7.55
N GLU A 101 1.96 -9.43 -8.61
CA GLU A 101 2.46 -9.40 -9.96
C GLU A 101 2.85 -7.96 -10.31
N ALA A 102 1.94 -7.02 -10.05
CA ALA A 102 2.15 -5.60 -10.31
C ALA A 102 3.36 -5.07 -9.58
N ALA A 103 3.59 -5.58 -8.39
CA ALA A 103 4.74 -5.20 -7.59
C ALA A 103 6.04 -5.69 -8.25
N ASN A 104 5.97 -6.80 -8.95
CA ASN A 104 7.12 -7.34 -9.68
C ASN A 104 7.27 -6.62 -11.01
N LYS A 105 6.15 -6.20 -11.58
CA LYS A 105 6.16 -5.43 -12.83
C LYS A 105 6.67 -4.03 -12.55
N GLY A 106 6.51 -3.61 -11.32
CA GLY A 106 6.91 -2.31 -10.91
C GLY A 106 5.85 -1.32 -11.29
N ASP A 107 4.61 -1.73 -11.20
CA ASP A 107 3.49 -0.91 -11.56
C ASP A 107 2.75 -0.51 -10.30
N VAL A 108 2.88 0.73 -9.91
CA VAL A 108 2.28 1.19 -8.66
C VAL A 108 0.79 1.42 -8.83
N GLU A 109 0.38 1.61 -10.06
CA GLU A 109 -0.99 1.92 -10.40
C GLU A 109 -1.84 0.66 -10.31
N ALA A 110 -1.37 -0.39 -10.97
CA ALA A 110 -2.05 -1.68 -10.95
C ALA A 110 -2.04 -2.26 -9.55
N PHE A 111 -0.94 -2.04 -8.84
CA PHE A 111 -0.78 -2.52 -7.49
C PHE A 111 -1.84 -1.90 -6.58
N ALA A 112 -1.90 -0.57 -6.56
CA ALA A 112 -2.84 0.18 -5.75
C ALA A 112 -4.29 -0.21 -6.07
N LYS A 113 -4.54 -0.43 -7.34
CA LYS A 113 -5.84 -0.82 -7.81
C LYS A 113 -6.21 -2.17 -7.27
N ALA A 114 -5.31 -3.13 -7.47
CA ALA A 114 -5.54 -4.51 -7.09
C ALA A 114 -5.75 -4.69 -5.59
N MET A 115 -5.21 -3.77 -4.81
CA MET A 115 -5.36 -3.85 -3.38
C MET A 115 -6.75 -3.43 -2.95
N GLN A 116 -7.27 -2.35 -3.47
CA GLN A 116 -8.59 -1.92 -3.06
C GLN A 116 -9.74 -2.62 -3.79
N ASN A 117 -9.43 -3.40 -4.81
CA ASN A 117 -10.48 -4.19 -5.43
C ASN A 117 -10.51 -5.63 -4.91
N ASN A 118 -9.44 -6.03 -4.19
CA ASN A 118 -9.37 -7.38 -3.58
C ASN A 118 -9.16 -7.33 -2.06
N ALA A 119 -8.08 -6.69 -1.64
CA ALA A 119 -7.67 -6.69 -0.22
C ALA A 119 -8.57 -5.84 0.65
N LYS A 120 -9.02 -4.71 0.13
CA LYS A 120 -10.01 -3.91 0.83
C LYS A 120 -11.09 -3.40 -0.11
N PRO A 121 -12.08 -4.25 -0.45
CA PRO A 121 -13.19 -3.86 -1.32
C PRO A 121 -14.28 -3.10 -0.56
N GLU A 122 -14.04 -2.94 0.76
CA GLU A 122 -14.93 -2.25 1.68
C GLU A 122 -16.26 -3.02 1.80
N GLN A 123 -17.26 -2.43 2.40
CA GLN A 123 -18.52 -3.09 2.52
C GLN A 123 -19.31 -2.91 1.23
N LYS A 124 -19.03 -3.77 0.27
CA LYS A 124 -19.65 -3.74 -1.04
C LYS A 124 -21.00 -4.49 -1.02
N GLU A 125 -21.71 -4.30 0.06
CA GLU A 125 -22.96 -4.97 0.29
C GLU A 125 -24.10 -4.09 -0.20
N GLY A 126 -23.83 -2.82 -0.38
CA GLY A 126 -24.84 -1.88 -0.82
C GLY A 126 -24.90 -1.83 -2.32
N ASP A 127 -24.93 -2.98 -2.93
CA ASP A 127 -24.98 -3.14 -4.37
C ASP A 127 -25.36 -4.56 -4.70
N THR A 128 -26.18 -4.72 -5.68
CA THR A 128 -26.67 -6.01 -6.06
C THR A 128 -26.22 -6.32 -7.48
N LYS A 129 -26.04 -7.60 -7.75
CA LYS A 129 -25.69 -8.05 -9.07
C LYS A 129 -26.93 -7.81 -9.95
N ASP A 130 -28.04 -8.35 -9.47
CA ASP A 130 -29.40 -8.17 -10.01
C ASP A 130 -30.31 -9.10 -9.27
N LYS A 131 -31.58 -9.11 -9.60
CA LYS A 131 -32.51 -9.92 -8.87
C LYS A 131 -33.56 -10.50 -9.79
N LYS A 132 -34.37 -11.37 -9.24
CA LYS A 132 -35.47 -11.96 -9.94
C LYS A 132 -36.60 -10.98 -10.02
N ASP A 133 -37.03 -10.70 -11.22
CA ASP A 133 -38.19 -9.88 -11.47
C ASP A 133 -38.95 -10.43 -12.64
N GLU A 134 -40.06 -11.04 -12.35
CA GLU A 134 -40.91 -11.58 -13.38
C GLU A 134 -42.37 -11.32 -13.05
N GLU A 135 -42.93 -10.38 -13.74
CA GLU A 135 -44.31 -10.03 -13.58
C GLU A 135 -45.02 -10.33 -14.90
N GLU A 136 -44.67 -9.56 -15.91
CA GLU A 136 -45.12 -9.80 -17.25
C GLU A 136 -43.88 -10.31 -17.99
N ASP A 137 -42.84 -9.45 -18.01
CA ASP A 137 -41.46 -9.79 -18.46
C ASP A 137 -41.39 -10.21 -19.95
N MET A 138 -42.48 -9.98 -20.68
CA MET A 138 -42.66 -10.40 -22.08
C MET A 138 -42.30 -11.88 -22.33
N SER A 139 -42.19 -12.27 -23.61
CA SER A 139 -41.86 -13.65 -24.01
C SER A 139 -43.03 -14.61 -23.73
N LEU A 140 -44.19 -14.04 -23.52
CA LEU A 140 -45.42 -14.79 -23.33
C LEU A 140 -46.26 -14.56 -24.58
N ASP A 141 -46.18 -13.35 -25.06
CA ASP A 141 -46.76 -12.87 -26.29
C ASP A 141 -45.90 -11.74 -26.77
N SER A 1 22.43 28.03 17.26
CA SER A 1 22.89 27.99 15.90
C SER A 1 21.98 27.13 15.03
N ASN A 2 20.93 27.73 14.50
CA ASN A 2 20.02 27.03 13.62
C ASN A 2 19.96 27.70 12.29
N ALA A 3 20.41 27.02 11.30
CA ALA A 3 20.32 27.46 9.95
C ALA A 3 19.66 26.35 9.20
N ILE A 4 18.37 26.44 9.06
CA ILE A 4 17.61 25.38 8.43
C ILE A 4 17.36 25.71 6.98
N LEU A 5 17.72 24.82 6.10
CA LEU A 5 17.51 25.01 4.69
C LEU A 5 16.07 24.60 4.40
N ALA A 6 15.21 25.57 4.40
CA ALA A 6 13.84 25.34 4.11
C ALA A 6 13.54 25.86 2.72
N THR A 7 13.08 24.96 1.88
CA THR A 7 12.72 25.25 0.51
C THR A 7 13.95 25.54 -0.37
N MET A 8 14.37 24.54 -1.11
CA MET A 8 15.50 24.66 -2.03
C MET A 8 15.01 25.02 -3.43
N ASN A 9 13.80 25.61 -3.46
CA ASN A 9 13.09 26.06 -4.67
C ASN A 9 12.46 24.88 -5.41
N VAL A 10 11.31 25.14 -6.01
CA VAL A 10 10.52 24.16 -6.76
C VAL A 10 9.94 23.07 -5.83
N PRO A 11 8.82 23.40 -5.14
CA PRO A 11 8.11 22.42 -4.30
C PRO A 11 7.47 21.33 -5.14
N ALA A 12 7.07 21.73 -6.36
CA ALA A 12 6.43 20.89 -7.38
C ALA A 12 4.99 20.54 -7.03
N GLY A 13 4.14 20.53 -8.04
CA GLY A 13 2.75 20.25 -7.84
C GLY A 13 1.97 21.50 -7.43
N PRO A 14 1.66 22.40 -8.38
CA PRO A 14 0.97 23.66 -8.08
C PRO A 14 -0.47 23.48 -7.59
N ALA A 15 -1.15 22.48 -8.10
CA ALA A 15 -2.54 22.25 -7.69
C ALA A 15 -2.72 20.82 -7.22
N GLY A 16 -2.23 19.89 -8.00
CA GLY A 16 -2.34 18.51 -7.67
C GLY A 16 -2.55 17.71 -8.91
N GLY A 17 -3.80 17.42 -9.21
CA GLY A 17 -4.13 16.67 -10.40
C GLY A 17 -3.64 15.25 -10.33
N GLN A 18 -3.70 14.69 -9.17
CA GLN A 18 -3.23 13.36 -8.94
C GLN A 18 -4.37 12.37 -9.10
N GLN A 19 -4.33 11.58 -10.14
CA GLN A 19 -5.30 10.53 -10.29
C GLN A 19 -4.88 9.42 -9.36
N VAL A 20 -3.66 8.99 -9.52
CA VAL A 20 -3.14 7.96 -8.69
C VAL A 20 -2.38 8.59 -7.54
N ASP A 21 -3.13 9.11 -6.60
CA ASP A 21 -2.57 9.66 -5.40
C ASP A 21 -2.39 8.53 -4.44
N LEU A 22 -1.16 8.17 -4.22
CA LEU A 22 -0.81 7.03 -3.41
C LEU A 22 -1.42 7.02 -2.02
N ALA A 23 -1.52 8.18 -1.39
CA ALA A 23 -2.01 8.24 -0.02
C ALA A 23 -3.52 8.13 0.03
N SER A 24 -4.17 8.51 -1.03
CA SER A 24 -5.61 8.43 -1.09
C SER A 24 -6.08 7.01 -1.35
N VAL A 25 -5.41 6.34 -2.27
CA VAL A 25 -5.78 4.99 -2.64
C VAL A 25 -5.23 3.94 -1.64
N LEU A 26 -4.08 4.21 -1.06
CA LEU A 26 -3.47 3.30 -0.11
C LEU A 26 -3.38 3.99 1.24
N THR A 27 -4.12 3.48 2.21
CA THR A 27 -4.18 4.07 3.51
C THR A 27 -3.16 3.46 4.48
N PRO A 28 -2.71 4.24 5.51
CA PRO A 28 -1.72 3.79 6.50
C PRO A 28 -2.02 2.45 7.14
N GLU A 29 -3.30 2.14 7.40
CA GLU A 29 -3.68 0.86 8.02
C GLU A 29 -3.27 -0.33 7.16
N ILE A 30 -3.35 -0.16 5.86
CA ILE A 30 -3.01 -1.21 4.91
C ILE A 30 -1.50 -1.44 4.93
N MET A 31 -0.78 -0.37 5.15
CA MET A 31 0.68 -0.39 5.10
C MET A 31 1.30 -0.79 6.41
N ALA A 32 0.48 -0.90 7.45
CA ALA A 32 0.95 -1.25 8.78
C ALA A 32 1.66 -2.63 8.84
N PRO A 33 0.99 -3.76 8.43
CA PRO A 33 1.62 -5.09 8.50
C PRO A 33 2.73 -5.26 7.46
N ILE A 34 2.69 -4.43 6.43
CA ILE A 34 3.65 -4.49 5.36
C ILE A 34 4.96 -3.87 5.81
N LEU A 35 4.91 -2.60 6.18
CA LEU A 35 6.11 -1.85 6.56
C LEU A 35 6.68 -2.32 7.89
N ALA A 36 5.89 -3.05 8.67
CA ALA A 36 6.34 -3.57 9.95
C ALA A 36 7.31 -4.74 9.76
N ASN A 37 7.50 -5.15 8.52
CA ASN A 37 8.43 -6.20 8.21
C ASN A 37 9.75 -5.61 7.79
N ALA A 38 10.79 -5.92 8.54
CA ALA A 38 12.15 -5.38 8.32
C ALA A 38 12.66 -5.70 6.91
N ASP A 39 12.17 -6.78 6.37
CA ASP A 39 12.52 -7.24 5.03
C ASP A 39 12.16 -6.18 3.97
N VAL A 40 11.00 -5.57 4.12
CA VAL A 40 10.58 -4.54 3.17
C VAL A 40 11.30 -3.25 3.49
N GLN A 41 11.60 -3.06 4.78
CA GLN A 41 12.34 -1.91 5.24
C GLN A 41 13.71 -1.89 4.58
N GLU A 42 14.33 -3.06 4.48
CA GLU A 42 15.58 -3.25 3.79
C GLU A 42 15.52 -2.75 2.35
N ARG A 43 14.38 -2.95 1.70
CA ARG A 43 14.20 -2.46 0.32
C ARG A 43 13.91 -0.96 0.27
N LEU A 44 13.31 -0.42 1.31
CA LEU A 44 12.97 1.00 1.33
C LEU A 44 14.14 1.87 1.80
N LEU A 45 15.04 1.28 2.58
CA LEU A 45 16.24 1.95 3.13
C LEU A 45 17.07 2.76 2.08
N PRO A 46 17.39 2.23 0.87
CA PRO A 46 18.14 3.00 -0.14
C PRO A 46 17.35 4.23 -0.63
N TYR A 47 16.05 4.19 -0.49
CA TYR A 47 15.19 5.23 -1.01
C TYR A 47 14.66 6.09 0.14
N LEU A 48 15.17 5.84 1.35
CA LEU A 48 14.76 6.54 2.56
C LEU A 48 14.97 8.05 2.43
N PRO A 49 13.90 8.86 2.58
CA PRO A 49 14.01 10.30 2.53
C PRO A 49 14.82 10.83 3.70
N SER A 50 15.49 11.91 3.47
CA SER A 50 16.33 12.49 4.47
C SER A 50 15.50 13.12 5.57
N GLY A 51 15.82 12.77 6.80
CA GLY A 51 15.11 13.28 7.94
C GLY A 51 14.02 12.32 8.40
N GLU A 52 13.72 11.32 7.58
CA GLU A 52 12.65 10.41 7.92
C GLU A 52 13.19 9.06 8.33
N SER A 53 12.35 8.27 8.96
CA SER A 53 12.75 6.97 9.44
C SER A 53 11.60 5.98 9.28
N LEU A 54 11.96 4.73 9.28
CA LEU A 54 11.04 3.62 9.22
C LEU A 54 10.78 3.11 10.62
N PRO A 55 9.53 3.18 11.09
CA PRO A 55 9.17 2.65 12.40
C PRO A 55 9.07 1.12 12.37
N GLN A 56 9.68 0.51 13.35
CA GLN A 56 9.73 -0.93 13.45
C GLN A 56 8.41 -1.55 13.87
N THR A 57 7.64 -0.84 14.64
CA THR A 57 6.39 -1.36 15.11
C THR A 57 5.21 -0.82 14.29
N ALA A 58 4.21 -1.68 14.08
CA ALA A 58 3.03 -1.35 13.27
C ALA A 58 2.28 -0.15 13.82
N ASP A 59 2.23 -0.04 15.14
CA ASP A 59 1.55 1.08 15.80
C ASP A 59 2.24 2.39 15.48
N GLU A 60 3.57 2.40 15.59
CA GLU A 60 4.35 3.59 15.30
C GLU A 60 4.24 4.00 13.84
N ILE A 61 4.02 3.02 12.97
CA ILE A 61 3.81 3.30 11.55
C ILE A 61 2.55 4.14 11.38
N GLN A 62 1.53 3.81 12.14
CA GLN A 62 0.26 4.54 12.09
C GLN A 62 0.45 5.93 12.69
N ASN A 63 1.18 5.97 13.78
CA ASN A 63 1.42 7.21 14.53
C ASN A 63 2.28 8.19 13.74
N THR A 64 3.48 7.75 13.39
CA THR A 64 4.47 8.60 12.74
C THR A 64 4.08 8.91 11.29
N LEU A 65 3.62 7.93 10.55
CA LEU A 65 3.35 8.15 9.16
C LEU A 65 1.92 8.58 8.93
N THR A 66 1.67 9.82 9.22
CA THR A 66 0.38 10.40 8.99
C THR A 66 0.50 11.38 7.82
N SER A 67 -0.42 11.25 6.87
CA SER A 67 -0.57 12.10 5.68
C SER A 67 0.73 12.62 4.98
N PRO A 68 1.36 13.83 5.32
CA PRO A 68 2.59 14.28 4.65
C PRO A 68 3.71 13.26 4.82
N GLN A 69 3.87 12.79 6.06
CA GLN A 69 4.90 11.81 6.41
C GLN A 69 4.64 10.51 5.68
N PHE A 70 3.38 10.19 5.56
CA PHE A 70 2.96 8.97 4.93
C PHE A 70 3.24 9.03 3.43
N GLN A 71 2.98 10.17 2.81
CA GLN A 71 3.25 10.36 1.37
C GLN A 71 4.74 10.21 1.08
N GLN A 72 5.56 10.65 2.01
CA GLN A 72 7.00 10.56 1.89
C GLN A 72 7.45 9.11 2.00
N ALA A 73 6.93 8.41 2.99
CA ALA A 73 7.28 7.02 3.22
C ALA A 73 6.71 6.12 2.14
N LEU A 74 5.51 6.43 1.70
CA LEU A 74 4.86 5.67 0.66
C LEU A 74 5.52 5.98 -0.69
N GLY A 75 6.20 7.13 -0.76
CA GLY A 75 6.95 7.50 -1.94
C GLY A 75 8.12 6.56 -2.16
N MET A 76 8.89 6.31 -1.09
CA MET A 76 10.03 5.38 -1.18
C MET A 76 9.53 3.95 -1.37
N PHE A 77 8.36 3.67 -0.82
CA PHE A 77 7.69 2.40 -1.00
C PHE A 77 7.40 2.21 -2.48
N SER A 78 6.79 3.24 -3.05
CA SER A 78 6.43 3.27 -4.45
C SER A 78 7.69 3.13 -5.33
N ALA A 79 8.78 3.75 -4.92
CA ALA A 79 10.05 3.66 -5.63
C ALA A 79 10.57 2.22 -5.64
N ALA A 80 10.55 1.57 -4.49
CA ALA A 80 10.99 0.18 -4.37
C ALA A 80 10.06 -0.76 -5.13
N LEU A 81 8.79 -0.41 -5.16
CA LEU A 81 7.77 -1.18 -5.86
C LEU A 81 8.01 -1.06 -7.36
N ALA A 82 8.19 0.17 -7.84
CA ALA A 82 8.44 0.44 -9.26
C ALA A 82 9.75 -0.20 -9.71
N SER A 83 10.67 -0.32 -8.78
CA SER A 83 11.94 -0.95 -9.01
C SER A 83 11.78 -2.49 -9.17
N GLY A 84 10.63 -3.02 -8.74
CA GLY A 84 10.37 -4.45 -8.83
C GLY A 84 10.94 -5.22 -7.66
N GLN A 85 11.78 -4.55 -6.89
CA GLN A 85 12.47 -5.15 -5.77
C GLN A 85 11.56 -5.44 -4.60
N LEU A 86 10.48 -4.72 -4.53
CA LEU A 86 9.52 -4.89 -3.45
C LEU A 86 8.37 -5.78 -3.95
N GLY A 87 8.55 -6.31 -5.15
CA GLY A 87 7.54 -7.12 -5.79
C GLY A 87 7.30 -8.46 -5.11
N PRO A 88 8.31 -9.38 -5.13
CA PRO A 88 8.18 -10.72 -4.51
C PRO A 88 7.80 -10.66 -3.04
N LEU A 89 8.16 -9.56 -2.41
CA LEU A 89 7.92 -9.32 -1.01
C LEU A 89 6.44 -9.20 -0.69
N MET A 90 5.62 -8.93 -1.68
CA MET A 90 4.20 -8.80 -1.43
C MET A 90 3.56 -10.16 -1.23
N CYS A 91 4.24 -11.19 -1.70
CA CYS A 91 3.71 -12.52 -1.66
C CYS A 91 3.79 -13.07 -0.23
N GLN A 92 4.68 -12.51 0.59
CA GLN A 92 4.87 -13.01 1.95
C GLN A 92 3.75 -12.49 2.86
N PHE A 93 3.05 -11.48 2.37
CA PHE A 93 1.97 -10.87 3.14
C PHE A 93 0.64 -11.47 2.76
N GLY A 94 0.64 -12.36 1.77
CA GLY A 94 -0.60 -12.96 1.31
C GLY A 94 -1.44 -11.95 0.57
N LEU A 95 -0.79 -11.13 -0.22
CA LEU A 95 -1.45 -10.10 -0.98
C LEU A 95 -2.11 -10.68 -2.22
N PRO A 96 -3.11 -9.95 -2.77
CA PRO A 96 -3.81 -10.36 -4.00
C PRO A 96 -2.84 -10.72 -5.11
N ALA A 97 -3.14 -11.77 -5.85
CA ALA A 97 -2.28 -12.25 -6.92
C ALA A 97 -2.06 -11.20 -7.99
N GLU A 98 -3.06 -10.40 -8.25
CA GLU A 98 -2.96 -9.35 -9.22
C GLU A 98 -2.11 -8.20 -8.69
N ALA A 99 -2.24 -7.93 -7.40
CA ALA A 99 -1.45 -6.91 -6.74
C ALA A 99 0.03 -7.30 -6.68
N VAL A 100 0.31 -8.53 -6.25
CA VAL A 100 1.70 -8.99 -6.17
C VAL A 100 2.35 -9.04 -7.57
N GLU A 101 1.57 -9.41 -8.58
CA GLU A 101 2.05 -9.39 -9.95
C GLU A 101 2.45 -7.96 -10.34
N ALA A 102 1.57 -7.01 -10.04
CA ALA A 102 1.81 -5.59 -10.33
C ALA A 102 3.07 -5.10 -9.64
N ALA A 103 3.26 -5.53 -8.40
CA ALA A 103 4.43 -5.15 -7.63
C ALA A 103 5.71 -5.72 -8.24
N ASN A 104 5.61 -6.94 -8.78
CA ASN A 104 6.75 -7.58 -9.45
C ASN A 104 7.06 -6.90 -10.75
N LYS A 105 6.03 -6.49 -11.47
CA LYS A 105 6.21 -5.80 -12.75
C LYS A 105 6.67 -4.36 -12.49
N GLY A 106 6.34 -3.85 -11.33
CA GLY A 106 6.76 -2.54 -10.94
C GLY A 106 5.74 -1.48 -11.25
N ASP A 107 4.48 -1.85 -11.34
CA ASP A 107 3.46 -0.88 -11.66
C ASP A 107 2.72 -0.50 -10.41
N VAL A 108 2.91 0.73 -9.99
CA VAL A 108 2.34 1.21 -8.73
C VAL A 108 0.84 1.49 -8.85
N GLU A 109 0.40 1.72 -10.07
CA GLU A 109 -0.99 2.07 -10.33
C GLU A 109 -1.84 0.83 -10.28
N ALA A 110 -1.39 -0.20 -10.97
CA ALA A 110 -2.06 -1.48 -11.01
C ALA A 110 -2.06 -2.07 -9.62
N PHE A 111 -0.94 -1.91 -8.91
CA PHE A 111 -0.83 -2.41 -7.55
C PHE A 111 -1.86 -1.73 -6.68
N ALA A 112 -1.87 -0.40 -6.72
CA ALA A 112 -2.78 0.40 -5.90
C ALA A 112 -4.23 0.00 -6.10
N LYS A 113 -4.63 -0.17 -7.36
CA LYS A 113 -5.98 -0.55 -7.68
C LYS A 113 -6.27 -1.94 -7.15
N ALA A 114 -5.45 -2.88 -7.60
CA ALA A 114 -5.66 -4.28 -7.34
C ALA A 114 -5.61 -4.62 -5.86
N MET A 115 -4.74 -3.93 -5.15
CA MET A 115 -4.53 -4.12 -3.75
C MET A 115 -5.80 -3.80 -2.98
N GLN A 116 -6.31 -2.58 -3.12
CA GLN A 116 -7.49 -2.18 -2.35
C GLN A 116 -8.79 -2.86 -2.79
N ASN A 117 -8.77 -3.45 -3.99
CA ASN A 117 -9.92 -4.18 -4.47
C ASN A 117 -9.97 -5.58 -3.88
N ASN A 118 -8.84 -6.11 -3.46
CA ASN A 118 -8.79 -7.50 -2.97
C ASN A 118 -8.12 -7.59 -1.61
N ALA A 119 -8.00 -6.48 -0.93
CA ALA A 119 -7.32 -6.42 0.36
C ALA A 119 -8.14 -7.12 1.44
N LYS A 120 -9.39 -6.80 1.47
CA LYS A 120 -10.30 -7.36 2.43
C LYS A 120 -11.33 -8.19 1.67
N PRO A 121 -11.13 -9.51 1.60
CA PRO A 121 -12.03 -10.39 0.86
C PRO A 121 -13.11 -10.97 1.75
N GLU A 122 -13.36 -10.31 2.85
CA GLU A 122 -14.32 -10.77 3.82
C GLU A 122 -15.61 -10.00 3.75
N GLN A 123 -16.67 -10.70 3.47
CA GLN A 123 -17.98 -10.13 3.53
C GLN A 123 -18.62 -10.45 4.86
N LYS A 124 -18.30 -11.66 5.37
CA LYS A 124 -18.76 -12.17 6.68
C LYS A 124 -20.30 -12.30 6.71
N GLU A 125 -20.90 -12.33 5.54
CA GLU A 125 -22.34 -12.30 5.45
C GLU A 125 -22.93 -13.68 5.15
N GLY A 126 -22.16 -14.53 4.48
CA GLY A 126 -22.64 -15.84 4.12
C GLY A 126 -23.06 -15.86 2.67
N ASP A 127 -24.02 -16.72 2.33
CA ASP A 127 -24.53 -16.80 0.96
C ASP A 127 -25.94 -17.35 0.93
N THR A 128 -26.89 -16.48 0.71
CA THR A 128 -28.28 -16.88 0.59
C THR A 128 -28.57 -17.16 -0.88
N LYS A 129 -29.10 -18.32 -1.15
CA LYS A 129 -29.38 -18.75 -2.51
C LYS A 129 -30.59 -18.02 -3.02
N ASP A 130 -31.72 -18.25 -2.40
CA ASP A 130 -32.92 -17.58 -2.83
C ASP A 130 -33.44 -16.69 -1.72
N LYS A 131 -34.26 -17.26 -0.86
CA LYS A 131 -34.87 -16.55 0.25
C LYS A 131 -35.24 -17.54 1.31
N LYS A 132 -35.63 -17.03 2.45
CA LYS A 132 -36.15 -17.81 3.55
C LYS A 132 -37.29 -17.06 4.22
N ASP A 133 -37.79 -16.06 3.53
CA ASP A 133 -38.89 -15.30 4.01
C ASP A 133 -40.10 -15.63 3.16
N GLU A 134 -41.24 -15.71 3.79
CA GLU A 134 -42.45 -16.07 3.11
C GLU A 134 -43.00 -14.90 2.32
N GLU A 135 -43.39 -15.18 1.12
CA GLU A 135 -44.01 -14.19 0.28
C GLU A 135 -45.49 -14.53 0.19
N GLU A 136 -46.26 -13.76 -0.54
CA GLU A 136 -47.67 -14.05 -0.70
C GLU A 136 -47.82 -15.10 -1.79
N ASP A 137 -46.78 -15.17 -2.63
CA ASP A 137 -46.69 -16.06 -3.78
C ASP A 137 -47.86 -15.84 -4.69
N MET A 138 -47.86 -14.66 -5.29
CA MET A 138 -48.91 -14.17 -6.18
C MET A 138 -50.22 -13.95 -5.44
N SER A 139 -50.95 -15.04 -5.19
CA SER A 139 -52.30 -15.02 -4.60
C SER A 139 -53.22 -14.06 -5.36
N LEU A 140 -52.99 -14.02 -6.65
CA LEU A 140 -53.71 -13.14 -7.55
C LEU A 140 -54.68 -13.96 -8.36
N ASP A 141 -54.14 -14.97 -8.99
CA ASP A 141 -54.90 -15.85 -9.84
C ASP A 141 -54.64 -17.26 -9.42
N SER A 1 15.08 7.31 22.73
CA SER A 1 15.42 7.75 21.40
C SER A 1 15.05 9.21 21.26
N ASN A 2 16.04 10.06 21.15
CA ASN A 2 15.82 11.48 21.06
C ASN A 2 15.68 11.91 19.62
N ALA A 3 14.65 12.67 19.34
CA ALA A 3 14.40 13.17 18.02
C ALA A 3 13.81 14.55 18.08
N ILE A 4 14.65 15.55 18.01
CA ILE A 4 14.20 16.91 17.99
C ILE A 4 13.77 17.25 16.58
N LEU A 5 12.51 17.05 16.30
CA LEU A 5 11.97 17.29 15.00
C LEU A 5 11.41 18.69 14.95
N ALA A 6 11.84 19.47 13.97
CA ALA A 6 11.39 20.84 13.81
C ALA A 6 9.91 20.86 13.52
N THR A 7 9.13 21.25 14.51
CA THR A 7 7.69 21.19 14.42
C THR A 7 7.11 22.53 13.88
N MET A 8 7.75 23.00 12.85
CA MET A 8 7.37 24.14 12.07
C MET A 8 8.16 23.95 10.81
N ASN A 9 7.55 23.37 9.82
CA ASN A 9 8.30 22.99 8.65
C ASN A 9 7.43 23.01 7.42
N VAL A 10 8.04 22.72 6.29
CA VAL A 10 7.32 22.56 5.06
C VAL A 10 7.42 21.10 4.63
N PRO A 11 6.34 20.32 4.87
CA PRO A 11 6.31 18.88 4.57
C PRO A 11 6.64 18.58 3.11
N ALA A 12 6.09 19.41 2.22
CA ALA A 12 6.22 19.26 0.78
C ALA A 12 5.75 17.86 0.36
N GLY A 13 4.50 17.62 0.66
CA GLY A 13 3.90 16.35 0.37
C GLY A 13 3.47 16.27 -1.07
N PRO A 14 3.72 15.16 -1.77
CA PRO A 14 3.34 14.95 -3.19
C PRO A 14 1.80 14.83 -3.43
N ALA A 15 1.02 15.44 -2.57
CA ALA A 15 -0.41 15.47 -2.68
C ALA A 15 -0.82 16.40 -3.81
N GLY A 16 -1.96 16.15 -4.38
CA GLY A 16 -2.41 16.96 -5.46
C GLY A 16 -3.42 16.26 -6.30
N GLY A 17 -3.61 16.74 -7.50
CA GLY A 17 -4.59 16.18 -8.41
C GLY A 17 -4.07 14.95 -9.13
N GLN A 18 -3.57 14.01 -8.38
CA GLN A 18 -3.08 12.76 -8.89
C GLN A 18 -4.24 11.81 -8.89
N GLN A 19 -4.49 11.14 -9.99
CA GLN A 19 -5.60 10.20 -10.01
C GLN A 19 -5.22 8.96 -9.27
N VAL A 20 -3.97 8.57 -9.43
CA VAL A 20 -3.43 7.50 -8.67
C VAL A 20 -2.79 8.09 -7.43
N ASP A 21 -3.65 8.52 -6.53
CA ASP A 21 -3.23 9.11 -5.28
C ASP A 21 -2.94 8.01 -4.32
N LEU A 22 -1.68 7.80 -4.01
CA LEU A 22 -1.26 6.69 -3.21
C LEU A 22 -1.78 6.71 -1.77
N ALA A 23 -1.94 7.88 -1.19
CA ALA A 23 -2.35 7.98 0.21
C ALA A 23 -3.83 7.67 0.42
N SER A 24 -4.64 7.91 -0.59
CA SER A 24 -6.06 7.63 -0.49
C SER A 24 -6.38 6.15 -0.79
N VAL A 25 -5.60 5.55 -1.67
CA VAL A 25 -5.78 4.14 -2.02
C VAL A 25 -5.17 3.21 -0.96
N LEU A 26 -3.97 3.53 -0.52
CA LEU A 26 -3.28 2.73 0.46
C LEU A 26 -3.23 3.51 1.76
N THR A 27 -3.97 3.07 2.73
CA THR A 27 -4.04 3.76 3.97
C THR A 27 -2.97 3.26 4.96
N PRO A 28 -2.64 4.08 6.01
CA PRO A 28 -1.63 3.73 7.01
C PRO A 28 -1.92 2.40 7.71
N GLU A 29 -3.20 2.04 7.84
CA GLU A 29 -3.57 0.76 8.43
C GLU A 29 -3.22 -0.41 7.51
N ILE A 30 -3.50 -0.25 6.22
CA ILE A 30 -3.19 -1.30 5.23
C ILE A 30 -1.67 -1.45 5.10
N MET A 31 -0.98 -0.33 5.16
CA MET A 31 0.47 -0.30 5.04
C MET A 31 1.17 -0.71 6.34
N ALA A 32 0.43 -0.73 7.42
CA ALA A 32 1.00 -1.01 8.75
C ALA A 32 1.70 -2.38 8.86
N PRO A 33 1.03 -3.54 8.59
CA PRO A 33 1.69 -4.85 8.73
C PRO A 33 2.78 -5.06 7.69
N ILE A 34 2.65 -4.35 6.57
CA ILE A 34 3.60 -4.46 5.49
C ILE A 34 4.89 -3.74 5.83
N LEU A 35 4.79 -2.46 6.15
CA LEU A 35 5.98 -1.64 6.43
C LEU A 35 6.64 -2.00 7.75
N ALA A 36 5.95 -2.75 8.59
CA ALA A 36 6.52 -3.20 9.84
C ALA A 36 7.51 -4.35 9.61
N ASN A 37 7.51 -4.89 8.41
CA ASN A 37 8.39 -5.99 8.06
C ASN A 37 9.77 -5.42 7.75
N ALA A 38 10.76 -5.91 8.44
CA ALA A 38 12.12 -5.44 8.31
C ALA A 38 12.68 -5.64 6.89
N ASP A 39 12.19 -6.64 6.18
CA ASP A 39 12.72 -6.93 4.85
C ASP A 39 12.17 -5.95 3.83
N VAL A 40 10.97 -5.42 4.06
CA VAL A 40 10.46 -4.42 3.15
C VAL A 40 11.21 -3.12 3.41
N GLN A 41 11.53 -2.89 4.68
CA GLN A 41 12.31 -1.75 5.10
C GLN A 41 13.70 -1.84 4.51
N GLU A 42 14.18 -3.06 4.32
CA GLU A 42 15.45 -3.34 3.68
C GLU A 42 15.44 -2.79 2.25
N ARG A 43 14.35 -3.01 1.55
CA ARG A 43 14.21 -2.53 0.18
C ARG A 43 13.91 -1.03 0.13
N LEU A 44 13.28 -0.50 1.16
CA LEU A 44 12.97 0.91 1.21
C LEU A 44 14.16 1.76 1.71
N LEU A 45 15.14 1.11 2.33
CA LEU A 45 16.37 1.77 2.83
C LEU A 45 17.04 2.72 1.82
N PRO A 46 17.34 2.31 0.55
CA PRO A 46 17.99 3.19 -0.43
C PRO A 46 17.11 4.38 -0.83
N TYR A 47 15.83 4.30 -0.52
CA TYR A 47 14.89 5.31 -0.95
C TYR A 47 14.38 6.11 0.24
N LEU A 48 14.85 5.75 1.42
CA LEU A 48 14.41 6.34 2.70
C LEU A 48 14.67 7.84 2.66
N PRO A 49 13.60 8.67 2.78
CA PRO A 49 13.74 10.12 2.77
C PRO A 49 14.65 10.62 3.88
N SER A 50 15.61 11.43 3.51
CA SER A 50 16.57 11.98 4.43
C SER A 50 15.86 12.77 5.54
N GLY A 51 16.00 12.31 6.76
CA GLY A 51 15.35 12.95 7.88
C GLY A 51 14.19 12.13 8.42
N GLU A 52 13.79 11.11 7.69
CA GLU A 52 12.73 10.22 8.14
C GLU A 52 13.33 9.03 8.85
N SER A 53 12.51 8.25 9.47
CA SER A 53 12.94 7.09 10.21
C SER A 53 12.12 5.90 9.78
N LEU A 54 12.56 4.72 10.14
CA LEU A 54 11.84 3.50 9.85
C LEU A 54 11.09 3.04 11.08
N PRO A 55 9.77 3.23 11.13
CA PRO A 55 8.98 2.74 12.25
C PRO A 55 9.01 1.23 12.27
N GLN A 56 9.34 0.68 13.40
CA GLN A 56 9.51 -0.74 13.52
C GLN A 56 8.18 -1.41 13.66
N THR A 57 7.43 -0.94 14.60
CA THR A 57 6.16 -1.49 14.84
C THR A 57 5.08 -0.72 14.10
N ALA A 58 3.99 -1.38 13.86
CA ALA A 58 2.82 -0.81 13.18
C ALA A 58 2.25 0.35 13.97
N ASP A 59 2.50 0.33 15.28
CA ASP A 59 2.09 1.38 16.18
C ASP A 59 2.75 2.66 15.76
N GLU A 60 4.07 2.58 15.61
CA GLU A 60 4.90 3.70 15.24
C GLU A 60 4.57 4.19 13.85
N ILE A 61 4.15 3.26 13.00
CA ILE A 61 3.74 3.59 11.66
C ILE A 61 2.55 4.53 11.71
N GLN A 62 1.64 4.28 12.65
CA GLN A 62 0.49 5.15 12.82
C GLN A 62 0.92 6.45 13.50
N ASN A 63 2.03 6.41 14.23
CA ASN A 63 2.58 7.61 14.91
C ASN A 63 3.13 8.58 13.91
N THR A 64 4.14 8.13 13.19
CA THR A 64 4.85 9.00 12.30
C THR A 64 4.15 9.17 10.96
N LEU A 65 3.69 8.09 10.40
CA LEU A 65 3.20 8.12 9.06
C LEU A 65 1.70 8.28 9.00
N THR A 66 1.25 9.48 9.24
CA THR A 66 -0.15 9.80 9.20
C THR A 66 -0.58 10.29 7.82
N SER A 67 -0.12 11.45 7.41
CA SER A 67 -0.46 11.95 6.10
C SER A 67 0.74 12.52 5.29
N PRO A 68 1.40 13.65 5.69
CA PRO A 68 2.53 14.20 4.90
C PRO A 68 3.74 13.25 4.91
N GLN A 69 4.13 12.83 6.12
CA GLN A 69 5.24 11.87 6.30
C GLN A 69 4.91 10.56 5.60
N PHE A 70 3.61 10.22 5.63
CA PHE A 70 3.13 8.99 5.05
C PHE A 70 3.33 8.99 3.55
N GLN A 71 3.10 10.12 2.90
CA GLN A 71 3.30 10.21 1.45
C GLN A 71 4.77 10.08 1.10
N GLN A 72 5.64 10.49 2.01
CA GLN A 72 7.08 10.35 1.81
C GLN A 72 7.49 8.89 1.95
N ALA A 73 6.98 8.25 2.99
CA ALA A 73 7.27 6.85 3.25
C ALA A 73 6.61 5.96 2.19
N LEU A 74 5.42 6.31 1.79
CA LEU A 74 4.73 5.57 0.76
C LEU A 74 5.38 5.88 -0.60
N GLY A 75 6.09 6.99 -0.65
CA GLY A 75 6.86 7.36 -1.82
C GLY A 75 8.07 6.45 -1.98
N MET A 76 8.76 6.16 -0.87
CA MET A 76 9.91 5.24 -0.92
C MET A 76 9.42 3.83 -1.19
N PHE A 77 8.20 3.55 -0.71
CA PHE A 77 7.52 2.30 -0.96
C PHE A 77 7.26 2.19 -2.47
N SER A 78 6.68 3.24 -3.02
CA SER A 78 6.38 3.34 -4.44
C SER A 78 7.65 3.18 -5.27
N ALA A 79 8.73 3.85 -4.85
CA ALA A 79 10.00 3.78 -5.55
C ALA A 79 10.58 2.36 -5.54
N ALA A 80 10.50 1.68 -4.40
CA ALA A 80 11.02 0.31 -4.28
C ALA A 80 10.11 -0.66 -5.05
N LEU A 81 8.84 -0.34 -5.09
CA LEU A 81 7.85 -1.12 -5.80
C LEU A 81 8.11 -0.98 -7.29
N ALA A 82 8.25 0.25 -7.75
CA ALA A 82 8.51 0.56 -9.16
C ALA A 82 9.88 0.02 -9.61
N SER A 83 10.73 -0.20 -8.64
CA SER A 83 12.01 -0.80 -8.87
C SER A 83 11.84 -2.31 -9.15
N GLY A 84 10.85 -2.91 -8.51
CA GLY A 84 10.63 -4.33 -8.68
C GLY A 84 11.30 -5.12 -7.58
N GLN A 85 11.91 -4.42 -6.65
CA GLN A 85 12.61 -5.05 -5.54
C GLN A 85 11.64 -5.38 -4.40
N LEU A 86 10.54 -4.66 -4.37
CA LEU A 86 9.56 -4.85 -3.31
C LEU A 86 8.49 -5.86 -3.75
N GLY A 87 8.67 -6.38 -4.94
CA GLY A 87 7.73 -7.32 -5.52
C GLY A 87 7.57 -8.63 -4.73
N PRO A 88 8.67 -9.43 -4.60
CA PRO A 88 8.66 -10.73 -3.89
C PRO A 88 8.05 -10.67 -2.48
N LEU A 89 8.12 -9.51 -1.86
CA LEU A 89 7.64 -9.30 -0.51
C LEU A 89 6.12 -9.43 -0.41
N MET A 90 5.43 -9.07 -1.47
CA MET A 90 3.96 -9.06 -1.46
C MET A 90 3.38 -10.47 -1.43
N CYS A 91 4.16 -11.42 -1.89
CA CYS A 91 3.76 -12.80 -1.89
C CYS A 91 3.75 -13.35 -0.45
N GLN A 92 4.44 -12.66 0.44
CA GLN A 92 4.58 -13.07 1.82
C GLN A 92 3.49 -12.43 2.69
N PHE A 93 2.64 -11.63 2.08
CA PHE A 93 1.56 -11.00 2.81
C PHE A 93 0.21 -11.57 2.37
N GLY A 94 0.25 -12.53 1.46
CA GLY A 94 -0.96 -13.13 0.95
C GLY A 94 -1.77 -12.16 0.12
N LEU A 95 -1.07 -11.33 -0.61
CA LEU A 95 -1.69 -10.34 -1.47
C LEU A 95 -2.20 -10.97 -2.75
N PRO A 96 -3.20 -10.33 -3.42
CA PRO A 96 -3.79 -10.81 -4.68
C PRO A 96 -2.73 -11.08 -5.75
N ALA A 97 -3.07 -11.95 -6.69
CA ALA A 97 -2.19 -12.31 -7.78
C ALA A 97 -1.92 -11.09 -8.64
N GLU A 98 -2.92 -10.25 -8.77
CA GLU A 98 -2.81 -9.02 -9.54
C GLU A 98 -1.84 -8.06 -8.82
N ALA A 99 -1.95 -8.03 -7.50
CA ALA A 99 -1.14 -7.15 -6.68
C ALA A 99 0.32 -7.58 -6.70
N VAL A 100 0.58 -8.86 -6.47
CA VAL A 100 1.95 -9.34 -6.48
C VAL A 100 2.57 -9.21 -7.87
N GLU A 101 1.74 -9.44 -8.92
CA GLU A 101 2.16 -9.28 -10.31
C GLU A 101 2.66 -7.86 -10.52
N ALA A 102 1.83 -6.91 -10.12
CA ALA A 102 2.12 -5.51 -10.27
C ALA A 102 3.37 -5.11 -9.50
N ALA A 103 3.51 -5.63 -8.30
CA ALA A 103 4.65 -5.33 -7.46
C ALA A 103 5.94 -5.89 -8.03
N ASN A 104 5.86 -7.11 -8.56
CA ASN A 104 7.01 -7.76 -9.21
C ASN A 104 7.44 -6.99 -10.41
N LYS A 105 6.48 -6.60 -11.21
CA LYS A 105 6.74 -5.91 -12.45
C LYS A 105 7.05 -4.43 -12.24
N GLY A 106 6.68 -3.90 -11.12
CA GLY A 106 7.07 -2.56 -10.78
C GLY A 106 6.05 -1.52 -11.17
N ASP A 107 4.81 -1.90 -11.20
CA ASP A 107 3.77 -0.96 -11.55
C ASP A 107 2.96 -0.60 -10.32
N VAL A 108 3.03 0.66 -9.91
CA VAL A 108 2.35 1.10 -8.72
C VAL A 108 0.84 1.30 -8.92
N GLU A 109 0.39 1.61 -10.14
CA GLU A 109 -1.02 1.91 -10.34
C GLU A 109 -1.82 0.64 -10.43
N ALA A 110 -1.22 -0.36 -11.04
CA ALA A 110 -1.81 -1.66 -11.12
C ALA A 110 -1.91 -2.27 -9.74
N PHE A 111 -0.87 -2.02 -8.94
CA PHE A 111 -0.82 -2.49 -7.57
C PHE A 111 -1.92 -1.80 -6.77
N ALA A 112 -1.97 -0.48 -6.89
CA ALA A 112 -2.96 0.34 -6.20
C ALA A 112 -4.37 -0.14 -6.49
N LYS A 113 -4.65 -0.38 -7.76
CA LYS A 113 -5.95 -0.86 -8.17
C LYS A 113 -6.22 -2.23 -7.57
N ALA A 114 -5.32 -3.16 -7.81
CA ALA A 114 -5.45 -4.54 -7.32
C ALA A 114 -5.69 -4.59 -5.82
N MET A 115 -4.99 -3.74 -5.11
CA MET A 115 -5.11 -3.65 -3.67
C MET A 115 -6.50 -3.23 -3.27
N GLN A 116 -6.99 -2.12 -3.78
CA GLN A 116 -8.34 -1.73 -3.40
C GLN A 116 -9.45 -2.51 -4.11
N ASN A 117 -9.07 -3.31 -5.09
CA ASN A 117 -10.01 -4.20 -5.75
C ASN A 117 -10.24 -5.45 -4.91
N ASN A 118 -9.33 -5.74 -3.99
CA ASN A 118 -9.44 -6.98 -3.19
C ASN A 118 -9.28 -6.76 -1.70
N ALA A 119 -8.29 -6.01 -1.32
CA ALA A 119 -7.90 -5.89 0.07
C ALA A 119 -8.41 -4.62 0.74
N LYS A 120 -9.36 -3.94 0.14
CA LYS A 120 -9.92 -2.77 0.79
C LYS A 120 -11.05 -3.27 1.69
N PRO A 121 -10.93 -3.10 3.01
CA PRO A 121 -11.90 -3.65 3.96
C PRO A 121 -13.22 -2.88 3.97
N GLU A 122 -14.02 -3.10 2.95
CA GLU A 122 -15.29 -2.44 2.83
C GLU A 122 -16.36 -3.27 3.47
N GLN A 123 -16.70 -2.90 4.70
CA GLN A 123 -17.72 -3.54 5.54
C GLN A 123 -17.33 -4.97 5.94
N LYS A 124 -17.41 -5.89 4.97
CA LYS A 124 -17.17 -7.31 5.17
C LYS A 124 -17.88 -7.90 6.34
N GLU A 125 -19.16 -7.89 6.22
CA GLU A 125 -20.07 -8.48 7.16
C GLU A 125 -21.36 -8.64 6.39
N GLY A 126 -21.30 -9.56 5.49
CA GLY A 126 -22.39 -9.90 4.65
C GLY A 126 -22.44 -11.38 4.57
N ASP A 127 -22.89 -11.96 5.64
CA ASP A 127 -22.90 -13.38 5.80
C ASP A 127 -24.09 -13.97 5.02
N THR A 128 -24.25 -15.26 5.03
CA THR A 128 -25.28 -15.87 4.27
C THR A 128 -26.52 -16.14 5.13
N LYS A 129 -27.57 -15.43 4.87
CA LYS A 129 -28.83 -15.63 5.55
C LYS A 129 -29.93 -15.91 4.55
N ASP A 130 -30.00 -17.16 4.17
CA ASP A 130 -30.94 -17.64 3.16
C ASP A 130 -32.22 -18.14 3.81
N LYS A 131 -32.13 -18.53 5.07
CA LYS A 131 -33.30 -18.99 5.79
C LYS A 131 -34.03 -17.78 6.33
N LYS A 132 -35.19 -17.52 5.80
CA LYS A 132 -35.93 -16.33 6.14
C LYS A 132 -37.39 -16.68 6.30
N ASP A 133 -38.18 -15.68 6.65
CA ASP A 133 -39.64 -15.80 6.64
C ASP A 133 -40.08 -15.97 5.20
N GLU A 134 -39.33 -15.37 4.30
CA GLU A 134 -39.49 -15.54 2.90
C GLU A 134 -38.80 -16.84 2.53
N GLU A 135 -39.54 -17.90 2.56
CA GLU A 135 -39.04 -19.21 2.34
C GLU A 135 -39.70 -19.81 1.12
N GLU A 136 -40.99 -19.82 1.13
CA GLU A 136 -41.76 -20.45 0.12
C GLU A 136 -42.34 -19.41 -0.83
N ASP A 137 -42.45 -19.77 -2.08
CA ASP A 137 -43.10 -18.94 -3.07
C ASP A 137 -44.50 -19.47 -3.27
N MET A 138 -45.49 -18.65 -3.10
CA MET A 138 -46.85 -19.09 -3.29
C MET A 138 -47.17 -19.13 -4.77
N SER A 139 -46.75 -20.20 -5.39
CA SER A 139 -46.95 -20.37 -6.80
C SER A 139 -48.39 -20.81 -7.06
N LEU A 140 -48.98 -21.50 -6.09
CA LEU A 140 -50.33 -22.04 -6.22
C LEU A 140 -51.36 -20.95 -6.47
N ASP A 141 -51.38 -19.94 -5.63
CA ASP A 141 -52.30 -18.84 -5.80
C ASP A 141 -51.60 -17.59 -5.37
N SER A 1 12.84 -4.18 17.15
CA SER A 1 13.45 -3.15 16.33
C SER A 1 14.61 -3.76 15.56
N ASN A 2 15.00 -3.16 14.46
CA ASN A 2 16.11 -3.67 13.70
C ASN A 2 17.20 -2.62 13.57
N ALA A 3 18.41 -3.07 13.64
CA ALA A 3 19.57 -2.23 13.57
C ALA A 3 20.21 -2.41 12.23
N ILE A 4 19.88 -1.53 11.35
CA ILE A 4 20.35 -1.60 9.99
C ILE A 4 21.24 -0.42 9.64
N LEU A 5 21.27 0.59 10.53
CA LEU A 5 22.07 1.82 10.38
C LEU A 5 21.50 2.69 9.25
N ALA A 6 21.58 2.15 8.07
CA ALA A 6 21.17 2.75 6.81
C ALA A 6 21.60 1.79 5.74
N THR A 7 22.75 1.13 6.04
CA THR A 7 23.35 0.08 5.22
C THR A 7 24.00 0.67 3.94
N MET A 8 23.22 1.38 3.18
CA MET A 8 23.66 1.97 1.95
C MET A 8 23.27 3.44 1.89
N ASN A 9 24.24 4.29 2.12
CA ASN A 9 24.03 5.73 2.06
C ASN A 9 24.07 6.18 0.63
N VAL A 10 22.92 6.46 0.08
CA VAL A 10 22.81 6.89 -1.30
C VAL A 10 21.81 8.03 -1.43
N PRO A 11 22.15 9.08 -2.19
CA PRO A 11 21.19 10.12 -2.55
C PRO A 11 20.13 9.53 -3.47
N ALA A 12 20.61 8.75 -4.47
CA ALA A 12 19.78 7.99 -5.40
C ALA A 12 18.80 8.87 -6.19
N GLY A 13 17.87 8.22 -6.84
CA GLY A 13 16.81 8.89 -7.53
C GLY A 13 15.51 8.15 -7.32
N PRO A 14 14.89 8.29 -6.13
CA PRO A 14 13.66 7.56 -5.77
C PRO A 14 12.46 7.90 -6.66
N ALA A 15 12.22 9.18 -6.89
CA ALA A 15 11.08 9.60 -7.67
C ALA A 15 11.29 9.30 -9.14
N GLY A 16 10.40 8.53 -9.70
CA GLY A 16 10.45 8.18 -11.08
C GLY A 16 9.08 7.77 -11.55
N GLY A 17 8.47 8.58 -12.38
CA GLY A 17 7.15 8.29 -12.88
C GLY A 17 6.09 8.44 -11.80
N GLN A 18 5.46 7.32 -11.44
CA GLN A 18 4.43 7.23 -10.40
C GLN A 18 3.11 7.87 -10.80
N GLN A 19 2.16 7.03 -11.15
CA GLN A 19 0.81 7.44 -11.48
C GLN A 19 -0.10 6.99 -10.36
N VAL A 20 -1.27 7.63 -10.24
CA VAL A 20 -2.25 7.35 -9.18
C VAL A 20 -1.74 7.82 -7.82
N ASP A 21 -2.51 8.64 -7.15
CA ASP A 21 -2.09 9.20 -5.89
C ASP A 21 -2.08 8.12 -4.83
N LEU A 22 -0.88 7.69 -4.51
CA LEU A 22 -0.63 6.63 -3.58
C LEU A 22 -1.28 6.82 -2.20
N ALA A 23 -1.35 8.04 -1.74
CA ALA A 23 -1.87 8.32 -0.40
C ALA A 23 -3.39 8.35 -0.41
N SER A 24 -3.96 8.60 -1.55
CA SER A 24 -5.38 8.64 -1.70
C SER A 24 -5.95 7.22 -1.91
N VAL A 25 -5.10 6.30 -2.30
CA VAL A 25 -5.54 4.94 -2.55
C VAL A 25 -5.10 3.98 -1.43
N LEU A 26 -3.87 4.11 -0.99
CA LEU A 26 -3.36 3.27 0.06
C LEU A 26 -3.38 4.05 1.35
N THR A 27 -4.13 3.58 2.30
CA THR A 27 -4.23 4.22 3.56
C THR A 27 -3.30 3.55 4.59
N PRO A 28 -2.89 4.28 5.66
CA PRO A 28 -1.96 3.79 6.70
C PRO A 28 -2.36 2.43 7.28
N GLU A 29 -3.66 2.18 7.34
CA GLU A 29 -4.22 0.93 7.86
C GLU A 29 -3.85 -0.28 7.00
N ILE A 30 -3.79 -0.07 5.69
CA ILE A 30 -3.49 -1.14 4.75
C ILE A 30 -1.99 -1.37 4.72
N MET A 31 -1.25 -0.31 4.88
CA MET A 31 0.20 -0.35 4.76
C MET A 31 0.85 -0.79 6.07
N ALA A 32 0.05 -0.83 7.13
CA ALA A 32 0.53 -1.16 8.47
C ALA A 32 1.26 -2.52 8.57
N PRO A 33 0.65 -3.67 8.15
CA PRO A 33 1.32 -4.98 8.27
C PRO A 33 2.48 -5.13 7.29
N ILE A 34 2.46 -4.36 6.23
CA ILE A 34 3.48 -4.45 5.21
C ILE A 34 4.74 -3.74 5.66
N LEU A 35 4.62 -2.47 5.97
CA LEU A 35 5.79 -1.66 6.34
C LEU A 35 6.37 -2.04 7.70
N ALA A 36 5.62 -2.83 8.47
CA ALA A 36 6.10 -3.30 9.78
C ALA A 36 7.09 -4.44 9.60
N ASN A 37 7.25 -4.87 8.38
CA ASN A 37 8.16 -5.92 8.04
C ASN A 37 9.53 -5.30 7.82
N ALA A 38 10.49 -5.70 8.63
CA ALA A 38 11.85 -5.14 8.57
C ALA A 38 12.51 -5.41 7.22
N ASP A 39 12.19 -6.54 6.65
CA ASP A 39 12.74 -6.99 5.37
C ASP A 39 12.30 -6.05 4.20
N VAL A 40 11.04 -5.59 4.22
CA VAL A 40 10.58 -4.64 3.21
C VAL A 40 11.24 -3.30 3.42
N GLN A 41 11.46 -2.94 4.68
CA GLN A 41 12.11 -1.69 5.05
C GLN A 41 13.52 -1.62 4.48
N GLU A 42 14.15 -2.77 4.38
CA GLU A 42 15.47 -2.86 3.81
C GLU A 42 15.46 -2.55 2.31
N ARG A 43 14.34 -2.85 1.65
CA ARG A 43 14.17 -2.46 0.23
C ARG A 43 13.88 -0.96 0.09
N LEU A 44 13.34 -0.38 1.14
CA LEU A 44 13.03 1.04 1.14
C LEU A 44 14.25 1.87 1.53
N LEU A 45 15.24 1.22 2.13
CA LEU A 45 16.52 1.85 2.55
C LEU A 45 17.23 2.68 1.45
N PRO A 46 17.38 2.20 0.18
CA PRO A 46 18.03 3.00 -0.87
C PRO A 46 17.22 4.24 -1.22
N TYR A 47 15.95 4.22 -0.86
CA TYR A 47 15.04 5.28 -1.23
C TYR A 47 14.60 6.07 -0.01
N LEU A 48 15.18 5.74 1.13
CA LEU A 48 14.91 6.40 2.41
C LEU A 48 15.19 7.90 2.28
N PRO A 49 14.13 8.74 2.38
CA PRO A 49 14.22 10.18 2.22
C PRO A 49 15.12 10.87 3.26
N SER A 50 15.34 12.13 3.01
CA SER A 50 16.27 12.95 3.73
C SER A 50 15.81 13.25 5.16
N GLY A 51 16.59 12.77 6.12
CA GLY A 51 16.33 13.02 7.53
C GLY A 51 15.17 12.21 8.07
N GLU A 52 14.72 11.26 7.31
CA GLU A 52 13.56 10.49 7.66
C GLU A 52 13.95 9.17 8.29
N SER A 53 12.98 8.51 8.86
CA SER A 53 13.21 7.28 9.56
C SER A 53 12.16 6.22 9.21
N LEU A 54 12.46 5.01 9.56
CA LEU A 54 11.60 3.88 9.35
C LEU A 54 10.89 3.54 10.66
N PRO A 55 9.54 3.53 10.68
CA PRO A 55 8.78 3.15 11.88
C PRO A 55 8.95 1.66 12.17
N GLN A 56 9.16 1.32 13.43
CA GLN A 56 9.47 -0.06 13.80
C GLN A 56 8.26 -0.99 13.78
N THR A 57 7.21 -0.66 14.50
CA THR A 57 6.06 -1.54 14.57
C THR A 57 4.91 -0.97 13.75
N ALA A 58 3.85 -1.76 13.55
CA ALA A 58 2.67 -1.29 12.83
C ALA A 58 2.03 -0.12 13.55
N ASP A 59 2.10 -0.16 14.88
CA ASP A 59 1.60 0.91 15.74
C ASP A 59 2.34 2.19 15.46
N GLU A 60 3.67 2.10 15.43
CA GLU A 60 4.51 3.24 15.16
C GLU A 60 4.17 3.83 13.80
N ILE A 61 3.92 2.96 12.84
CA ILE A 61 3.56 3.36 11.49
C ILE A 61 2.31 4.22 11.48
N GLN A 62 1.32 3.83 12.26
CA GLN A 62 0.06 4.56 12.31
C GLN A 62 0.25 5.94 12.97
N ASN A 63 1.21 6.01 13.87
CA ASN A 63 1.49 7.25 14.59
C ASN A 63 2.35 8.18 13.74
N THR A 64 3.41 7.61 13.19
CA THR A 64 4.37 8.36 12.40
C THR A 64 3.77 8.79 11.04
N LEU A 65 3.05 7.90 10.42
CA LEU A 65 2.57 8.16 9.10
C LEU A 65 1.11 8.55 9.12
N THR A 66 0.85 9.81 9.31
CA THR A 66 -0.50 10.30 9.25
C THR A 66 -0.86 10.64 7.80
N SER A 67 -0.20 11.64 7.27
CA SER A 67 -0.35 12.02 5.87
C SER A 67 0.98 12.60 5.29
N PRO A 68 1.60 13.68 5.89
CA PRO A 68 2.87 14.26 5.35
C PRO A 68 4.00 13.22 5.27
N GLN A 69 4.32 12.60 6.41
CA GLN A 69 5.39 11.60 6.46
C GLN A 69 4.94 10.31 5.79
N PHE A 70 3.63 10.15 5.68
CA PHE A 70 3.06 9.00 5.03
C PHE A 70 3.37 9.04 3.55
N GLN A 71 3.21 10.20 2.93
CA GLN A 71 3.58 10.38 1.52
C GLN A 71 5.06 10.15 1.32
N GLN A 72 5.84 10.61 2.27
CA GLN A 72 7.28 10.40 2.28
C GLN A 72 7.60 8.89 2.27
N ALA A 73 7.01 8.15 3.20
CA ALA A 73 7.32 6.73 3.35
C ALA A 73 6.69 5.90 2.25
N LEU A 74 5.52 6.27 1.83
CA LEU A 74 4.84 5.54 0.81
C LEU A 74 5.49 5.80 -0.55
N GLY A 75 6.15 6.95 -0.65
CA GLY A 75 6.89 7.29 -1.84
C GLY A 75 8.08 6.39 -2.04
N MET A 76 8.84 6.15 -0.95
CA MET A 76 9.99 5.24 -1.03
C MET A 76 9.53 3.80 -1.23
N PHE A 77 8.35 3.50 -0.68
CA PHE A 77 7.71 2.22 -0.88
C PHE A 77 7.41 2.02 -2.37
N SER A 78 6.75 3.00 -2.93
CA SER A 78 6.36 3.02 -4.31
C SER A 78 7.60 2.93 -5.22
N ALA A 79 8.64 3.67 -4.87
CA ALA A 79 9.91 3.64 -5.59
C ALA A 79 10.51 2.22 -5.62
N ALA A 80 10.54 1.56 -4.46
CA ALA A 80 11.08 0.20 -4.36
C ALA A 80 10.20 -0.79 -5.12
N LEU A 81 8.91 -0.51 -5.12
CA LEU A 81 7.93 -1.31 -5.84
C LEU A 81 8.15 -1.15 -7.34
N ALA A 82 8.25 0.10 -7.78
CA ALA A 82 8.47 0.43 -9.19
C ALA A 82 9.77 -0.15 -9.71
N SER A 83 10.74 -0.29 -8.81
CA SER A 83 12.01 -0.87 -9.13
C SER A 83 11.91 -2.40 -9.32
N GLY A 84 10.87 -3.00 -8.75
CA GLY A 84 10.68 -4.44 -8.83
C GLY A 84 11.26 -5.16 -7.63
N GLN A 85 12.04 -4.43 -6.87
CA GLN A 85 12.75 -4.93 -5.69
C GLN A 85 11.78 -5.40 -4.63
N LEU A 86 10.71 -4.66 -4.48
CA LEU A 86 9.74 -4.92 -3.43
C LEU A 86 8.64 -5.87 -3.95
N GLY A 87 8.79 -6.30 -5.18
CA GLY A 87 7.83 -7.18 -5.83
C GLY A 87 7.65 -8.53 -5.14
N PRO A 88 8.72 -9.37 -5.05
CA PRO A 88 8.64 -10.71 -4.44
C PRO A 88 8.12 -10.69 -2.99
N LEU A 89 8.32 -9.57 -2.33
CA LEU A 89 7.98 -9.43 -0.93
C LEU A 89 6.48 -9.35 -0.69
N MET A 90 5.70 -9.10 -1.71
CA MET A 90 4.25 -9.04 -1.52
C MET A 90 3.67 -10.43 -1.35
N CYS A 91 4.42 -11.42 -1.80
CA CYS A 91 3.98 -12.79 -1.71
C CYS A 91 4.07 -13.27 -0.26
N GLN A 92 5.01 -12.69 0.51
CA GLN A 92 5.23 -13.12 1.90
C GLN A 92 4.20 -12.48 2.84
N PHE A 93 3.29 -11.68 2.29
CA PHE A 93 2.20 -11.11 3.07
C PHE A 93 0.90 -11.78 2.68
N GLY A 94 0.96 -12.58 1.63
CA GLY A 94 -0.23 -13.24 1.14
C GLY A 94 -1.10 -12.29 0.37
N LEU A 95 -0.47 -11.34 -0.27
CA LEU A 95 -1.17 -10.36 -1.05
C LEU A 95 -1.71 -10.97 -2.33
N PRO A 96 -2.79 -10.36 -2.87
CA PRO A 96 -3.43 -10.78 -4.11
C PRO A 96 -2.42 -11.03 -5.24
N ALA A 97 -2.71 -12.01 -6.05
CA ALA A 97 -1.84 -12.41 -7.15
C ALA A 97 -1.60 -11.26 -8.13
N GLU A 98 -2.63 -10.47 -8.34
CA GLU A 98 -2.53 -9.36 -9.24
C GLU A 98 -1.72 -8.23 -8.62
N ALA A 99 -1.78 -8.13 -7.30
CA ALA A 99 -1.03 -7.12 -6.58
C ALA A 99 0.45 -7.49 -6.57
N VAL A 100 0.77 -8.75 -6.22
CA VAL A 100 2.16 -9.19 -6.20
C VAL A 100 2.76 -9.10 -7.61
N GLU A 101 1.93 -9.42 -8.62
CA GLU A 101 2.32 -9.27 -10.02
C GLU A 101 2.73 -7.83 -10.29
N ALA A 102 1.85 -6.90 -9.95
CA ALA A 102 2.07 -5.48 -10.20
C ALA A 102 3.32 -4.99 -9.50
N ALA A 103 3.53 -5.47 -8.29
CA ALA A 103 4.69 -5.11 -7.50
C ALA A 103 5.98 -5.58 -8.18
N ASN A 104 5.90 -6.70 -8.88
CA ASN A 104 7.05 -7.22 -9.62
C ASN A 104 7.23 -6.49 -10.93
N LYS A 105 6.13 -6.09 -11.54
CA LYS A 105 6.17 -5.39 -12.82
C LYS A 105 6.65 -3.96 -12.62
N GLY A 106 6.48 -3.46 -11.42
CA GLY A 106 6.82 -2.10 -11.13
C GLY A 106 5.67 -1.18 -11.47
N ASP A 107 4.48 -1.75 -11.47
CA ASP A 107 3.27 -1.02 -11.84
C ASP A 107 2.57 -0.62 -10.55
N VAL A 108 2.66 0.64 -10.20
CA VAL A 108 2.11 1.13 -8.97
C VAL A 108 0.60 1.29 -9.02
N GLU A 109 0.06 1.59 -10.18
CA GLU A 109 -1.38 1.80 -10.30
C GLU A 109 -2.12 0.47 -10.27
N ALA A 110 -1.55 -0.55 -10.89
CA ALA A 110 -2.14 -1.88 -10.88
C ALA A 110 -2.12 -2.45 -9.47
N PHE A 111 -1.06 -2.12 -8.73
CA PHE A 111 -0.93 -2.56 -7.35
C PHE A 111 -1.96 -1.85 -6.52
N ALA A 112 -2.03 -0.54 -6.70
CA ALA A 112 -2.95 0.32 -5.96
C ALA A 112 -4.39 -0.15 -6.11
N LYS A 113 -4.82 -0.38 -7.34
CA LYS A 113 -6.19 -0.81 -7.62
C LYS A 113 -6.47 -2.17 -6.98
N ALA A 114 -5.52 -3.07 -7.12
CA ALA A 114 -5.65 -4.42 -6.58
C ALA A 114 -5.74 -4.38 -5.06
N MET A 115 -4.97 -3.52 -4.44
CA MET A 115 -4.94 -3.41 -3.01
C MET A 115 -6.22 -2.83 -2.43
N GLN A 116 -6.78 -1.83 -3.07
CA GLN A 116 -8.02 -1.26 -2.55
C GLN A 116 -9.23 -2.15 -2.78
N ASN A 117 -9.16 -3.02 -3.77
CA ASN A 117 -10.23 -3.96 -4.02
C ASN A 117 -10.12 -5.18 -3.14
N ASN A 118 -8.91 -5.65 -2.91
CA ASN A 118 -8.70 -6.90 -2.19
C ASN A 118 -8.34 -6.70 -0.73
N ALA A 119 -7.40 -5.79 -0.45
CA ALA A 119 -6.88 -5.63 0.91
C ALA A 119 -7.76 -4.72 1.75
N LYS A 120 -8.88 -4.38 1.22
CA LYS A 120 -9.87 -3.62 1.92
C LYS A 120 -11.05 -4.56 2.14
N PRO A 121 -11.09 -5.26 3.31
CA PRO A 121 -12.10 -6.30 3.57
C PRO A 121 -13.53 -5.79 3.63
N GLU A 122 -13.71 -4.65 4.30
CA GLU A 122 -15.03 -4.02 4.52
C GLU A 122 -15.93 -4.85 5.44
N GLN A 123 -17.03 -4.28 5.82
CA GLN A 123 -17.96 -4.91 6.73
C GLN A 123 -19.41 -4.53 6.41
N LYS A 124 -19.68 -3.23 6.41
CA LYS A 124 -20.98 -2.63 6.12
C LYS A 124 -22.18 -3.37 6.73
N GLU A 125 -22.35 -3.22 8.03
CA GLU A 125 -23.41 -3.87 8.75
C GLU A 125 -24.73 -3.14 8.56
N GLY A 126 -24.72 -2.04 7.79
CA GLY A 126 -25.92 -1.25 7.53
C GLY A 126 -26.85 -1.96 6.56
N ASP A 127 -27.23 -3.13 6.94
CA ASP A 127 -28.07 -4.02 6.19
C ASP A 127 -28.99 -4.69 7.19
N THR A 128 -28.40 -5.49 8.06
CA THR A 128 -29.07 -6.15 9.17
C THR A 128 -30.08 -7.25 8.67
N LYS A 129 -30.28 -8.29 9.49
CA LYS A 129 -31.20 -9.39 9.18
C LYS A 129 -32.64 -8.91 9.27
N ASP A 130 -32.83 -7.85 10.01
CA ASP A 130 -34.11 -7.28 10.27
C ASP A 130 -34.57 -6.46 9.10
N LYS A 131 -35.86 -6.57 8.80
CA LYS A 131 -36.52 -5.89 7.68
C LYS A 131 -36.01 -6.50 6.36
N LYS A 132 -35.69 -7.77 6.44
CA LYS A 132 -35.18 -8.50 5.30
C LYS A 132 -36.03 -9.72 5.03
N ASP A 133 -36.21 -10.53 6.05
CA ASP A 133 -36.87 -11.81 5.88
C ASP A 133 -38.34 -11.79 6.23
N GLU A 134 -38.65 -11.74 7.51
CA GLU A 134 -40.03 -11.85 7.94
C GLU A 134 -40.80 -10.54 7.87
N GLU A 135 -41.59 -10.45 6.83
CA GLU A 135 -42.52 -9.40 6.60
C GLU A 135 -43.42 -9.91 5.50
N GLU A 136 -44.40 -10.68 5.89
CA GLU A 136 -45.26 -11.29 4.94
C GLU A 136 -46.48 -10.44 4.72
N ASP A 137 -46.56 -9.86 3.57
CA ASP A 137 -47.72 -9.16 3.15
C ASP A 137 -48.12 -9.75 1.83
N MET A 138 -49.35 -10.07 1.67
CA MET A 138 -49.77 -10.66 0.44
C MET A 138 -50.28 -9.60 -0.51
N SER A 139 -51.05 -8.66 0.03
CA SER A 139 -51.57 -7.53 -0.73
C SER A 139 -52.32 -8.01 -1.99
N LEU A 140 -53.08 -9.10 -1.81
CA LEU A 140 -53.79 -9.80 -2.88
C LEU A 140 -52.80 -10.46 -3.83
N ASP A 141 -52.45 -11.67 -3.52
CA ASP A 141 -51.49 -12.41 -4.29
C ASP A 141 -52.01 -13.81 -4.50
N SER A 1 15.21 19.86 16.97
CA SER A 1 16.04 19.05 16.11
C SER A 1 15.96 17.60 16.53
N ASN A 2 15.32 16.78 15.74
CA ASN A 2 15.14 15.38 16.01
C ASN A 2 16.15 14.61 15.17
N ALA A 3 17.35 14.49 15.68
CA ALA A 3 18.46 13.98 14.91
C ALA A 3 18.62 12.48 14.96
N ILE A 4 17.90 11.80 14.09
CA ILE A 4 18.15 10.39 13.86
C ILE A 4 18.78 10.26 12.50
N LEU A 5 18.00 10.55 11.48
CA LEU A 5 18.48 10.49 10.12
C LEU A 5 18.41 11.89 9.49
N ALA A 6 17.69 12.78 10.16
CA ALA A 6 17.53 14.16 9.71
C ALA A 6 18.89 14.84 9.59
N THR A 7 19.12 15.43 8.47
CA THR A 7 20.35 16.09 8.17
C THR A 7 20.05 17.43 7.45
N MET A 8 21.06 18.07 6.95
CA MET A 8 20.91 19.37 6.32
C MET A 8 20.44 19.23 4.87
N ASN A 9 20.59 18.04 4.34
CA ASN A 9 20.29 17.80 2.93
C ASN A 9 19.15 16.83 2.77
N VAL A 10 18.51 16.91 1.63
CA VAL A 10 17.43 16.04 1.23
C VAL A 10 17.66 15.71 -0.24
N PRO A 11 17.79 14.41 -0.60
CA PRO A 11 18.04 14.00 -1.98
C PRO A 11 16.89 14.37 -2.90
N ALA A 12 15.67 14.08 -2.44
CA ALA A 12 14.44 14.33 -3.19
C ALA A 12 14.45 13.50 -4.49
N GLY A 13 13.62 13.86 -5.41
CA GLY A 13 13.57 13.17 -6.66
C GLY A 13 12.34 13.55 -7.41
N PRO A 14 12.00 12.80 -8.47
CA PRO A 14 10.79 13.04 -9.27
C PRO A 14 9.54 13.03 -8.40
N ALA A 15 8.63 13.95 -8.66
CA ALA A 15 7.41 14.06 -7.90
C ALA A 15 6.53 12.85 -8.12
N GLY A 16 6.42 12.02 -7.10
CA GLY A 16 5.64 10.81 -7.17
C GLY A 16 4.19 11.07 -6.89
N GLY A 17 3.63 12.00 -7.63
CA GLY A 17 2.26 12.35 -7.49
C GLY A 17 1.50 11.87 -8.69
N GLN A 18 0.50 11.10 -8.45
CA GLN A 18 -0.30 10.52 -9.50
C GLN A 18 -1.77 10.69 -9.17
N GLN A 19 -2.61 10.56 -10.17
CA GLN A 19 -4.05 10.77 -10.05
C GLN A 19 -4.66 9.78 -9.06
N VAL A 20 -4.25 8.55 -9.16
CA VAL A 20 -4.65 7.55 -8.20
C VAL A 20 -3.67 7.67 -7.04
N ASP A 21 -3.96 8.65 -6.20
CA ASP A 21 -3.11 9.01 -5.07
C ASP A 21 -2.88 7.86 -4.15
N LEU A 22 -1.62 7.53 -4.02
CA LEU A 22 -1.14 6.44 -3.21
C LEU A 22 -1.67 6.46 -1.77
N ALA A 23 -1.79 7.61 -1.18
CA ALA A 23 -2.19 7.70 0.22
C ALA A 23 -3.70 7.59 0.40
N SER A 24 -4.44 7.91 -0.63
CA SER A 24 -5.87 7.85 -0.58
C SER A 24 -6.38 6.43 -0.76
N VAL A 25 -5.62 5.64 -1.48
CA VAL A 25 -5.97 4.25 -1.70
C VAL A 25 -5.23 3.32 -0.73
N LEU A 26 -3.95 3.54 -0.57
CA LEU A 26 -3.14 2.74 0.30
C LEU A 26 -2.93 3.53 1.59
N THR A 27 -3.73 3.23 2.58
CA THR A 27 -3.72 3.96 3.81
C THR A 27 -2.74 3.36 4.82
N PRO A 28 -2.30 4.17 5.84
CA PRO A 28 -1.35 3.73 6.88
C PRO A 28 -1.84 2.50 7.63
N GLU A 29 -3.15 2.34 7.71
CA GLU A 29 -3.74 1.19 8.40
C GLU A 29 -3.43 -0.12 7.65
N ILE A 30 -3.34 -0.04 6.33
CA ILE A 30 -3.05 -1.20 5.50
C ILE A 30 -1.55 -1.43 5.49
N MET A 31 -0.83 -0.34 5.47
CA MET A 31 0.63 -0.36 5.38
C MET A 31 1.30 -0.64 6.72
N ALA A 32 0.50 -0.73 7.76
CA ALA A 32 0.99 -0.98 9.10
C ALA A 32 1.74 -2.33 9.22
N PRO A 33 1.11 -3.51 8.89
CA PRO A 33 1.79 -4.80 9.00
C PRO A 33 2.88 -4.97 7.93
N ILE A 34 2.75 -4.21 6.86
CA ILE A 34 3.68 -4.29 5.75
C ILE A 34 4.97 -3.58 6.10
N LEU A 35 4.90 -2.31 6.45
CA LEU A 35 6.11 -1.51 6.75
C LEU A 35 6.76 -1.91 8.06
N ALA A 36 6.06 -2.69 8.86
CA ALA A 36 6.61 -3.19 10.12
C ALA A 36 7.54 -4.37 9.85
N ASN A 37 7.61 -4.79 8.61
CA ASN A 37 8.47 -5.87 8.18
C ASN A 37 9.86 -5.30 7.91
N ALA A 38 10.85 -5.84 8.56
CA ALA A 38 12.22 -5.35 8.46
C ALA A 38 12.82 -5.55 7.07
N ASP A 39 12.36 -6.55 6.36
CA ASP A 39 12.86 -6.85 5.03
C ASP A 39 12.37 -5.80 4.05
N VAL A 40 11.08 -5.43 4.15
CA VAL A 40 10.55 -4.38 3.27
C VAL A 40 11.28 -3.09 3.54
N GLN A 41 11.62 -2.87 4.81
CA GLN A 41 12.35 -1.72 5.24
C GLN A 41 13.72 -1.67 4.57
N GLU A 42 14.33 -2.82 4.45
CA GLU A 42 15.63 -2.95 3.82
C GLU A 42 15.55 -2.55 2.32
N ARG A 43 14.42 -2.88 1.69
CA ARG A 43 14.19 -2.57 0.28
C ARG A 43 13.90 -1.06 0.10
N LEU A 44 13.36 -0.44 1.14
CA LEU A 44 13.03 0.98 1.13
C LEU A 44 14.21 1.85 1.54
N LEU A 45 15.13 1.27 2.31
CA LEU A 45 16.35 1.96 2.80
C LEU A 45 17.09 2.81 1.74
N PRO A 46 17.38 2.29 0.52
CA PRO A 46 18.09 3.09 -0.51
C PRO A 46 17.29 4.35 -0.93
N TYR A 47 16.00 4.31 -0.76
CA TYR A 47 15.12 5.37 -1.24
C TYR A 47 14.60 6.23 -0.10
N LEU A 48 15.07 5.92 1.11
CA LEU A 48 14.68 6.59 2.35
C LEU A 48 14.88 8.11 2.26
N PRO A 49 13.81 8.90 2.44
CA PRO A 49 13.92 10.34 2.45
C PRO A 49 14.65 10.82 3.69
N SER A 50 15.59 11.69 3.47
CA SER A 50 16.33 12.26 4.55
C SER A 50 15.37 13.12 5.37
N GLY A 51 15.46 13.00 6.66
CA GLY A 51 14.53 13.66 7.52
C GLY A 51 13.58 12.67 8.15
N GLU A 52 13.50 11.48 7.58
CA GLU A 52 12.67 10.43 8.15
C GLU A 52 13.48 9.20 8.45
N SER A 53 12.83 8.20 8.97
CA SER A 53 13.40 6.94 9.30
C SER A 53 12.27 5.92 9.23
N LEU A 54 12.60 4.66 9.26
CA LEU A 54 11.61 3.61 9.21
C LEU A 54 11.23 3.15 10.61
N PRO A 55 9.94 3.32 10.99
CA PRO A 55 9.43 2.88 12.28
C PRO A 55 9.27 1.34 12.34
N GLN A 56 9.60 0.77 13.49
CA GLN A 56 9.62 -0.67 13.69
C GLN A 56 8.24 -1.29 13.86
N THR A 57 7.47 -0.77 14.79
CA THR A 57 6.18 -1.35 15.08
C THR A 57 5.06 -0.66 14.31
N ALA A 58 4.00 -1.40 14.04
CA ALA A 58 2.82 -0.88 13.34
C ALA A 58 2.26 0.36 14.03
N ASP A 59 2.30 0.33 15.35
CA ASP A 59 1.80 1.41 16.20
C ASP A 59 2.52 2.72 15.93
N GLU A 60 3.86 2.69 16.00
CA GLU A 60 4.65 3.89 15.78
C GLU A 60 4.53 4.37 14.33
N ILE A 61 4.33 3.44 13.40
CA ILE A 61 4.09 3.74 12.00
C ILE A 61 2.84 4.62 11.86
N GLN A 62 1.77 4.23 12.57
CA GLN A 62 0.50 4.97 12.51
C GLN A 62 0.68 6.40 13.02
N ASN A 63 1.51 6.53 14.04
CA ASN A 63 1.76 7.82 14.68
C ASN A 63 2.61 8.70 13.81
N THR A 64 3.74 8.17 13.37
CA THR A 64 4.68 8.94 12.60
C THR A 64 4.17 9.22 11.18
N LEU A 65 3.64 8.21 10.54
CA LEU A 65 3.22 8.30 9.18
C LEU A 65 1.70 8.35 9.10
N THR A 66 1.17 9.54 9.04
CA THR A 66 -0.24 9.73 8.94
C THR A 66 -0.61 10.30 7.55
N SER A 67 0.01 11.40 7.14
CA SER A 67 -0.28 11.94 5.83
C SER A 67 0.97 12.49 5.07
N PRO A 68 1.57 13.69 5.41
CA PRO A 68 2.70 14.25 4.63
C PRO A 68 3.92 13.34 4.63
N GLN A 69 4.30 12.90 5.81
CA GLN A 69 5.45 12.03 5.98
C GLN A 69 5.12 10.67 5.40
N PHE A 70 3.87 10.27 5.54
CA PHE A 70 3.40 9.00 5.03
C PHE A 70 3.52 8.96 3.50
N GLN A 71 3.26 10.07 2.85
CA GLN A 71 3.38 10.16 1.41
C GLN A 71 4.83 10.04 0.97
N GLN A 72 5.75 10.44 1.82
CA GLN A 72 7.17 10.32 1.53
C GLN A 72 7.60 8.88 1.72
N ALA A 73 7.16 8.30 2.81
CA ALA A 73 7.44 6.91 3.13
C ALA A 73 6.80 5.98 2.10
N LEU A 74 5.60 6.32 1.69
CA LEU A 74 4.90 5.54 0.69
C LEU A 74 5.53 5.82 -0.68
N GLY A 75 6.20 6.94 -0.79
CA GLY A 75 6.92 7.29 -1.99
C GLY A 75 8.11 6.38 -2.21
N MET A 76 8.90 6.18 -1.14
CA MET A 76 10.05 5.27 -1.23
C MET A 76 9.56 3.83 -1.37
N PHE A 77 8.42 3.54 -0.75
CA PHE A 77 7.75 2.26 -0.89
C PHE A 77 7.45 2.02 -2.36
N SER A 78 6.85 3.01 -2.98
CA SER A 78 6.51 2.98 -4.39
C SER A 78 7.75 2.87 -5.27
N ALA A 79 8.86 3.46 -4.84
CA ALA A 79 10.10 3.39 -5.59
C ALA A 79 10.66 1.97 -5.57
N ALA A 80 10.67 1.35 -4.39
CA ALA A 80 11.15 -0.03 -4.26
C ALA A 80 10.21 -0.98 -5.00
N LEU A 81 8.93 -0.66 -4.98
CA LEU A 81 7.91 -1.41 -5.67
C LEU A 81 8.12 -1.27 -7.18
N ALA A 82 8.33 -0.04 -7.64
CA ALA A 82 8.52 0.26 -9.05
C ALA A 82 9.81 -0.32 -9.60
N SER A 83 10.66 -0.80 -8.73
CA SER A 83 11.88 -1.41 -9.13
C SER A 83 11.73 -2.93 -9.14
N GLY A 84 10.60 -3.43 -8.65
CA GLY A 84 10.36 -4.86 -8.57
C GLY A 84 11.10 -5.50 -7.40
N GLN A 85 11.69 -4.69 -6.55
CA GLN A 85 12.47 -5.18 -5.42
C GLN A 85 11.55 -5.55 -4.28
N LEU A 86 10.46 -4.85 -4.21
CA LEU A 86 9.50 -5.07 -3.13
C LEU A 86 8.41 -6.06 -3.61
N GLY A 87 8.59 -6.56 -4.83
CA GLY A 87 7.66 -7.48 -5.45
C GLY A 87 7.48 -8.80 -4.68
N PRO A 88 8.58 -9.59 -4.48
CA PRO A 88 8.55 -10.89 -3.76
C PRO A 88 7.89 -10.81 -2.37
N LEU A 89 7.96 -9.63 -1.78
CA LEU A 89 7.42 -9.37 -0.46
C LEU A 89 5.91 -9.48 -0.44
N MET A 90 5.27 -9.08 -1.52
CA MET A 90 3.81 -9.07 -1.57
C MET A 90 3.25 -10.46 -1.63
N CYS A 91 4.07 -11.37 -2.10
CA CYS A 91 3.70 -12.75 -2.25
C CYS A 91 3.52 -13.39 -0.86
N GLN A 92 4.31 -12.94 0.11
CA GLN A 92 4.26 -13.55 1.44
C GLN A 92 3.22 -12.87 2.34
N PHE A 93 2.76 -11.68 1.93
CA PHE A 93 1.76 -10.96 2.75
C PHE A 93 0.35 -11.42 2.46
N GLY A 94 0.23 -12.35 1.53
CA GLY A 94 -1.08 -12.86 1.16
C GLY A 94 -1.82 -11.88 0.29
N LEU A 95 -1.08 -11.20 -0.55
CA LEU A 95 -1.66 -10.23 -1.45
C LEU A 95 -2.09 -10.88 -2.75
N PRO A 96 -3.13 -10.28 -3.41
CA PRO A 96 -3.68 -10.75 -4.69
C PRO A 96 -2.62 -10.97 -5.77
N ALA A 97 -2.95 -11.81 -6.74
CA ALA A 97 -2.07 -12.10 -7.86
C ALA A 97 -1.79 -10.83 -8.64
N GLU A 98 -2.81 -9.98 -8.79
CA GLU A 98 -2.67 -8.71 -9.49
C GLU A 98 -1.73 -7.80 -8.72
N ALA A 99 -1.83 -7.86 -7.40
CA ALA A 99 -1.04 -7.02 -6.54
C ALA A 99 0.42 -7.43 -6.59
N VAL A 100 0.69 -8.71 -6.44
CA VAL A 100 2.07 -9.18 -6.47
C VAL A 100 2.67 -9.05 -7.89
N GLU A 101 1.84 -9.25 -8.91
CA GLU A 101 2.27 -9.08 -10.30
C GLU A 101 2.68 -7.63 -10.51
N ALA A 102 1.83 -6.71 -10.08
CA ALA A 102 2.08 -5.28 -10.22
C ALA A 102 3.30 -4.86 -9.42
N ALA A 103 3.51 -5.50 -8.28
CA ALA A 103 4.66 -5.20 -7.43
C ALA A 103 5.95 -5.67 -8.09
N ASN A 104 5.86 -6.71 -8.89
CA ASN A 104 7.00 -7.21 -9.64
C ASN A 104 7.22 -6.35 -10.86
N LYS A 105 6.11 -5.99 -11.52
CA LYS A 105 6.17 -5.13 -12.72
C LYS A 105 6.62 -3.74 -12.37
N GLY A 106 6.40 -3.36 -11.14
CA GLY A 106 6.78 -2.06 -10.69
C GLY A 106 5.72 -1.05 -11.03
N ASP A 107 4.48 -1.49 -11.02
CA ASP A 107 3.36 -0.65 -11.39
C ASP A 107 2.59 -0.30 -10.13
N VAL A 108 2.74 0.91 -9.68
CA VAL A 108 2.15 1.34 -8.43
C VAL A 108 0.65 1.61 -8.58
N GLU A 109 0.26 2.01 -9.77
CA GLU A 109 -1.12 2.35 -10.05
C GLU A 109 -1.97 1.09 -10.14
N ALA A 110 -1.40 0.06 -10.75
CA ALA A 110 -2.06 -1.21 -10.84
C ALA A 110 -2.13 -1.84 -9.47
N PHE A 111 -1.02 -1.77 -8.73
CA PHE A 111 -0.92 -2.36 -7.38
C PHE A 111 -2.00 -1.79 -6.46
N ALA A 112 -2.13 -0.48 -6.47
CA ALA A 112 -3.10 0.21 -5.64
C ALA A 112 -4.52 -0.27 -5.94
N LYS A 113 -4.86 -0.34 -7.22
CA LYS A 113 -6.20 -0.74 -7.60
C LYS A 113 -6.39 -2.23 -7.37
N ALA A 114 -5.37 -3.01 -7.68
CA ALA A 114 -5.39 -4.46 -7.53
C ALA A 114 -5.65 -4.87 -6.10
N MET A 115 -5.13 -4.09 -5.17
CA MET A 115 -5.37 -4.34 -3.79
C MET A 115 -6.83 -4.09 -3.45
N GLN A 116 -7.32 -2.90 -3.76
CA GLN A 116 -8.69 -2.55 -3.40
C GLN A 116 -9.78 -3.24 -4.22
N ASN A 117 -9.44 -3.77 -5.39
CA ASN A 117 -10.45 -4.47 -6.18
C ASN A 117 -10.58 -5.95 -5.79
N ASN A 118 -9.47 -6.57 -5.37
CA ASN A 118 -9.50 -7.98 -4.94
C ASN A 118 -9.87 -8.09 -3.47
N ALA A 119 -9.23 -7.28 -2.65
CA ALA A 119 -9.51 -7.28 -1.23
C ALA A 119 -10.67 -6.35 -0.98
N LYS A 120 -11.79 -6.75 -1.49
CA LYS A 120 -12.98 -5.97 -1.47
C LYS A 120 -14.18 -6.87 -1.18
N PRO A 121 -14.52 -7.06 0.11
CA PRO A 121 -15.72 -7.79 0.49
C PRO A 121 -16.96 -6.95 0.19
N GLU A 122 -16.74 -5.65 0.12
CA GLU A 122 -17.77 -4.70 -0.22
C GLU A 122 -18.17 -4.92 -1.66
N GLN A 123 -19.43 -5.07 -1.90
CA GLN A 123 -19.95 -5.37 -3.22
C GLN A 123 -20.02 -4.12 -4.08
N LYS A 124 -20.44 -4.28 -5.30
CA LYS A 124 -20.78 -3.17 -6.16
C LYS A 124 -22.28 -3.19 -6.26
N GLU A 125 -22.91 -2.09 -6.50
CA GLU A 125 -24.35 -2.06 -6.43
C GLU A 125 -25.03 -1.34 -7.57
N GLY A 126 -24.65 -0.13 -7.81
CA GLY A 126 -25.26 0.65 -8.84
C GLY A 126 -24.25 1.56 -9.42
N ASP A 127 -23.13 0.99 -9.69
CA ASP A 127 -21.97 1.70 -10.14
C ASP A 127 -21.39 1.04 -11.37
N THR A 128 -21.23 1.82 -12.42
CA THR A 128 -20.60 1.36 -13.61
C THR A 128 -19.10 1.25 -13.34
N LYS A 129 -18.50 2.38 -12.90
CA LYS A 129 -17.09 2.44 -12.44
C LYS A 129 -16.13 1.96 -13.56
N ASP A 130 -16.59 2.12 -14.78
CA ASP A 130 -15.91 1.65 -15.97
C ASP A 130 -16.67 2.33 -17.10
N LYS A 131 -16.51 1.85 -18.30
CA LYS A 131 -17.27 2.36 -19.42
C LYS A 131 -18.37 1.36 -19.74
N LYS A 132 -19.31 1.71 -20.58
CA LYS A 132 -20.37 0.78 -20.90
C LYS A 132 -19.99 -0.17 -22.03
N ASP A 133 -20.07 -1.44 -21.73
CA ASP A 133 -19.90 -2.53 -22.68
C ASP A 133 -20.98 -3.52 -22.39
N GLU A 134 -22.17 -3.14 -22.71
CA GLU A 134 -23.37 -3.84 -22.37
C GLU A 134 -24.44 -3.49 -23.42
N GLU A 135 -25.60 -4.13 -23.34
CA GLU A 135 -26.78 -3.82 -24.15
C GLU A 135 -26.82 -4.38 -25.56
N GLU A 136 -27.65 -5.42 -25.73
CA GLU A 136 -28.07 -5.96 -27.05
C GLU A 136 -26.99 -6.72 -27.82
N ASP A 137 -25.79 -6.16 -27.91
CA ASP A 137 -24.64 -6.76 -28.63
C ASP A 137 -24.90 -6.78 -30.13
N MET A 138 -25.65 -5.78 -30.60
CA MET A 138 -25.95 -5.54 -32.04
C MET A 138 -26.92 -6.58 -32.66
N SER A 139 -26.73 -7.86 -32.33
CA SER A 139 -27.55 -8.99 -32.83
C SER A 139 -27.27 -9.32 -34.32
N LEU A 140 -27.26 -8.29 -35.15
CA LEU A 140 -27.02 -8.45 -36.57
C LEU A 140 -25.51 -8.40 -36.88
N ASP A 141 -24.73 -8.75 -35.90
CA ASP A 141 -23.28 -8.81 -36.07
C ASP A 141 -22.83 -10.17 -35.60
N SER A 1 17.99 13.34 25.88
CA SER A 1 16.83 13.28 25.02
C SER A 1 17.28 13.21 23.57
N ASN A 2 16.99 12.12 22.92
CA ASN A 2 17.35 11.94 21.52
C ASN A 2 16.25 11.19 20.82
N ALA A 3 15.35 11.94 20.26
CA ALA A 3 14.23 11.38 19.55
C ALA A 3 13.73 12.36 18.55
N ILE A 4 13.47 11.90 17.37
CA ILE A 4 12.91 12.76 16.37
C ILE A 4 11.42 12.50 16.37
N LEU A 5 10.75 13.19 17.28
CA LEU A 5 9.32 13.01 17.49
C LEU A 5 8.54 13.60 16.33
N ALA A 6 9.16 14.54 15.62
CA ALA A 6 8.58 15.24 14.49
C ALA A 6 7.36 16.01 14.94
N THR A 7 7.62 17.03 15.72
CA THR A 7 6.60 17.87 16.24
C THR A 7 6.39 19.01 15.25
N MET A 8 5.16 19.52 15.18
CA MET A 8 4.75 20.51 14.18
C MET A 8 4.72 19.84 12.82
N ASN A 9 3.58 19.37 12.47
CA ASN A 9 3.42 18.60 11.26
C ASN A 9 2.57 19.39 10.30
N VAL A 10 3.14 19.75 9.18
CA VAL A 10 2.43 20.50 8.16
C VAL A 10 1.28 19.64 7.58
N PRO A 11 0.05 20.17 7.53
CA PRO A 11 -1.09 19.45 6.95
C PRO A 11 -1.04 19.49 5.43
N ALA A 12 -0.44 20.58 4.91
CA ALA A 12 -0.31 20.82 3.47
C ALA A 12 -1.69 20.95 2.84
N GLY A 13 -1.77 20.85 1.55
CA GLY A 13 -3.03 20.91 0.87
C GLY A 13 -3.26 19.68 0.03
N PRO A 14 -3.58 18.52 0.64
CA PRO A 14 -3.78 17.30 -0.07
C PRO A 14 -5.22 17.16 -0.55
N ALA A 15 -5.52 17.82 -1.63
CA ALA A 15 -6.84 17.77 -2.21
C ALA A 15 -6.85 16.64 -3.20
N GLY A 16 -7.05 15.45 -2.71
CA GLY A 16 -7.03 14.28 -3.54
C GLY A 16 -5.62 13.72 -3.58
N GLY A 17 -4.68 14.54 -3.99
CA GLY A 17 -3.30 14.15 -4.05
C GLY A 17 -2.78 14.17 -5.46
N GLN A 18 -3.59 13.66 -6.36
CA GLN A 18 -3.25 13.58 -7.77
C GLN A 18 -4.51 13.18 -8.55
N GLN A 19 -4.80 11.91 -8.48
CA GLN A 19 -5.95 11.28 -9.09
C GLN A 19 -5.96 9.90 -8.51
N VAL A 20 -4.96 9.14 -8.87
CA VAL A 20 -4.71 7.87 -8.27
C VAL A 20 -3.53 8.08 -7.34
N ASP A 21 -3.82 8.71 -6.23
CA ASP A 21 -2.82 9.07 -5.25
C ASP A 21 -2.58 7.92 -4.33
N LEU A 22 -1.32 7.58 -4.17
CA LEU A 22 -0.90 6.46 -3.37
C LEU A 22 -1.40 6.47 -1.94
N ALA A 23 -1.44 7.61 -1.30
CA ALA A 23 -1.76 7.66 0.12
C ALA A 23 -3.25 7.60 0.37
N SER A 24 -4.00 8.02 -0.60
CA SER A 24 -5.43 7.98 -0.49
C SER A 24 -6.01 6.62 -0.92
N VAL A 25 -5.34 5.94 -1.83
CA VAL A 25 -5.79 4.63 -2.27
C VAL A 25 -5.20 3.53 -1.35
N LEU A 26 -4.01 3.76 -0.84
CA LEU A 26 -3.36 2.85 0.07
C LEU A 26 -3.17 3.54 1.40
N THR A 27 -4.05 3.25 2.32
CA THR A 27 -4.06 3.90 3.60
C THR A 27 -3.07 3.25 4.59
N PRO A 28 -2.63 4.00 5.64
CA PRO A 28 -1.68 3.50 6.65
C PRO A 28 -2.18 2.21 7.31
N GLU A 29 -3.47 2.11 7.55
CA GLU A 29 -4.08 0.91 8.14
C GLU A 29 -3.81 -0.36 7.29
N ILE A 30 -3.61 -0.17 5.99
CA ILE A 30 -3.31 -1.28 5.09
C ILE A 30 -1.80 -1.55 5.12
N MET A 31 -1.04 -0.47 5.19
CA MET A 31 0.42 -0.53 5.08
C MET A 31 1.12 -0.85 6.40
N ALA A 32 0.42 -0.70 7.49
CA ALA A 32 0.95 -0.95 8.82
C ALA A 32 1.64 -2.33 8.99
N PRO A 33 0.96 -3.49 8.69
CA PRO A 33 1.60 -4.80 8.87
C PRO A 33 2.68 -5.07 7.82
N ILE A 34 2.64 -4.33 6.72
CA ILE A 34 3.57 -4.50 5.64
C ILE A 34 4.88 -3.79 5.97
N LEU A 35 4.80 -2.50 6.26
CA LEU A 35 6.00 -1.70 6.53
C LEU A 35 6.66 -2.05 7.85
N ALA A 36 5.91 -2.71 8.73
CA ALA A 36 6.45 -3.16 10.02
C ALA A 36 7.38 -4.36 9.82
N ASN A 37 7.39 -4.90 8.62
CA ASN A 37 8.24 -6.00 8.29
C ASN A 37 9.59 -5.50 7.82
N ALA A 38 10.62 -5.81 8.58
CA ALA A 38 11.98 -5.34 8.32
C ALA A 38 12.49 -5.77 6.94
N ASP A 39 11.95 -6.85 6.43
CA ASP A 39 12.37 -7.39 5.14
C ASP A 39 11.99 -6.40 3.99
N VAL A 40 10.84 -5.74 4.14
CA VAL A 40 10.43 -4.75 3.13
C VAL A 40 11.20 -3.47 3.38
N GLN A 41 11.49 -3.20 4.66
CA GLN A 41 12.27 -2.04 5.07
C GLN A 41 13.65 -2.10 4.46
N GLU A 42 14.17 -3.33 4.39
CA GLU A 42 15.43 -3.64 3.76
C GLU A 42 15.45 -3.09 2.33
N ARG A 43 14.37 -3.33 1.60
CA ARG A 43 14.25 -2.82 0.21
C ARG A 43 13.97 -1.32 0.14
N LEU A 44 13.37 -0.76 1.18
CA LEU A 44 13.03 0.67 1.21
C LEU A 44 14.20 1.54 1.65
N LEU A 45 15.18 0.93 2.32
CA LEU A 45 16.41 1.61 2.80
C LEU A 45 17.09 2.55 1.75
N PRO A 46 17.32 2.12 0.47
CA PRO A 46 17.96 3.00 -0.54
C PRO A 46 17.06 4.17 -0.96
N TYR A 47 15.80 4.12 -0.60
CA TYR A 47 14.86 5.15 -1.01
C TYR A 47 14.35 5.97 0.17
N LEU A 48 14.79 5.59 1.36
CA LEU A 48 14.43 6.19 2.66
C LEU A 48 14.53 7.74 2.59
N PRO A 49 13.47 8.47 2.99
CA PRO A 49 13.45 9.95 2.94
C PRO A 49 14.53 10.57 3.80
N SER A 50 15.27 11.48 3.21
CA SER A 50 16.40 12.14 3.83
C SER A 50 16.08 12.69 5.25
N GLY A 51 16.77 12.14 6.23
CA GLY A 51 16.66 12.63 7.57
C GLY A 51 15.65 11.90 8.43
N GLU A 52 14.76 11.16 7.82
CA GLU A 52 13.71 10.48 8.57
C GLU A 52 14.09 9.04 8.88
N SER A 53 13.22 8.34 9.53
CA SER A 53 13.49 6.99 9.93
C SER A 53 12.40 6.06 9.45
N LEU A 54 12.65 4.78 9.59
CA LEU A 54 11.68 3.77 9.25
C LEU A 54 10.95 3.40 10.53
N PRO A 55 9.66 3.74 10.66
CA PRO A 55 8.89 3.35 11.82
C PRO A 55 8.83 1.83 11.90
N GLN A 56 9.19 1.30 13.05
CA GLN A 56 9.31 -0.14 13.20
C GLN A 56 7.99 -0.84 13.43
N THR A 57 7.26 -0.38 14.40
CA THR A 57 6.02 -1.01 14.73
C THR A 57 4.89 -0.34 14.00
N ALA A 58 3.78 -1.05 13.84
CA ALA A 58 2.57 -0.48 13.26
C ALA A 58 2.14 0.72 14.07
N ASP A 59 2.37 0.62 15.38
CA ASP A 59 2.09 1.69 16.34
C ASP A 59 2.76 2.97 15.90
N GLU A 60 4.05 2.87 15.62
CA GLU A 60 4.85 3.98 15.14
C GLU A 60 4.42 4.44 13.77
N ILE A 61 4.15 3.49 12.88
CA ILE A 61 3.73 3.80 11.51
C ILE A 61 2.49 4.68 11.53
N GLN A 62 1.49 4.26 12.28
CA GLN A 62 0.23 4.98 12.37
C GLN A 62 0.40 6.32 13.08
N ASN A 63 1.43 6.44 13.90
CA ASN A 63 1.61 7.66 14.69
C ASN A 63 2.47 8.69 13.98
N THR A 64 3.45 8.22 13.27
CA THR A 64 4.36 9.10 12.61
C THR A 64 3.87 9.46 11.20
N LEU A 65 3.11 8.56 10.60
CA LEU A 65 2.71 8.76 9.22
C LEU A 65 1.19 8.94 9.07
N THR A 66 0.72 10.15 9.30
CA THR A 66 -0.68 10.50 9.05
C THR A 66 -0.78 11.74 8.16
N SER A 67 0.13 12.65 8.37
CA SER A 67 0.24 13.86 7.60
C SER A 67 1.05 13.52 6.29
N PRO A 68 1.38 14.53 5.39
CA PRO A 68 2.22 14.31 4.18
C PRO A 68 3.44 13.38 4.35
N GLN A 69 3.92 13.23 5.59
CA GLN A 69 5.01 12.30 5.89
C GLN A 69 4.66 10.86 5.48
N PHE A 70 3.38 10.52 5.49
CA PHE A 70 2.97 9.19 5.04
C PHE A 70 3.20 9.06 3.55
N GLN A 71 2.97 10.14 2.82
CA GLN A 71 3.17 10.16 1.37
C GLN A 71 4.67 10.06 1.08
N GLN A 72 5.46 10.58 1.98
CA GLN A 72 6.92 10.53 1.88
C GLN A 72 7.41 9.10 2.07
N ALA A 73 6.91 8.45 3.11
CA ALA A 73 7.25 7.08 3.42
C ALA A 73 6.67 6.11 2.39
N LEU A 74 5.49 6.41 1.91
CA LEU A 74 4.87 5.59 0.89
C LEU A 74 5.57 5.82 -0.45
N GLY A 75 6.25 6.95 -0.56
CA GLY A 75 7.03 7.28 -1.73
C GLY A 75 8.21 6.34 -1.91
N MET A 76 8.91 6.02 -0.80
CA MET A 76 10.04 5.09 -0.88
C MET A 76 9.54 3.69 -1.16
N PHE A 77 8.36 3.40 -0.65
CA PHE A 77 7.67 2.15 -0.89
C PHE A 77 7.37 2.03 -2.39
N SER A 78 6.79 3.10 -2.91
CA SER A 78 6.43 3.21 -4.31
C SER A 78 7.67 3.05 -5.19
N ALA A 79 8.77 3.66 -4.79
CA ALA A 79 10.01 3.59 -5.53
C ALA A 79 10.54 2.15 -5.57
N ALA A 80 10.59 1.47 -4.43
CA ALA A 80 11.07 0.08 -4.36
C ALA A 80 10.13 -0.86 -5.13
N LEU A 81 8.86 -0.51 -5.12
CA LEU A 81 7.84 -1.24 -5.84
C LEU A 81 8.09 -1.07 -7.33
N ALA A 82 8.28 0.17 -7.76
CA ALA A 82 8.54 0.51 -9.17
C ALA A 82 9.83 -0.14 -9.65
N SER A 83 10.77 -0.31 -8.73
CA SER A 83 12.02 -0.97 -9.01
C SER A 83 11.78 -2.45 -9.36
N GLY A 84 10.82 -3.05 -8.70
CA GLY A 84 10.52 -4.45 -8.90
C GLY A 84 11.01 -5.28 -7.75
N GLN A 85 11.90 -4.69 -6.95
CA GLN A 85 12.52 -5.39 -5.82
C GLN A 85 11.54 -5.63 -4.70
N LEU A 86 10.47 -4.88 -4.66
CA LEU A 86 9.51 -5.04 -3.61
C LEU A 86 8.39 -5.99 -4.05
N GLY A 87 8.52 -6.51 -5.26
CA GLY A 87 7.55 -7.43 -5.82
C GLY A 87 7.43 -8.73 -5.04
N PRO A 88 8.55 -9.53 -4.94
CA PRO A 88 8.58 -10.81 -4.20
C PRO A 88 8.14 -10.67 -2.74
N LEU A 89 8.28 -9.48 -2.20
CA LEU A 89 7.91 -9.18 -0.84
C LEU A 89 6.40 -9.27 -0.64
N MET A 90 5.65 -9.04 -1.68
CA MET A 90 4.20 -9.07 -1.57
C MET A 90 3.69 -10.48 -1.54
N CYS A 91 4.49 -11.38 -2.06
CA CYS A 91 4.13 -12.76 -2.14
C CYS A 91 4.23 -13.42 -0.75
N GLN A 92 5.04 -12.85 0.15
CA GLN A 92 5.19 -13.42 1.50
C GLN A 92 4.03 -13.01 2.41
N PHE A 93 3.31 -11.95 2.05
CA PHE A 93 2.17 -11.52 2.87
C PHE A 93 0.92 -12.23 2.40
N GLY A 94 1.00 -12.84 1.23
CA GLY A 94 -0.16 -13.49 0.65
C GLY A 94 -1.08 -12.47 0.04
N LEU A 95 -0.48 -11.48 -0.58
CA LEU A 95 -1.23 -10.39 -1.20
C LEU A 95 -1.90 -10.87 -2.48
N PRO A 96 -2.92 -10.11 -2.98
CA PRO A 96 -3.64 -10.43 -4.21
C PRO A 96 -2.71 -10.72 -5.37
N ALA A 97 -3.08 -11.70 -6.18
CA ALA A 97 -2.27 -12.11 -7.32
C ALA A 97 -2.07 -10.97 -8.29
N GLU A 98 -3.09 -10.16 -8.42
CA GLU A 98 -3.06 -9.02 -9.30
C GLU A 98 -2.08 -7.97 -8.76
N ALA A 99 -2.05 -7.84 -7.45
CA ALA A 99 -1.22 -6.87 -6.79
C ALA A 99 0.24 -7.32 -6.81
N VAL A 100 0.49 -8.58 -6.51
CA VAL A 100 1.85 -9.09 -6.50
C VAL A 100 2.46 -9.05 -7.91
N GLU A 101 1.62 -9.27 -8.92
CA GLU A 101 2.05 -9.16 -10.32
C GLU A 101 2.53 -7.72 -10.58
N ALA A 102 1.68 -6.76 -10.24
CA ALA A 102 1.94 -5.35 -10.42
C ALA A 102 3.18 -4.92 -9.67
N ALA A 103 3.37 -5.48 -8.49
CA ALA A 103 4.54 -5.20 -7.67
C ALA A 103 5.82 -5.69 -8.35
N ASN A 104 5.72 -6.81 -9.04
CA ASN A 104 6.85 -7.37 -9.80
C ASN A 104 7.08 -6.57 -11.06
N LYS A 105 6.02 -6.02 -11.60
CA LYS A 105 6.11 -5.22 -12.83
C LYS A 105 6.60 -3.81 -12.49
N GLY A 106 6.43 -3.44 -11.26
CA GLY A 106 6.82 -2.13 -10.82
C GLY A 106 5.78 -1.12 -11.19
N ASP A 107 4.54 -1.54 -11.21
CA ASP A 107 3.44 -0.65 -11.55
C ASP A 107 2.71 -0.30 -10.28
N VAL A 108 2.94 0.88 -9.78
CA VAL A 108 2.41 1.29 -8.51
C VAL A 108 0.91 1.54 -8.55
N GLU A 109 0.41 1.98 -9.69
CA GLU A 109 -1.00 2.28 -9.83
C GLU A 109 -1.82 1.00 -9.92
N ALA A 110 -1.34 0.03 -10.69
CA ALA A 110 -2.01 -1.24 -10.79
C ALA A 110 -1.99 -1.95 -9.46
N PHE A 111 -0.86 -1.85 -8.76
CA PHE A 111 -0.73 -2.44 -7.43
C PHE A 111 -1.74 -1.83 -6.50
N ALA A 112 -1.78 -0.51 -6.46
CA ALA A 112 -2.66 0.23 -5.59
C ALA A 112 -4.12 -0.14 -5.80
N LYS A 113 -4.52 -0.18 -7.06
CA LYS A 113 -5.88 -0.47 -7.42
C LYS A 113 -6.24 -1.90 -7.07
N ALA A 114 -5.41 -2.82 -7.51
CA ALA A 114 -5.67 -4.23 -7.34
C ALA A 114 -5.63 -4.64 -5.87
N MET A 115 -4.82 -3.92 -5.11
CA MET A 115 -4.66 -4.13 -3.69
C MET A 115 -6.00 -3.89 -3.00
N GLN A 116 -6.55 -2.70 -3.21
CA GLN A 116 -7.80 -2.32 -2.55
C GLN A 116 -9.02 -3.06 -3.11
N ASN A 117 -8.95 -3.46 -4.37
CA ASN A 117 -10.03 -4.22 -5.00
C ASN A 117 -10.17 -5.59 -4.41
N ASN A 118 -9.07 -6.28 -4.28
CA ASN A 118 -9.09 -7.63 -3.72
C ASN A 118 -9.12 -7.60 -2.20
N ALA A 119 -8.41 -6.60 -1.63
CA ALA A 119 -8.31 -6.38 -0.19
C ALA A 119 -7.79 -7.63 0.53
N LYS A 120 -6.86 -8.31 -0.16
CA LYS A 120 -6.28 -9.61 0.27
C LYS A 120 -7.36 -10.66 0.59
N PRO A 121 -7.69 -11.50 -0.41
CA PRO A 121 -8.75 -12.51 -0.29
C PRO A 121 -8.45 -13.54 0.79
N GLU A 122 -7.16 -13.80 1.01
CA GLU A 122 -6.65 -14.87 1.89
C GLU A 122 -7.19 -16.24 1.44
N GLN A 123 -8.40 -16.54 1.83
CA GLN A 123 -9.02 -17.77 1.50
C GLN A 123 -10.29 -17.50 0.71
N LYS A 124 -10.16 -17.65 -0.56
CA LYS A 124 -11.25 -17.66 -1.51
C LYS A 124 -10.91 -18.73 -2.51
N GLU A 125 -10.45 -19.82 -1.92
CA GLU A 125 -9.89 -20.98 -2.59
C GLU A 125 -11.02 -21.92 -3.05
N GLY A 126 -12.22 -21.41 -3.04
CA GLY A 126 -13.39 -22.18 -3.34
C GLY A 126 -14.44 -21.89 -2.31
N ASP A 127 -13.95 -21.60 -1.10
CA ASP A 127 -14.75 -21.21 0.07
C ASP A 127 -15.55 -22.36 0.63
N THR A 128 -15.19 -22.77 1.80
CA THR A 128 -15.88 -23.83 2.46
C THR A 128 -17.15 -23.29 3.11
N LYS A 129 -18.22 -23.29 2.35
CA LYS A 129 -19.52 -22.90 2.85
C LYS A 129 -20.27 -24.15 3.22
N ASP A 130 -19.69 -25.27 2.83
CA ASP A 130 -20.19 -26.59 3.13
C ASP A 130 -19.75 -26.98 4.51
N LYS A 131 -20.68 -26.95 5.44
CA LYS A 131 -20.41 -27.28 6.82
C LYS A 131 -21.73 -27.62 7.52
N LYS A 132 -22.69 -28.03 6.70
CA LYS A 132 -24.08 -28.33 7.11
C LYS A 132 -24.81 -29.00 5.98
N ASP A 133 -24.80 -28.31 4.85
CA ASP A 133 -25.58 -28.62 3.66
C ASP A 133 -27.06 -28.50 3.98
N GLU A 134 -27.45 -27.27 4.23
CA GLU A 134 -28.82 -26.93 4.45
C GLU A 134 -29.15 -25.74 3.60
N GLU A 135 -29.10 -25.95 2.31
CA GLU A 135 -29.34 -24.89 1.38
C GLU A 135 -30.82 -24.83 1.08
N GLU A 136 -31.48 -23.89 1.74
CA GLU A 136 -32.92 -23.65 1.63
C GLU A 136 -33.74 -24.74 2.34
N ASP A 137 -34.53 -24.30 3.29
CA ASP A 137 -35.41 -25.18 4.04
C ASP A 137 -36.61 -25.54 3.20
N MET A 138 -37.03 -24.58 2.38
CA MET A 138 -38.18 -24.69 1.50
C MET A 138 -39.43 -25.03 2.32
N SER A 139 -39.80 -24.09 3.15
CA SER A 139 -40.86 -24.24 4.12
C SER A 139 -42.24 -24.35 3.47
N LEU A 140 -42.43 -23.60 2.40
CA LEU A 140 -43.69 -23.60 1.71
C LEU A 140 -43.50 -24.34 0.41
N ASP A 141 -42.73 -23.73 -0.46
CA ASP A 141 -42.36 -24.23 -1.75
C ASP A 141 -41.51 -23.16 -2.38
#